data_7ZRC
#
_entry.id   7ZRC
#
_cell.length_a   1.00
_cell.length_b   1.00
_cell.length_c   1.00
_cell.angle_alpha   90.00
_cell.angle_beta   90.00
_cell.angle_gamma   90.00
#
_symmetry.space_group_name_H-M   'P 1'
#
loop_
_entity.id
_entity.type
_entity.pdbx_description
1 polymer 'Spike glycoprotein,Fibritin'
2 polymer 'Omi-38 Fab Heavy Chain'
3 polymer 'Omi-38 Fab Light Chain'
4 branched 2-acetamido-2-deoxy-beta-D-glucopyranose-(1-4)-2-acetamido-2-deoxy-beta-D-glucopyranose
5 non-polymer 2-acetamido-2-deoxy-beta-D-glucopyranose
#
loop_
_entity_poly.entity_id
_entity_poly.type
_entity_poly.pdbx_seq_one_letter_code
_entity_poly.pdbx_strand_id
1 'polypeptide(L)'
;MFVFLVLLPLVSSQCVNFTTRTQLPPAYTNSFTRGVYYPDKVFRSSVLHSTQDLFLPFFSNVTWFHAIHVSGTNGTKRFA
NPVLPFNDGVYFASTEKSNIIRGWIFGTTLDSKTQSLLIVNNATNVVIKVCEFQFCNDPFLGVYYHKNNKSWMESEFRVY
SSANNCTFEYVSQPFLMDLEGKQGNFKNLREFVFKNIDGYFKIYSKHTPINLVRGLPQGFSALEPLVDLPIGINITRFQT
LHISYLTPGDSSSGWTAGAAAYYVGYLQPRTFLLKYNENGTITDAVDCALDPLSETKCTLKSFTVEKGIYQTSNFRVQPT
ESIVRFPNITNLCPFGEVFNATRFASVYAWNRKRISNCVADYSVLYNSASFSTFKCYGVSPTKLNDLCFTNVYADSFVIR
GDEVRQIAPGQTGNIADYNYKLPDDFTGCVIAWNSNNLDSKVGGNYNYLYRLFRKSNLKPFERDISTEIYQAGSTPCNGV
KGFNCYFPLQSYGFQPTYGVGYQPYRVVVLSFELLHAPATVCGPKKSTNLVKNKCVNFNFNGLTGTGVLTESNKKFLPFQ
QFGRDIADTTDAVRDPQTLEILDITPCSFGGVSVITPGTNTSNQVAVLYQGVNCTEVPVAIHADQLTPTWRVYSTGSNVF
QTRAGCLIGAEHVNNSYECDIPIGAGICASYQTQTNSPGSASSVASQSIIAYTMSLGVENSVAYSNNSIAIPTNFTISVT
TEILPVSMTKTSVDCTMYICGDSTECSNLLLQYGSFCTQLNRALTGIAVEQDKNTQEVFAQVKQIYKTPPIKDFGGFNFS
QILPDPSKPSKRSFIEDLLFNKVTLADAGFIKQYGDCLGDIAARDLICAQKFNGLTVLPPLLTDEMIAQYTSALLAGTIT
SGWTFGAGAALQIPFAMQMAYRFNGIGVTQNVLYENQKLIANQFNSAIGKIQDSLSSTASALGKLQDVVNQNAQALNTLV
KQLSSNFGAISSVLNDILSRLDPPEAEVQIDRLITGRLQSLQTYVTQQLIRAAEIRASANLAATKMSECVLGQSKRVDFC
GKGYHLMSFPQSAPHGVVFLHVTYVPAQEKNFTTAPAICHDGKAHFPREGVFVSNGTHWFVTQRNFYEPQIITTDNTFVS
GNCDVVIGIVNNTVYDPLQPELDSFKEELDKYFKNHTSPDVDLGDISGINASVVNIQKEIDRLNEVAKNLNESLIDLQEL
GKYEQGSGYIPEAPRDGQAYVRKDGEWVLLSTFLGRSLEVLFQGPGHHHHHHHHGSAWSHPQFEKGGGSGGGSGGSAWSH
PQFEK
;
B,C,A
2 'polypeptide(L)'
;QVQLVESGAEVKKPGSSVKVSCKASGGNFNMYTISWVRQAPGRGLEWMGRFIPIANKANYAQNFPGRVTITADKSTSTVY
MELRSLTSDDTAVYYCARSGSYDAFDVWGQGTMVTVSS
;
H,F,J
3 'polypeptide(L)'
;AIRMTQSPSTLSASVGDRVTITCRASQTINSWLAWYQQKPGKAPKLLIYDASNLESGVPSRFSGSGSGTEFTLTISSLQP
DDFATYYCQQYESYSPITFGQGTRLEIK
;
L,G,K
#
# COMPACT_ATOMS: atom_id res chain seq x y z
N SER A 13 -37.08 -50.39 23.48
CA SER A 13 -37.93 -51.57 23.40
C SER A 13 -37.16 -52.78 22.90
N GLN A 14 -37.87 -53.89 22.72
CA GLN A 14 -37.27 -55.13 22.25
C GLN A 14 -37.48 -55.25 20.74
N CYS A 15 -36.40 -55.55 20.02
CA CYS A 15 -36.48 -55.70 18.58
C CYS A 15 -37.32 -56.91 18.20
N VAL A 16 -38.05 -56.77 17.08
CA VAL A 16 -38.81 -57.87 16.51
C VAL A 16 -38.00 -58.46 15.36
N ASN A 17 -37.77 -59.76 15.42
CA ASN A 17 -36.92 -60.45 14.46
C ASN A 17 -37.76 -61.07 13.35
N PHE A 18 -37.37 -60.82 12.10
CA PHE A 18 -38.04 -61.38 10.94
C PHE A 18 -37.10 -62.39 10.28
N THR A 19 -37.59 -63.61 10.09
CA THR A 19 -36.77 -64.66 9.51
C THR A 19 -36.36 -64.32 8.07
N THR A 20 -37.30 -63.80 7.28
CA THR A 20 -37.06 -63.47 5.88
C THR A 20 -36.95 -61.96 5.72
N ARG A 21 -35.84 -61.51 5.14
CA ARG A 21 -35.61 -60.09 4.89
C ARG A 21 -35.33 -59.89 3.40
N THR A 22 -35.97 -58.87 2.82
CA THR A 22 -35.80 -58.57 1.41
C THR A 22 -35.85 -57.07 1.22
N GLN A 23 -35.28 -56.61 0.11
CA GLN A 23 -35.32 -55.20 -0.24
C GLN A 23 -35.53 -55.05 -1.74
N LEU A 24 -36.36 -54.09 -2.11
CA LEU A 24 -36.66 -53.88 -3.52
C LEU A 24 -35.45 -53.27 -4.24
N PRO A 25 -35.25 -53.61 -5.51
CA PRO A 25 -34.12 -53.05 -6.24
C PRO A 25 -34.29 -51.56 -6.45
N PRO A 26 -33.20 -50.81 -6.52
CA PRO A 26 -33.31 -49.37 -6.76
C PRO A 26 -33.68 -49.06 -8.20
N ALA A 27 -34.22 -47.86 -8.38
CA ALA A 27 -34.53 -47.32 -9.70
C ALA A 27 -34.15 -45.84 -9.71
N TYR A 28 -34.19 -45.24 -10.90
CA TYR A 28 -33.69 -43.88 -11.08
C TYR A 28 -34.74 -43.02 -11.78
N THR A 29 -34.71 -41.72 -11.47
CA THR A 29 -35.67 -40.77 -12.03
C THR A 29 -35.02 -39.39 -12.07
N ASN A 30 -35.47 -38.58 -13.03
CA ASN A 30 -34.96 -37.24 -13.24
C ASN A 30 -35.57 -36.30 -12.22
N SER A 31 -34.72 -35.53 -11.52
CA SER A 31 -35.20 -34.69 -10.42
C SER A 31 -35.88 -33.42 -10.90
N PHE A 32 -35.73 -33.06 -12.17
CA PHE A 32 -36.31 -31.84 -12.77
C PHE A 32 -35.69 -30.66 -12.03
N THR A 33 -36.48 -29.72 -11.52
CA THR A 33 -35.98 -28.50 -10.89
C THR A 33 -36.45 -28.43 -9.44
N ARG A 34 -36.24 -29.51 -8.71
CA ARG A 34 -36.67 -29.62 -7.32
C ARG A 34 -35.48 -29.55 -6.39
N GLY A 35 -35.78 -29.35 -5.11
CA GLY A 35 -34.77 -29.28 -4.09
C GLY A 35 -34.29 -27.89 -3.73
N VAL A 36 -34.94 -26.85 -4.23
CA VAL A 36 -34.55 -25.48 -3.96
C VAL A 36 -35.18 -25.05 -2.64
N TYR A 37 -34.36 -24.51 -1.74
CA TYR A 37 -34.82 -24.10 -0.43
C TYR A 37 -34.40 -22.67 -0.17
N TYR A 38 -34.84 -22.14 0.96
CA TYR A 38 -34.44 -20.81 1.37
C TYR A 38 -33.05 -20.84 1.99
N PRO A 39 -32.00 -20.37 1.32
CA PRO A 39 -30.64 -20.57 1.81
C PRO A 39 -30.25 -19.67 2.96
N ASP A 40 -31.10 -18.70 3.32
CA ASP A 40 -30.76 -17.71 4.33
C ASP A 40 -32.00 -17.36 5.13
N LYS A 41 -31.77 -16.76 6.30
CA LYS A 41 -32.86 -16.22 7.11
C LYS A 41 -33.11 -14.75 6.82
N VAL A 42 -32.72 -14.30 5.63
CA VAL A 42 -32.92 -12.93 5.19
C VAL A 42 -34.11 -12.88 4.25
N PHE A 43 -35.01 -11.94 4.50
CA PHE A 43 -36.12 -11.67 3.62
C PHE A 43 -35.63 -10.88 2.41
N ARG A 44 -36.16 -11.22 1.24
CA ARG A 44 -35.81 -10.53 0.01
C ARG A 44 -37.04 -10.45 -0.86
N SER A 45 -37.28 -9.30 -1.48
CA SER A 45 -38.49 -9.03 -2.22
C SER A 45 -38.16 -8.60 -3.64
N SER A 46 -38.72 -9.32 -4.61
CA SER A 46 -38.61 -8.99 -6.04
C SER A 46 -37.16 -8.73 -6.43
N VAL A 47 -36.32 -9.75 -6.22
CA VAL A 47 -34.88 -9.60 -6.46
C VAL A 47 -34.33 -10.91 -6.96
N LEU A 48 -33.32 -10.83 -7.82
CA LEU A 48 -32.55 -12.00 -8.24
C LEU A 48 -31.29 -12.05 -7.41
N HIS A 49 -31.16 -13.08 -6.58
CA HIS A 49 -30.06 -13.20 -5.64
C HIS A 49 -29.24 -14.44 -6.00
N SER A 50 -27.95 -14.25 -6.22
CA SER A 50 -27.07 -15.37 -6.50
C SER A 50 -26.45 -15.87 -5.21
N THR A 51 -26.65 -17.16 -4.91
CA THR A 51 -26.18 -17.77 -3.67
C THR A 51 -25.44 -19.05 -3.99
N GLN A 52 -24.30 -19.25 -3.34
CA GLN A 52 -23.52 -20.47 -3.50
C GLN A 52 -23.67 -21.32 -2.26
N ASP A 53 -24.33 -22.46 -2.38
CA ASP A 53 -24.64 -23.29 -1.22
C ASP A 53 -24.85 -24.73 -1.69
N LEU A 54 -25.19 -25.60 -0.73
CA LEU A 54 -25.46 -26.99 -1.03
C LEU A 54 -26.88 -27.11 -1.59
N PHE A 55 -26.98 -27.29 -2.90
CA PHE A 55 -28.27 -27.46 -3.56
C PHE A 55 -28.26 -28.78 -4.29
N LEU A 56 -29.45 -29.32 -4.50
CA LEU A 56 -29.59 -30.48 -5.37
C LEU A 56 -29.46 -29.98 -6.81
N PRO A 57 -28.48 -30.44 -7.57
CA PRO A 57 -28.31 -29.95 -8.93
C PRO A 57 -29.54 -30.21 -9.78
N PHE A 58 -29.84 -29.27 -10.66
CA PHE A 58 -31.01 -29.41 -11.52
C PHE A 58 -30.84 -30.57 -12.48
N PHE A 59 -31.96 -31.28 -12.72
CA PHE A 59 -32.00 -32.39 -13.67
C PHE A 59 -30.93 -33.43 -13.36
N SER A 60 -31.03 -34.01 -12.17
CA SER A 60 -30.01 -34.99 -11.72
C SER A 60 -30.67 -36.35 -11.45
N ASN A 61 -29.88 -37.41 -11.43
CA ASN A 61 -30.40 -38.75 -11.09
C ASN A 61 -30.92 -38.72 -9.64
N VAL A 62 -32.05 -39.37 -9.37
CA VAL A 62 -32.56 -39.44 -7.97
C VAL A 62 -32.98 -40.87 -7.67
N THR A 63 -32.09 -41.66 -7.06
CA THR A 63 -32.47 -43.00 -6.69
C THR A 63 -33.78 -42.98 -5.92
N TRP A 64 -34.79 -43.69 -6.40
CA TRP A 64 -36.09 -43.70 -5.76
C TRP A 64 -36.51 -45.14 -5.48
N PHE A 65 -36.86 -45.40 -4.22
CA PHE A 65 -37.29 -46.71 -3.76
C PHE A 65 -38.77 -46.64 -3.41
N HIS A 66 -39.38 -47.82 -3.25
CA HIS A 66 -40.74 -47.89 -2.75
C HIS A 66 -40.72 -48.27 -1.25
N ALA A 67 -41.89 -48.31 -0.63
CA ALA A 67 -41.98 -48.58 0.80
C ALA A 67 -43.28 -49.33 1.06
N ILE A 68 -43.18 -50.61 1.34
CA ILE A 68 -44.36 -51.45 1.58
C ILE A 68 -44.78 -51.30 3.03
N HIS A 69 -46.07 -51.00 3.25
CA HIS A 69 -46.60 -50.77 4.58
C HIS A 69 -47.57 -51.86 5.02
N VAL A 70 -47.97 -52.77 4.13
CA VAL A 70 -48.92 -53.83 4.45
C VAL A 70 -48.39 -55.13 3.90
N SER A 71 -48.52 -56.20 4.69
CA SER A 71 -48.07 -57.54 4.30
C SER A 71 -49.28 -58.40 3.99
N GLY A 72 -49.28 -59.02 2.82
CA GLY A 72 -50.38 -59.87 2.41
C GLY A 72 -50.18 -60.48 1.04
N GLY A 75 -47.48 -63.93 2.65
CA GLY A 75 -47.45 -62.61 3.24
C GLY A 75 -46.61 -62.54 4.51
N THR A 76 -45.52 -63.32 4.53
CA THR A 76 -44.62 -63.36 5.68
C THR A 76 -43.22 -62.92 5.30
N LYS A 77 -43.10 -61.97 4.38
CA LYS A 77 -41.82 -61.45 3.93
C LYS A 77 -41.66 -60.02 4.43
N ARG A 78 -40.52 -59.75 5.07
CA ARG A 78 -40.24 -58.43 5.63
C ARG A 78 -39.39 -57.64 4.63
N PHE A 79 -39.99 -56.60 4.05
CA PHE A 79 -39.30 -55.71 3.12
C PHE A 79 -38.73 -54.54 3.92
N ALA A 80 -37.41 -54.54 4.10
CA ALA A 80 -36.74 -53.54 4.94
C ALA A 80 -36.09 -52.48 4.06
N ASN A 81 -36.26 -51.22 4.48
CA ASN A 81 -35.64 -50.11 3.76
C ASN A 81 -34.13 -50.17 3.88
N PRO A 82 -33.40 -49.77 2.85
CA PRO A 82 -31.94 -49.90 2.87
C PRO A 82 -31.24 -48.67 3.42
N VAL A 83 -30.07 -48.93 4.00
CA VAL A 83 -29.23 -47.83 4.47
C VAL A 83 -28.57 -47.16 3.28
N LEU A 84 -28.60 -45.84 3.27
CA LEU A 84 -28.11 -45.02 2.17
C LEU A 84 -27.03 -44.08 2.67
N PRO A 85 -26.12 -43.67 1.80
CA PRO A 85 -25.14 -42.65 2.20
C PRO A 85 -25.81 -41.31 2.44
N PHE A 86 -25.09 -40.44 3.12
CA PHE A 86 -25.53 -39.08 3.40
C PHE A 86 -24.78 -38.03 2.61
N ASN A 87 -23.46 -38.13 2.56
CA ASN A 87 -22.59 -37.21 1.81
C ASN A 87 -22.82 -35.80 2.36
N ASP A 88 -23.11 -34.81 1.53
CA ASP A 88 -23.25 -33.43 1.96
C ASP A 88 -24.68 -33.08 2.35
N GLY A 89 -25.59 -34.05 2.33
CA GLY A 89 -26.97 -33.79 2.63
C GLY A 89 -27.83 -34.50 1.60
N VAL A 90 -29.10 -34.71 1.88
CA VAL A 90 -29.98 -35.43 0.96
C VAL A 90 -31.27 -34.66 0.79
N TYR A 91 -31.77 -34.64 -0.43
CA TYR A 91 -33.12 -34.20 -0.72
C TYR A 91 -34.01 -35.44 -0.69
N PHE A 92 -34.88 -35.51 0.30
CA PHE A 92 -35.79 -36.63 0.48
C PHE A 92 -37.20 -36.14 0.17
N ALA A 93 -37.82 -36.74 -0.83
CA ALA A 93 -39.21 -36.48 -1.15
C ALA A 93 -39.99 -37.79 -1.13
N SER A 94 -41.26 -37.72 -0.76
CA SER A 94 -42.09 -38.90 -0.63
C SER A 94 -43.51 -38.59 -1.09
N THR A 95 -44.06 -39.48 -1.92
CA THR A 95 -45.42 -39.34 -2.43
C THR A 95 -46.27 -40.43 -1.80
N GLU A 96 -47.30 -40.03 -1.06
CA GLU A 96 -48.18 -40.99 -0.41
C GLU A 96 -49.50 -40.30 -0.07
N LYS A 97 -50.55 -41.11 0.04
CA LYS A 97 -51.83 -40.60 0.50
C LYS A 97 -51.85 -40.46 2.01
N SER A 98 -51.63 -41.56 2.71
CA SER A 98 -51.49 -41.55 4.16
C SER A 98 -50.01 -41.46 4.54
N ASN A 99 -49.77 -41.01 5.77
CA ASN A 99 -48.41 -40.75 6.22
C ASN A 99 -47.64 -42.04 6.48
N ILE A 100 -47.26 -42.73 5.40
CA ILE A 100 -46.55 -44.00 5.55
C ILE A 100 -45.14 -43.77 6.08
N ILE A 101 -44.40 -42.83 5.47
CA ILE A 101 -43.06 -42.52 5.93
C ILE A 101 -43.15 -41.73 7.22
N ARG A 102 -42.35 -42.10 8.22
CA ARG A 102 -42.50 -41.48 9.52
C ARG A 102 -41.20 -40.88 10.03
N GLY A 103 -40.06 -41.51 9.70
CA GLY A 103 -38.85 -41.09 10.37
C GLY A 103 -37.60 -41.52 9.66
N TRP A 104 -36.48 -41.09 10.26
CA TRP A 104 -35.15 -41.29 9.73
C TRP A 104 -34.20 -41.57 10.88
N ILE A 105 -33.08 -42.23 10.57
CA ILE A 105 -32.01 -42.45 11.51
C ILE A 105 -30.71 -42.03 10.83
N PHE A 106 -29.86 -41.31 11.56
CA PHE A 106 -28.63 -40.77 11.02
C PHE A 106 -27.46 -41.16 11.92
N GLY A 107 -26.29 -41.32 11.33
CA GLY A 107 -25.10 -41.60 12.10
C GLY A 107 -23.97 -42.06 11.21
N THR A 108 -22.90 -42.54 11.85
CA THR A 108 -21.75 -43.08 11.15
C THR A 108 -21.71 -44.60 11.17
N THR A 109 -21.88 -45.21 12.34
CA THR A 109 -21.93 -46.66 12.46
C THR A 109 -23.32 -47.19 12.82
N LEU A 110 -24.23 -46.31 13.24
CA LEU A 110 -25.60 -46.68 13.58
C LEU A 110 -25.64 -47.76 14.66
N ASP A 111 -24.74 -47.64 15.65
CA ASP A 111 -24.71 -48.56 16.78
C ASP A 111 -24.40 -47.77 18.04
N SER A 112 -24.31 -48.49 19.16
CA SER A 112 -24.03 -47.86 20.44
C SER A 112 -22.60 -47.31 20.52
N LYS A 113 -21.73 -47.69 19.59
CA LYS A 113 -20.34 -47.22 19.65
C LYS A 113 -20.25 -45.71 19.43
N THR A 114 -21.07 -45.18 18.52
CA THR A 114 -21.02 -43.77 18.18
C THR A 114 -22.40 -43.15 18.35
N GLN A 115 -22.41 -41.83 18.54
CA GLN A 115 -23.66 -41.11 18.71
C GLN A 115 -24.49 -41.15 17.44
N SER A 116 -25.79 -41.35 17.59
CA SER A 116 -26.70 -41.48 16.46
C SER A 116 -27.96 -40.67 16.71
N LEU A 117 -28.51 -40.12 15.64
CA LEU A 117 -29.68 -39.28 15.67
C LEU A 117 -30.89 -40.05 15.16
N LEU A 118 -32.03 -39.83 15.80
CA LEU A 118 -33.28 -40.49 15.41
C LEU A 118 -34.37 -39.45 15.36
N ILE A 119 -34.98 -39.28 14.18
CA ILE A 119 -36.04 -38.31 13.95
C ILE A 119 -37.29 -39.08 13.57
N VAL A 120 -38.42 -38.69 14.13
CA VAL A 120 -39.67 -39.40 13.84
C VAL A 120 -40.82 -38.44 14.04
N ASN A 121 -41.89 -38.65 13.27
CA ASN A 121 -43.16 -37.94 13.45
C ASN A 121 -44.23 -39.00 13.66
N ASN A 122 -44.42 -39.42 14.92
CA ASN A 122 -45.42 -40.42 15.24
C ASN A 122 -46.81 -39.79 15.30
N ALA A 123 -47.79 -40.58 15.75
CA ALA A 123 -49.15 -40.07 15.84
C ALA A 123 -49.27 -38.94 16.86
N THR A 124 -48.50 -38.99 17.94
CA THR A 124 -48.62 -37.99 18.99
C THR A 124 -47.86 -36.72 18.64
N ASN A 125 -46.54 -36.81 18.49
CA ASN A 125 -45.71 -35.61 18.33
C ASN A 125 -44.41 -35.99 17.63
N VAL A 126 -43.62 -34.97 17.32
CA VAL A 126 -42.33 -35.15 16.67
C VAL A 126 -41.27 -35.39 17.72
N VAL A 127 -40.49 -36.45 17.54
CA VAL A 127 -39.44 -36.83 18.49
C VAL A 127 -38.10 -36.82 17.77
N ILE A 128 -37.15 -36.09 18.34
CA ILE A 128 -35.78 -36.01 17.83
C ILE A 128 -34.84 -36.30 18.99
N LYS A 129 -34.06 -37.37 18.86
CA LYS A 129 -33.20 -37.82 19.95
C LYS A 129 -31.81 -38.14 19.43
N VAL A 130 -30.78 -37.59 20.09
CA VAL A 130 -29.39 -37.87 19.75
C VAL A 130 -28.79 -38.68 20.90
N CYS A 131 -28.64 -39.98 20.71
CA CYS A 131 -28.12 -40.85 21.74
C CYS A 131 -27.34 -41.99 21.11
N GLU A 132 -26.69 -42.79 21.95
CA GLU A 132 -25.97 -43.97 21.48
C GLU A 132 -26.95 -45.12 21.28
N PHE A 133 -27.84 -44.93 20.31
CA PHE A 133 -28.86 -45.93 20.01
C PHE A 133 -28.23 -47.18 19.42
N GLN A 134 -28.89 -48.31 19.67
CA GLN A 134 -28.54 -49.58 19.05
C GLN A 134 -29.74 -49.99 18.19
N PHE A 135 -29.75 -49.53 16.95
CA PHE A 135 -30.91 -49.74 16.10
C PHE A 135 -31.07 -51.21 15.75
N CYS A 136 -32.33 -51.63 15.65
CA CYS A 136 -32.64 -53.00 15.28
C CYS A 136 -32.33 -53.24 13.81
N ASN A 137 -32.22 -54.52 13.45
CA ASN A 137 -31.99 -54.87 12.06
C ASN A 137 -33.15 -54.42 11.18
N ASP A 138 -34.38 -54.60 11.66
CA ASP A 138 -35.60 -54.22 10.94
C ASP A 138 -36.45 -53.37 11.87
N PRO A 139 -36.25 -52.05 11.87
CA PRO A 139 -37.11 -51.18 12.67
C PRO A 139 -38.57 -51.35 12.28
N PHE A 140 -39.44 -51.38 13.28
CA PHE A 140 -40.85 -51.69 13.08
C PHE A 140 -41.72 -50.67 13.80
N LEU A 141 -42.71 -50.14 13.08
CA LEU A 141 -43.72 -49.26 13.66
C LEU A 141 -45.08 -49.77 13.20
N GLY A 142 -45.82 -50.37 14.13
CA GLY A 142 -47.07 -51.02 13.78
C GLY A 142 -48.30 -50.36 14.34
N VAL A 143 -49.37 -50.32 13.54
CA VAL A 143 -50.65 -49.77 13.95
C VAL A 143 -51.72 -50.84 13.72
N TYR A 144 -52.80 -50.74 14.48
CA TYR A 144 -53.94 -51.63 14.34
C TYR A 144 -55.22 -50.82 14.25
N TYR A 145 -56.19 -51.34 13.51
CA TYR A 145 -57.46 -50.66 13.33
C TYR A 145 -58.38 -51.00 14.49
N HIS A 146 -58.74 -50.00 15.27
CA HIS A 146 -59.67 -50.17 16.38
C HIS A 146 -61.09 -50.15 15.82
N LYS A 147 -61.67 -51.34 15.66
CA LYS A 147 -62.99 -51.44 15.03
C LYS A 147 -64.06 -50.72 15.85
N ASN A 148 -63.98 -50.82 17.17
CA ASN A 148 -64.94 -50.13 18.02
C ASN A 148 -64.85 -48.62 17.87
N ASN A 149 -63.62 -48.09 17.82
CA ASN A 149 -63.41 -46.66 17.65
C ASN A 149 -63.38 -46.23 16.19
N LYS A 150 -63.32 -47.17 15.25
CA LYS A 150 -63.27 -46.89 13.82
C LYS A 150 -62.12 -45.94 13.48
N SER A 151 -60.97 -46.17 14.11
CA SER A 151 -59.79 -45.35 13.88
C SER A 151 -58.55 -46.18 14.16
N TRP A 152 -57.52 -46.00 13.33
CA TRP A 152 -56.26 -46.69 13.55
C TRP A 152 -55.52 -46.09 14.74
N MET A 153 -54.90 -46.96 15.53
CA MET A 153 -54.14 -46.54 16.71
C MET A 153 -52.82 -47.28 16.72
N GLU A 154 -51.73 -46.53 16.86
CA GLU A 154 -50.40 -47.15 16.92
C GLU A 154 -50.23 -47.89 18.24
N SER A 155 -49.68 -49.10 18.17
CA SER A 155 -49.47 -49.90 19.37
C SER A 155 -48.12 -50.62 19.39
N GLU A 156 -47.28 -50.46 18.38
CA GLU A 156 -45.98 -51.12 18.34
C GLU A 156 -44.90 -50.12 17.96
N PHE A 157 -43.83 -50.09 18.74
CA PHE A 157 -42.68 -49.23 18.47
C PHE A 157 -41.42 -50.02 18.83
N ARG A 158 -40.79 -50.62 17.82
CA ARG A 158 -39.58 -51.42 18.00
C ARG A 158 -38.57 -50.93 16.97
N VAL A 159 -37.79 -49.93 17.34
CA VAL A 159 -36.80 -49.30 16.46
C VAL A 159 -35.39 -49.49 16.99
N TYR A 160 -35.19 -49.30 18.29
CA TYR A 160 -33.88 -49.45 18.91
C TYR A 160 -33.99 -50.40 20.10
N SER A 161 -32.99 -51.28 20.23
CA SER A 161 -32.94 -52.16 21.39
C SER A 161 -32.51 -51.41 22.64
N SER A 162 -31.59 -50.45 22.51
CA SER A 162 -31.08 -49.71 23.66
C SER A 162 -30.86 -48.27 23.27
N ALA A 163 -30.89 -47.40 24.29
CA ALA A 163 -30.64 -45.97 24.09
C ALA A 163 -30.04 -45.43 25.38
N ASN A 164 -28.74 -45.13 25.35
CA ASN A 164 -28.02 -44.65 26.52
C ASN A 164 -27.08 -43.53 26.12
N ASN A 165 -26.53 -42.84 27.13
CA ASN A 165 -25.57 -41.75 26.85
C ASN A 165 -26.24 -40.73 25.94
N CYS A 166 -27.47 -40.33 26.28
CA CYS A 166 -28.18 -39.37 25.45
C CYS A 166 -27.54 -37.99 25.54
N THR A 167 -27.42 -37.33 24.39
CA THR A 167 -26.81 -36.01 24.31
C THR A 167 -27.81 -34.92 23.95
N PHE A 168 -28.93 -35.26 23.32
CA PHE A 168 -29.94 -34.28 22.97
C PHE A 168 -31.28 -34.97 22.84
N GLU A 169 -32.34 -34.24 23.15
CA GLU A 169 -33.70 -34.74 23.02
C GLU A 169 -34.63 -33.57 22.78
N TYR A 170 -35.58 -33.74 21.87
CA TYR A 170 -36.54 -32.68 21.55
C TYR A 170 -37.85 -33.32 21.14
N VAL A 171 -38.93 -32.95 21.82
CA VAL A 171 -40.26 -33.45 21.56
C VAL A 171 -41.17 -32.26 21.26
N SER A 172 -41.85 -32.30 20.12
CA SER A 172 -42.80 -31.26 19.80
C SER A 172 -44.08 -31.44 20.61
N GLN A 173 -44.99 -30.47 20.47
CA GLN A 173 -46.26 -30.55 21.17
C GLN A 173 -47.11 -31.70 20.63
N PRO A 174 -47.85 -32.37 21.51
CA PRO A 174 -48.67 -33.50 21.05
C PRO A 174 -49.73 -33.07 20.05
N PHE A 175 -50.00 -33.93 19.08
CA PHE A 175 -51.07 -33.71 18.12
C PHE A 175 -51.64 -35.07 17.70
N LEU A 176 -52.56 -35.04 16.75
CA LEU A 176 -53.18 -36.25 16.22
C LEU A 176 -52.90 -36.34 14.73
N MET A 177 -52.31 -37.44 14.30
CA MET A 177 -51.98 -37.65 12.90
C MET A 177 -53.04 -38.53 12.24
N ASP A 178 -53.54 -38.08 11.09
CA ASP A 178 -54.54 -38.84 10.35
C ASP A 178 -53.93 -40.15 9.87
N LEU A 179 -54.66 -41.24 10.05
CA LEU A 179 -54.17 -42.57 9.68
C LEU A 179 -55.09 -43.23 8.64
N PHE A 186 -55.58 -37.88 -5.42
CA PHE A 186 -55.16 -36.87 -4.46
C PHE A 186 -54.07 -37.39 -3.54
N ASN A 188 -50.15 -36.81 -1.67
CA ASN A 188 -49.38 -35.77 -1.02
C ASN A 188 -47.89 -35.95 -1.28
N LEU A 189 -47.20 -34.85 -1.59
CA LEU A 189 -45.77 -34.84 -1.81
C LEU A 189 -45.09 -34.07 -0.69
N ARG A 190 -44.27 -34.77 0.10
CA ARG A 190 -43.55 -34.18 1.21
C ARG A 190 -42.06 -34.20 0.88
N GLU A 191 -41.48 -33.03 0.70
CA GLU A 191 -40.07 -32.89 0.36
C GLU A 191 -39.31 -32.39 1.57
N PHE A 192 -38.14 -32.96 1.80
CA PHE A 192 -37.31 -32.59 2.94
C PHE A 192 -35.86 -32.52 2.52
N VAL A 193 -35.13 -31.57 3.10
CA VAL A 193 -33.70 -31.41 2.86
C VAL A 193 -33.01 -31.53 4.21
N PHE A 194 -32.07 -32.46 4.30
CA PHE A 194 -31.35 -32.73 5.55
C PHE A 194 -29.91 -32.30 5.37
N LYS A 195 -29.47 -31.33 6.15
CA LYS A 195 -28.16 -30.72 5.98
C LYS A 195 -27.49 -30.64 7.34
N ASN A 196 -26.26 -31.15 7.42
CA ASN A 196 -25.47 -31.14 8.65
C ASN A 196 -24.20 -30.34 8.37
N ILE A 197 -24.23 -29.05 8.68
CA ILE A 197 -23.12 -28.16 8.39
C ILE A 197 -22.76 -27.41 9.67
N ASP A 198 -21.45 -27.37 9.97
CA ASP A 198 -20.94 -26.65 11.15
C ASP A 198 -21.57 -27.15 12.44
N GLY A 199 -21.88 -28.45 12.48
CA GLY A 199 -22.48 -29.03 13.66
C GLY A 199 -23.94 -28.72 13.85
N TYR A 200 -24.61 -28.17 12.84
CA TYR A 200 -26.03 -27.88 12.91
C TYR A 200 -26.78 -28.78 11.94
N PHE A 201 -27.79 -29.47 12.43
CA PHE A 201 -28.61 -30.34 11.61
C PHE A 201 -29.85 -29.57 11.19
N LYS A 202 -29.83 -29.06 9.95
CA LYS A 202 -30.90 -28.23 9.44
C LYS A 202 -31.87 -29.08 8.63
N ILE A 203 -33.16 -28.87 8.85
CA ILE A 203 -34.22 -29.55 8.12
C ILE A 203 -35.06 -28.51 7.41
N TYR A 204 -35.22 -28.67 6.10
CA TYR A 204 -36.15 -27.87 5.32
C TYR A 204 -37.28 -28.77 4.84
N SER A 205 -38.49 -28.24 4.80
CA SER A 205 -39.63 -29.07 4.49
C SER A 205 -40.58 -28.34 3.57
N LYS A 206 -41.34 -29.13 2.81
CA LYS A 206 -42.38 -28.59 1.95
C LYS A 206 -43.40 -29.68 1.69
N HIS A 207 -44.67 -29.31 1.79
CA HIS A 207 -45.78 -30.24 1.62
C HIS A 207 -46.70 -29.68 0.54
N THR A 208 -46.86 -30.42 -0.55
CA THR A 208 -47.67 -29.96 -1.66
C THR A 208 -48.66 -31.05 -2.05
N PRO A 209 -49.88 -30.69 -2.42
CA PRO A 209 -50.83 -31.68 -2.94
C PRO A 209 -50.54 -31.99 -4.40
N ILE A 210 -50.17 -33.24 -4.67
CA ILE A 210 -49.83 -33.68 -6.02
C ILE A 210 -50.89 -34.68 -6.49
N ASN A 211 -51.41 -34.45 -7.68
CA ASN A 211 -52.40 -35.36 -8.28
C ASN A 211 -51.77 -36.42 -9.17
N LEU A 212 -50.45 -36.38 -9.37
CA LEU A 212 -49.79 -37.39 -10.18
C LEU A 212 -49.81 -38.73 -9.47
N VAL A 213 -50.02 -39.80 -10.23
CA VAL A 213 -50.11 -41.13 -9.65
C VAL A 213 -48.73 -41.74 -9.41
N ARG A 214 -47.78 -41.53 -10.30
CA ARG A 214 -46.46 -42.14 -10.18
C ARG A 214 -45.42 -41.22 -10.79
N GLY A 215 -44.26 -41.15 -10.15
CA GLY A 215 -43.15 -40.34 -10.62
C GLY A 215 -43.03 -39.01 -9.87
N LEU A 216 -41.80 -38.50 -9.87
CA LEU A 216 -41.51 -37.23 -9.22
C LEU A 216 -42.08 -36.08 -10.07
N PRO A 217 -42.85 -35.17 -9.48
CA PRO A 217 -43.49 -34.13 -10.28
C PRO A 217 -42.48 -33.18 -10.88
N GLN A 218 -42.86 -32.58 -12.00
CA GLN A 218 -42.05 -31.57 -12.66
C GLN A 218 -42.62 -30.20 -12.33
N GLY A 219 -41.81 -29.36 -11.70
CA GLY A 219 -42.26 -28.05 -11.27
C GLY A 219 -41.29 -27.49 -10.24
N PHE A 220 -41.66 -26.31 -9.73
CA PHE A 220 -40.83 -25.62 -8.76
C PHE A 220 -41.57 -25.41 -7.45
N SER A 221 -40.87 -25.61 -6.34
CA SER A 221 -41.41 -25.40 -5.01
C SER A 221 -40.27 -25.21 -4.04
N ALA A 222 -40.20 -24.04 -3.42
CA ALA A 222 -39.13 -23.71 -2.49
C ALA A 222 -39.41 -24.32 -1.12
N LEU A 223 -38.36 -24.81 -0.48
CA LEU A 223 -38.48 -25.53 0.79
C LEU A 223 -38.16 -24.57 1.94
N GLU A 224 -39.20 -24.14 2.65
CA GLU A 224 -39.02 -23.27 3.79
C GLU A 224 -38.37 -24.04 4.94
N PRO A 225 -37.51 -23.40 5.71
CA PRO A 225 -36.84 -24.11 6.81
C PRO A 225 -37.85 -24.60 7.82
N LEU A 226 -37.59 -25.78 8.37
CA LEU A 226 -38.44 -26.38 9.39
C LEU A 226 -37.88 -26.23 10.79
N VAL A 227 -36.62 -26.60 11.00
CA VAL A 227 -35.96 -26.47 12.29
C VAL A 227 -34.46 -26.67 12.10
N ASP A 228 -33.65 -26.00 12.92
CA ASP A 228 -32.22 -26.22 12.96
C ASP A 228 -31.81 -26.61 14.38
N LEU A 229 -31.03 -27.68 14.49
CA LEU A 229 -30.65 -28.23 15.78
C LEU A 229 -29.15 -28.30 15.91
N PRO A 230 -28.57 -27.82 17.00
CA PRO A 230 -27.12 -27.89 17.20
C PRO A 230 -26.68 -29.23 17.79
N ILE A 231 -26.99 -30.31 17.08
CA ILE A 231 -26.64 -31.64 17.60
C ILE A 231 -25.13 -31.85 17.61
N GLY A 232 -24.44 -31.34 16.59
CA GLY A 232 -22.99 -31.39 16.55
C GLY A 232 -22.40 -32.78 16.52
N ILE A 233 -22.93 -33.66 15.67
CA ILE A 233 -22.42 -35.02 15.52
C ILE A 233 -22.07 -35.25 14.06
N ASN A 234 -21.27 -36.29 13.84
CA ASN A 234 -20.89 -36.69 12.49
C ASN A 234 -21.92 -37.66 11.93
N ILE A 235 -22.35 -37.42 10.71
CA ILE A 235 -23.33 -38.26 10.03
C ILE A 235 -22.75 -38.64 8.67
N THR A 236 -22.79 -39.94 8.34
CA THR A 236 -22.38 -40.41 7.03
C THR A 236 -23.41 -41.29 6.35
N ARG A 237 -24.39 -41.82 7.08
CA ARG A 237 -25.41 -42.68 6.49
C ARG A 237 -26.75 -42.36 7.13
N PHE A 238 -27.82 -42.75 6.44
CA PHE A 238 -29.16 -42.57 6.96
C PHE A 238 -30.09 -43.61 6.37
N GLN A 239 -31.18 -43.89 7.09
CA GLN A 239 -32.18 -44.85 6.66
C GLN A 239 -33.57 -44.31 6.97
N THR A 240 -34.54 -44.70 6.15
CA THR A 240 -35.91 -44.25 6.30
C THR A 240 -36.72 -45.26 7.11
N LEU A 241 -37.73 -44.77 7.82
CA LEU A 241 -38.62 -45.60 8.62
C LEU A 241 -40.04 -45.48 8.10
N HIS A 242 -40.71 -46.62 7.98
CA HIS A 242 -42.08 -46.68 7.47
C HIS A 242 -43.00 -47.24 8.54
N ILE A 243 -44.28 -46.95 8.38
CA ILE A 243 -45.32 -47.45 9.29
C ILE A 243 -45.82 -48.79 8.76
N SER A 244 -46.27 -49.65 9.66
CA SER A 244 -46.82 -50.94 9.32
C SER A 244 -48.28 -51.01 9.76
N TYR A 245 -49.17 -51.40 8.85
CA TYR A 245 -50.58 -51.56 9.14
C TYR A 245 -50.88 -53.03 9.41
N LEU A 246 -51.14 -53.35 10.68
CA LEU A 246 -51.50 -54.71 11.05
C LEU A 246 -52.95 -54.98 10.67
N THR A 247 -53.17 -56.07 9.93
CA THR A 247 -54.48 -56.44 9.47
C THR A 247 -54.77 -57.90 9.82
N PRO A 248 -56.05 -58.24 10.06
CA PRO A 248 -56.37 -59.65 10.35
C PRO A 248 -56.03 -60.59 9.22
N GLY A 249 -56.12 -60.15 7.98
CA GLY A 249 -55.81 -60.99 6.83
C GLY A 249 -56.88 -62.02 6.54
N ALA A 257 -51.90 -52.08 -1.38
CA ALA A 257 -51.20 -52.15 -2.66
C ALA A 257 -50.58 -50.81 -3.01
N GLY A 258 -51.21 -49.73 -2.55
CA GLY A 258 -50.70 -48.39 -2.80
C GLY A 258 -49.52 -48.04 -1.91
N ALA A 259 -48.40 -48.74 -2.11
CA ALA A 259 -47.22 -48.51 -1.29
C ALA A 259 -46.61 -47.14 -1.60
N ALA A 260 -46.08 -46.50 -0.55
CA ALA A 260 -45.45 -45.20 -0.72
C ALA A 260 -44.08 -45.34 -1.38
N ALA A 261 -43.68 -44.29 -2.07
CA ALA A 261 -42.38 -44.22 -2.72
C ALA A 261 -41.63 -43.00 -2.21
N TYR A 262 -40.33 -43.14 -2.02
CA TYR A 262 -39.51 -42.04 -1.51
C TYR A 262 -38.28 -41.88 -2.37
N TYR A 263 -38.01 -40.64 -2.78
CA TYR A 263 -36.92 -40.29 -3.68
C TYR A 263 -35.79 -39.68 -2.86
N VAL A 264 -34.55 -40.01 -3.22
CA VAL A 264 -33.38 -39.57 -2.48
C VAL A 264 -32.40 -38.91 -3.46
N GLY A 265 -32.17 -37.62 -3.30
CA GLY A 265 -31.10 -36.94 -3.98
C GLY A 265 -29.94 -36.65 -3.03
N TYR A 266 -28.87 -36.10 -3.60
CA TYR A 266 -27.72 -35.69 -2.81
C TYR A 266 -27.36 -34.26 -3.19
N LEU A 267 -27.24 -33.40 -2.17
CA LEU A 267 -26.89 -32.02 -2.42
C LEU A 267 -25.41 -31.91 -2.76
N GLN A 268 -25.07 -30.86 -3.51
CA GLN A 268 -23.70 -30.58 -3.89
C GLN A 268 -23.50 -29.08 -3.89
N PRO A 269 -22.28 -28.60 -3.72
CA PRO A 269 -22.03 -27.16 -3.80
C PRO A 269 -22.34 -26.63 -5.19
N ARG A 270 -23.32 -25.73 -5.26
CA ARG A 270 -23.77 -25.15 -6.52
C ARG A 270 -24.05 -23.68 -6.31
N THR A 271 -23.86 -22.89 -7.35
CA THR A 271 -24.34 -21.51 -7.35
C THR A 271 -25.69 -21.45 -8.04
N PHE A 272 -26.66 -20.84 -7.38
CA PHE A 272 -28.02 -20.73 -7.87
C PHE A 272 -28.41 -19.27 -7.95
N LEU A 273 -29.20 -18.93 -8.95
CA LEU A 273 -29.78 -17.60 -9.08
C LEU A 273 -31.25 -17.71 -8.74
N LEU A 274 -31.64 -17.17 -7.59
CA LEU A 274 -33.00 -17.32 -7.08
C LEU A 274 -33.79 -16.06 -7.34
N LYS A 275 -35.05 -16.23 -7.73
CA LYS A 275 -35.96 -15.11 -7.99
C LYS A 275 -36.93 -15.00 -6.83
N TYR A 276 -36.69 -14.04 -5.94
CA TYR A 276 -37.63 -13.73 -4.89
C TYR A 276 -38.73 -12.81 -5.41
N ASN A 277 -39.97 -13.20 -5.16
CA ASN A 277 -41.15 -12.46 -5.61
C ASN A 277 -41.43 -11.29 -4.69
N GLU A 278 -42.57 -10.62 -4.94
CA GLU A 278 -42.95 -9.48 -4.11
C GLU A 278 -43.20 -9.90 -2.67
N ASN A 279 -43.79 -11.06 -2.47
CA ASN A 279 -44.10 -11.56 -1.13
C ASN A 279 -42.94 -12.30 -0.50
N GLY A 280 -41.75 -12.25 -1.10
CA GLY A 280 -40.60 -12.94 -0.57
C GLY A 280 -40.47 -14.39 -0.99
N THR A 281 -41.34 -14.88 -1.86
CA THR A 281 -41.32 -16.28 -2.25
C THR A 281 -40.34 -16.51 -3.39
N ILE A 282 -39.58 -17.59 -3.30
CA ILE A 282 -38.69 -18.00 -4.39
C ILE A 282 -39.55 -18.64 -5.46
N THR A 283 -39.86 -17.89 -6.52
CA THR A 283 -40.72 -18.43 -7.56
C THR A 283 -39.94 -19.30 -8.54
N ASP A 284 -38.66 -19.00 -8.75
CA ASP A 284 -37.86 -19.73 -9.73
C ASP A 284 -36.39 -19.63 -9.36
N ALA A 285 -35.59 -20.49 -9.99
CA ALA A 285 -34.15 -20.49 -9.80
C ALA A 285 -33.45 -20.97 -11.05
N VAL A 286 -32.18 -20.60 -11.18
CA VAL A 286 -31.32 -21.04 -12.27
C VAL A 286 -30.12 -21.73 -11.67
N ASP A 287 -29.79 -22.91 -12.19
CA ASP A 287 -28.60 -23.65 -11.79
C ASP A 287 -27.46 -23.26 -12.70
N CYS A 288 -26.52 -22.47 -12.20
CA CYS A 288 -25.50 -21.88 -13.06
C CYS A 288 -24.64 -22.94 -13.74
N ALA A 289 -24.25 -23.97 -12.99
CA ALA A 289 -23.33 -24.97 -13.53
C ALA A 289 -24.01 -26.00 -14.42
N LEU A 290 -25.31 -25.87 -14.67
CA LEU A 290 -26.02 -26.90 -15.43
C LEU A 290 -25.56 -26.93 -16.89
N ASP A 291 -25.54 -25.78 -17.56
CA ASP A 291 -25.25 -25.72 -18.98
C ASP A 291 -24.89 -24.29 -19.35
N PRO A 292 -24.34 -24.06 -20.55
CA PRO A 292 -23.92 -22.71 -20.91
C PRO A 292 -25.04 -21.68 -20.90
N LEU A 293 -26.27 -22.06 -21.23
CA LEU A 293 -27.36 -21.10 -21.18
C LEU A 293 -27.62 -20.62 -19.75
N SER A 294 -27.56 -21.54 -18.79
CA SER A 294 -27.72 -21.15 -17.41
C SER A 294 -26.52 -20.34 -16.93
N GLU A 295 -25.33 -20.64 -17.47
CA GLU A 295 -24.17 -19.80 -17.16
C GLU A 295 -24.38 -18.38 -17.65
N THR A 296 -24.94 -18.20 -18.86
CA THR A 296 -25.27 -16.86 -19.33
C THR A 296 -26.30 -16.20 -18.43
N LYS A 297 -27.33 -16.95 -18.02
CA LYS A 297 -28.35 -16.38 -17.16
C LYS A 297 -27.76 -15.89 -15.85
N CYS A 298 -26.86 -16.68 -15.26
CA CYS A 298 -26.24 -16.28 -14.01
C CYS A 298 -25.27 -15.12 -14.19
N THR A 299 -24.57 -15.09 -15.32
CA THR A 299 -23.68 -13.97 -15.62
C THR A 299 -24.46 -12.67 -15.78
N LEU A 300 -25.55 -12.71 -16.54
CA LEU A 300 -26.38 -11.54 -16.78
C LEU A 300 -27.31 -11.22 -15.62
N LYS A 301 -27.39 -12.09 -14.62
CA LYS A 301 -28.31 -11.93 -13.51
C LYS A 301 -29.74 -11.74 -14.00
N SER A 302 -30.13 -12.57 -14.97
CA SER A 302 -31.45 -12.47 -15.56
C SER A 302 -31.91 -13.84 -16.01
N PHE A 303 -33.22 -14.03 -16.05
CA PHE A 303 -33.82 -15.27 -16.53
C PHE A 303 -34.11 -15.24 -18.02
N THR A 304 -34.10 -14.06 -18.64
CA THR A 304 -34.27 -13.92 -20.08
C THR A 304 -32.95 -13.43 -20.66
N VAL A 305 -32.45 -14.15 -21.65
CA VAL A 305 -31.20 -13.82 -22.32
C VAL A 305 -31.54 -13.40 -23.75
N GLU A 306 -31.19 -12.17 -24.11
CA GLU A 306 -31.43 -11.68 -25.46
C GLU A 306 -30.37 -12.22 -26.40
N LYS A 307 -30.68 -12.18 -27.69
CA LYS A 307 -29.78 -12.72 -28.70
C LYS A 307 -28.43 -12.02 -28.64
N GLY A 308 -27.37 -12.80 -28.67
CA GLY A 308 -26.04 -12.24 -28.57
C GLY A 308 -25.03 -13.30 -28.23
N ILE A 309 -23.80 -12.87 -28.09
CA ILE A 309 -22.69 -13.72 -27.68
C ILE A 309 -22.10 -13.12 -26.40
N TYR A 310 -22.26 -13.82 -25.29
CA TYR A 310 -21.89 -13.31 -23.97
C TYR A 310 -20.72 -14.09 -23.44
N GLN A 311 -19.64 -13.38 -23.08
CA GLN A 311 -18.51 -14.04 -22.45
C GLN A 311 -18.89 -14.43 -21.04
N THR A 312 -19.07 -15.73 -20.80
CA THR A 312 -19.53 -16.21 -19.51
C THR A 312 -18.38 -16.65 -18.62
N SER A 313 -17.36 -17.29 -19.16
CA SER A 313 -16.32 -17.82 -18.28
C SER A 313 -14.96 -17.71 -18.96
N ASN A 314 -13.96 -18.31 -18.33
CA ASN A 314 -12.62 -18.41 -18.88
C ASN A 314 -12.17 -19.86 -18.80
N PHE A 315 -11.87 -20.44 -19.96
CA PHE A 315 -11.39 -21.81 -20.05
C PHE A 315 -9.89 -21.82 -19.83
N ARG A 316 -9.44 -22.65 -18.91
CA ARG A 316 -8.03 -22.86 -18.64
C ARG A 316 -7.79 -24.36 -18.50
N VAL A 317 -6.71 -24.84 -19.11
CA VAL A 317 -6.34 -26.24 -18.94
C VAL A 317 -5.38 -26.35 -17.77
N GLN A 318 -5.87 -26.85 -16.65
CA GLN A 318 -5.06 -26.92 -15.45
C GLN A 318 -4.02 -28.03 -15.59
N PRO A 319 -2.84 -27.89 -14.98
CA PRO A 319 -1.79 -28.88 -15.16
C PRO A 319 -2.18 -30.24 -14.63
N THR A 320 -1.80 -31.28 -15.36
CA THR A 320 -2.11 -32.64 -14.97
C THR A 320 -1.23 -33.14 -13.84
N GLU A 321 0.05 -32.75 -13.83
CA GLU A 321 1.00 -33.26 -12.86
C GLU A 321 2.09 -32.23 -12.64
N SER A 322 2.87 -32.42 -11.57
CA SER A 322 3.95 -31.54 -11.22
C SER A 322 5.29 -32.24 -11.45
N ILE A 323 6.23 -31.51 -12.03
CA ILE A 323 7.58 -32.01 -12.24
C ILE A 323 8.53 -31.10 -11.50
N VAL A 324 9.48 -31.70 -10.78
CA VAL A 324 10.56 -30.98 -10.12
C VAL A 324 11.86 -31.46 -10.70
N ARG A 325 12.72 -30.53 -11.12
CA ARG A 325 14.03 -30.89 -11.66
C ARG A 325 15.08 -30.01 -10.99
N PHE A 326 15.90 -30.63 -10.16
CA PHE A 326 17.01 -30.00 -9.46
C PHE A 326 18.31 -30.61 -9.92
N PRO A 327 19.46 -29.90 -9.83
CA PRO A 327 20.70 -30.44 -10.36
C PRO A 327 21.10 -31.71 -9.60
N ASN A 328 22.09 -32.44 -10.11
CA ASN A 328 22.57 -33.65 -9.40
C ASN A 328 23.01 -33.28 -7.98
N ILE A 329 23.10 -34.26 -7.09
CA ILE A 329 23.47 -34.04 -5.69
C ILE A 329 24.92 -33.61 -5.55
N THR A 330 25.77 -33.98 -6.51
CA THR A 330 27.21 -33.65 -6.56
C THR A 330 27.84 -33.99 -5.20
N ASN A 331 28.56 -33.07 -4.57
CA ASN A 331 29.23 -33.34 -3.31
C ASN A 331 28.23 -33.55 -2.19
N LEU A 332 28.61 -34.39 -1.23
CA LEU A 332 27.79 -34.72 -0.08
C LEU A 332 28.57 -34.39 1.19
N CYS A 333 27.91 -34.57 2.34
CA CYS A 333 28.65 -34.23 3.55
C CYS A 333 29.36 -35.46 4.10
N PRO A 334 30.53 -35.27 4.72
CA PRO A 334 31.34 -36.42 5.19
C PRO A 334 30.83 -37.00 6.50
N PHE A 335 29.59 -37.49 6.49
CA PHE A 335 29.06 -38.19 7.65
C PHE A 335 29.68 -39.56 7.84
N GLY A 336 30.18 -40.17 6.76
CA GLY A 336 30.86 -41.44 6.88
C GLY A 336 32.26 -41.37 7.46
N GLU A 337 32.82 -40.17 7.57
CA GLU A 337 34.09 -39.97 8.24
C GLU A 337 33.90 -39.58 9.70
N VAL A 338 32.67 -39.38 10.15
CA VAL A 338 32.39 -39.07 11.53
C VAL A 338 31.64 -40.20 12.25
N PHE A 339 30.83 -40.97 11.53
CA PHE A 339 30.10 -42.08 12.13
C PHE A 339 30.77 -43.43 11.90
N ASN A 340 31.77 -43.50 11.03
CA ASN A 340 32.51 -44.72 10.78
C ASN A 340 34.00 -44.54 11.09
N ALA A 341 34.32 -43.59 11.96
CA ALA A 341 35.70 -43.39 12.35
C ALA A 341 36.19 -44.55 13.20
N THR A 342 37.45 -44.95 12.95
CA THR A 342 38.03 -46.06 13.70
C THR A 342 38.13 -45.72 15.18
N ARG A 343 38.61 -44.53 15.51
CA ARG A 343 38.78 -44.09 16.89
C ARG A 343 37.97 -42.83 17.14
N PHE A 344 37.21 -42.84 18.23
CA PHE A 344 36.51 -41.65 18.69
C PHE A 344 37.27 -41.02 19.85
N ALA A 345 37.30 -39.69 19.87
CA ALA A 345 38.06 -38.98 20.88
C ALA A 345 37.46 -39.16 22.26
N SER A 346 38.28 -38.94 23.28
CA SER A 346 37.80 -39.05 24.66
C SER A 346 36.77 -37.97 24.94
N VAL A 347 35.93 -38.21 25.94
CA VAL A 347 34.84 -37.29 26.25
C VAL A 347 35.38 -35.93 26.71
N TYR A 348 36.48 -35.93 27.45
CA TYR A 348 37.08 -34.67 27.87
C TYR A 348 37.78 -33.95 26.71
N ALA A 349 38.11 -34.68 25.64
CA ALA A 349 38.75 -34.09 24.48
C ALA A 349 37.94 -34.40 23.22
N TRP A 350 36.61 -34.21 23.31
CA TRP A 350 35.71 -34.58 22.23
C TRP A 350 36.09 -33.87 20.92
N ASN A 351 36.08 -34.63 19.83
CA ASN A 351 36.46 -34.07 18.54
C ASN A 351 35.31 -33.25 17.95
N ARG A 352 35.62 -32.05 17.47
CA ARG A 352 34.65 -31.19 16.81
C ARG A 352 35.03 -31.01 15.36
N LYS A 353 34.09 -31.30 14.47
CA LYS A 353 34.29 -31.15 13.03
C LYS A 353 33.22 -30.21 12.48
N ARG A 354 33.65 -29.24 11.69
CA ARG A 354 32.73 -28.29 11.06
C ARG A 354 32.40 -28.78 9.66
N ILE A 355 31.10 -28.81 9.33
CA ILE A 355 30.59 -29.32 8.07
C ILE A 355 29.82 -28.21 7.39
N SER A 356 30.20 -27.91 6.15
CA SER A 356 29.57 -26.86 5.36
C SER A 356 29.87 -27.13 3.89
N ASN A 357 29.11 -26.46 3.01
CA ASN A 357 29.28 -26.56 1.57
C ASN A 357 29.11 -28.00 1.08
N CYS A 358 28.02 -28.63 1.50
CA CYS A 358 27.76 -30.01 1.12
C CYS A 358 26.28 -30.31 1.32
N VAL A 359 25.86 -31.43 0.77
CA VAL A 359 24.49 -31.92 0.90
C VAL A 359 24.49 -33.08 1.87
N ALA A 360 23.74 -32.95 2.96
CA ALA A 360 23.68 -33.96 4.00
C ALA A 360 22.38 -34.76 3.86
N ASP A 361 22.52 -36.08 3.74
CA ASP A 361 21.35 -36.96 3.63
C ASP A 361 21.03 -37.50 5.01
N TYR A 362 20.28 -36.70 5.77
CA TYR A 362 19.96 -37.06 7.14
C TYR A 362 19.11 -38.31 7.22
N SER A 363 18.25 -38.54 6.22
CA SER A 363 17.49 -39.79 6.19
C SER A 363 18.40 -41.00 6.04
N VAL A 364 19.40 -40.89 5.15
CA VAL A 364 20.34 -41.99 4.95
C VAL A 364 21.14 -42.24 6.23
N LEU A 365 21.60 -41.16 6.87
CA LEU A 365 22.30 -41.32 8.14
C LEU A 365 21.40 -41.91 9.20
N TYR A 366 20.10 -41.59 9.15
CA TYR A 366 19.14 -42.07 10.14
C TYR A 366 18.93 -43.57 10.00
N ASN A 367 18.69 -44.04 8.78
CA ASN A 367 18.49 -45.46 8.52
C ASN A 367 19.79 -46.10 8.02
N SER A 368 20.79 -46.12 8.89
CA SER A 368 22.10 -46.66 8.52
C SER A 368 22.55 -47.76 9.47
N ALA A 369 22.28 -47.60 10.76
CA ALA A 369 22.74 -48.58 11.75
C ALA A 369 21.77 -48.55 12.93
N SER A 370 22.14 -49.21 14.02
CA SER A 370 21.30 -49.30 15.21
C SER A 370 21.72 -48.21 16.20
N PHE A 371 21.35 -46.98 15.86
CA PHE A 371 21.65 -45.83 16.69
C PHE A 371 20.70 -45.83 17.89
N SER A 372 21.25 -45.99 19.09
CA SER A 372 20.45 -46.11 20.31
C SER A 372 19.76 -44.81 20.69
N THR A 373 20.13 -43.68 20.08
CA THR A 373 19.55 -42.40 20.44
C THR A 373 19.65 -41.47 19.23
N PHE A 374 18.53 -40.88 18.84
CA PHE A 374 18.46 -39.90 17.76
C PHE A 374 17.62 -38.71 18.19
N LYS A 375 17.93 -38.17 19.37
CA LYS A 375 17.08 -37.15 19.96
C LYS A 375 17.41 -35.78 19.35
N CYS A 376 16.46 -35.24 18.59
CA CYS A 376 16.63 -33.94 17.94
C CYS A 376 15.79 -32.91 18.69
N TYR A 377 16.46 -31.88 19.20
CA TYR A 377 15.82 -30.79 19.92
C TYR A 377 15.77 -29.55 19.02
N GLY A 378 14.59 -28.96 18.90
CA GLY A 378 14.40 -27.77 18.10
C GLY A 378 13.92 -28.01 16.70
N VAL A 379 13.97 -29.26 16.20
CA VAL A 379 13.52 -29.57 14.86
C VAL A 379 13.24 -31.07 14.74
N SER A 380 12.17 -31.43 14.06
CA SER A 380 11.86 -32.84 13.85
C SER A 380 12.88 -33.47 12.91
N PRO A 381 13.26 -34.72 13.14
CA PRO A 381 14.23 -35.37 12.25
C PRO A 381 13.75 -35.47 10.80
N THR A 382 12.45 -35.65 10.60
CA THR A 382 11.93 -35.83 9.25
C THR A 382 11.95 -34.53 8.45
N LYS A 383 11.92 -33.39 9.13
CA LYS A 383 11.91 -32.10 8.46
C LYS A 383 13.31 -31.60 8.09
N LEU A 384 14.36 -32.34 8.47
CA LEU A 384 15.72 -31.86 8.25
C LEU A 384 16.04 -31.68 6.77
N ASN A 385 15.43 -32.50 5.90
CA ASN A 385 15.66 -32.38 4.47
C ASN A 385 14.88 -31.23 3.85
N ASP A 386 14.03 -30.56 4.62
CA ASP A 386 13.26 -29.43 4.13
C ASP A 386 13.86 -28.09 4.55
N LEU A 387 15.01 -28.09 5.20
CA LEU A 387 15.60 -26.89 5.77
C LEU A 387 17.06 -26.76 5.34
N CYS A 388 17.62 -25.58 5.57
CA CYS A 388 19.02 -25.31 5.33
C CYS A 388 19.66 -24.81 6.62
N PHE A 389 20.88 -25.30 6.89
CA PHE A 389 21.65 -24.89 8.05
C PHE A 389 22.94 -24.20 7.60
N THR A 390 23.32 -23.14 8.32
CA THR A 390 24.56 -22.43 7.97
C THR A 390 25.78 -23.31 8.20
N ASN A 391 25.82 -24.01 9.34
CA ASN A 391 26.94 -24.88 9.66
C ASN A 391 26.43 -26.10 10.42
N VAL A 392 27.18 -27.20 10.36
CA VAL A 392 26.87 -28.39 11.15
C VAL A 392 28.11 -28.77 11.94
N TYR A 393 27.98 -28.84 13.26
CA TYR A 393 29.10 -29.22 14.11
C TYR A 393 28.89 -30.64 14.63
N ALA A 394 29.88 -31.50 14.39
CA ALA A 394 29.80 -32.91 14.75
C ALA A 394 30.76 -33.16 15.90
N ASP A 395 30.23 -33.10 17.12
CA ASP A 395 31.03 -33.37 18.31
C ASP A 395 30.96 -34.86 18.64
N SER A 396 32.07 -35.55 18.45
CA SER A 396 32.15 -37.00 18.62
C SER A 396 32.97 -37.34 19.85
N PHE A 397 32.46 -38.29 20.63
CA PHE A 397 33.14 -38.77 21.84
C PHE A 397 32.58 -40.13 22.21
N VAL A 398 33.10 -40.70 23.29
CA VAL A 398 32.68 -42.00 23.80
C VAL A 398 32.28 -41.83 25.26
N ILE A 399 31.10 -42.32 25.62
CA ILE A 399 30.55 -42.14 26.96
C ILE A 399 29.92 -43.46 27.40
N ARG A 400 30.07 -43.79 28.68
CA ARG A 400 29.48 -45.03 29.18
C ARG A 400 27.95 -44.94 29.15
N GLY A 401 27.31 -46.10 29.22
CA GLY A 401 25.88 -46.17 28.97
C GLY A 401 25.06 -45.35 29.95
N ASP A 402 25.41 -45.40 31.24
CA ASP A 402 24.62 -44.70 32.25
C ASP A 402 24.69 -43.19 32.11
N GLU A 403 25.75 -42.67 31.52
CA GLU A 403 25.92 -41.23 31.36
C GLU A 403 25.40 -40.70 30.03
N VAL A 404 24.89 -41.58 29.16
CA VAL A 404 24.38 -41.14 27.87
C VAL A 404 23.23 -40.16 28.07
N ARG A 405 22.35 -40.44 29.03
CA ARG A 405 21.24 -39.54 29.33
C ARG A 405 21.73 -38.15 29.74
N GLN A 406 22.97 -38.02 30.20
CA GLN A 406 23.50 -36.71 30.56
C GLN A 406 23.82 -35.85 29.35
N ILE A 407 23.81 -36.41 28.15
CA ILE A 407 24.05 -35.61 26.93
C ILE A 407 22.67 -35.13 26.46
N ALA A 408 22.23 -34.03 27.06
CA ALA A 408 20.95 -33.40 26.76
C ALA A 408 20.90 -32.03 27.44
N PRO A 409 20.16 -31.08 26.89
CA PRO A 409 20.01 -29.78 27.57
C PRO A 409 19.34 -29.94 28.92
N GLY A 410 19.78 -29.13 29.88
CA GLY A 410 19.22 -29.19 31.22
C GLY A 410 19.63 -30.40 32.03
N GLN A 411 20.75 -31.03 31.70
CA GLN A 411 21.24 -32.20 32.42
C GLN A 411 22.37 -31.79 33.37
N THR A 412 22.49 -32.54 34.46
CA THR A 412 23.51 -32.32 35.46
C THR A 412 24.27 -33.60 35.72
N GLY A 413 25.53 -33.46 36.12
CA GLY A 413 26.37 -34.62 36.40
C GLY A 413 27.82 -34.38 36.05
N ASN A 414 28.66 -35.39 36.29
CA ASN A 414 30.09 -35.24 36.03
C ASN A 414 30.35 -34.94 34.56
N ILE A 415 29.70 -35.68 33.66
CA ILE A 415 29.89 -35.45 32.23
C ILE A 415 29.41 -34.06 31.85
N ALA A 416 28.15 -33.75 32.13
CA ALA A 416 27.54 -32.51 31.71
C ALA A 416 28.13 -31.28 32.38
N ASP A 417 28.94 -31.46 33.43
CA ASP A 417 29.53 -30.33 34.12
C ASP A 417 31.03 -30.19 33.91
N TYR A 418 31.76 -31.28 33.69
CA TYR A 418 33.22 -31.20 33.58
C TYR A 418 33.75 -31.62 32.23
N ASN A 419 32.96 -32.32 31.40
CA ASN A 419 33.45 -32.89 30.15
C ASN A 419 32.79 -32.26 28.93
N TYR A 420 31.46 -32.26 28.87
CA TYR A 420 30.76 -31.77 27.69
C TYR A 420 29.42 -31.19 28.13
N LYS A 421 29.24 -29.88 27.94
CA LYS A 421 28.05 -29.17 28.36
C LYS A 421 27.26 -28.74 27.14
N LEU A 422 25.99 -29.13 27.08
CA LEU A 422 25.10 -28.70 26.01
C LEU A 422 24.33 -27.46 26.43
N PRO A 423 24.23 -26.45 25.56
CA PRO A 423 23.51 -25.23 25.93
C PRO A 423 22.02 -25.50 26.10
N ASP A 424 21.41 -24.68 26.97
CA ASP A 424 19.97 -24.77 27.18
C ASP A 424 19.18 -24.42 25.91
N ASP A 425 19.76 -23.62 25.02
CA ASP A 425 19.14 -23.27 23.75
C ASP A 425 19.68 -24.14 22.62
N PHE A 426 20.00 -25.40 22.92
CA PHE A 426 20.56 -26.28 21.91
C PHE A 426 19.54 -26.59 20.82
N THR A 427 19.98 -26.49 19.58
CA THR A 427 19.15 -26.76 18.40
C THR A 427 19.92 -27.75 17.53
N GLY A 428 19.61 -29.03 17.67
CA GLY A 428 20.34 -30.05 16.94
C GLY A 428 19.99 -31.42 17.45
N CYS A 429 20.64 -32.41 16.85
CA CYS A 429 20.39 -33.80 17.21
C CYS A 429 21.54 -34.37 18.03
N VAL A 430 21.22 -35.38 18.82
CA VAL A 430 22.20 -36.16 19.57
C VAL A 430 21.97 -37.61 19.19
N ILE A 431 23.02 -38.26 18.69
CA ILE A 431 22.97 -39.64 18.20
C ILE A 431 23.94 -40.47 19.03
N ALA A 432 23.53 -41.69 19.34
CA ALA A 432 24.33 -42.56 20.19
C ALA A 432 24.04 -44.01 19.83
N TRP A 433 25.08 -44.84 19.86
CA TRP A 433 24.94 -46.26 19.64
C TRP A 433 25.95 -47.02 20.47
N ASN A 434 25.54 -48.17 20.98
CA ASN A 434 26.37 -49.02 21.85
C ASN A 434 27.45 -49.68 21.02
N SER A 435 28.66 -49.14 21.08
CA SER A 435 29.81 -49.69 20.36
C SER A 435 30.63 -50.53 21.34
N ASN A 436 30.10 -51.71 21.66
CA ASN A 436 30.80 -52.64 22.54
C ASN A 436 31.77 -53.54 21.78
N ASN A 437 31.73 -53.53 20.45
CA ASN A 437 32.62 -54.34 19.63
C ASN A 437 33.83 -53.56 19.15
N LEU A 438 33.95 -52.28 19.51
CA LEU A 438 35.04 -51.45 19.04
C LEU A 438 35.76 -50.68 20.13
N ASP A 439 35.12 -50.37 21.25
CA ASP A 439 35.73 -49.57 22.31
C ASP A 439 35.82 -50.33 23.63
N SER A 440 35.68 -51.65 23.59
CA SER A 440 35.79 -52.48 24.79
C SER A 440 36.81 -53.58 24.53
N LYS A 441 37.72 -53.78 25.48
CA LYS A 441 38.77 -54.77 25.36
C LYS A 441 38.77 -55.65 26.60
N VAL A 442 39.25 -56.89 26.42
CA VAL A 442 39.16 -57.88 27.48
C VAL A 442 39.94 -57.43 28.72
N GLY A 443 41.17 -56.94 28.51
CA GLY A 443 41.95 -56.45 29.63
C GLY A 443 41.54 -55.09 30.14
N GLY A 444 40.73 -54.36 29.36
CA GLY A 444 40.29 -53.04 29.76
C GLY A 444 40.82 -51.95 28.86
N ASN A 445 39.93 -51.20 28.22
CA ASN A 445 40.32 -50.12 27.33
C ASN A 445 40.34 -48.82 28.12
N TYR A 446 41.53 -48.30 28.36
CA TYR A 446 41.72 -47.10 29.18
C TYR A 446 42.03 -45.86 28.36
N ASN A 447 41.83 -45.92 27.03
CA ASN A 447 42.12 -44.75 26.20
C ASN A 447 41.12 -43.63 26.40
N TYR A 448 39.95 -43.92 26.96
CA TYR A 448 38.90 -42.93 27.15
C TYR A 448 38.91 -42.45 28.60
N LEU A 449 39.10 -41.15 28.79
CA LEU A 449 39.17 -40.53 30.10
C LEU A 449 38.10 -39.46 30.22
N TYR A 450 37.48 -39.39 31.39
CA TYR A 450 36.49 -38.36 31.69
C TYR A 450 37.00 -37.51 32.84
N ARG A 451 36.80 -36.19 32.74
CA ARG A 451 37.20 -35.30 33.82
C ARG A 451 36.30 -35.50 35.02
N LEU A 452 36.91 -35.60 36.20
CA LEU A 452 36.19 -35.89 37.43
C LEU A 452 36.22 -34.75 38.44
N PHE A 453 37.26 -33.93 38.44
CA PHE A 453 37.38 -32.81 39.38
C PHE A 453 37.68 -31.54 38.60
N ARG A 454 36.90 -30.50 38.86
CA ARG A 454 37.11 -29.20 38.23
C ARG A 454 36.58 -28.11 39.16
N LYS A 455 37.13 -26.91 39.01
CA LYS A 455 36.74 -25.81 39.87
C LYS A 455 35.29 -25.39 39.60
N SER A 456 34.93 -25.22 38.34
CA SER A 456 33.61 -24.76 37.95
C SER A 456 33.07 -25.59 36.81
N ASN A 457 31.75 -25.61 36.68
CA ASN A 457 31.11 -26.35 35.60
C ASN A 457 31.44 -25.71 34.25
N LEU A 458 31.55 -26.55 33.23
CA LEU A 458 31.92 -26.07 31.91
C LEU A 458 30.81 -25.23 31.29
N LYS A 459 31.21 -24.18 30.58
CA LYS A 459 30.29 -23.44 29.75
C LYS A 459 29.89 -24.27 28.54
N PRO A 460 28.73 -23.98 27.94
CA PRO A 460 28.28 -24.78 26.78
C PRO A 460 29.31 -24.76 25.66
N PHE A 461 29.57 -25.95 25.11
CA PHE A 461 30.52 -26.14 24.01
C PHE A 461 31.90 -25.59 24.36
N GLU A 462 32.48 -26.17 25.42
CA GLU A 462 33.81 -25.80 25.88
C GLU A 462 34.63 -27.07 26.11
N ARG A 463 35.86 -27.07 25.60
CA ARG A 463 36.79 -28.19 25.78
C ARG A 463 37.91 -27.74 26.72
N ASP A 464 38.10 -28.49 27.80
CA ASP A 464 39.16 -28.22 28.77
C ASP A 464 39.99 -29.50 28.90
N ILE A 465 41.18 -29.50 28.32
CA ILE A 465 42.03 -30.69 28.28
C ILE A 465 43.22 -30.51 29.19
N SER A 466 43.09 -29.67 30.21
CA SER A 466 44.16 -29.46 31.17
C SER A 466 44.24 -30.65 32.12
N THR A 467 45.45 -31.18 32.31
CA THR A 467 45.67 -32.33 33.17
C THR A 467 46.38 -31.96 34.47
N GLU A 468 46.32 -30.68 34.86
CA GLU A 468 46.95 -30.25 36.10
C GLU A 468 46.24 -30.87 37.30
N ILE A 469 47.04 -31.22 38.32
CA ILE A 469 46.49 -31.85 39.50
C ILE A 469 45.53 -30.90 40.20
N TYR A 470 44.33 -31.40 40.50
CA TYR A 470 43.31 -30.63 41.19
C TYR A 470 43.58 -30.66 42.70
N GLN A 471 43.59 -29.48 43.31
CA GLN A 471 43.86 -29.32 44.73
C GLN A 471 42.53 -29.31 45.48
N ALA A 472 42.24 -30.38 46.20
CA ALA A 472 41.01 -30.49 46.96
C ALA A 472 41.15 -30.05 48.41
N GLY A 473 42.33 -29.60 48.82
CA GLY A 473 42.56 -29.18 50.19
C GLY A 473 43.24 -27.82 50.25
N SER A 474 43.54 -27.41 51.48
CA SER A 474 44.20 -26.12 51.68
C SER A 474 45.66 -26.17 51.27
N THR A 475 46.34 -27.28 51.53
CA THR A 475 47.75 -27.40 51.21
C THR A 475 47.95 -27.44 49.70
N PRO A 476 48.87 -26.65 49.15
CA PRO A 476 49.12 -26.70 47.71
C PRO A 476 49.72 -28.02 47.28
N CYS A 477 49.44 -28.41 46.04
CA CYS A 477 49.93 -29.68 45.50
C CYS A 477 51.26 -29.52 44.77
N ASN A 478 51.48 -28.37 44.12
CA ASN A 478 52.73 -28.10 43.41
C ASN A 478 53.03 -29.16 42.36
N GLY A 479 51.98 -29.62 41.68
CA GLY A 479 52.14 -30.59 40.62
C GLY A 479 52.38 -32.02 41.07
N VAL A 480 52.25 -32.30 42.36
CA VAL A 480 52.45 -33.64 42.90
C VAL A 480 51.14 -34.11 43.50
N LYS A 481 50.66 -35.27 43.06
CA LYS A 481 49.40 -35.81 43.53
C LYS A 481 49.61 -36.58 44.83
N GLY A 482 48.71 -36.38 45.78
CA GLY A 482 48.79 -37.02 47.07
C GLY A 482 47.56 -36.76 47.92
N PHE A 483 47.77 -36.43 49.20
CA PHE A 483 46.65 -36.11 50.07
C PHE A 483 46.01 -34.79 49.64
N ASN A 484 44.70 -34.81 49.46
CA ASN A 484 43.94 -33.65 48.99
C ASN A 484 44.45 -33.14 47.63
N CYS A 485 44.97 -34.05 46.81
CA CYS A 485 45.48 -33.72 45.48
C CYS A 485 45.14 -34.87 44.55
N TYR A 486 44.26 -34.61 43.58
CA TYR A 486 43.71 -35.67 42.75
C TYR A 486 43.89 -35.34 41.27
N PHE A 487 44.20 -36.37 40.49
CA PHE A 487 44.30 -36.20 39.05
C PHE A 487 42.91 -35.99 38.46
N PRO A 488 42.68 -34.90 37.72
CA PRO A 488 41.31 -34.59 37.28
C PRO A 488 40.68 -35.65 36.39
N LEU A 489 41.48 -36.33 35.58
CA LEU A 489 40.96 -37.30 34.61
C LEU A 489 40.93 -38.69 35.23
N GLN A 490 39.83 -39.40 35.00
CA GLN A 490 39.68 -40.79 35.43
C GLN A 490 39.30 -41.63 34.23
N SER A 491 39.90 -42.82 34.12
CA SER A 491 39.60 -43.69 33.01
C SER A 491 38.29 -44.44 33.22
N TYR A 492 37.74 -44.95 32.13
CA TYR A 492 36.53 -45.79 32.18
C TYR A 492 36.89 -47.27 32.33
N GLY A 493 37.76 -47.77 31.46
CA GLY A 493 38.13 -49.17 31.48
C GLY A 493 37.03 -50.08 30.98
N PHE A 494 36.60 -49.87 29.74
CA PHE A 494 35.54 -50.69 29.17
C PHE A 494 36.02 -52.12 28.92
N GLN A 495 35.16 -53.07 29.23
CA GLN A 495 35.41 -54.48 28.97
C GLN A 495 34.17 -55.11 28.35
N PRO A 496 34.34 -56.13 27.50
CA PRO A 496 33.16 -56.77 26.90
C PRO A 496 32.23 -57.43 27.90
N THR A 497 32.72 -57.76 29.09
CA THR A 497 31.91 -58.39 30.12
C THR A 497 31.31 -57.39 31.09
N TYR A 498 31.48 -56.09 30.84
CA TYR A 498 30.89 -55.08 31.70
C TYR A 498 29.38 -55.05 31.54
N GLY A 499 28.73 -54.30 32.43
CA GLY A 499 27.29 -54.19 32.38
C GLY A 499 26.80 -53.43 31.16
N VAL A 500 25.53 -53.65 30.84
CA VAL A 500 24.93 -53.00 29.67
C VAL A 500 24.99 -51.49 29.81
N GLY A 501 24.72 -50.97 31.00
CA GLY A 501 24.83 -49.56 31.26
C GLY A 501 26.23 -49.05 31.49
N TYR A 502 27.23 -49.93 31.47
CA TYR A 502 28.63 -49.55 31.61
C TYR A 502 29.42 -49.76 30.33
N GLN A 503 28.75 -50.05 29.23
CA GLN A 503 29.41 -50.26 27.95
C GLN A 503 29.58 -48.93 27.23
N PRO A 504 30.60 -48.83 26.38
CA PRO A 504 30.85 -47.56 25.67
C PRO A 504 29.83 -47.32 24.56
N TYR A 505 29.28 -46.12 24.52
CA TYR A 505 28.41 -45.64 23.46
C TYR A 505 29.16 -44.54 22.72
N ARG A 506 29.17 -44.63 21.40
CA ARG A 506 29.82 -43.61 20.58
C ARG A 506 28.81 -42.51 20.28
N VAL A 507 28.96 -41.37 20.95
CA VAL A 507 27.99 -40.29 20.86
C VAL A 507 28.49 -39.23 19.91
N VAL A 508 27.64 -38.88 18.94
CA VAL A 508 27.90 -37.80 17.98
C VAL A 508 26.77 -36.79 18.14
N VAL A 509 27.11 -35.56 18.49
CA VAL A 509 26.15 -34.49 18.64
C VAL A 509 26.27 -33.60 17.41
N LEU A 510 25.19 -33.53 16.64
CA LEU A 510 25.12 -32.63 15.50
C LEU A 510 24.43 -31.33 15.93
N SER A 511 25.14 -30.23 15.79
CA SER A 511 24.67 -28.91 16.18
C SER A 511 24.46 -28.12 14.89
N PHE A 512 23.20 -27.82 14.59
CA PHE A 512 22.87 -27.03 13.41
C PHE A 512 22.94 -25.54 13.75
N GLU A 513 24.01 -24.87 13.30
CA GLU A 513 24.16 -23.45 13.54
C GLU A 513 23.57 -22.67 12.39
N LEU A 514 22.76 -21.66 12.74
CA LEU A 514 22.07 -20.83 11.75
C LEU A 514 22.30 -19.38 12.14
N LEU A 515 23.19 -18.71 11.41
CA LEU A 515 23.53 -17.32 11.66
C LEU A 515 22.84 -16.43 10.62
N HIS A 516 23.08 -15.12 10.73
CA HIS A 516 22.59 -14.17 9.74
C HIS A 516 23.55 -14.06 8.58
N ALA A 517 23.89 -15.21 8.00
CA ALA A 517 24.80 -15.30 6.87
C ALA A 517 24.22 -16.28 5.87
N PRO A 518 24.61 -16.20 4.59
CA PRO A 518 24.11 -17.17 3.61
C PRO A 518 24.46 -18.59 4.01
N ALA A 519 23.49 -19.49 3.83
CA ALA A 519 23.64 -20.86 4.29
C ALA A 519 24.60 -21.63 3.38
N THR A 520 25.22 -22.67 3.96
CA THR A 520 26.14 -23.52 3.24
C THR A 520 25.76 -24.99 3.25
N VAL A 521 24.83 -25.41 4.11
CA VAL A 521 24.36 -26.79 4.18
C VAL A 521 22.87 -26.78 3.88
N CYS A 522 22.41 -27.70 3.04
CA CYS A 522 21.00 -27.82 2.74
C CYS A 522 20.65 -29.29 2.58
N GLY A 523 19.36 -29.61 2.76
CA GLY A 523 18.87 -30.95 2.60
C GLY A 523 18.88 -31.40 1.16
N PRO A 524 18.80 -32.72 0.94
CA PRO A 524 18.86 -33.23 -0.43
C PRO A 524 17.70 -32.70 -1.26
N LYS A 525 18.03 -32.29 -2.48
CA LYS A 525 17.03 -31.84 -3.44
C LYS A 525 16.54 -33.02 -4.28
N LYS A 526 15.23 -33.04 -4.54
CA LYS A 526 14.58 -34.14 -5.23
C LYS A 526 14.43 -33.80 -6.71
N SER A 527 13.97 -34.78 -7.49
CA SER A 527 13.81 -34.65 -8.93
C SER A 527 12.69 -35.57 -9.40
N THR A 528 11.91 -35.10 -10.36
CA THR A 528 10.84 -35.87 -10.98
C THR A 528 11.16 -36.00 -12.46
N ASN A 529 10.68 -37.09 -13.06
CA ASN A 529 10.90 -37.30 -14.48
C ASN A 529 10.34 -36.15 -15.29
N LEU A 530 11.09 -35.76 -16.32
CA LEU A 530 10.72 -34.64 -17.17
C LEU A 530 9.59 -35.04 -18.11
N VAL A 531 8.50 -34.29 -18.07
CA VAL A 531 7.36 -34.50 -18.97
C VAL A 531 7.33 -33.38 -19.99
N LYS A 532 7.07 -33.75 -21.24
CA LYS A 532 7.07 -32.80 -22.34
C LYS A 532 5.73 -32.82 -23.06
N ASN A 533 5.42 -31.72 -23.74
CA ASN A 533 4.22 -31.60 -24.56
C ASN A 533 2.96 -31.87 -23.74
N LYS A 534 2.92 -31.27 -22.55
CA LYS A 534 1.81 -31.45 -21.62
C LYS A 534 1.82 -30.33 -20.58
N CYS A 535 0.71 -29.63 -20.42
CA CYS A 535 0.64 -28.56 -19.44
C CYS A 535 0.91 -29.12 -18.06
N VAL A 536 2.05 -28.78 -17.48
CA VAL A 536 2.49 -29.32 -16.20
C VAL A 536 2.97 -28.17 -15.32
N ASN A 537 3.02 -28.44 -14.03
CA ASN A 537 3.51 -27.49 -13.03
C ASN A 537 5.00 -27.78 -12.84
N PHE A 538 5.85 -26.93 -13.41
CA PHE A 538 7.27 -27.21 -13.40
C PHE A 538 8.00 -26.42 -12.32
N ASN A 539 9.05 -27.04 -11.79
CA ASN A 539 9.96 -26.38 -10.86
C ASN A 539 11.38 -26.68 -11.33
N PHE A 540 12.17 -25.64 -11.56
CA PHE A 540 13.56 -25.76 -12.00
C PHE A 540 14.43 -24.89 -11.10
N ASN A 541 15.16 -25.52 -10.18
CA ASN A 541 16.08 -24.80 -9.29
C ASN A 541 15.38 -23.67 -8.55
N GLY A 542 14.17 -23.92 -8.08
CA GLY A 542 13.40 -22.92 -7.37
C GLY A 542 12.58 -22.01 -8.26
N LEU A 543 12.82 -22.02 -9.56
CA LEU A 543 12.00 -21.28 -10.50
C LEU A 543 10.73 -22.07 -10.77
N THR A 544 9.61 -21.60 -10.23
CA THR A 544 8.35 -22.31 -10.34
C THR A 544 7.47 -21.67 -11.40
N GLY A 545 6.66 -22.51 -12.06
CA GLY A 545 5.77 -22.00 -13.08
C GLY A 545 4.86 -23.12 -13.56
N THR A 546 4.00 -22.76 -14.51
CA THR A 546 3.08 -23.71 -15.13
C THR A 546 3.13 -23.52 -16.63
N GLY A 547 3.30 -24.60 -17.37
CA GLY A 547 3.38 -24.47 -18.81
C GLY A 547 3.67 -25.80 -19.48
N VAL A 548 3.88 -25.72 -20.79
CA VAL A 548 4.18 -26.86 -21.64
C VAL A 548 5.66 -26.80 -21.99
N LEU A 549 6.39 -27.84 -21.63
CA LEU A 549 7.83 -27.92 -21.86
C LEU A 549 8.10 -28.73 -23.12
N THR A 550 8.69 -28.09 -24.12
CA THR A 550 8.94 -28.74 -25.40
C THR A 550 10.42 -28.64 -25.73
N GLU A 551 10.90 -29.55 -26.57
CA GLU A 551 12.27 -29.47 -27.03
C GLU A 551 12.48 -28.19 -27.84
N SER A 552 13.56 -27.47 -27.53
CA SER A 552 13.81 -26.17 -28.13
C SER A 552 15.16 -26.16 -28.83
N ASN A 553 15.30 -25.25 -29.78
CA ASN A 553 16.52 -25.07 -30.54
C ASN A 553 17.30 -23.83 -30.13
N LYS A 554 16.96 -23.22 -28.99
CA LYS A 554 17.70 -22.06 -28.50
C LYS A 554 19.13 -22.45 -28.17
N LYS A 555 20.05 -21.54 -28.46
CA LYS A 555 21.48 -21.78 -28.23
C LYS A 555 21.91 -21.03 -26.97
N PHE A 556 21.54 -21.59 -25.83
CA PHE A 556 21.96 -21.02 -24.54
C PHE A 556 23.47 -21.05 -24.40
N LEU A 557 24.02 -20.00 -23.82
CA LEU A 557 25.43 -20.03 -23.45
C LEU A 557 25.63 -20.96 -22.26
N PRO A 558 26.80 -21.58 -22.16
CA PRO A 558 26.99 -22.64 -21.15
C PRO A 558 26.69 -22.19 -19.73
N PHE A 559 26.94 -20.95 -19.39
CA PHE A 559 26.70 -20.47 -18.03
C PHE A 559 25.27 -20.01 -17.80
N GLN A 560 24.44 -19.94 -18.83
CA GLN A 560 23.09 -19.40 -18.72
C GLN A 560 22.09 -20.49 -18.39
N GLN A 561 21.21 -20.21 -17.44
CA GLN A 561 20.25 -21.21 -16.99
C GLN A 561 18.92 -21.10 -17.72
N PHE A 562 18.23 -19.98 -17.55
CA PHE A 562 16.92 -19.82 -18.16
C PHE A 562 16.92 -18.62 -19.08
N GLY A 563 15.85 -18.50 -19.85
CA GLY A 563 15.73 -17.44 -20.83
C GLY A 563 14.56 -16.55 -20.50
N ARG A 564 14.55 -15.35 -21.04
CA ARG A 564 13.46 -14.41 -20.81
C ARG A 564 13.12 -13.72 -22.12
N ASP A 565 12.05 -12.91 -22.06
CA ASP A 565 11.56 -12.23 -23.25
C ASP A 565 11.43 -10.73 -22.99
N ILE A 566 10.78 -10.02 -23.93
CA ILE A 566 10.49 -8.61 -23.72
C ILE A 566 9.68 -8.43 -22.44
N ALA A 567 8.73 -9.33 -22.21
CA ALA A 567 7.86 -9.28 -21.04
C ALA A 567 8.60 -9.62 -19.75
N ASP A 568 9.85 -10.08 -19.83
CA ASP A 568 10.63 -10.60 -18.71
C ASP A 568 10.06 -11.90 -18.17
N THR A 569 9.16 -12.54 -18.90
CA THR A 569 8.65 -13.85 -18.52
C THR A 569 9.59 -14.94 -18.96
N THR A 570 9.69 -15.99 -18.15
CA THR A 570 10.58 -17.09 -18.46
C THR A 570 10.10 -17.80 -19.73
N ASP A 571 10.87 -17.64 -20.80
CA ASP A 571 10.52 -18.21 -22.09
C ASP A 571 11.12 -19.59 -22.33
N ALA A 572 12.18 -19.94 -21.61
CA ALA A 572 12.82 -21.24 -21.75
C ALA A 572 13.59 -21.53 -20.47
N VAL A 573 13.91 -22.81 -20.27
CA VAL A 573 14.68 -23.24 -19.12
C VAL A 573 15.73 -24.24 -19.59
N ARG A 574 16.65 -24.56 -18.70
CA ARG A 574 17.63 -25.61 -18.91
C ARG A 574 17.46 -26.64 -17.80
N ASP A 575 17.37 -27.91 -18.18
CA ASP A 575 17.28 -28.96 -17.17
C ASP A 575 18.58 -28.99 -16.39
N PRO A 576 18.54 -28.81 -15.07
CA PRO A 576 19.78 -28.88 -14.30
C PRO A 576 20.45 -30.24 -14.39
N GLN A 577 19.69 -31.32 -14.55
CA GLN A 577 20.29 -32.64 -14.62
C GLN A 577 20.91 -32.90 -15.99
N THR A 578 20.10 -32.90 -17.04
CA THR A 578 20.59 -33.05 -18.40
C THR A 578 20.59 -31.68 -19.07
N LEU A 579 21.78 -31.17 -19.42
CA LEU A 579 21.92 -29.81 -19.92
C LEU A 579 21.30 -29.71 -21.31
N GLU A 580 19.97 -29.67 -21.33
CA GLU A 580 19.21 -29.50 -22.55
C GLU A 580 18.21 -28.38 -22.36
N ILE A 581 17.94 -27.64 -23.43
CA ILE A 581 17.10 -26.45 -23.37
C ILE A 581 15.67 -26.82 -23.71
N LEU A 582 14.74 -26.34 -22.89
CA LEU A 582 13.33 -26.62 -23.06
C LEU A 582 12.58 -25.30 -23.21
N ASP A 583 11.83 -25.17 -24.28
CA ASP A 583 10.98 -24.01 -24.47
C ASP A 583 9.71 -24.17 -23.65
N ILE A 584 9.29 -23.10 -23.01
CA ILE A 584 8.10 -23.08 -22.18
C ILE A 584 7.01 -22.34 -22.94
N THR A 585 5.85 -22.97 -23.06
CA THR A 585 4.69 -22.35 -23.68
C THR A 585 3.60 -22.19 -22.62
N PRO A 586 2.90 -21.07 -22.59
CA PRO A 586 1.78 -20.94 -21.65
C PRO A 586 0.72 -22.00 -21.94
N CYS A 587 0.11 -22.51 -20.86
CA CYS A 587 -0.97 -23.45 -21.01
C CYS A 587 -2.14 -22.78 -21.74
N SER A 588 -2.90 -23.59 -22.47
CA SER A 588 -3.99 -23.04 -23.28
C SER A 588 -5.03 -22.38 -22.38
N PHE A 589 -5.42 -21.17 -22.74
CA PHE A 589 -6.45 -20.46 -22.00
C PHE A 589 -7.20 -19.55 -22.97
N GLY A 590 -8.39 -19.14 -22.56
CA GLY A 590 -9.17 -18.24 -23.39
C GLY A 590 -10.60 -18.12 -22.94
N GLY A 591 -11.25 -17.01 -23.24
CA GLY A 591 -12.61 -16.81 -22.78
C GLY A 591 -13.56 -17.84 -23.36
N VAL A 592 -14.65 -18.07 -22.66
CA VAL A 592 -15.76 -18.89 -23.12
C VAL A 592 -16.96 -17.99 -23.24
N SER A 593 -17.38 -17.78 -24.48
CA SER A 593 -18.56 -17.00 -24.81
C SER A 593 -19.66 -17.95 -25.26
N VAL A 594 -20.91 -17.53 -25.11
CA VAL A 594 -22.04 -18.38 -25.43
C VAL A 594 -22.90 -17.67 -26.46
N ILE A 595 -22.92 -18.19 -27.68
CA ILE A 595 -23.79 -17.70 -28.73
C ILE A 595 -25.19 -18.21 -28.46
N THR A 596 -26.12 -17.29 -28.25
CA THR A 596 -27.48 -17.67 -27.94
C THR A 596 -28.44 -16.82 -28.77
N PRO A 597 -29.38 -17.43 -29.47
CA PRO A 597 -30.60 -16.71 -29.85
C PRO A 597 -31.42 -16.46 -28.60
N GLY A 598 -32.22 -15.41 -28.63
CA GLY A 598 -33.02 -15.04 -27.48
C GLY A 598 -33.70 -16.21 -26.80
N THR A 599 -33.74 -16.20 -25.46
CA THR A 599 -34.39 -17.30 -24.75
C THR A 599 -35.84 -17.45 -25.16
N ASN A 600 -36.48 -16.35 -25.58
CA ASN A 600 -37.82 -16.45 -26.13
C ASN A 600 -37.81 -17.24 -27.43
N THR A 601 -36.78 -17.03 -28.26
CA THR A 601 -36.70 -17.76 -29.52
C THR A 601 -36.36 -19.23 -29.29
N SER A 602 -35.35 -19.52 -28.46
CA SER A 602 -34.89 -20.89 -28.32
C SER A 602 -33.98 -21.00 -27.10
N ASN A 603 -33.85 -22.23 -26.60
CA ASN A 603 -32.95 -22.53 -25.51
C ASN A 603 -31.66 -23.20 -25.97
N GLN A 604 -31.49 -23.42 -27.27
CA GLN A 604 -30.28 -24.02 -27.79
C GLN A 604 -29.18 -22.97 -27.91
N VAL A 605 -27.96 -23.32 -27.49
CA VAL A 605 -26.83 -22.39 -27.52
C VAL A 605 -25.61 -23.07 -28.10
N ALA A 606 -24.72 -22.26 -28.66
CA ALA A 606 -23.40 -22.67 -29.11
C ALA A 606 -22.37 -21.99 -28.24
N VAL A 607 -21.16 -22.54 -28.20
CA VAL A 607 -20.13 -22.08 -27.27
C VAL A 607 -18.83 -21.84 -28.04
N LEU A 608 -18.23 -20.67 -27.83
CA LEU A 608 -16.98 -20.30 -28.44
C LEU A 608 -15.90 -20.29 -27.38
N TYR A 609 -14.85 -21.08 -27.59
CA TYR A 609 -13.64 -21.06 -26.79
C TYR A 609 -12.65 -20.21 -27.57
N GLN A 610 -12.46 -18.97 -27.11
CA GLN A 610 -11.80 -17.95 -27.92
C GLN A 610 -10.31 -18.20 -28.00
N GLY A 611 -9.82 -18.41 -29.21
CA GLY A 611 -8.39 -18.50 -29.41
C GLY A 611 -7.76 -19.77 -28.91
N VAL A 612 -8.51 -20.86 -28.80
CA VAL A 612 -7.97 -22.16 -28.42
C VAL A 612 -8.17 -23.10 -29.60
N ASN A 613 -7.24 -24.04 -29.74
CA ASN A 613 -7.40 -25.09 -30.74
C ASN A 613 -8.50 -26.03 -30.29
N CYS A 614 -9.14 -26.70 -31.25
CA CYS A 614 -10.20 -27.64 -30.90
C CYS A 614 -9.60 -28.98 -30.50
N THR A 615 -8.59 -28.95 -29.65
CA THR A 615 -7.99 -30.18 -29.13
C THR A 615 -7.84 -30.07 -27.63
N GLU A 616 -7.74 -28.84 -27.11
CA GLU A 616 -7.63 -28.62 -25.69
C GLU A 616 -8.99 -28.56 -25.00
N VAL A 617 -10.08 -28.58 -25.75
CA VAL A 617 -11.42 -28.62 -25.19
C VAL A 617 -11.73 -30.07 -24.81
N PRO A 618 -12.39 -30.32 -23.67
CA PRO A 618 -12.70 -31.72 -23.31
C PRO A 618 -13.54 -32.45 -24.35
N VAL A 619 -14.71 -31.91 -24.69
CA VAL A 619 -15.55 -32.52 -25.72
C VAL A 619 -16.55 -31.50 -26.29
N ASN A 638 -20.27 -31.30 -34.82
CA ASN A 638 -20.58 -29.96 -34.34
C ASN A 638 -19.39 -29.35 -33.61
N VAL A 639 -18.21 -29.46 -34.19
CA VAL A 639 -17.02 -28.77 -33.72
C VAL A 639 -16.36 -28.10 -34.92
N PHE A 640 -16.20 -26.78 -34.84
CA PHE A 640 -15.70 -25.96 -35.92
C PHE A 640 -14.48 -25.22 -35.41
N GLN A 641 -13.41 -25.20 -36.19
CA GLN A 641 -12.19 -24.52 -35.79
C GLN A 641 -12.06 -23.26 -36.63
N THR A 642 -12.35 -22.10 -36.03
CA THR A 642 -12.25 -20.81 -36.66
C THR A 642 -11.10 -20.03 -36.04
N ARG A 643 -10.66 -18.99 -36.73
CA ARG A 643 -9.61 -18.14 -36.19
C ARG A 643 -10.07 -17.44 -34.92
N ALA A 644 -11.38 -17.26 -34.75
CA ALA A 644 -11.89 -16.75 -33.49
C ALA A 644 -11.71 -17.75 -32.36
N GLY A 645 -11.86 -19.04 -32.66
CA GLY A 645 -11.66 -20.05 -31.64
C GLY A 645 -12.36 -21.35 -32.03
N CYS A 646 -12.64 -22.15 -31.01
CA CYS A 646 -13.30 -23.43 -31.19
C CYS A 646 -14.79 -23.24 -30.94
N LEU A 647 -15.59 -23.52 -31.95
CA LEU A 647 -17.03 -23.28 -31.90
C LEU A 647 -17.72 -24.63 -31.81
N ILE A 648 -18.50 -24.82 -30.74
CA ILE A 648 -19.09 -26.10 -30.41
C ILE A 648 -20.59 -25.92 -30.34
N GLY A 649 -21.33 -26.77 -31.04
CA GLY A 649 -22.77 -26.68 -31.04
C GLY A 649 -23.34 -25.85 -32.16
N ALA A 650 -22.52 -25.41 -33.10
CA ALA A 650 -22.97 -24.67 -34.27
C ALA A 650 -22.53 -25.42 -35.52
N GLU A 651 -23.44 -25.53 -36.48
CA GLU A 651 -23.20 -26.28 -37.71
C GLU A 651 -22.58 -25.36 -38.75
N HIS A 652 -21.34 -25.66 -39.15
CA HIS A 652 -20.70 -24.87 -40.19
C HIS A 652 -21.45 -25.00 -41.50
N VAL A 653 -21.75 -23.87 -42.12
CA VAL A 653 -22.59 -23.80 -43.31
C VAL A 653 -21.80 -23.12 -44.41
N ASN A 654 -21.78 -23.74 -45.60
CA ASN A 654 -21.04 -23.17 -46.71
C ASN A 654 -21.74 -21.94 -47.29
N ASN A 655 -23.06 -21.88 -47.20
CA ASN A 655 -23.78 -20.68 -47.63
C ASN A 655 -23.41 -19.52 -46.72
N SER A 656 -23.46 -18.31 -47.27
CA SER A 656 -23.11 -17.09 -46.54
C SER A 656 -24.30 -16.13 -46.54
N TYR A 657 -24.66 -15.65 -45.37
CA TYR A 657 -25.75 -14.70 -45.18
C TYR A 657 -25.20 -13.43 -44.55
N GLU A 658 -26.10 -12.50 -44.25
CA GLU A 658 -25.72 -11.34 -43.47
C GLU A 658 -25.36 -11.75 -42.05
N CYS A 659 -24.45 -11.00 -41.44
CA CYS A 659 -24.01 -11.35 -40.10
C CYS A 659 -25.11 -11.10 -39.09
N ASP A 660 -25.41 -12.11 -38.28
CA ASP A 660 -26.43 -12.03 -37.24
C ASP A 660 -25.82 -11.90 -35.85
N ILE A 661 -25.01 -12.87 -35.45
CA ILE A 661 -24.26 -12.79 -34.21
C ILE A 661 -22.78 -12.83 -34.58
N PRO A 662 -22.05 -11.74 -34.42
CA PRO A 662 -20.63 -11.73 -34.81
C PRO A 662 -19.76 -12.61 -33.92
N ILE A 663 -19.19 -13.67 -34.49
CA ILE A 663 -18.26 -14.50 -33.76
C ILE A 663 -16.84 -13.96 -33.88
N GLY A 664 -16.42 -13.63 -35.10
CA GLY A 664 -15.14 -13.03 -35.34
C GLY A 664 -14.42 -13.64 -36.52
N ALA A 665 -13.44 -12.90 -37.01
CA ALA A 665 -12.61 -13.31 -38.14
C ALA A 665 -13.45 -13.62 -39.37
N GLY A 666 -14.57 -12.92 -39.51
CA GLY A 666 -15.45 -13.13 -40.64
C GLY A 666 -16.49 -14.22 -40.45
N ILE A 667 -16.47 -14.92 -39.32
CA ILE A 667 -17.43 -15.97 -39.02
C ILE A 667 -18.52 -15.40 -38.14
N CYS A 668 -19.78 -15.62 -38.52
CA CYS A 668 -20.93 -15.20 -37.75
C CYS A 668 -21.86 -16.39 -37.54
N ALA A 669 -22.63 -16.36 -36.46
CA ALA A 669 -23.56 -17.42 -36.12
C ALA A 669 -24.97 -16.87 -36.17
N SER A 670 -25.92 -17.69 -36.63
CA SER A 670 -27.33 -17.34 -36.59
C SER A 670 -28.16 -18.56 -36.29
N TYR A 671 -29.33 -18.35 -35.70
CA TYR A 671 -30.27 -19.42 -35.42
C TYR A 671 -31.24 -19.53 -36.59
N GLN A 672 -31.10 -20.59 -37.38
CA GLN A 672 -31.90 -20.75 -38.59
C GLN A 672 -32.17 -22.22 -38.84
N THR A 673 -33.03 -22.49 -39.81
CA THR A 673 -33.38 -23.86 -40.17
C THR A 673 -32.18 -24.62 -40.73
N SER A 686 -36.15 -28.42 -35.49
CA SER A 686 -35.29 -28.63 -36.64
C SER A 686 -34.30 -27.49 -36.80
N GLN A 687 -34.71 -26.30 -36.38
CA GLN A 687 -33.82 -25.15 -36.44
C GLN A 687 -32.65 -25.33 -35.49
N SER A 688 -31.48 -24.86 -35.91
CA SER A 688 -30.26 -24.98 -35.13
C SER A 688 -29.41 -23.75 -35.35
N ILE A 689 -28.28 -23.69 -34.66
CA ILE A 689 -27.34 -22.58 -34.80
C ILE A 689 -26.34 -22.95 -35.89
N ILE A 690 -26.18 -22.05 -36.85
CA ILE A 690 -25.31 -22.26 -38.00
C ILE A 690 -24.26 -21.17 -38.01
N ALA A 691 -23.02 -21.56 -38.26
CA ALA A 691 -21.90 -20.65 -38.35
C ALA A 691 -21.39 -20.58 -39.78
N TYR A 692 -21.21 -19.37 -40.28
CA TYR A 692 -20.90 -19.18 -41.68
C TYR A 692 -19.96 -17.99 -41.82
N THR A 693 -19.24 -17.96 -42.93
CA THR A 693 -18.53 -16.74 -43.32
C THR A 693 -19.57 -15.69 -43.70
N MET A 694 -19.53 -14.54 -43.03
CA MET A 694 -20.54 -13.53 -43.29
C MET A 694 -20.41 -12.97 -44.70
N SER A 695 -21.54 -12.59 -45.27
CA SER A 695 -21.57 -12.03 -46.61
C SER A 695 -21.58 -10.51 -46.53
N LEU A 696 -20.74 -9.87 -47.35
CA LEU A 696 -20.65 -8.42 -47.36
C LEU A 696 -21.65 -7.82 -48.32
N GLY A 697 -22.86 -8.31 -48.31
CA GLY A 697 -23.87 -7.86 -49.26
C GLY A 697 -23.75 -8.60 -50.57
N VAL A 698 -24.38 -8.05 -51.61
CA VAL A 698 -24.63 -8.77 -52.84
C VAL A 698 -23.66 -8.28 -53.90
N GLU A 699 -23.29 -9.18 -54.80
CA GLU A 699 -22.39 -8.81 -55.88
C GLU A 699 -23.17 -8.10 -56.98
N ASN A 700 -22.52 -7.12 -57.60
CA ASN A 700 -23.14 -6.35 -58.67
C ASN A 700 -22.02 -5.87 -59.59
N SER A 701 -22.07 -6.28 -60.85
CA SER A 701 -21.15 -5.75 -61.85
C SER A 701 -21.86 -4.64 -62.61
N VAL A 702 -21.46 -3.39 -62.36
CA VAL A 702 -22.11 -2.26 -63.01
C VAL A 702 -21.82 -2.31 -64.50
N ALA A 703 -22.87 -2.17 -65.30
CA ALA A 703 -22.75 -2.32 -66.74
C ALA A 703 -22.03 -1.13 -67.36
N TYR A 704 -20.74 -0.99 -67.09
CA TYR A 704 -19.99 0.14 -67.61
C TYR A 704 -19.58 -0.07 -69.05
N SER A 705 -19.74 0.97 -69.84
CA SER A 705 -19.11 1.11 -71.14
C SER A 705 -18.91 2.59 -71.39
N ASN A 706 -17.98 2.91 -72.26
CA ASN A 706 -17.60 4.30 -72.44
C ASN A 706 -18.68 5.14 -73.12
N ASN A 707 -19.82 4.56 -73.48
CA ASN A 707 -20.86 5.33 -74.16
C ASN A 707 -22.24 4.92 -73.69
N SER A 708 -22.39 4.62 -72.41
CA SER A 708 -23.70 4.24 -71.89
C SER A 708 -23.91 4.89 -70.54
N ILE A 709 -25.12 5.41 -70.32
CA ILE A 709 -25.47 6.06 -69.07
C ILE A 709 -26.77 5.46 -68.56
N ALA A 710 -26.92 5.40 -67.25
CA ALA A 710 -28.16 4.97 -66.62
C ALA A 710 -28.82 6.18 -66.00
N ILE A 711 -30.03 6.50 -66.42
CA ILE A 711 -30.72 7.67 -65.90
C ILE A 711 -32.03 7.25 -65.27
N PRO A 712 -32.32 7.72 -64.05
CA PRO A 712 -33.56 7.31 -63.38
C PRO A 712 -34.75 8.03 -63.98
N THR A 713 -35.80 7.27 -64.28
CA THR A 713 -37.02 7.81 -64.85
C THR A 713 -38.07 8.10 -63.81
N ASN A 714 -37.76 7.87 -62.54
CA ASN A 714 -38.74 7.98 -61.47
C ASN A 714 -37.96 8.16 -60.17
N PHE A 715 -38.66 8.15 -59.05
CA PHE A 715 -38.02 8.41 -57.77
C PHE A 715 -38.88 7.86 -56.66
N THR A 716 -38.30 7.83 -55.46
CA THR A 716 -39.04 7.56 -54.24
C THR A 716 -38.63 8.60 -53.22
N ILE A 717 -39.59 8.94 -52.36
CA ILE A 717 -39.35 9.82 -51.21
C ILE A 717 -39.23 8.90 -50.01
N SER A 718 -38.05 8.87 -49.40
CA SER A 718 -37.79 7.98 -48.29
C SER A 718 -37.57 8.79 -47.02
N VAL A 719 -38.28 8.45 -45.97
CA VAL A 719 -38.07 9.04 -44.65
C VAL A 719 -37.33 7.99 -43.83
N THR A 720 -36.09 8.28 -43.51
CA THR A 720 -35.34 7.41 -42.62
C THR A 720 -35.22 8.08 -41.26
N THR A 721 -34.94 7.30 -40.23
CA THR A 721 -34.85 7.86 -38.89
C THR A 721 -33.43 7.75 -38.37
N GLU A 722 -32.99 8.81 -37.71
CA GLU A 722 -31.64 8.87 -37.15
C GLU A 722 -31.76 9.22 -35.68
N ILE A 723 -31.38 8.30 -34.81
CA ILE A 723 -31.50 8.46 -33.36
C ILE A 723 -30.14 8.81 -32.81
N LEU A 724 -30.04 9.95 -32.13
CA LEU A 724 -28.78 10.43 -31.57
C LEU A 724 -28.93 10.72 -30.08
N PRO A 725 -28.15 10.10 -29.21
CA PRO A 725 -28.16 10.50 -27.81
C PRO A 725 -27.66 11.93 -27.63
N VAL A 726 -28.35 12.68 -26.79
CA VAL A 726 -28.07 14.10 -26.57
C VAL A 726 -27.58 14.37 -25.16
N SER A 727 -28.23 13.78 -24.16
CA SER A 727 -27.80 13.97 -22.79
C SER A 727 -27.90 12.63 -22.05
N MET A 728 -27.30 12.59 -20.88
CA MET A 728 -27.41 11.45 -19.98
C MET A 728 -27.97 11.95 -18.66
N THR A 729 -28.27 11.02 -17.78
CA THR A 729 -28.87 11.38 -16.50
C THR A 729 -27.86 12.15 -15.64
N LYS A 730 -28.34 13.19 -14.97
CA LYS A 730 -27.51 14.05 -14.15
C LYS A 730 -27.38 13.50 -12.73
N THR A 731 -26.69 12.37 -12.57
CA THR A 731 -26.47 11.87 -11.23
C THR A 731 -25.46 12.75 -10.50
N SER A 732 -25.44 12.61 -9.18
CA SER A 732 -24.49 13.34 -8.35
C SER A 732 -24.28 12.50 -7.10
N VAL A 733 -23.08 11.98 -6.95
CA VAL A 733 -22.78 11.10 -5.84
C VAL A 733 -22.10 11.89 -4.74
N ASP A 734 -22.77 11.99 -3.59
CA ASP A 734 -22.18 12.62 -2.42
C ASP A 734 -21.01 11.75 -1.96
N CYS A 735 -19.79 12.21 -2.23
CA CYS A 735 -18.61 11.41 -1.95
C CYS A 735 -18.51 11.04 -0.48
N THR A 736 -18.76 12.02 0.41
CA THR A 736 -18.65 11.77 1.83
C THR A 736 -19.67 10.74 2.30
N MET A 737 -20.93 10.88 1.87
CA MET A 737 -21.96 9.97 2.37
C MET A 737 -21.86 8.59 1.73
N TYR A 738 -21.34 8.50 0.50
CA TYR A 738 -21.09 7.19 -0.09
C TYR A 738 -19.97 6.48 0.66
N ILE A 739 -18.85 7.16 0.90
CA ILE A 739 -17.72 6.50 1.54
C ILE A 739 -18.00 6.20 3.01
N CYS A 740 -18.56 7.16 3.72
CA CYS A 740 -18.60 7.17 5.18
C CYS A 740 -20.00 7.49 5.68
N GLY A 741 -21.01 6.82 5.14
CA GLY A 741 -22.37 7.20 5.41
C GLY A 741 -22.76 7.28 6.87
N ASP A 742 -22.98 8.50 7.35
CA ASP A 742 -23.35 8.75 8.75
C ASP A 742 -22.32 8.17 9.71
N SER A 743 -21.06 8.57 9.54
CA SER A 743 -19.99 8.09 10.39
C SER A 743 -18.99 9.22 10.63
N THR A 744 -18.92 9.70 11.87
CA THR A 744 -18.02 10.79 12.19
C THR A 744 -16.56 10.33 12.17
N GLU A 745 -16.28 9.15 12.71
CA GLU A 745 -14.92 8.63 12.68
C GLU A 745 -14.44 8.44 11.26
N CYS A 746 -15.28 7.84 10.42
CA CYS A 746 -14.92 7.65 9.02
C CYS A 746 -14.75 8.99 8.31
N SER A 747 -15.62 9.96 8.60
CA SER A 747 -15.50 11.25 7.94
C SER A 747 -14.19 11.93 8.30
N ASN A 748 -13.81 11.88 9.57
CA ASN A 748 -12.54 12.48 9.97
C ASN A 748 -11.36 11.75 9.34
N LEU A 749 -11.44 10.42 9.24
CA LEU A 749 -10.38 9.67 8.58
C LEU A 749 -10.31 10.02 7.09
N LEU A 750 -11.46 10.32 6.49
CA LEU A 750 -11.50 10.69 5.08
C LEU A 750 -10.93 12.08 4.86
N LEU A 751 -11.03 12.96 5.85
CA LEU A 751 -10.48 14.31 5.70
C LEU A 751 -8.97 14.27 5.45
N GLN A 752 -8.31 13.19 5.83
CA GLN A 752 -6.87 13.08 5.63
C GLN A 752 -6.47 12.86 4.18
N TYR A 753 -7.43 12.57 3.30
CA TYR A 753 -7.14 12.39 1.88
C TYR A 753 -7.24 13.67 1.10
N GLY A 754 -7.44 14.81 1.76
CA GLY A 754 -7.41 16.06 1.05
C GLY A 754 -8.73 16.33 0.34
N SER A 755 -8.61 16.81 -0.89
CA SER A 755 -9.76 17.28 -1.67
C SER A 755 -10.23 16.25 -2.69
N PHE A 756 -10.04 14.96 -2.42
CA PHE A 756 -10.54 13.94 -3.33
C PHE A 756 -12.05 14.05 -3.49
N CYS A 757 -12.78 14.17 -2.37
CA CYS A 757 -14.23 14.25 -2.44
C CYS A 757 -14.68 15.54 -3.13
N THR A 758 -14.03 16.66 -2.82
CA THR A 758 -14.43 17.92 -3.44
C THR A 758 -14.21 17.89 -4.94
N GLN A 759 -13.09 17.33 -5.39
CA GLN A 759 -12.86 17.31 -6.82
C GLN A 759 -13.71 16.27 -7.53
N LEU A 760 -14.08 15.17 -6.87
CA LEU A 760 -15.07 14.25 -7.47
C LEU A 760 -16.43 14.92 -7.61
N ASN A 761 -16.86 15.67 -6.59
CA ASN A 761 -18.12 16.38 -6.68
C ASN A 761 -18.08 17.44 -7.77
N ARG A 762 -16.95 18.13 -7.90
CA ARG A 762 -16.81 19.13 -8.95
C ARG A 762 -16.86 18.49 -10.32
N ALA A 763 -16.26 17.32 -10.49
CA ALA A 763 -16.33 16.60 -11.75
C ALA A 763 -17.77 16.23 -12.10
N LEU A 764 -18.50 15.65 -11.15
CA LEU A 764 -19.87 15.25 -11.44
C LEU A 764 -20.79 16.44 -11.68
N THR A 765 -20.57 17.55 -10.98
CA THR A 765 -21.36 18.75 -11.23
C THR A 765 -21.07 19.33 -12.61
N GLY A 766 -19.79 19.30 -13.02
CA GLY A 766 -19.48 19.71 -14.38
C GLY A 766 -20.19 18.86 -15.40
N ILE A 767 -20.28 17.55 -15.14
CA ILE A 767 -20.98 16.66 -16.07
C ILE A 767 -22.47 17.00 -16.13
N ALA A 768 -23.08 17.31 -14.99
CA ALA A 768 -24.50 17.65 -14.99
C ALA A 768 -24.77 18.94 -15.76
N VAL A 769 -23.98 19.98 -15.48
CA VAL A 769 -24.13 21.24 -16.22
C VAL A 769 -23.88 21.01 -17.70
N GLU A 770 -22.97 20.10 -18.03
CA GLU A 770 -22.70 19.78 -19.42
C GLU A 770 -23.91 19.15 -20.09
N GLN A 771 -24.62 18.26 -19.37
CA GLN A 771 -25.81 17.65 -19.94
C GLN A 771 -26.87 18.68 -20.25
N ASP A 772 -27.06 19.63 -19.34
CA ASP A 772 -28.00 20.72 -19.62
C ASP A 772 -27.56 21.53 -20.84
N LYS A 773 -26.25 21.78 -20.95
CA LYS A 773 -25.75 22.53 -22.10
C LYS A 773 -25.93 21.76 -23.40
N ASN A 774 -25.76 20.44 -23.36
CA ASN A 774 -26.00 19.60 -24.53
C ASN A 774 -27.43 19.74 -25.01
N THR A 775 -28.38 19.62 -24.09
CA THR A 775 -29.79 19.73 -24.46
C THR A 775 -30.09 21.12 -25.03
N GLN A 776 -29.56 22.16 -24.40
CA GLN A 776 -29.79 23.51 -24.89
C GLN A 776 -29.24 23.69 -26.29
N GLU A 777 -28.04 23.19 -26.54
CA GLU A 777 -27.41 23.36 -27.85
C GLU A 777 -28.20 22.63 -28.93
N VAL A 778 -28.72 21.44 -28.62
CA VAL A 778 -29.49 20.74 -29.65
C VAL A 778 -30.82 21.43 -29.90
N PHE A 779 -31.59 21.70 -28.85
CA PHE A 779 -33.00 22.03 -29.06
C PHE A 779 -33.26 23.54 -29.06
N ALA A 780 -32.61 24.29 -28.19
CA ALA A 780 -32.82 25.73 -28.16
C ALA A 780 -32.07 26.42 -29.29
N GLN A 781 -32.30 25.98 -30.53
CA GLN A 781 -31.74 26.62 -31.70
C GLN A 781 -32.70 27.60 -32.35
N VAL A 782 -33.94 27.63 -31.89
CA VAL A 782 -34.96 28.48 -32.47
C VAL A 782 -35.15 29.67 -31.53
N LYS A 783 -35.04 30.88 -32.08
CA LYS A 783 -35.14 32.06 -31.23
C LYS A 783 -36.54 32.20 -30.64
N GLN A 784 -37.57 31.99 -31.45
CA GLN A 784 -38.95 32.14 -31.03
C GLN A 784 -39.62 30.77 -30.97
N ILE A 785 -40.91 30.76 -30.65
CA ILE A 785 -41.67 29.52 -30.58
C ILE A 785 -42.72 29.60 -31.68
N TYR A 786 -42.43 29.03 -32.83
CA TYR A 786 -43.34 29.10 -33.95
C TYR A 786 -44.47 28.10 -33.79
N LYS A 787 -45.63 28.46 -34.34
CA LYS A 787 -46.81 27.62 -34.29
C LYS A 787 -47.32 27.39 -35.70
N THR A 788 -47.75 26.16 -35.95
CA THR A 788 -48.37 25.87 -37.23
C THR A 788 -49.73 26.56 -37.32
N PRO A 789 -50.14 26.97 -38.51
CA PRO A 789 -51.42 27.64 -38.66
C PRO A 789 -52.57 26.68 -38.39
N PRO A 790 -53.75 27.19 -38.04
CA PRO A 790 -54.90 26.30 -37.87
C PRO A 790 -55.25 25.52 -39.13
N ILE A 791 -55.06 26.13 -40.29
CA ILE A 791 -55.35 25.47 -41.56
C ILE A 791 -54.07 24.88 -42.12
N LYS A 792 -54.07 23.57 -42.34
CA LYS A 792 -52.88 22.85 -42.79
C LYS A 792 -52.95 22.57 -44.29
N ASP A 793 -52.86 23.64 -45.09
CA ASP A 793 -52.83 23.49 -46.55
C ASP A 793 -51.38 23.34 -47.00
N PHE A 794 -50.83 22.15 -46.74
CA PHE A 794 -49.42 21.88 -46.96
C PHE A 794 -49.16 21.16 -48.28
N GLY A 795 -50.04 21.36 -49.25
CA GLY A 795 -49.86 20.76 -50.56
C GLY A 795 -50.15 19.28 -50.62
N GLY A 796 -50.82 18.74 -49.62
CA GLY A 796 -51.08 17.32 -49.52
C GLY A 796 -50.17 16.60 -48.56
N PHE A 797 -49.04 17.19 -48.21
CA PHE A 797 -48.18 16.59 -47.20
C PHE A 797 -48.88 16.63 -45.86
N ASN A 798 -48.81 15.53 -45.12
CA ASN A 798 -49.58 15.35 -43.90
C ASN A 798 -48.60 15.20 -42.74
N PHE A 799 -48.53 16.22 -41.90
CA PHE A 799 -47.64 16.22 -40.75
C PHE A 799 -48.36 15.94 -39.45
N SER A 800 -49.63 15.50 -39.51
CA SER A 800 -50.42 15.32 -38.31
C SER A 800 -49.75 14.37 -37.32
N GLN A 801 -48.96 13.44 -37.81
CA GLN A 801 -48.30 12.46 -36.98
C GLN A 801 -46.98 12.96 -36.42
N ILE A 802 -46.48 14.09 -36.91
CA ILE A 802 -45.30 14.72 -36.32
C ILE A 802 -45.61 16.06 -35.69
N LEU A 803 -46.70 16.73 -36.05
CA LEU A 803 -47.09 17.95 -35.40
C LEU A 803 -47.75 17.65 -34.05
N PRO A 804 -47.63 18.57 -33.09
CA PRO A 804 -48.09 18.27 -31.73
C PRO A 804 -49.59 18.04 -31.65
N ASP A 805 -49.97 17.19 -30.70
CA ASP A 805 -51.36 16.79 -30.54
C ASP A 805 -52.00 17.54 -29.38
N PRO A 806 -52.97 18.42 -29.63
CA PRO A 806 -53.60 19.14 -28.53
C PRO A 806 -54.31 18.24 -27.53
N SER A 807 -54.82 17.09 -27.97
CA SER A 807 -55.57 16.21 -27.07
C SER A 807 -54.69 15.73 -25.91
N LYS A 808 -53.46 15.36 -26.20
CA LYS A 808 -52.51 14.99 -25.16
C LYS A 808 -52.25 16.20 -24.26
N PRO A 809 -52.12 16.01 -22.95
CA PRO A 809 -51.73 17.15 -22.10
C PRO A 809 -50.39 17.75 -22.49
N SER A 810 -49.47 16.93 -22.99
CA SER A 810 -48.19 17.44 -23.47
C SER A 810 -48.31 17.96 -24.89
N LYS A 811 -47.38 18.83 -25.28
CA LYS A 811 -47.31 19.33 -26.64
C LYS A 811 -46.61 18.29 -27.51
N ARG A 812 -47.02 17.03 -27.39
CA ARG A 812 -46.25 15.91 -27.89
C ARG A 812 -46.99 15.25 -29.04
N SER A 813 -46.25 14.96 -30.11
CA SER A 813 -46.83 14.39 -31.30
C SER A 813 -47.01 12.89 -31.13
N PHE A 814 -47.63 12.27 -32.13
CA PHE A 814 -47.87 10.82 -32.10
C PHE A 814 -46.56 10.04 -32.07
N ILE A 815 -45.62 10.41 -32.94
CA ILE A 815 -44.35 9.69 -33.01
C ILE A 815 -43.49 9.97 -31.78
N GLU A 816 -43.49 11.19 -31.29
CA GLU A 816 -42.77 11.49 -30.04
C GLU A 816 -43.34 10.67 -28.90
N ASP A 817 -44.66 10.51 -28.87
CA ASP A 817 -45.30 9.67 -27.85
C ASP A 817 -44.85 8.22 -27.98
N LEU A 818 -44.79 7.70 -29.21
CA LEU A 818 -44.31 6.33 -29.41
C LEU A 818 -42.88 6.17 -28.89
N LEU A 819 -42.00 7.11 -29.25
CA LEU A 819 -40.60 7.01 -28.82
C LEU A 819 -40.49 7.03 -27.31
N PHE A 820 -41.24 7.92 -26.65
CA PHE A 820 -41.18 8.00 -25.20
C PHE A 820 -41.72 6.73 -24.55
N ASN A 821 -42.78 6.16 -25.11
CA ASN A 821 -43.28 4.91 -24.56
C ASN A 821 -42.26 3.78 -24.72
N LYS A 822 -41.50 3.82 -25.82
CA LYS A 822 -40.54 2.74 -26.06
C LYS A 822 -39.35 2.82 -25.12
N VAL A 823 -38.65 3.95 -25.09
CA VAL A 823 -37.45 4.03 -24.25
C VAL A 823 -37.86 4.13 -22.79
N THR A 824 -37.33 3.23 -21.96
CA THR A 824 -37.64 3.23 -20.52
C THR A 824 -36.54 3.87 -19.69
N PHE A 852 -29.63 6.23 -3.18
CA PHE A 852 -30.06 6.63 -1.84
C PHE A 852 -28.92 6.47 -0.83
N ASN A 853 -27.70 6.36 -1.35
CA ASN A 853 -26.48 6.24 -0.56
C ASN A 853 -25.56 7.40 -0.88
N GLY A 854 -26.11 8.61 -0.87
CA GLY A 854 -25.42 9.75 -1.43
C GLY A 854 -25.58 9.90 -2.91
N LEU A 855 -26.37 9.03 -3.55
CA LEU A 855 -26.55 9.02 -4.99
C LEU A 855 -27.85 9.72 -5.32
N THR A 856 -27.77 10.98 -5.75
CA THR A 856 -28.93 11.75 -6.13
C THR A 856 -29.00 11.83 -7.65
N VAL A 857 -30.19 12.10 -8.16
CA VAL A 857 -30.42 12.27 -9.58
C VAL A 857 -31.09 13.63 -9.76
N LEU A 858 -30.35 14.60 -10.29
CA LEU A 858 -30.91 15.91 -10.52
C LEU A 858 -31.84 15.88 -11.72
N PRO A 859 -32.99 16.54 -11.65
CA PRO A 859 -33.83 16.66 -12.84
C PRO A 859 -33.17 17.55 -13.87
N PRO A 860 -33.43 17.30 -15.15
CA PRO A 860 -32.94 18.21 -16.19
C PRO A 860 -33.61 19.57 -16.10
N LEU A 861 -32.90 20.59 -16.57
CA LEU A 861 -33.45 21.93 -16.53
C LEU A 861 -34.69 22.05 -17.41
N LEU A 862 -34.64 21.54 -18.63
CA LEU A 862 -35.79 21.56 -19.52
C LEU A 862 -36.60 20.28 -19.32
N THR A 863 -37.87 20.43 -19.01
CA THR A 863 -38.75 19.27 -18.96
C THR A 863 -39.03 18.75 -20.36
N ASP A 864 -39.55 17.52 -20.43
CA ASP A 864 -39.89 16.91 -21.70
C ASP A 864 -40.95 17.71 -22.44
N GLU A 865 -41.86 18.36 -21.71
CA GLU A 865 -42.82 19.25 -22.36
C GLU A 865 -42.12 20.43 -23.01
N MET A 866 -41.09 20.98 -22.36
CA MET A 866 -40.34 22.07 -22.97
C MET A 866 -39.52 21.59 -24.17
N ILE A 867 -38.94 20.39 -24.09
CA ILE A 867 -38.24 19.83 -25.24
C ILE A 867 -39.20 19.64 -26.40
N ALA A 868 -40.42 19.18 -26.13
CA ALA A 868 -41.41 19.02 -27.18
C ALA A 868 -41.86 20.37 -27.73
N GLN A 869 -41.96 21.39 -26.88
CA GLN A 869 -42.26 22.73 -27.37
C GLN A 869 -41.16 23.20 -28.32
N TYR A 870 -39.91 22.93 -27.97
CA TYR A 870 -38.78 23.32 -28.81
C TYR A 870 -38.83 22.62 -30.16
N THR A 871 -39.01 21.30 -30.16
CA THR A 871 -39.03 20.59 -31.43
C THR A 871 -40.28 20.93 -32.23
N SER A 872 -41.38 21.26 -31.57
CA SER A 872 -42.57 21.69 -32.28
C SER A 872 -42.37 23.05 -32.93
N ALA A 873 -41.66 23.96 -32.27
CA ALA A 873 -41.31 25.23 -32.89
C ALA A 873 -40.37 25.04 -34.07
N LEU A 874 -39.41 24.14 -33.93
CA LEU A 874 -38.52 23.82 -35.04
C LEU A 874 -39.31 23.26 -36.23
N LEU A 875 -40.24 22.36 -35.94
CA LEU A 875 -41.09 21.79 -36.98
C LEU A 875 -41.94 22.85 -37.65
N ALA A 876 -42.57 23.71 -36.86
CA ALA A 876 -43.47 24.71 -37.42
C ALA A 876 -42.71 25.72 -38.26
N GLY A 877 -41.55 26.18 -37.76
CA GLY A 877 -40.74 27.06 -38.57
C GLY A 877 -40.30 26.40 -39.87
N THR A 878 -39.89 25.14 -39.79
CA THR A 878 -39.48 24.42 -41.01
C THR A 878 -40.62 24.35 -42.01
N ILE A 879 -41.78 23.88 -41.57
CA ILE A 879 -42.90 23.66 -42.48
C ILE A 879 -43.38 24.97 -43.08
N THR A 880 -43.53 26.01 -42.27
CA THR A 880 -44.14 27.24 -42.75
C THR A 880 -43.14 28.25 -43.27
N SER A 881 -41.85 28.00 -43.19
CA SER A 881 -40.90 29.00 -43.65
C SER A 881 -39.69 28.45 -44.39
N GLY A 882 -39.52 27.14 -44.48
CA GLY A 882 -38.35 26.63 -45.14
C GLY A 882 -37.12 26.70 -44.25
N TRP A 883 -35.99 27.02 -44.87
CA TRP A 883 -34.77 27.23 -44.11
C TRP A 883 -34.59 28.68 -43.70
N THR A 884 -35.55 29.54 -44.05
CA THR A 884 -35.38 30.96 -43.85
C THR A 884 -35.32 31.32 -42.38
N PHE A 885 -35.99 30.55 -41.54
CA PHE A 885 -35.98 30.84 -40.12
C PHE A 885 -34.64 30.52 -39.47
N GLY A 886 -33.84 29.63 -40.07
CA GLY A 886 -32.51 29.39 -39.57
C GLY A 886 -31.58 30.57 -39.76
N ALA A 887 -31.73 31.27 -40.88
CA ALA A 887 -30.91 32.43 -41.19
C ALA A 887 -31.40 33.66 -40.44
N GLY A 888 -32.65 34.03 -40.64
CA GLY A 888 -33.13 35.25 -40.03
C GLY A 888 -34.53 35.17 -39.48
N ALA A 889 -35.36 36.13 -39.85
CA ALA A 889 -36.78 36.04 -39.54
C ALA A 889 -37.42 34.98 -40.41
N ALA A 890 -38.32 34.21 -39.82
CA ALA A 890 -39.03 33.19 -40.57
C ALA A 890 -39.88 33.85 -41.63
N LEU A 891 -39.58 33.57 -42.90
CA LEU A 891 -40.35 34.07 -44.03
C LEU A 891 -41.25 32.95 -44.51
N GLN A 892 -42.54 33.19 -44.54
CA GLN A 892 -43.45 32.14 -44.97
C GLN A 892 -43.24 31.85 -46.45
N ILE A 893 -43.53 30.60 -46.82
CA ILE A 893 -43.49 30.13 -48.19
C ILE A 893 -44.37 28.90 -48.24
N PRO A 894 -45.24 28.76 -49.23
CA PRO A 894 -46.10 27.57 -49.29
C PRO A 894 -45.26 26.31 -49.37
N PHE A 895 -45.71 25.25 -48.70
CA PHE A 895 -44.87 24.08 -48.55
C PHE A 895 -44.53 23.44 -49.90
N ALA A 896 -45.45 23.50 -50.87
CA ALA A 896 -45.13 23.01 -52.20
C ALA A 896 -44.01 23.84 -52.83
N MET A 897 -44.02 25.15 -52.64
CA MET A 897 -42.96 25.98 -53.18
C MET A 897 -41.64 25.74 -52.46
N GLN A 898 -41.68 25.54 -51.15
CA GLN A 898 -40.47 25.19 -50.44
C GLN A 898 -39.92 23.86 -50.92
N MET A 899 -40.80 22.90 -51.21
CA MET A 899 -40.37 21.61 -51.74
C MET A 899 -39.76 21.75 -53.11
N ALA A 900 -40.29 22.64 -53.95
CA ALA A 900 -39.68 22.89 -55.25
C ALA A 900 -38.29 23.47 -55.10
N TYR A 901 -38.12 24.37 -54.13
CA TYR A 901 -36.78 24.86 -53.80
C TYR A 901 -35.86 23.71 -53.38
N ARG A 902 -36.33 22.84 -52.50
CA ARG A 902 -35.50 21.75 -52.00
C ARG A 902 -35.23 20.71 -53.07
N PHE A 903 -36.07 20.66 -54.10
CA PHE A 903 -35.80 19.85 -55.29
C PHE A 903 -34.69 20.46 -56.12
N ASN A 904 -34.73 21.78 -56.32
CA ASN A 904 -33.60 22.46 -56.94
C ASN A 904 -32.31 22.22 -56.19
N GLY A 905 -32.40 22.11 -54.87
CA GLY A 905 -31.20 21.95 -54.08
C GLY A 905 -30.44 20.67 -54.38
N ILE A 906 -31.12 19.68 -54.95
CA ILE A 906 -30.48 18.39 -55.24
C ILE A 906 -30.29 18.18 -56.74
N GLY A 907 -30.54 19.19 -57.55
CA GLY A 907 -30.33 19.07 -58.98
C GLY A 907 -31.50 18.55 -59.78
N VAL A 908 -32.71 18.59 -59.23
CA VAL A 908 -33.92 18.22 -59.94
C VAL A 908 -34.74 19.49 -60.13
N THR A 909 -35.22 19.72 -61.34
CA THR A 909 -35.93 20.96 -61.64
C THR A 909 -37.22 21.05 -60.83
N GLN A 910 -37.82 22.23 -60.85
CA GLN A 910 -39.02 22.48 -60.06
C GLN A 910 -40.22 21.73 -60.62
N ASN A 911 -40.31 21.64 -61.95
CA ASN A 911 -41.46 21.01 -62.56
C ASN A 911 -41.59 19.57 -62.12
N VAL A 912 -40.49 18.95 -61.73
CA VAL A 912 -40.57 17.57 -61.25
C VAL A 912 -41.41 17.48 -59.99
N LEU A 913 -41.30 18.47 -59.11
CA LEU A 913 -42.18 18.54 -57.94
C LEU A 913 -43.59 18.92 -58.36
N TYR A 914 -43.71 19.94 -59.20
CA TYR A 914 -45.03 20.51 -59.48
C TYR A 914 -45.90 19.55 -60.28
N GLU A 915 -45.31 18.83 -61.23
CA GLU A 915 -46.04 17.88 -62.06
C GLU A 915 -46.22 16.53 -61.39
N ASN A 916 -45.45 16.21 -60.35
CA ASN A 916 -45.61 14.98 -59.61
C ASN A 916 -46.00 15.24 -58.17
N GLN A 917 -46.67 16.36 -57.89
CA GLN A 917 -46.85 16.81 -56.51
C GLN A 917 -47.64 15.82 -55.69
N LYS A 918 -48.74 15.30 -56.25
CA LYS A 918 -49.59 14.39 -55.49
C LYS A 918 -48.88 13.08 -55.19
N LEU A 919 -48.16 12.54 -56.19
CA LEU A 919 -47.39 11.33 -55.98
C LEU A 919 -46.32 11.52 -54.92
N ILE A 920 -45.61 12.64 -54.98
CA ILE A 920 -44.55 12.93 -54.01
C ILE A 920 -45.14 13.05 -52.61
N ALA A 921 -46.27 13.76 -52.50
CA ALA A 921 -46.93 13.93 -51.21
C ALA A 921 -47.40 12.60 -50.65
N ASN A 922 -47.96 11.74 -51.51
CA ASN A 922 -48.39 10.42 -51.06
C ASN A 922 -47.22 9.57 -50.63
N GLN A 923 -46.11 9.63 -51.37
CA GLN A 923 -44.91 8.89 -51.00
C GLN A 923 -44.40 9.36 -49.64
N PHE A 924 -44.43 10.67 -49.40
CA PHE A 924 -44.06 11.20 -48.11
C PHE A 924 -44.96 10.68 -47.00
N ASN A 925 -46.28 10.72 -47.23
CA ASN A 925 -47.23 10.30 -46.21
C ASN A 925 -47.08 8.81 -45.90
N SER A 926 -46.93 7.99 -46.94
CA SER A 926 -46.72 6.56 -46.76
C SER A 926 -45.41 6.28 -46.04
N ALA A 927 -44.35 7.03 -46.36
CA ALA A 927 -43.08 6.86 -45.67
C ALA A 927 -43.21 7.18 -44.19
N ILE A 928 -43.94 8.24 -43.87
CA ILE A 928 -44.17 8.59 -42.46
C ILE A 928 -44.99 7.50 -41.77
N GLY A 929 -46.00 6.97 -42.46
CA GLY A 929 -46.78 5.89 -41.88
C GLY A 929 -45.94 4.64 -41.61
N LYS A 930 -45.05 4.31 -42.53
CA LYS A 930 -44.15 3.18 -42.30
C LYS A 930 -43.21 3.47 -41.15
N ILE A 931 -42.80 4.73 -40.99
CA ILE A 931 -42.01 5.10 -39.81
C ILE A 931 -42.78 4.77 -38.55
N GLN A 932 -44.05 5.17 -38.51
CA GLN A 932 -44.89 4.89 -37.36
C GLN A 932 -44.98 3.41 -37.08
N ASP A 933 -45.24 2.62 -38.13
CA ASP A 933 -45.40 1.18 -37.95
C ASP A 933 -44.10 0.52 -37.47
N SER A 934 -42.96 0.94 -38.03
CA SER A 934 -41.69 0.42 -37.59
C SER A 934 -41.44 0.73 -36.12
N LEU A 935 -41.72 1.97 -35.72
CA LEU A 935 -41.55 2.34 -34.32
C LEU A 935 -42.48 1.55 -33.41
N SER A 936 -43.73 1.34 -33.85
CA SER A 936 -44.68 0.61 -33.03
C SER A 936 -44.27 -0.86 -32.85
N SER A 937 -43.72 -1.47 -33.90
CA SER A 937 -43.42 -2.90 -33.85
C SER A 937 -42.05 -3.20 -33.25
N THR A 938 -40.98 -2.65 -33.84
CA THR A 938 -39.62 -3.00 -33.46
C THR A 938 -39.02 -1.94 -32.56
N ALA A 939 -38.45 -2.38 -31.43
CA ALA A 939 -37.88 -1.48 -30.44
C ALA A 939 -36.36 -1.36 -30.55
N SER A 940 -35.74 -2.04 -31.51
CA SER A 940 -34.29 -1.98 -31.64
C SER A 940 -33.81 -0.68 -32.27
N ALA A 941 -34.72 0.13 -32.81
CA ALA A 941 -34.32 1.40 -33.41
C ALA A 941 -33.75 2.36 -32.37
N LEU A 942 -34.39 2.46 -31.21
CA LEU A 942 -33.94 3.32 -30.12
C LEU A 942 -32.87 2.65 -29.26
N GLY A 943 -32.18 1.66 -29.80
CA GLY A 943 -31.14 1.01 -29.04
C GLY A 943 -30.04 1.95 -28.63
N LYS A 944 -29.80 2.99 -29.44
CA LYS A 944 -28.73 3.97 -29.12
C LYS A 944 -29.03 4.65 -27.78
N LEU A 945 -30.18 5.34 -27.68
CA LEU A 945 -30.54 6.05 -26.43
C LEU A 945 -30.64 5.06 -25.28
N GLN A 946 -31.28 3.90 -25.51
CA GLN A 946 -31.48 2.91 -24.43
C GLN A 946 -30.11 2.46 -23.90
N ASP A 947 -29.18 2.15 -24.80
CA ASP A 947 -27.85 1.73 -24.37
C ASP A 947 -27.24 2.76 -23.43
N VAL A 948 -27.45 4.04 -23.71
CA VAL A 948 -27.00 5.09 -22.80
C VAL A 948 -27.68 4.94 -21.45
N VAL A 949 -28.99 4.69 -21.46
CA VAL A 949 -29.71 4.50 -20.21
C VAL A 949 -29.16 3.29 -19.44
N ASN A 950 -28.97 2.17 -20.14
CA ASN A 950 -28.49 0.94 -19.53
C ASN A 950 -27.04 1.01 -19.12
N GLN A 951 -26.26 1.94 -19.66
CA GLN A 951 -24.89 2.15 -19.21
C GLN A 951 -24.81 3.02 -17.98
N ASN A 952 -25.57 4.10 -17.93
CA ASN A 952 -25.63 4.90 -16.71
C ASN A 952 -26.16 4.07 -15.56
N ALA A 953 -27.26 3.34 -15.79
CA ALA A 953 -27.86 2.53 -14.73
C ALA A 953 -26.90 1.44 -14.27
N GLN A 954 -26.20 0.81 -15.22
CA GLN A 954 -25.25 -0.23 -14.86
C GLN A 954 -24.10 0.31 -14.04
N ALA A 955 -23.58 1.48 -14.41
CA ALA A 955 -22.51 2.09 -13.64
C ALA A 955 -22.97 2.40 -12.22
N LEU A 956 -24.18 2.96 -12.08
CA LEU A 956 -24.70 3.25 -10.76
C LEU A 956 -24.89 1.98 -9.93
N ASN A 957 -25.37 0.90 -10.57
CA ASN A 957 -25.60 -0.33 -9.84
C ASN A 957 -24.30 -0.95 -9.36
N THR A 958 -23.26 -0.89 -10.20
CA THR A 958 -21.94 -1.34 -9.77
C THR A 958 -21.42 -0.49 -8.61
N LEU A 959 -21.63 0.81 -8.69
CA LEU A 959 -21.20 1.69 -7.61
C LEU A 959 -21.90 1.33 -6.31
N VAL A 960 -23.20 1.06 -6.38
CA VAL A 960 -23.94 0.66 -5.18
C VAL A 960 -23.44 -0.67 -4.65
N LYS A 961 -23.23 -1.63 -5.54
CA LYS A 961 -22.80 -2.96 -5.13
C LYS A 961 -21.37 -3.01 -4.65
N GLN A 962 -20.58 -1.97 -4.89
CA GLN A 962 -19.24 -1.90 -4.32
C GLN A 962 -19.25 -1.47 -2.87
N LEU A 963 -20.40 -1.11 -2.33
CA LEU A 963 -20.51 -0.83 -0.91
C LEU A 963 -20.56 -2.10 -0.07
N SER A 964 -20.80 -3.25 -0.70
CA SER A 964 -20.86 -4.53 -0.01
C SER A 964 -19.57 -5.32 -0.15
N SER A 965 -18.44 -4.64 -0.26
CA SER A 965 -17.14 -5.28 -0.37
C SER A 965 -16.32 -4.97 0.87
N ASN A 966 -15.65 -6.00 1.40
CA ASN A 966 -14.78 -5.81 2.55
C ASN A 966 -13.58 -4.95 2.20
N PHE A 967 -13.02 -5.15 1.01
CA PHE A 967 -11.74 -4.58 0.61
C PHE A 967 -10.63 -4.95 1.57
N GLY A 968 -10.75 -6.09 2.24
CA GLY A 968 -9.78 -6.54 3.21
C GLY A 968 -10.17 -6.30 4.65
N ALA A 969 -11.16 -5.45 4.90
CA ALA A 969 -11.61 -5.18 6.25
C ALA A 969 -12.31 -6.40 6.82
N ILE A 970 -12.64 -6.33 8.11
CA ILE A 970 -13.38 -7.41 8.74
C ILE A 970 -14.82 -7.43 8.23
N SER A 971 -15.35 -6.27 7.90
CA SER A 971 -16.74 -6.16 7.46
C SER A 971 -16.85 -5.04 6.44
N SER A 972 -17.94 -5.07 5.69
CA SER A 972 -18.30 -3.99 4.77
C SER A 972 -19.27 -3.00 5.38
N VAL A 973 -19.56 -3.13 6.67
CA VAL A 973 -20.51 -2.26 7.35
C VAL A 973 -19.74 -1.40 8.34
N LEU A 974 -19.76 -0.09 8.13
CA LEU A 974 -19.10 0.81 9.05
C LEU A 974 -19.71 0.73 10.43
N ASN A 975 -21.04 0.59 10.50
CA ASN A 975 -21.68 0.51 11.80
C ASN A 975 -21.26 -0.74 12.56
N ASP A 976 -21.13 -1.87 11.88
CA ASP A 976 -20.64 -3.08 12.52
C ASP A 976 -19.19 -2.92 12.97
N ILE A 977 -18.35 -2.34 12.11
CA ILE A 977 -16.96 -2.12 12.50
C ILE A 977 -16.88 -1.23 13.74
N LEU A 978 -17.66 -0.14 13.75
CA LEU A 978 -17.61 0.79 14.85
C LEU A 978 -18.16 0.19 16.12
N SER A 979 -19.23 -0.60 16.02
CA SER A 979 -19.83 -1.19 17.21
C SER A 979 -18.99 -2.34 17.73
N ARG A 980 -18.11 -2.90 16.91
CA ARG A 980 -17.29 -4.02 17.35
C ARG A 980 -15.89 -3.62 17.83
N LEU A 981 -15.31 -2.54 17.32
CA LEU A 981 -13.91 -2.27 17.59
C LEU A 981 -13.76 -0.92 18.27
N ASP A 982 -12.81 -0.85 19.20
CA ASP A 982 -12.41 0.43 19.77
C ASP A 982 -11.69 1.25 18.71
N PRO A 983 -11.76 2.58 18.81
CA PRO A 983 -11.33 3.43 17.68
C PRO A 983 -9.93 3.14 17.18
N PRO A 984 -8.94 2.92 18.06
CA PRO A 984 -7.58 2.64 17.54
C PRO A 984 -7.51 1.41 16.66
N GLU A 985 -8.28 0.37 16.97
CA GLU A 985 -8.31 -0.82 16.12
C GLU A 985 -9.24 -0.63 14.93
N ALA A 986 -10.35 0.09 15.16
CA ALA A 986 -11.36 0.25 14.08
C ALA A 986 -10.77 1.01 12.90
N GLU A 987 -10.11 2.15 13.16
CA GLU A 987 -9.58 3.00 12.06
C GLU A 987 -8.85 2.12 11.04
N VAL A 988 -8.10 1.11 11.50
CA VAL A 988 -7.30 0.33 10.57
C VAL A 988 -8.19 -0.30 9.50
N GLN A 989 -9.34 -0.84 9.89
CA GLN A 989 -10.28 -1.43 8.94
C GLN A 989 -11.09 -0.36 8.21
N ILE A 990 -11.40 0.74 8.88
CA ILE A 990 -12.10 1.83 8.23
C ILE A 990 -11.24 2.41 7.12
N ASP A 991 -9.92 2.40 7.29
CA ASP A 991 -9.03 2.89 6.24
C ASP A 991 -9.10 1.99 5.01
N ARG A 992 -9.19 0.68 5.21
CA ARG A 992 -9.35 -0.24 4.08
C ARG A 992 -10.67 0.02 3.36
N LEU A 993 -11.75 0.21 4.14
CA LEU A 993 -13.04 0.55 3.53
C LEU A 993 -12.96 1.86 2.75
N ILE A 994 -12.33 2.88 3.35
CA ILE A 994 -12.23 4.18 2.70
C ILE A 994 -11.41 4.08 1.42
N THR A 995 -10.28 3.39 1.48
CA THR A 995 -9.45 3.24 0.29
C THR A 995 -10.22 2.55 -0.82
N GLY A 996 -10.89 1.45 -0.51
CA GLY A 996 -11.62 0.72 -1.54
C GLY A 996 -12.78 1.52 -2.10
N ARG A 997 -13.57 2.16 -1.24
CA ARG A 997 -14.73 2.90 -1.70
C ARG A 997 -14.34 4.16 -2.45
N LEU A 998 -13.29 4.84 -2.01
CA LEU A 998 -12.79 6.00 -2.73
C LEU A 998 -12.25 5.60 -4.09
N GLN A 999 -11.56 4.46 -4.18
CA GLN A 999 -11.11 3.98 -5.47
C GLN A 999 -12.28 3.64 -6.37
N SER A 1000 -13.34 3.06 -5.80
CA SER A 1000 -14.53 2.76 -6.57
C SER A 1000 -15.21 4.03 -7.10
N LEU A 1001 -15.28 5.06 -6.26
CA LEU A 1001 -15.83 6.35 -6.69
C LEU A 1001 -14.99 6.99 -7.78
N GLN A 1002 -13.66 6.91 -7.66
CA GLN A 1002 -12.80 7.46 -8.69
C GLN A 1002 -12.97 6.73 -10.00
N THR A 1003 -13.07 5.41 -9.96
CA THR A 1003 -13.34 4.65 -11.18
C THR A 1003 -14.64 5.07 -11.82
N TYR A 1004 -15.69 5.20 -11.01
CA TYR A 1004 -16.98 5.63 -11.52
C TYR A 1004 -16.89 7.02 -12.16
N VAL A 1005 -16.27 7.97 -11.48
CA VAL A 1005 -16.24 9.34 -11.98
C VAL A 1005 -15.39 9.44 -13.24
N THR A 1006 -14.30 8.69 -13.31
CA THR A 1006 -13.49 8.68 -14.52
C THR A 1006 -14.27 8.15 -15.71
N GLN A 1007 -14.93 7.00 -15.53
CA GLN A 1007 -15.68 6.46 -16.65
C GLN A 1007 -16.88 7.32 -17.00
N GLN A 1008 -17.43 8.03 -16.03
CA GLN A 1008 -18.51 8.97 -16.32
C GLN A 1008 -18.01 10.17 -17.10
N LEU A 1009 -16.79 10.64 -16.81
CA LEU A 1009 -16.20 11.71 -17.60
C LEU A 1009 -15.97 11.28 -19.04
N ILE A 1010 -15.45 10.06 -19.23
CA ILE A 1010 -15.26 9.55 -20.58
C ILE A 1010 -16.60 9.40 -21.30
N ARG A 1011 -17.59 8.82 -20.61
CA ARG A 1011 -18.90 8.61 -21.20
C ARG A 1011 -19.60 9.93 -21.52
N ALA A 1012 -19.42 10.94 -20.67
CA ALA A 1012 -19.98 12.25 -20.91
C ALA A 1012 -19.29 12.98 -22.04
N ALA A 1013 -17.99 12.76 -22.23
CA ALA A 1013 -17.32 13.26 -23.43
C ALA A 1013 -17.90 12.63 -24.68
N GLU A 1014 -18.20 11.33 -24.63
CA GLU A 1014 -18.85 10.68 -25.76
C GLU A 1014 -20.25 11.25 -26.01
N ILE A 1015 -21.02 11.48 -24.95
CA ILE A 1015 -22.35 12.08 -25.11
C ILE A 1015 -22.25 13.52 -25.59
N ARG A 1016 -21.22 14.25 -25.19
CA ARG A 1016 -21.04 15.61 -25.68
C ARG A 1016 -20.69 15.63 -27.16
N ALA A 1017 -19.88 14.69 -27.61
CA ALA A 1017 -19.62 14.56 -29.04
C ALA A 1017 -20.91 14.24 -29.78
N SER A 1018 -21.71 13.33 -29.23
CA SER A 1018 -23.00 12.99 -29.84
C SER A 1018 -23.95 14.17 -29.88
N ALA A 1019 -23.96 14.99 -28.84
CA ALA A 1019 -24.85 16.15 -28.80
C ALA A 1019 -24.35 17.26 -29.70
N ASN A 1020 -23.04 17.38 -29.87
CA ASN A 1020 -22.49 18.30 -30.85
C ASN A 1020 -22.89 17.89 -32.26
N LEU A 1021 -22.86 16.58 -32.54
CA LEU A 1021 -23.34 16.08 -33.82
C LEU A 1021 -24.82 16.33 -34.01
N ALA A 1022 -25.61 16.13 -32.94
CA ALA A 1022 -27.04 16.38 -33.02
C ALA A 1022 -27.36 17.84 -33.24
N ALA A 1023 -26.59 18.74 -32.62
CA ALA A 1023 -26.74 20.17 -32.87
C ALA A 1023 -26.37 20.52 -34.30
N THR A 1024 -25.31 19.91 -34.83
CA THR A 1024 -24.93 20.14 -36.21
C THR A 1024 -26.01 19.64 -37.17
N LYS A 1025 -26.60 18.49 -36.86
CA LYS A 1025 -27.64 17.94 -37.73
C LYS A 1025 -28.93 18.74 -37.62
N MET A 1026 -29.22 19.31 -36.46
CA MET A 1026 -30.33 20.24 -36.37
C MET A 1026 -30.08 21.47 -37.22
N SER A 1027 -28.87 22.01 -37.17
CA SER A 1027 -28.57 23.22 -37.92
C SER A 1027 -28.59 22.97 -39.41
N GLU A 1028 -28.01 21.87 -39.87
CA GLU A 1028 -27.78 21.67 -41.29
C GLU A 1028 -28.87 20.84 -41.96
N CYS A 1029 -29.44 19.87 -41.25
CA CYS A 1029 -30.51 19.07 -41.82
C CYS A 1029 -31.87 19.72 -41.64
N VAL A 1030 -32.11 20.32 -40.47
CA VAL A 1030 -33.43 20.86 -40.12
C VAL A 1030 -33.49 22.34 -40.46
N LEU A 1031 -32.49 23.10 -40.07
CA LEU A 1031 -32.51 24.52 -40.38
C LEU A 1031 -31.98 24.82 -41.77
N GLY A 1032 -31.63 23.82 -42.56
CA GLY A 1032 -31.20 24.03 -43.92
C GLY A 1032 -31.38 22.77 -44.73
N GLN A 1033 -30.77 22.72 -45.92
CA GLN A 1033 -30.76 21.46 -46.72
C GLN A 1033 -29.28 21.14 -46.94
N SER A 1034 -28.82 19.94 -46.62
CA SER A 1034 -27.37 19.64 -46.65
C SER A 1034 -26.87 19.00 -47.94
N LYS A 1035 -25.88 19.60 -48.59
CA LYS A 1035 -25.20 18.98 -49.72
C LYS A 1035 -24.19 17.93 -49.28
N ARG A 1036 -23.94 17.81 -47.98
CA ARG A 1036 -23.06 16.78 -47.47
C ARG A 1036 -23.68 15.42 -47.68
N VAL A 1037 -22.88 14.46 -48.13
CA VAL A 1037 -23.39 13.14 -48.52
C VAL A 1037 -23.55 12.28 -47.28
N ASP A 1038 -24.72 11.65 -47.16
CA ASP A 1038 -25.08 10.75 -46.07
C ASP A 1038 -25.04 11.41 -44.71
N PHE A 1039 -24.96 12.74 -44.65
CA PHE A 1039 -25.04 13.43 -43.38
C PHE A 1039 -26.46 13.48 -42.88
N CYS A 1040 -27.41 13.66 -43.80
CA CYS A 1040 -28.83 13.75 -43.45
C CYS A 1040 -29.61 12.63 -44.12
N GLY A 1041 -29.13 11.41 -44.02
CA GLY A 1041 -29.80 10.25 -44.55
C GLY A 1041 -29.28 9.85 -45.91
N LYS A 1042 -29.52 8.59 -46.27
CA LYS A 1042 -29.06 8.08 -47.55
C LYS A 1042 -29.99 8.54 -48.67
N GLY A 1043 -29.40 9.06 -49.73
CA GLY A 1043 -30.14 9.77 -50.76
C GLY A 1043 -29.84 11.25 -50.75
N TYR A 1044 -30.51 11.97 -51.64
CA TYR A 1044 -30.34 13.41 -51.70
C TYR A 1044 -31.26 14.07 -50.69
N HIS A 1045 -30.68 14.77 -49.73
CA HIS A 1045 -31.43 15.32 -48.61
C HIS A 1045 -32.41 16.37 -49.10
N LEU A 1046 -33.68 16.24 -48.74
CA LEU A 1046 -34.65 17.28 -49.00
C LEU A 1046 -34.91 18.12 -47.75
N MET A 1047 -35.28 17.48 -46.65
CA MET A 1047 -35.54 18.16 -45.39
C MET A 1047 -35.49 17.12 -44.28
N SER A 1048 -35.48 17.60 -43.03
CA SER A 1048 -35.47 16.74 -41.87
C SER A 1048 -36.39 17.33 -40.82
N PHE A 1049 -36.87 16.47 -39.93
CA PHE A 1049 -37.79 16.85 -38.88
C PHE A 1049 -37.27 16.34 -37.55
N PRO A 1050 -37.07 17.21 -36.57
CA PRO A 1050 -36.67 16.75 -35.25
C PRO A 1050 -37.84 16.22 -34.45
N GLN A 1051 -37.59 15.14 -33.72
CA GLN A 1051 -38.53 14.61 -32.74
C GLN A 1051 -37.73 14.41 -31.47
N SER A 1052 -38.25 14.90 -30.36
CA SER A 1052 -37.60 14.62 -29.09
C SER A 1052 -37.72 13.14 -28.76
N ALA A 1053 -36.78 12.66 -27.98
CA ALA A 1053 -36.81 11.31 -27.45
C ALA A 1053 -36.15 11.34 -26.08
N PRO A 1054 -36.36 10.33 -25.27
CA PRO A 1054 -35.74 10.33 -23.95
C PRO A 1054 -34.23 10.44 -24.05
N HIS A 1055 -33.68 11.56 -23.59
CA HIS A 1055 -32.24 11.80 -23.59
C HIS A 1055 -31.64 11.67 -24.99
N GLY A 1056 -32.34 12.22 -25.97
CA GLY A 1056 -31.86 12.08 -27.34
C GLY A 1056 -32.79 12.80 -28.28
N VAL A 1057 -32.45 12.71 -29.57
CA VAL A 1057 -33.23 13.32 -30.63
C VAL A 1057 -33.38 12.30 -31.75
N VAL A 1058 -34.46 12.43 -32.50
CA VAL A 1058 -34.73 11.57 -33.65
C VAL A 1058 -34.98 12.48 -34.83
N PHE A 1059 -34.24 12.27 -35.90
CA PHE A 1059 -34.41 13.04 -37.12
C PHE A 1059 -35.11 12.18 -38.15
N LEU A 1060 -36.17 12.71 -38.73
CA LEU A 1060 -36.84 12.07 -39.86
C LEU A 1060 -36.27 12.69 -41.12
N HIS A 1061 -35.23 12.07 -41.64
CA HIS A 1061 -34.54 12.57 -42.81
C HIS A 1061 -35.34 12.21 -44.04
N VAL A 1062 -35.91 13.21 -44.69
CA VAL A 1062 -36.64 13.03 -45.93
C VAL A 1062 -35.64 13.19 -47.07
N THR A 1063 -35.52 12.18 -47.90
CA THR A 1063 -34.54 12.16 -48.96
C THR A 1063 -35.17 11.68 -50.26
N TYR A 1064 -34.58 12.16 -51.35
CA TYR A 1064 -34.95 11.78 -52.70
C TYR A 1064 -34.03 10.65 -53.12
N VAL A 1065 -34.62 9.51 -53.49
CA VAL A 1065 -33.84 8.38 -53.98
C VAL A 1065 -34.30 8.12 -55.40
N PRO A 1066 -33.43 8.26 -56.39
CA PRO A 1066 -33.82 8.00 -57.76
C PRO A 1066 -34.25 6.55 -57.95
N ALA A 1067 -35.14 6.30 -58.91
CA ALA A 1067 -35.62 4.94 -59.12
C ALA A 1067 -35.84 4.71 -60.59
N GLN A 1068 -36.04 3.44 -60.95
CA GLN A 1068 -36.42 3.03 -62.30
C GLN A 1068 -35.46 3.59 -63.34
N GLU A 1069 -34.20 3.23 -63.17
CA GLU A 1069 -33.15 3.66 -64.09
C GLU A 1069 -33.28 2.95 -65.42
N LYS A 1070 -32.87 3.63 -66.48
CA LYS A 1070 -32.89 3.05 -67.81
C LYS A 1070 -31.60 3.39 -68.53
N ASN A 1071 -31.18 2.48 -69.40
CA ASN A 1071 -29.97 2.66 -70.19
C ASN A 1071 -30.20 3.62 -71.35
N PHE A 1072 -29.18 4.40 -71.66
CA PHE A 1072 -29.17 5.26 -72.84
C PHE A 1072 -27.75 5.35 -73.35
N THR A 1073 -27.60 5.83 -74.58
CA THR A 1073 -26.29 6.08 -75.14
C THR A 1073 -25.90 7.53 -74.88
N THR A 1074 -24.74 7.74 -74.28
CA THR A 1074 -24.35 9.08 -73.86
C THR A 1074 -23.11 9.55 -74.61
N ALA A 1075 -23.13 10.81 -75.03
CA ALA A 1075 -22.05 11.42 -75.77
C ALA A 1075 -21.58 12.69 -75.06
N PRO A 1076 -20.27 12.86 -74.90
CA PRO A 1076 -19.78 14.03 -74.16
C PRO A 1076 -20.10 15.34 -74.82
N ALA A 1077 -20.14 15.38 -76.14
CA ALA A 1077 -20.40 16.60 -76.87
C ALA A 1077 -21.05 16.24 -78.18
N ILE A 1078 -21.65 17.23 -78.83
CA ILE A 1078 -22.35 17.03 -80.09
C ILE A 1078 -21.75 17.98 -81.12
N CYS A 1079 -21.31 17.42 -82.23
CA CYS A 1079 -20.74 18.21 -83.31
C CYS A 1079 -21.86 18.75 -84.19
N HIS A 1080 -21.73 20.00 -84.58
CA HIS A 1080 -22.73 20.61 -85.45
C HIS A 1080 -22.09 21.83 -86.09
N ASP A 1081 -22.11 21.86 -87.42
CA ASP A 1081 -21.44 22.92 -88.17
C ASP A 1081 -19.98 23.00 -87.80
N GLY A 1082 -19.39 21.86 -87.44
CA GLY A 1082 -17.97 21.83 -87.12
C GLY A 1082 -17.66 22.16 -85.68
N LYS A 1083 -18.50 22.98 -85.05
CA LYS A 1083 -18.26 23.37 -83.66
C LYS A 1083 -18.82 22.33 -82.71
N ALA A 1084 -18.21 22.22 -81.54
CA ALA A 1084 -18.67 21.27 -80.54
C ALA A 1084 -19.61 21.95 -79.57
N HIS A 1085 -20.65 21.22 -79.16
CA HIS A 1085 -21.64 21.69 -78.20
C HIS A 1085 -21.63 20.79 -76.99
N PHE A 1086 -21.75 21.38 -75.81
CA PHE A 1086 -21.88 20.69 -74.54
C PHE A 1086 -23.13 21.19 -73.84
N PRO A 1087 -23.85 20.34 -73.12
CA PRO A 1087 -25.09 20.78 -72.47
C PRO A 1087 -24.79 21.74 -71.32
N ARG A 1088 -25.49 22.87 -71.29
CA ARG A 1088 -25.33 23.81 -70.19
C ARG A 1088 -25.60 23.14 -68.85
N GLU A 1089 -26.77 22.51 -68.74
CA GLU A 1089 -27.19 21.81 -67.53
C GLU A 1089 -27.86 20.53 -67.98
N GLY A 1090 -27.20 19.41 -67.78
CA GLY A 1090 -27.76 18.15 -68.23
C GLY A 1090 -26.77 17.29 -68.98
N VAL A 1091 -27.26 16.21 -69.56
CA VAL A 1091 -26.42 15.22 -70.21
C VAL A 1091 -27.11 14.79 -71.49
N PHE A 1092 -26.31 14.60 -72.53
CA PHE A 1092 -26.81 14.11 -73.80
C PHE A 1092 -27.08 12.62 -73.70
N VAL A 1093 -28.29 12.20 -74.07
CA VAL A 1093 -28.66 10.80 -74.10
C VAL A 1093 -29.30 10.51 -75.45
N SER A 1094 -29.33 9.22 -75.78
CA SER A 1094 -29.96 8.75 -77.00
C SER A 1094 -30.69 7.46 -76.68
N ASN A 1095 -31.94 7.38 -77.14
CA ASN A 1095 -32.75 6.19 -77.02
C ASN A 1095 -32.60 5.27 -78.21
N GLY A 1096 -31.52 5.41 -78.97
CA GLY A 1096 -31.24 4.54 -80.09
C GLY A 1096 -31.08 5.29 -81.39
N THR A 1097 -31.95 6.25 -81.64
CA THR A 1097 -31.91 6.99 -82.89
C THR A 1097 -31.84 8.50 -82.68
N HIS A 1098 -32.55 9.03 -81.69
CA HIS A 1098 -32.64 10.46 -81.48
C HIS A 1098 -31.83 10.85 -80.26
N TRP A 1099 -31.30 12.05 -80.30
CA TRP A 1099 -30.48 12.58 -79.21
C TRP A 1099 -31.23 13.71 -78.50
N PHE A 1100 -31.35 13.58 -77.18
CA PHE A 1100 -31.97 14.58 -76.35
C PHE A 1100 -30.99 14.98 -75.27
N VAL A 1101 -31.24 16.16 -74.67
CA VAL A 1101 -30.42 16.61 -73.51
C VAL A 1101 -31.34 16.49 -72.30
N THR A 1102 -30.96 15.72 -71.28
CA THR A 1102 -31.89 15.49 -70.15
C THR A 1102 -31.25 15.91 -68.84
N GLN A 1103 -32.05 16.14 -67.79
CA GLN A 1103 -31.48 16.41 -66.46
C GLN A 1103 -30.65 15.18 -66.08
N ARG A 1104 -29.77 15.29 -65.10
CA ARG A 1104 -28.88 14.14 -64.81
C ARG A 1104 -29.51 13.21 -63.77
N ASN A 1105 -30.49 13.68 -62.99
CA ASN A 1105 -31.04 12.85 -61.93
C ASN A 1105 -32.49 12.44 -62.18
N PHE A 1106 -33.05 12.76 -63.32
CA PHE A 1106 -34.44 12.43 -63.61
C PHE A 1106 -34.63 12.50 -65.12
N TYR A 1107 -35.10 11.41 -65.72
CA TYR A 1107 -35.15 11.34 -67.16
C TYR A 1107 -36.23 12.27 -67.69
N GLU A 1108 -35.81 13.36 -68.32
CA GLU A 1108 -36.73 14.30 -68.96
C GLU A 1108 -36.09 14.79 -70.24
N PRO A 1109 -36.20 14.02 -71.32
CA PRO A 1109 -35.50 14.37 -72.55
C PRO A 1109 -36.03 15.64 -73.16
N GLN A 1110 -35.12 16.43 -73.72
CA GLN A 1110 -35.49 17.65 -74.42
C GLN A 1110 -34.73 17.71 -75.74
N ILE A 1111 -35.38 18.28 -76.75
CA ILE A 1111 -34.73 18.51 -78.03
C ILE A 1111 -33.52 19.40 -77.80
N ILE A 1112 -32.42 19.08 -78.49
CA ILE A 1112 -31.14 19.75 -78.29
C ILE A 1112 -31.15 21.01 -79.14
N THR A 1113 -31.26 22.16 -78.49
CA THR A 1113 -31.21 23.45 -79.15
C THR A 1113 -30.04 24.25 -78.59
N THR A 1114 -29.84 25.45 -79.13
CA THR A 1114 -28.73 26.28 -78.66
C THR A 1114 -28.98 26.88 -77.29
N ASP A 1115 -30.22 26.87 -76.81
CA ASP A 1115 -30.49 27.25 -75.43
C ASP A 1115 -30.04 26.16 -74.46
N ASN A 1116 -30.16 24.91 -74.87
CA ASN A 1116 -29.74 23.80 -74.04
C ASN A 1116 -28.22 23.69 -73.95
N THR A 1117 -27.50 24.15 -74.97
CA THR A 1117 -26.09 23.84 -75.16
C THR A 1117 -25.25 25.10 -75.34
N PHE A 1118 -23.95 24.95 -75.07
CA PHE A 1118 -22.97 25.99 -75.31
C PHE A 1118 -21.84 25.44 -76.17
N VAL A 1119 -21.32 26.27 -77.05
CA VAL A 1119 -20.31 25.87 -78.03
C VAL A 1119 -18.92 26.12 -77.49
N SER A 1120 -17.97 25.26 -77.85
CA SER A 1120 -16.57 25.55 -77.57
C SER A 1120 -15.66 24.74 -78.51
N GLY A 1121 -15.13 25.41 -79.52
CA GLY A 1121 -14.10 24.82 -80.37
C GLY A 1121 -14.67 23.96 -81.47
N ASN A 1122 -13.77 23.21 -82.11
CA ASN A 1122 -14.14 22.29 -83.16
C ASN A 1122 -14.24 20.87 -82.62
N CYS A 1123 -14.46 19.90 -83.50
CA CYS A 1123 -14.77 18.53 -83.12
C CYS A 1123 -13.57 17.60 -83.24
N ASP A 1124 -12.37 18.17 -83.30
CA ASP A 1124 -11.15 17.39 -83.48
C ASP A 1124 -10.42 17.13 -82.17
N VAL A 1125 -11.04 17.46 -81.03
CA VAL A 1125 -10.40 17.34 -79.73
C VAL A 1125 -11.16 16.39 -78.82
N VAL A 1126 -12.49 16.52 -78.78
CA VAL A 1126 -13.28 15.78 -77.80
C VAL A 1126 -13.35 14.31 -78.20
N ILE A 1127 -13.18 13.43 -77.21
CA ILE A 1127 -13.15 11.98 -77.42
C ILE A 1127 -14.54 11.44 -77.12
N GLY A 1128 -15.19 10.88 -78.13
CA GLY A 1128 -16.55 10.42 -77.97
C GLY A 1128 -17.62 11.36 -78.46
N ILE A 1129 -17.24 12.51 -79.04
CA ILE A 1129 -18.21 13.40 -79.63
C ILE A 1129 -18.92 12.72 -80.79
N VAL A 1130 -20.24 12.94 -80.86
CA VAL A 1130 -21.08 12.34 -81.89
C VAL A 1130 -21.59 13.45 -82.79
N ASN A 1131 -22.29 13.07 -83.85
CA ASN A 1131 -22.84 14.00 -84.83
C ASN A 1131 -24.34 14.08 -84.69
N ASN A 1132 -24.86 15.29 -84.64
CA ASN A 1132 -26.31 15.48 -84.52
C ASN A 1132 -26.62 16.92 -84.86
N THR A 1133 -27.88 17.29 -84.68
CA THR A 1133 -28.40 18.60 -85.02
C THR A 1133 -28.79 19.34 -83.75
N VAL A 1134 -28.23 20.52 -83.54
CA VAL A 1134 -28.69 21.41 -82.47
C VAL A 1134 -29.62 22.42 -83.14
N TYR A 1135 -30.92 22.14 -83.03
CA TYR A 1135 -31.94 22.98 -83.63
C TYR A 1135 -31.84 24.41 -83.13
N ASP A 1136 -31.86 25.36 -84.04
CA ASP A 1136 -31.80 26.77 -83.66
C ASP A 1136 -33.21 27.27 -83.39
N PRO A 1137 -33.51 27.76 -82.18
CA PRO A 1137 -34.88 28.21 -81.88
C PRO A 1137 -35.25 29.52 -82.57
N LEU A 1138 -34.35 30.14 -83.32
CA LEU A 1138 -34.60 31.44 -83.92
C LEU A 1138 -34.81 31.38 -85.43
N GLN A 1139 -34.12 30.47 -86.11
CA GLN A 1139 -34.22 30.39 -87.58
C GLN A 1139 -35.62 30.08 -88.09
N PRO A 1140 -36.39 29.14 -87.52
CA PRO A 1140 -37.76 28.96 -88.00
C PRO A 1140 -38.62 30.21 -87.85
N GLU A 1141 -38.41 30.99 -86.80
CA GLU A 1141 -39.15 32.25 -86.66
C GLU A 1141 -38.69 33.25 -87.71
N LEU A 1142 -37.39 33.32 -87.96
CA LEU A 1142 -36.86 34.23 -88.98
C LEU A 1142 -37.36 33.86 -90.36
N ASP A 1143 -37.59 32.58 -90.62
CA ASP A 1143 -38.07 32.14 -91.93
C ASP A 1143 -39.45 32.72 -92.22
N SER A 1144 -40.33 32.75 -91.22
CA SER A 1144 -41.67 33.30 -91.38
C SER A 1144 -41.67 34.81 -91.15
N SER B 13 54.55 -22.49 3.36
CA SER B 13 55.99 -22.61 3.14
C SER B 13 56.75 -21.50 3.84
N GLN B 14 58.07 -21.54 3.76
CA GLN B 14 58.92 -20.53 4.38
C GLN B 14 59.13 -19.37 3.42
N CYS B 15 58.93 -18.16 3.92
CA CYS B 15 59.09 -16.97 3.09
C CYS B 15 60.54 -16.78 2.67
N VAL B 16 60.71 -16.27 1.45
CA VAL B 16 62.02 -15.91 0.93
C VAL B 16 62.19 -14.41 1.07
N ASN B 17 63.27 -13.99 1.74
CA ASN B 17 63.49 -12.58 2.03
C ASN B 17 64.42 -11.96 0.99
N PHE B 18 64.03 -10.78 0.51
CA PHE B 18 64.81 -10.02 -0.44
C PHE B 18 65.31 -8.76 0.23
N THR B 19 66.63 -8.53 0.21
CA THR B 19 67.20 -7.37 0.86
C THR B 19 66.72 -6.07 0.20
N THR B 20 66.66 -6.05 -1.12
CA THR B 20 66.25 -4.86 -1.87
C THR B 20 64.84 -5.07 -2.41
N ARG B 21 63.96 -4.13 -2.10
CA ARG B 21 62.58 -4.16 -2.58
C ARG B 21 62.29 -2.86 -3.33
N THR B 22 61.65 -2.99 -4.49
CA THR B 22 61.32 -1.82 -5.30
C THR B 22 59.99 -2.09 -6.01
N GLN B 23 59.35 -1.00 -6.44
CA GLN B 23 58.12 -1.10 -7.22
C GLN B 23 58.11 -0.02 -8.29
N LEU B 24 57.74 -0.40 -9.50
CA LEU B 24 57.69 0.54 -10.59
C LEU B 24 56.54 1.53 -10.39
N PRO B 25 56.71 2.78 -10.82
CA PRO B 25 55.65 3.76 -10.66
C PRO B 25 54.43 3.37 -11.50
N PRO B 26 53.23 3.69 -11.03
CA PRO B 26 52.03 3.40 -11.81
C PRO B 26 51.90 4.33 -13.00
N ALA B 27 51.16 3.86 -14.00
CA ALA B 27 50.83 4.67 -15.17
C ALA B 27 49.32 4.62 -15.38
N TYR B 28 48.82 5.51 -16.24
CA TYR B 28 47.38 5.65 -16.44
C TYR B 28 47.02 5.45 -17.90
N THR B 29 45.84 4.87 -18.12
CA THR B 29 45.33 4.65 -19.47
C THR B 29 43.83 4.85 -19.47
N ASN B 30 43.26 4.96 -20.66
CA ASN B 30 41.82 5.07 -20.85
C ASN B 30 41.25 3.67 -21.05
N SER B 31 40.16 3.37 -20.33
CA SER B 31 39.58 2.02 -20.36
C SER B 31 38.84 1.70 -21.64
N PHE B 32 38.49 2.70 -22.44
CA PHE B 32 37.72 2.55 -23.68
C PHE B 32 36.37 1.93 -23.32
N THR B 33 35.99 0.79 -23.88
CA THR B 33 34.66 0.20 -23.68
C THR B 33 34.79 -1.24 -23.22
N ARG B 34 35.68 -1.48 -22.25
CA ARG B 34 35.95 -2.82 -21.76
C ARG B 34 35.45 -2.97 -20.32
N GLY B 35 35.45 -4.22 -19.86
CA GLY B 35 34.98 -4.54 -18.54
C GLY B 35 33.52 -4.91 -18.44
N VAL B 36 32.87 -5.20 -19.56
CA VAL B 36 31.44 -5.50 -19.58
C VAL B 36 31.26 -7.00 -19.43
N TYR B 37 30.45 -7.40 -18.46
CA TYR B 37 30.24 -8.80 -18.12
C TYR B 37 28.75 -9.10 -18.10
N TYR B 38 28.43 -10.38 -18.19
CA TYR B 38 27.04 -10.80 -18.12
C TYR B 38 26.52 -10.61 -16.71
N PRO B 39 25.54 -9.73 -16.50
CA PRO B 39 25.09 -9.44 -15.12
C PRO B 39 24.35 -10.59 -14.47
N ASP B 40 23.68 -11.43 -15.24
CA ASP B 40 22.92 -12.54 -14.70
C ASP B 40 23.03 -13.73 -15.63
N LYS B 41 22.50 -14.87 -15.18
CA LYS B 41 22.52 -16.09 -15.97
C LYS B 41 21.31 -16.26 -16.85
N VAL B 42 20.63 -15.17 -17.22
CA VAL B 42 19.48 -15.25 -18.11
C VAL B 42 19.94 -15.18 -19.57
N PHE B 43 19.27 -15.93 -20.42
CA PHE B 43 19.53 -15.92 -21.85
C PHE B 43 18.55 -14.97 -22.52
N ARG B 44 19.07 -14.04 -23.31
CA ARG B 44 18.26 -13.10 -24.05
C ARG B 44 18.72 -13.08 -25.48
N SER B 45 17.77 -13.04 -26.41
CA SER B 45 18.06 -13.18 -27.83
C SER B 45 17.62 -11.93 -28.57
N SER B 46 18.58 -11.27 -29.21
CA SER B 46 18.35 -10.10 -30.06
C SER B 46 17.48 -9.07 -29.34
N VAL B 47 17.99 -8.57 -28.22
CA VAL B 47 17.25 -7.67 -27.36
C VAL B 47 18.20 -6.61 -26.82
N LEU B 48 17.64 -5.52 -26.30
CA LEU B 48 18.40 -4.50 -25.59
C LEU B 48 17.85 -4.41 -24.18
N HIS B 49 18.71 -4.63 -23.19
CA HIS B 49 18.29 -4.80 -21.81
C HIS B 49 19.08 -3.87 -20.91
N SER B 50 18.38 -3.14 -20.05
CA SER B 50 19.03 -2.17 -19.17
C SER B 50 19.22 -2.78 -17.79
N THR B 51 20.48 -2.88 -17.37
CA THR B 51 20.86 -3.45 -16.08
C THR B 51 21.57 -2.39 -15.25
N GLN B 52 21.14 -2.22 -14.02
CA GLN B 52 21.82 -1.33 -13.09
C GLN B 52 22.70 -2.19 -12.17
N ASP B 53 24.00 -2.18 -12.43
CA ASP B 53 24.92 -3.06 -11.71
C ASP B 53 26.27 -2.37 -11.57
N LEU B 54 27.18 -3.02 -10.85
CA LEU B 54 28.53 -2.50 -10.67
C LEU B 54 29.33 -2.81 -11.93
N PHE B 55 29.54 -1.79 -12.76
CA PHE B 55 30.25 -1.92 -14.02
C PHE B 55 31.48 -1.04 -14.02
N LEU B 56 32.34 -1.25 -15.00
CA LEU B 56 33.46 -0.37 -15.25
C LEU B 56 33.03 0.70 -16.23
N PRO B 57 32.90 1.97 -15.82
CA PRO B 57 32.40 2.99 -16.74
C PRO B 57 33.28 3.10 -17.98
N PHE B 58 32.63 3.35 -19.12
CA PHE B 58 33.37 3.50 -20.36
C PHE B 58 34.32 4.68 -20.26
N PHE B 59 35.53 4.51 -20.79
CA PHE B 59 36.54 5.56 -20.81
C PHE B 59 36.85 6.06 -19.40
N SER B 60 37.32 5.14 -18.56
CA SER B 60 37.71 5.43 -17.20
C SER B 60 39.23 5.44 -17.06
N ASN B 61 39.71 6.17 -16.07
CA ASN B 61 41.14 6.17 -15.75
C ASN B 61 41.52 4.84 -15.10
N VAL B 62 42.33 4.06 -15.80
CA VAL B 62 42.75 2.73 -15.35
C VAL B 62 44.23 2.78 -15.02
N THR B 63 44.58 2.35 -13.80
CA THR B 63 45.95 2.41 -13.31
C THR B 63 46.64 1.09 -13.64
N TRP B 64 47.65 1.14 -14.51
CA TRP B 64 48.28 -0.13 -14.94
C TRP B 64 49.73 -0.20 -14.48
N PHE B 65 50.27 -1.41 -14.33
CA PHE B 65 51.65 -1.58 -13.83
C PHE B 65 52.34 -2.71 -14.60
N HIS B 66 53.66 -2.79 -14.51
CA HIS B 66 54.42 -3.82 -15.19
C HIS B 66 54.79 -4.94 -14.23
N ALA B 67 54.64 -6.18 -14.69
CA ALA B 67 54.99 -7.38 -13.92
C ALA B 67 56.24 -7.96 -14.55
N ILE B 68 57.36 -7.89 -13.82
CA ILE B 68 58.64 -8.40 -14.29
C ILE B 68 58.80 -9.84 -13.82
N HIS B 69 59.12 -10.74 -14.75
CA HIS B 69 59.22 -12.16 -14.46
C HIS B 69 60.65 -12.69 -14.49
N VAL B 70 61.64 -11.85 -14.74
CA VAL B 70 63.02 -12.29 -14.83
C VAL B 70 63.92 -11.21 -14.24
N SER B 71 64.97 -11.64 -13.54
CA SER B 71 65.93 -10.74 -12.93
C SER B 71 67.26 -10.85 -13.66
N GLY B 72 67.80 -9.71 -14.09
CA GLY B 72 69.06 -9.69 -14.80
C GLY B 72 69.51 -8.29 -15.18
N GLY B 75 71.37 -7.37 -11.19
CA GLY B 75 70.18 -8.20 -11.33
C GLY B 75 69.75 -8.83 -10.02
N THR B 76 69.95 -8.10 -8.92
CA THR B 76 69.59 -8.58 -7.59
C THR B 76 68.55 -7.66 -6.95
N LYS B 77 67.67 -7.06 -7.75
CA LYS B 77 66.63 -6.17 -7.27
C LYS B 77 65.28 -6.87 -7.40
N ARG B 78 64.53 -6.91 -6.30
CA ARG B 78 63.22 -7.54 -6.28
C ARG B 78 62.15 -6.48 -6.50
N PHE B 79 61.50 -6.53 -7.67
CA PHE B 79 60.44 -5.60 -8.01
C PHE B 79 59.11 -6.20 -7.59
N ALA B 80 58.52 -5.67 -6.52
CA ALA B 80 57.32 -6.23 -5.92
C ALA B 80 56.08 -5.46 -6.37
N ASN B 81 55.00 -6.20 -6.58
CA ASN B 81 53.73 -5.59 -6.95
C ASN B 81 53.12 -4.87 -5.75
N PRO B 82 52.36 -3.80 -6.00
CA PRO B 82 51.78 -3.02 -4.91
C PRO B 82 50.41 -3.55 -4.48
N VAL B 83 49.96 -3.07 -3.33
CA VAL B 83 48.70 -3.48 -2.74
C VAL B 83 47.65 -2.43 -3.08
N LEU B 84 46.60 -2.83 -3.81
CA LEU B 84 45.59 -1.92 -4.29
C LEU B 84 44.27 -2.13 -3.59
N PRO B 85 43.51 -1.07 -3.33
CA PRO B 85 42.20 -1.25 -2.68
C PRO B 85 41.24 -2.02 -3.57
N PHE B 86 40.21 -2.59 -2.95
CA PHE B 86 39.22 -3.39 -3.66
C PHE B 86 37.94 -2.64 -3.94
N ASN B 87 37.53 -1.73 -3.06
CA ASN B 87 36.33 -0.89 -3.24
C ASN B 87 35.13 -1.83 -3.40
N ASP B 88 34.29 -1.66 -4.41
CA ASP B 88 33.13 -2.52 -4.64
C ASP B 88 33.37 -3.54 -5.75
N GLY B 89 34.61 -3.74 -6.16
CA GLY B 89 34.94 -4.65 -7.23
C GLY B 89 36.07 -4.09 -8.06
N VAL B 90 36.74 -4.97 -8.79
CA VAL B 90 37.88 -4.56 -9.60
C VAL B 90 37.81 -5.25 -10.96
N TYR B 91 38.19 -4.52 -11.99
CA TYR B 91 38.46 -5.06 -13.31
C TYR B 91 39.97 -5.11 -13.50
N PHE B 92 40.51 -6.32 -13.60
CA PHE B 92 41.95 -6.57 -13.66
C PHE B 92 42.26 -7.19 -15.00
N ALA B 93 42.99 -6.48 -15.85
CA ALA B 93 43.37 -6.98 -17.16
C ALA B 93 44.86 -7.29 -17.16
N SER B 94 45.26 -8.29 -17.95
CA SER B 94 46.67 -8.64 -18.10
C SER B 94 46.97 -8.90 -19.56
N THR B 95 48.01 -8.25 -20.07
CA THR B 95 48.55 -8.51 -21.40
C THR B 95 49.89 -9.20 -21.25
N GLU B 96 50.02 -10.38 -21.87
CA GLU B 96 51.24 -11.16 -21.72
C GLU B 96 51.37 -12.15 -22.85
N LYS B 97 52.60 -12.66 -23.02
CA LYS B 97 52.83 -13.76 -23.97
C LYS B 97 52.67 -15.11 -23.28
N SER B 98 53.46 -15.35 -22.23
CA SER B 98 53.31 -16.52 -21.38
C SER B 98 52.59 -16.11 -20.10
N ASN B 99 52.03 -17.11 -19.41
CA ASN B 99 51.15 -16.87 -18.27
C ASN B 99 52.00 -16.38 -17.09
N ILE B 100 52.33 -15.09 -17.14
CA ILE B 100 53.15 -14.49 -16.09
C ILE B 100 52.33 -14.25 -14.83
N ILE B 101 51.15 -13.64 -14.97
CA ILE B 101 50.27 -13.41 -13.85
C ILE B 101 49.60 -14.73 -13.49
N ARG B 102 49.71 -15.12 -12.23
CA ARG B 102 49.21 -16.41 -11.78
C ARG B 102 48.13 -16.33 -10.71
N GLY B 103 48.12 -15.31 -9.88
CA GLY B 103 47.17 -15.36 -8.78
C GLY B 103 47.00 -14.03 -8.10
N TRP B 104 46.03 -14.01 -7.18
CA TRP B 104 45.63 -12.82 -6.46
C TRP B 104 45.39 -13.17 -5.00
N ILE B 105 45.59 -12.17 -4.14
CA ILE B 105 45.32 -12.29 -2.72
C ILE B 105 44.40 -11.14 -2.33
N PHE B 106 43.35 -11.46 -1.57
CA PHE B 106 42.34 -10.49 -1.18
C PHE B 106 42.16 -10.55 0.33
N GLY B 107 41.85 -9.41 0.92
CA GLY B 107 41.57 -9.35 2.34
C GLY B 107 41.66 -7.93 2.85
N THR B 108 41.31 -7.78 4.13
CA THR B 108 41.33 -6.48 4.79
C THR B 108 42.68 -6.16 5.39
N THR B 109 43.21 -7.04 6.24
CA THR B 109 44.51 -6.83 6.85
C THR B 109 45.61 -7.68 6.24
N LEU B 110 45.26 -8.70 5.47
CA LEU B 110 46.23 -9.56 4.78
C LEU B 110 47.21 -10.19 5.77
N ASP B 111 46.71 -10.59 6.94
CA ASP B 111 47.53 -11.25 7.95
C ASP B 111 46.68 -12.32 8.64
N SER B 112 47.29 -13.00 9.62
CA SER B 112 46.59 -14.05 10.35
C SER B 112 45.46 -13.51 11.21
N LYS B 113 45.41 -12.20 11.45
CA LYS B 113 44.35 -11.65 12.30
C LYS B 113 42.97 -11.83 11.67
N THR B 114 42.86 -11.66 10.36
CA THR B 114 41.59 -11.70 9.66
C THR B 114 41.66 -12.69 8.51
N GLN B 115 40.48 -13.19 8.11
CA GLN B 115 40.40 -14.16 7.03
C GLN B 115 40.82 -13.54 5.70
N SER B 116 41.56 -14.31 4.91
CA SER B 116 42.09 -13.84 3.63
C SER B 116 41.90 -14.90 2.56
N LEU B 117 41.71 -14.44 1.33
CA LEU B 117 41.42 -15.32 0.20
C LEU B 117 42.59 -15.31 -0.77
N LEU B 118 42.99 -16.50 -1.22
CA LEU B 118 44.09 -16.66 -2.16
C LEU B 118 43.59 -17.47 -3.35
N ILE B 119 43.70 -16.90 -4.54
CA ILE B 119 43.22 -17.53 -5.77
C ILE B 119 44.39 -17.61 -6.72
N VAL B 120 44.91 -18.81 -6.96
CA VAL B 120 46.09 -18.97 -7.80
C VAL B 120 45.79 -20.00 -8.88
N ASN B 121 46.54 -19.92 -9.97
CA ASN B 121 46.45 -20.88 -11.08
C ASN B 121 47.87 -21.38 -11.34
N ASN B 122 48.27 -22.43 -10.62
CA ASN B 122 49.61 -22.98 -10.78
C ASN B 122 49.66 -23.88 -12.01
N ALA B 123 50.82 -24.51 -12.22
CA ALA B 123 50.99 -25.37 -13.38
C ALA B 123 50.06 -26.57 -13.33
N THR B 124 49.70 -27.04 -12.14
CA THR B 124 48.83 -28.20 -12.02
C THR B 124 47.37 -27.82 -12.20
N ASN B 125 46.84 -26.95 -11.34
CA ASN B 125 45.42 -26.65 -11.35
C ASN B 125 45.19 -25.30 -10.69
N VAL B 126 43.91 -24.97 -10.50
CA VAL B 126 43.50 -23.73 -9.85
C VAL B 126 43.21 -24.01 -8.38
N VAL B 127 43.83 -23.23 -7.50
CA VAL B 127 43.68 -23.40 -6.05
C VAL B 127 43.07 -22.14 -5.47
N ILE B 128 41.93 -22.29 -4.80
CA ILE B 128 41.22 -21.19 -4.17
C ILE B 128 41.06 -21.54 -2.70
N LYS B 129 41.66 -20.73 -1.82
CA LYS B 129 41.68 -21.03 -0.39
C LYS B 129 41.31 -19.80 0.42
N VAL B 130 40.40 -19.97 1.36
CA VAL B 130 40.02 -18.92 2.29
C VAL B 130 40.52 -19.32 3.67
N CYS B 131 41.61 -18.70 4.11
CA CYS B 131 42.24 -19.05 5.38
C CYS B 131 42.85 -17.79 6.00
N GLU B 132 43.20 -17.89 7.28
CA GLU B 132 43.88 -16.81 7.97
C GLU B 132 45.37 -16.82 7.58
N PHE B 133 45.61 -16.55 6.30
CA PHE B 133 46.96 -16.59 5.77
C PHE B 133 47.81 -15.48 6.36
N GLN B 134 49.09 -15.77 6.53
CA GLN B 134 50.09 -14.77 6.90
C GLN B 134 50.98 -14.60 5.68
N PHE B 135 50.58 -13.70 4.78
CA PHE B 135 51.29 -13.52 3.53
C PHE B 135 52.70 -12.99 3.76
N CYS B 136 53.63 -13.45 2.92
CA CYS B 136 55.00 -12.97 2.99
C CYS B 136 55.08 -11.54 2.47
N ASN B 137 56.20 -10.88 2.81
CA ASN B 137 56.43 -9.53 2.29
C ASN B 137 56.54 -9.53 0.78
N ASP B 138 57.24 -10.52 0.22
CA ASP B 138 57.40 -10.66 -1.22
C ASP B 138 57.03 -12.08 -1.62
N PRO B 139 55.75 -12.33 -1.89
CA PRO B 139 55.35 -13.67 -2.38
C PRO B 139 56.10 -14.01 -3.65
N PHE B 140 56.58 -15.26 -3.71
CA PHE B 140 57.46 -15.70 -4.79
C PHE B 140 57.00 -17.04 -5.34
N LEU B 141 57.00 -17.15 -6.66
CA LEU B 141 56.77 -18.40 -7.35
C LEU B 141 57.89 -18.59 -8.36
N GLY B 142 58.57 -19.73 -8.32
CA GLY B 142 59.72 -19.93 -9.16
C GLY B 142 59.63 -21.16 -10.05
N VAL B 143 59.98 -20.99 -11.33
CA VAL B 143 60.02 -22.08 -12.29
C VAL B 143 61.42 -22.13 -12.89
N TYR B 144 61.96 -23.33 -13.00
CA TYR B 144 63.29 -23.54 -13.57
C TYR B 144 63.17 -24.36 -14.85
N TYR B 145 64.05 -24.06 -15.81
CA TYR B 145 64.02 -24.75 -17.10
C TYR B 145 64.74 -26.09 -16.97
N HIS B 146 64.00 -27.17 -17.19
CA HIS B 146 64.57 -28.52 -17.17
C HIS B 146 65.21 -28.76 -18.53
N LYS B 147 66.53 -28.63 -18.60
CA LYS B 147 67.23 -28.76 -19.87
C LYS B 147 67.08 -30.16 -20.45
N ASN B 148 67.12 -31.19 -19.60
CA ASN B 148 66.94 -32.56 -20.07
C ASN B 148 65.55 -32.77 -20.66
N ASN B 149 64.53 -32.24 -20.00
CA ASN B 149 63.15 -32.36 -20.47
C ASN B 149 62.77 -31.25 -21.46
N LYS B 150 63.59 -30.21 -21.59
CA LYS B 150 63.31 -29.09 -22.49
C LYS B 150 61.95 -28.45 -22.20
N SER B 151 61.63 -28.32 -20.91
CA SER B 151 60.37 -27.73 -20.50
C SER B 151 60.54 -27.11 -19.12
N TRP B 152 59.90 -25.97 -18.90
CA TRP B 152 59.92 -25.33 -17.59
C TRP B 152 59.05 -26.11 -16.61
N MET B 153 59.54 -26.21 -15.37
CA MET B 153 58.82 -26.91 -14.30
C MET B 153 58.88 -26.05 -13.05
N GLU B 154 57.73 -25.84 -12.42
CA GLU B 154 57.68 -25.06 -11.20
C GLU B 154 58.30 -25.84 -10.04
N SER B 155 59.12 -25.15 -9.25
CA SER B 155 59.78 -25.79 -8.11
C SER B 155 59.78 -24.93 -6.85
N GLU B 156 59.27 -23.71 -6.90
CA GLU B 156 59.27 -22.82 -5.74
C GLU B 156 57.89 -22.23 -5.55
N PHE B 157 57.39 -22.27 -4.31
CA PHE B 157 56.10 -21.69 -3.96
C PHE B 157 56.22 -21.15 -2.54
N ARG B 158 56.47 -19.85 -2.42
CA ARG B 158 56.63 -19.18 -1.12
C ARG B 158 55.74 -17.95 -1.14
N VAL B 159 54.49 -18.12 -0.73
CA VAL B 159 53.50 -17.05 -0.75
C VAL B 159 53.05 -16.67 0.66
N TYR B 160 52.77 -17.67 1.50
CA TYR B 160 52.34 -17.43 2.86
C TYR B 160 53.18 -18.25 3.83
N SER B 161 53.54 -17.65 4.96
CA SER B 161 54.29 -18.36 5.98
C SER B 161 53.41 -19.33 6.75
N SER B 162 52.15 -18.97 6.98
CA SER B 162 51.26 -19.80 7.78
C SER B 162 49.84 -19.71 7.24
N ALA B 163 49.04 -20.72 7.57
CA ALA B 163 47.64 -20.77 7.15
C ALA B 163 46.88 -21.57 8.20
N ASN B 164 46.00 -20.91 8.94
CA ASN B 164 45.27 -21.55 10.01
C ASN B 164 43.80 -21.17 9.94
N ASN B 165 42.95 -22.02 10.51
CA ASN B 165 41.51 -21.80 10.59
C ASN B 165 40.90 -21.55 9.21
N CYS B 166 41.19 -22.46 8.29
CA CYS B 166 40.65 -22.36 6.94
C CYS B 166 39.14 -22.49 6.95
N THR B 167 38.48 -21.64 6.17
CA THR B 167 37.02 -21.64 6.08
C THR B 167 36.49 -22.14 4.75
N PHE B 168 37.32 -22.23 3.71
CA PHE B 168 36.90 -22.75 2.43
C PHE B 168 38.12 -23.22 1.65
N GLU B 169 37.90 -24.19 0.77
CA GLU B 169 38.96 -24.71 -0.10
C GLU B 169 38.33 -25.21 -1.39
N TYR B 170 39.00 -24.96 -2.51
CA TYR B 170 38.52 -25.44 -3.81
C TYR B 170 39.71 -25.60 -4.73
N VAL B 171 39.95 -26.83 -5.19
CA VAL B 171 41.02 -27.13 -6.14
C VAL B 171 40.38 -27.71 -7.39
N SER B 172 40.68 -27.10 -8.54
CA SER B 172 40.15 -27.58 -9.80
C SER B 172 40.90 -28.85 -10.24
N GLN B 173 40.42 -29.43 -11.34
CA GLN B 173 41.06 -30.63 -11.87
C GLN B 173 42.47 -30.31 -12.38
N PRO B 174 43.41 -31.22 -12.19
CA PRO B 174 44.79 -30.95 -12.64
C PRO B 174 44.88 -30.81 -14.15
N PHE B 175 45.78 -29.94 -14.59
CA PHE B 175 46.08 -29.77 -16.01
C PHE B 175 47.54 -29.39 -16.16
N LEU B 176 47.93 -29.09 -17.39
CA LEU B 176 49.30 -28.70 -17.72
C LEU B 176 49.28 -27.32 -18.36
N MET B 177 49.81 -26.33 -17.65
CA MET B 177 49.88 -24.98 -18.19
C MET B 177 51.14 -24.80 -19.02
N ASP B 178 50.97 -24.17 -20.19
CA ASP B 178 52.09 -23.95 -21.09
C ASP B 178 53.01 -22.89 -20.49
N LEU B 179 54.28 -23.24 -20.34
CA LEU B 179 55.26 -22.32 -19.74
C LEU B 179 56.26 -21.83 -20.78
N PHE B 186 51.99 -11.80 -31.28
CA PHE B 186 50.87 -12.60 -30.81
C PHE B 186 50.87 -12.68 -29.28
N LYS B 187 50.06 -11.84 -28.65
CA LYS B 187 49.93 -11.81 -27.20
C LYS B 187 48.51 -12.23 -26.80
N ASN B 188 48.33 -12.43 -25.50
CA ASN B 188 47.05 -12.81 -24.93
C ASN B 188 46.63 -11.77 -23.91
N LEU B 189 45.35 -11.38 -23.97
CA LEU B 189 44.75 -10.47 -23.01
C LEU B 189 43.73 -11.25 -22.18
N ARG B 190 43.94 -11.26 -20.87
CA ARG B 190 43.05 -11.94 -19.93
C ARG B 190 42.42 -10.89 -19.04
N GLU B 191 41.11 -10.75 -19.14
CA GLU B 191 40.35 -9.78 -18.36
C GLU B 191 39.55 -10.51 -17.29
N PHE B 192 39.62 -10.00 -16.06
CA PHE B 192 38.93 -10.60 -14.93
C PHE B 192 38.18 -9.50 -14.19
N VAL B 193 37.03 -9.87 -13.64
CA VAL B 193 36.23 -8.98 -12.80
C VAL B 193 35.98 -9.71 -11.49
N PHE B 194 36.34 -9.06 -10.39
CA PHE B 194 36.12 -9.61 -9.06
C PHE B 194 35.14 -8.71 -8.32
N LYS B 195 34.01 -9.29 -7.90
CA LYS B 195 32.97 -8.52 -7.23
C LYS B 195 32.49 -9.28 -6.00
N ASN B 196 32.47 -8.63 -4.86
CA ASN B 196 32.08 -9.25 -3.60
C ASN B 196 30.77 -8.64 -3.14
N ILE B 197 29.67 -9.37 -3.35
CA ILE B 197 28.34 -8.86 -3.04
C ILE B 197 27.57 -9.93 -2.28
N ASP B 198 26.96 -9.53 -1.16
CA ASP B 198 26.08 -10.39 -0.37
C ASP B 198 26.78 -11.68 0.05
N GLY B 199 28.03 -11.56 0.46
CA GLY B 199 28.77 -12.72 0.88
C GLY B 199 29.19 -13.65 -0.24
N TYR B 200 29.03 -13.23 -1.48
CA TYR B 200 29.41 -14.03 -2.64
C TYR B 200 30.52 -13.34 -3.39
N PHE B 201 31.58 -14.09 -3.68
CA PHE B 201 32.71 -13.60 -4.47
C PHE B 201 32.52 -14.12 -5.88
N LYS B 202 32.34 -13.21 -6.82
CA LYS B 202 32.04 -13.55 -8.20
C LYS B 202 33.22 -13.17 -9.08
N ILE B 203 33.67 -14.11 -9.90
CA ILE B 203 34.80 -13.92 -10.79
C ILE B 203 34.30 -14.12 -12.21
N TYR B 204 34.50 -13.10 -13.05
CA TYR B 204 34.19 -13.15 -14.46
C TYR B 204 35.49 -13.09 -15.24
N SER B 205 35.57 -13.82 -16.35
CA SER B 205 36.83 -13.95 -17.06
C SER B 205 36.61 -13.92 -18.56
N LYS B 206 37.64 -13.48 -19.27
CA LYS B 206 37.63 -13.51 -20.73
C LYS B 206 39.08 -13.58 -21.22
N HIS B 207 39.28 -14.32 -22.30
CA HIS B 207 40.60 -14.51 -22.89
C HIS B 207 40.52 -14.17 -24.37
N THR B 208 41.40 -13.29 -24.83
CA THR B 208 41.40 -12.90 -26.23
C THR B 208 42.82 -12.90 -26.79
N PRO B 209 42.98 -13.34 -28.05
CA PRO B 209 44.26 -13.17 -28.75
C PRO B 209 44.40 -11.77 -29.30
N ILE B 210 45.31 -10.99 -28.72
CA ILE B 210 45.51 -9.60 -29.09
C ILE B 210 46.89 -9.47 -29.71
N ASN B 211 46.96 -8.78 -30.85
CA ASN B 211 48.22 -8.55 -31.55
C ASN B 211 48.87 -7.23 -31.16
N LEU B 212 48.24 -6.44 -30.31
CA LEU B 212 48.84 -5.17 -29.89
C LEU B 212 50.06 -5.41 -29.02
N VAL B 213 51.06 -4.54 -29.18
CA VAL B 213 52.30 -4.69 -28.44
C VAL B 213 52.26 -4.00 -27.09
N ARG B 214 51.67 -2.80 -27.00
CA ARG B 214 51.64 -2.06 -25.75
C ARG B 214 50.32 -1.31 -25.63
N GLY B 215 49.82 -1.23 -24.41
CA GLY B 215 48.59 -0.51 -24.14
C GLY B 215 47.36 -1.41 -24.12
N LEU B 216 46.34 -0.95 -23.42
CA LEU B 216 45.07 -1.68 -23.32
C LEU B 216 44.32 -1.54 -24.64
N PRO B 217 44.02 -2.64 -25.33
CA PRO B 217 43.40 -2.52 -26.66
C PRO B 217 41.99 -1.97 -26.59
N GLN B 218 41.59 -1.30 -27.66
CA GLN B 218 40.28 -0.67 -27.75
C GLN B 218 39.34 -1.60 -28.49
N GLY B 219 38.24 -1.96 -27.84
CA GLY B 219 37.26 -2.86 -28.43
C GLY B 219 36.28 -3.31 -27.36
N PHE B 220 35.34 -4.14 -27.80
CA PHE B 220 34.30 -4.65 -26.90
C PHE B 220 34.32 -6.17 -26.89
N SER B 221 34.24 -6.74 -25.69
CA SER B 221 34.21 -8.18 -25.52
C SER B 221 33.60 -8.49 -24.17
N ALA B 222 32.43 -9.13 -24.17
CA ALA B 222 31.74 -9.42 -22.92
C ALA B 222 32.47 -10.48 -22.13
N LEU B 223 32.32 -10.44 -20.81
CA LEU B 223 33.05 -11.31 -19.90
C LEU B 223 32.11 -12.37 -19.34
N GLU B 224 32.29 -13.61 -19.79
CA GLU B 224 31.51 -14.70 -19.27
C GLU B 224 31.88 -14.97 -17.81
N PRO B 225 30.88 -15.23 -16.95
CA PRO B 225 31.20 -15.56 -15.55
C PRO B 225 32.07 -16.80 -15.46
N LEU B 226 33.06 -16.75 -14.57
CA LEU B 226 33.94 -17.89 -14.35
C LEU B 226 33.46 -18.72 -13.17
N VAL B 227 33.30 -18.10 -12.00
CA VAL B 227 32.87 -18.85 -10.83
C VAL B 227 32.37 -17.93 -9.70
N ASP B 228 31.35 -18.38 -8.99
CA ASP B 228 30.86 -17.69 -7.80
C ASP B 228 31.08 -18.60 -6.60
N LEU B 229 31.60 -18.03 -5.53
CA LEU B 229 31.91 -18.76 -4.31
C LEU B 229 31.26 -18.09 -3.11
N PRO B 230 30.62 -18.85 -2.23
CA PRO B 230 30.01 -18.26 -1.03
C PRO B 230 31.02 -18.15 0.12
N ILE B 231 32.11 -17.42 -0.11
CA ILE B 231 33.15 -17.31 0.90
C ILE B 231 32.65 -16.51 2.10
N GLY B 232 31.85 -15.48 1.87
CA GLY B 232 31.26 -14.70 2.94
C GLY B 232 32.25 -13.97 3.82
N ILE B 233 33.26 -13.35 3.21
CA ILE B 233 34.27 -12.60 3.95
C ILE B 233 34.24 -11.16 3.48
N ASN B 234 34.89 -10.29 4.24
CA ASN B 234 35.01 -8.88 3.90
C ASN B 234 36.34 -8.64 3.20
N ILE B 235 36.30 -7.97 2.07
CA ILE B 235 37.49 -7.67 1.28
C ILE B 235 37.60 -6.17 1.06
N THR B 236 38.76 -5.61 1.37
CA THR B 236 39.02 -4.20 1.09
C THR B 236 40.31 -3.95 0.32
N ARG B 237 41.25 -4.89 0.31
CA ARG B 237 42.51 -4.71 -0.40
C ARG B 237 42.86 -6.01 -1.12
N PHE B 238 43.74 -5.89 -2.10
CA PHE B 238 44.17 -7.06 -2.85
C PHE B 238 45.52 -6.80 -3.48
N GLN B 239 46.13 -7.87 -3.97
CA GLN B 239 47.45 -7.78 -4.58
C GLN B 239 47.61 -8.92 -5.58
N THR B 240 48.47 -8.69 -6.57
CA THR B 240 48.74 -9.65 -7.63
C THR B 240 50.06 -10.37 -7.36
N LEU B 241 50.16 -11.61 -7.86
CA LEU B 241 51.36 -12.42 -7.73
C LEU B 241 51.83 -12.82 -9.12
N HIS B 242 53.12 -12.70 -9.37
CA HIS B 242 53.69 -13.00 -10.67
C HIS B 242 54.57 -14.23 -10.60
N ILE B 243 54.85 -14.81 -11.77
CA ILE B 243 55.73 -15.96 -11.88
C ILE B 243 57.15 -15.46 -12.11
N SER B 244 58.13 -16.24 -11.67
CA SER B 244 59.54 -15.93 -11.84
C SER B 244 60.21 -17.08 -12.56
N TYR B 245 61.11 -16.74 -13.50
CA TYR B 245 61.86 -17.72 -14.27
C TYR B 245 63.30 -17.71 -13.78
N LEU B 246 63.67 -18.73 -13.01
CA LEU B 246 65.05 -18.84 -12.54
C LEU B 246 65.95 -19.23 -13.70
N THR B 247 67.03 -18.47 -13.89
CA THR B 247 67.96 -18.68 -14.98
C THR B 247 69.38 -18.73 -14.45
N PRO B 248 70.26 -19.50 -15.12
CA PRO B 248 71.66 -19.53 -14.68
C PRO B 248 72.36 -18.18 -14.73
N GLY B 249 71.99 -17.32 -15.69
CA GLY B 249 72.59 -16.02 -15.81
C GLY B 249 73.99 -16.05 -16.39
N ALA B 257 63.01 -9.64 -21.11
CA ALA B 257 62.74 -8.21 -21.25
C ALA B 257 61.26 -7.95 -21.47
N GLY B 258 60.58 -8.94 -22.05
CA GLY B 258 59.16 -8.82 -22.32
C GLY B 258 58.30 -9.02 -21.09
N ALA B 259 58.41 -8.09 -20.14
CA ALA B 259 57.63 -8.16 -18.92
C ALA B 259 56.14 -7.98 -19.21
N ALA B 260 55.30 -8.67 -18.46
CA ALA B 260 53.86 -8.57 -18.69
C ALA B 260 53.34 -7.23 -18.18
N ALA B 261 52.11 -6.90 -18.57
CA ALA B 261 51.47 -5.68 -18.10
C ALA B 261 50.13 -6.03 -17.49
N TYR B 262 49.74 -5.28 -16.45
CA TYR B 262 48.40 -5.52 -15.82
C TYR B 262 47.70 -4.17 -15.58
N TYR B 263 46.49 -4.02 -16.13
CA TYR B 263 45.70 -2.77 -15.95
C TYR B 263 44.70 -2.99 -14.81
N VAL B 264 44.31 -1.93 -14.11
CA VAL B 264 43.40 -2.09 -12.93
C VAL B 264 42.37 -0.95 -12.88
N GLY B 265 41.08 -1.27 -13.00
CA GLY B 265 40.04 -0.26 -12.87
C GLY B 265 39.08 -0.66 -11.77
N TYR B 266 38.27 0.27 -11.28
CA TYR B 266 37.37 0.01 -10.16
C TYR B 266 35.92 0.09 -10.61
N LEU B 267 35.10 -0.85 -10.13
CA LEU B 267 33.71 -0.91 -10.53
C LEU B 267 32.86 0.09 -9.74
N GLN B 268 31.86 0.64 -10.41
CA GLN B 268 31.00 1.69 -9.90
C GLN B 268 29.55 1.34 -10.26
N PRO B 269 28.58 1.75 -9.43
CA PRO B 269 27.18 1.48 -9.76
C PRO B 269 26.71 2.28 -10.97
N ARG B 270 26.53 1.59 -12.10
CA ARG B 270 26.17 2.23 -13.36
C ARG B 270 25.04 1.44 -14.01
N THR B 271 24.26 2.13 -14.83
CA THR B 271 23.21 1.50 -15.61
C THR B 271 23.68 1.36 -17.03
N PHE B 272 23.69 0.14 -17.53
CA PHE B 272 24.18 -0.16 -18.87
C PHE B 272 23.04 -0.72 -19.70
N LEU B 273 22.96 -0.29 -20.94
CA LEU B 273 22.01 -0.86 -21.89
C LEU B 273 22.81 -1.85 -22.75
N LEU B 274 22.65 -3.13 -22.45
CA LEU B 274 23.39 -4.18 -23.14
C LEU B 274 22.61 -4.69 -24.34
N LYS B 275 23.32 -5.14 -25.37
CA LYS B 275 22.71 -5.64 -26.58
C LYS B 275 23.05 -7.12 -26.74
N TYR B 276 22.04 -7.97 -26.60
CA TYR B 276 22.20 -9.40 -26.80
C TYR B 276 21.83 -9.75 -28.24
N ASN B 277 22.70 -10.49 -28.92
CA ASN B 277 22.43 -10.95 -30.28
C ASN B 277 21.56 -12.19 -30.23
N GLU B 278 21.41 -12.86 -31.38
CA GLU B 278 20.55 -14.04 -31.44
C GLU B 278 21.08 -15.17 -30.56
N ASN B 279 22.40 -15.31 -30.47
CA ASN B 279 23.02 -16.38 -29.71
C ASN B 279 23.19 -16.02 -28.24
N GLY B 280 22.57 -14.95 -27.77
CA GLY B 280 22.62 -14.63 -26.36
C GLY B 280 23.89 -13.98 -25.90
N THR B 281 24.75 -13.54 -26.82
CA THR B 281 26.01 -12.90 -26.48
C THR B 281 25.82 -11.39 -26.42
N ILE B 282 26.44 -10.75 -25.43
CA ILE B 282 26.39 -9.30 -25.31
C ILE B 282 27.29 -8.73 -26.40
N THR B 283 26.68 -8.21 -27.47
CA THR B 283 27.44 -7.72 -28.61
C THR B 283 27.91 -6.29 -28.42
N ASP B 284 27.17 -5.48 -27.67
CA ASP B 284 27.51 -4.08 -27.46
C ASP B 284 26.88 -3.64 -26.14
N ALA B 285 27.25 -2.43 -25.72
CA ALA B 285 26.66 -1.87 -24.51
C ALA B 285 26.75 -0.36 -24.57
N VAL B 286 25.88 0.28 -23.81
CA VAL B 286 25.83 1.74 -23.72
C VAL B 286 25.89 2.12 -22.24
N ASP B 287 26.71 3.11 -21.93
CA ASP B 287 27.01 3.49 -20.55
C ASP B 287 25.85 4.20 -19.85
N CYS B 288 25.02 4.93 -20.57
CA CYS B 288 23.83 5.60 -20.03
C CYS B 288 24.15 6.74 -19.08
N ALA B 289 25.44 6.96 -18.82
CA ALA B 289 25.88 8.11 -18.03
C ALA B 289 27.17 8.69 -18.57
N LEU B 290 27.69 8.15 -19.67
CA LEU B 290 28.93 8.65 -20.23
C LEU B 290 28.74 10.07 -20.77
N ASP B 291 27.72 10.28 -21.56
CA ASP B 291 27.46 11.55 -22.22
C ASP B 291 25.96 11.69 -22.43
N PRO B 292 25.45 12.84 -22.90
CA PRO B 292 24.00 12.93 -23.14
C PRO B 292 23.49 11.99 -24.21
N LEU B 293 24.28 11.67 -25.23
CA LEU B 293 23.79 10.79 -26.28
C LEU B 293 23.51 9.39 -25.73
N SER B 294 24.37 8.91 -24.85
CA SER B 294 24.10 7.63 -24.20
C SER B 294 22.86 7.69 -23.33
N GLU B 295 22.62 8.80 -22.63
CA GLU B 295 21.38 8.93 -21.87
C GLU B 295 20.17 8.84 -22.78
N THR B 296 20.24 9.47 -23.96
CA THR B 296 19.14 9.36 -24.92
C THR B 296 18.95 7.92 -25.38
N LYS B 297 20.05 7.23 -25.68
CA LYS B 297 19.94 5.85 -26.15
C LYS B 297 19.31 4.96 -25.08
N CYS B 298 19.66 5.19 -23.81
CA CYS B 298 19.11 4.36 -22.75
C CYS B 298 17.68 4.77 -22.39
N THR B 299 17.31 6.01 -22.67
CA THR B 299 15.91 6.41 -22.52
C THR B 299 15.05 5.78 -23.60
N LEU B 300 15.56 5.73 -24.82
CA LEU B 300 14.83 5.17 -25.94
C LEU B 300 14.93 3.66 -26.04
N LYS B 301 15.81 3.04 -25.26
CA LYS B 301 16.06 1.59 -25.33
C LYS B 301 16.44 1.18 -26.74
N SER B 302 17.27 2.00 -27.39
CA SER B 302 17.65 1.74 -28.77
C SER B 302 19.04 2.29 -29.00
N PHE B 303 19.76 1.68 -29.94
CA PHE B 303 21.05 2.20 -30.37
C PHE B 303 20.95 3.16 -31.53
N THR B 304 19.79 3.26 -32.18
CA THR B 304 19.58 4.14 -33.34
C THR B 304 18.60 5.23 -32.94
N VAL B 305 19.15 6.36 -32.49
CA VAL B 305 18.32 7.51 -32.14
C VAL B 305 17.99 8.29 -33.40
N GLU B 306 16.70 8.57 -33.60
CA GLU B 306 16.28 9.36 -34.75
C GLU B 306 16.45 10.84 -34.43
N LYS B 307 16.24 11.69 -35.43
CA LYS B 307 16.36 13.13 -35.23
C LYS B 307 15.20 13.62 -34.39
N GLY B 308 15.50 14.44 -33.40
CA GLY B 308 14.48 14.97 -32.52
C GLY B 308 15.10 15.47 -31.23
N ILE B 309 14.23 15.76 -30.27
CA ILE B 309 14.63 16.24 -28.95
C ILE B 309 13.94 15.36 -27.92
N TYR B 310 14.74 14.73 -27.05
CA TYR B 310 14.25 13.71 -26.14
C TYR B 310 14.52 14.15 -24.71
N GLN B 311 13.48 14.17 -23.89
CA GLN B 311 13.65 14.49 -22.48
C GLN B 311 14.32 13.32 -21.80
N THR B 312 15.61 13.43 -21.53
CA THR B 312 16.34 12.33 -20.92
C THR B 312 16.24 12.37 -19.41
N SER B 313 16.48 13.51 -18.78
CA SER B 313 16.59 13.46 -17.33
C SER B 313 16.04 14.75 -16.75
N ASN B 314 16.36 15.00 -15.48
CA ASN B 314 15.83 16.16 -14.76
C ASN B 314 16.97 16.82 -14.00
N PHE B 315 17.47 17.94 -14.52
CA PHE B 315 18.51 18.70 -13.87
C PHE B 315 17.97 19.34 -12.60
N ARG B 316 18.76 19.26 -11.53
CA ARG B 316 18.42 19.84 -10.23
C ARG B 316 19.68 20.41 -9.60
N VAL B 317 19.63 21.66 -9.15
CA VAL B 317 20.76 22.24 -8.43
C VAL B 317 20.76 21.65 -7.02
N GLN B 318 21.78 20.86 -6.70
CA GLN B 318 21.88 20.28 -5.38
C GLN B 318 22.34 21.34 -4.37
N PRO B 319 21.91 21.21 -3.11
CA PRO B 319 22.25 22.24 -2.11
C PRO B 319 23.76 22.32 -1.87
N THR B 320 24.23 23.54 -1.60
CA THR B 320 25.66 23.73 -1.36
C THR B 320 26.05 23.36 0.06
N GLU B 321 25.30 23.85 1.05
CA GLU B 321 25.62 23.63 2.45
C GLU B 321 24.33 23.72 3.27
N SER B 322 24.47 23.59 4.59
CA SER B 322 23.34 23.61 5.51
C SER B 322 23.43 24.83 6.42
N ILE B 323 22.28 25.46 6.63
CA ILE B 323 22.15 26.64 7.49
C ILE B 323 21.13 26.30 8.57
N VAL B 324 21.45 26.64 9.81
CA VAL B 324 20.56 26.44 10.95
C VAL B 324 20.43 27.76 11.69
N ARG B 325 19.19 28.18 11.94
CA ARG B 325 18.92 29.45 12.60
C ARG B 325 17.99 29.22 13.79
N PHE B 326 18.42 29.63 14.96
CA PHE B 326 17.69 29.49 16.21
C PHE B 326 17.90 30.75 17.04
N PRO B 327 16.92 31.12 17.86
CA PRO B 327 17.03 32.40 18.57
C PRO B 327 18.20 32.41 19.55
N ASN B 328 18.59 33.62 20.00
CA ASN B 328 19.72 33.75 20.95
C ASN B 328 19.37 33.10 22.29
N ILE B 329 18.09 33.17 22.70
CA ILE B 329 17.64 32.58 24.00
C ILE B 329 18.69 32.81 25.09
N THR B 330 18.94 34.07 25.46
CA THR B 330 19.87 34.38 26.54
C THR B 330 19.49 33.76 27.87
N ASN B 331 18.28 33.23 28.00
CA ASN B 331 17.84 32.54 29.21
C ASN B 331 18.83 31.45 29.61
N LEU B 332 19.43 31.61 30.77
CA LEU B 332 20.43 30.68 31.28
C LEU B 332 19.90 30.05 32.57
N CYS B 333 19.91 28.73 32.62
CA CYS B 333 19.43 28.03 33.81
C CYS B 333 20.36 28.32 34.99
N PRO B 334 19.82 28.45 36.20
CA PRO B 334 20.63 28.83 37.37
C PRO B 334 21.49 27.68 37.91
N PHE B 335 22.35 27.13 37.05
CA PHE B 335 23.29 26.12 37.49
C PHE B 335 24.43 26.72 38.31
N GLY B 336 24.71 28.01 38.14
CA GLY B 336 25.69 28.68 38.96
C GLY B 336 25.23 28.98 40.37
N GLU B 337 23.94 28.82 40.64
CA GLU B 337 23.39 28.92 41.97
C GLU B 337 23.22 27.56 42.64
N VAL B 338 23.49 26.48 41.92
CA VAL B 338 23.41 25.15 42.50
C VAL B 338 24.79 24.48 42.59
N PHE B 339 25.71 24.79 41.68
CA PHE B 339 27.05 24.23 41.72
C PHE B 339 28.07 25.17 42.36
N ASN B 340 27.73 26.45 42.49
CA ASN B 340 28.60 27.42 43.13
C ASN B 340 28.00 27.93 44.44
N ALA B 341 27.12 27.14 45.04
CA ALA B 341 26.50 27.53 46.30
C ALA B 341 27.52 27.50 47.43
N THR B 342 27.41 28.47 48.35
CA THR B 342 28.32 28.52 49.48
C THR B 342 28.12 27.33 50.41
N ARG B 343 26.88 27.05 50.78
CA ARG B 343 26.55 25.95 51.68
C ARG B 343 25.63 24.96 50.97
N PHE B 344 25.96 23.68 51.07
CA PHE B 344 25.10 22.61 50.59
C PHE B 344 24.35 21.98 51.76
N ALA B 345 23.09 21.65 51.54
CA ALA B 345 22.27 21.11 52.60
C ALA B 345 22.76 19.73 53.03
N SER B 346 22.37 19.33 54.24
CA SER B 346 22.74 18.02 54.76
C SER B 346 22.08 16.93 53.92
N VAL B 347 22.67 15.73 53.97
CA VAL B 347 22.18 14.64 53.14
C VAL B 347 20.78 14.23 53.55
N TYR B 348 20.48 14.28 54.86
CA TYR B 348 19.13 13.96 55.32
C TYR B 348 18.14 15.07 54.98
N ALA B 349 18.62 16.29 54.73
CA ALA B 349 17.75 17.41 54.37
C ALA B 349 18.20 17.99 53.04
N TRP B 350 18.45 17.13 52.06
CA TRP B 350 18.99 17.55 50.78
C TRP B 350 18.10 18.60 50.11
N ASN B 351 18.73 19.63 49.55
CA ASN B 351 17.95 20.71 48.93
C ASN B 351 17.52 20.32 47.52
N ARG B 352 16.23 20.50 47.23
CA ARG B 352 15.68 20.24 45.91
C ARG B 352 15.27 21.55 45.26
N LYS B 353 15.77 21.79 44.05
CA LYS B 353 15.44 22.97 43.29
C LYS B 353 14.88 22.55 41.93
N ARG B 354 13.73 23.12 41.58
CA ARG B 354 13.09 22.83 40.30
C ARG B 354 13.55 23.86 39.27
N ILE B 355 13.96 23.38 38.10
CA ILE B 355 14.52 24.20 37.03
C ILE B 355 13.64 24.04 35.81
N SER B 356 13.16 25.17 35.29
CA SER B 356 12.28 25.23 34.14
C SER B 356 12.38 26.61 33.54
N ASN B 357 11.90 26.74 32.30
CA ASN B 357 11.83 28.02 31.59
C ASN B 357 13.22 28.64 31.44
N CYS B 358 14.17 27.84 30.96
CA CYS B 358 15.52 28.32 30.71
C CYS B 358 16.23 27.35 29.79
N VAL B 359 17.37 27.79 29.25
CA VAL B 359 18.22 26.96 28.42
C VAL B 359 19.40 26.51 29.27
N ALA B 360 19.62 25.20 29.33
CA ALA B 360 20.67 24.61 30.14
C ALA B 360 21.82 24.16 29.24
N ASP B 361 22.99 24.76 29.44
CA ASP B 361 24.18 24.40 28.68
C ASP B 361 24.97 23.39 29.49
N TYR B 362 24.62 22.11 29.28
CA TYR B 362 25.23 21.04 30.06
C TYR B 362 26.72 20.87 29.74
N SER B 363 27.14 21.26 28.55
CA SER B 363 28.56 21.17 28.21
C SER B 363 29.38 22.13 29.06
N VAL B 364 28.85 23.33 29.32
CA VAL B 364 29.58 24.32 30.11
C VAL B 364 29.81 23.80 31.53
N LEU B 365 28.75 23.24 32.15
CA LEU B 365 28.92 22.69 33.48
C LEU B 365 29.78 21.44 33.47
N TYR B 366 29.72 20.66 32.38
CA TYR B 366 30.56 19.47 32.27
C TYR B 366 32.03 19.84 32.28
N ASN B 367 32.41 20.83 31.48
CA ASN B 367 33.78 21.34 31.47
C ASN B 367 33.89 22.63 32.28
N SER B 368 33.63 22.51 33.58
CA SER B 368 33.64 23.68 34.46
C SER B 368 34.60 23.48 35.63
N ALA B 369 34.65 22.28 36.18
CA ALA B 369 35.47 22.02 37.37
C ALA B 369 35.92 20.56 37.31
N SER B 370 36.48 20.07 38.42
CA SER B 370 36.98 18.71 38.52
C SER B 370 35.92 17.86 39.21
N PHE B 371 35.01 17.31 38.42
CA PHE B 371 33.93 16.46 38.94
C PHE B 371 34.44 15.03 39.00
N SER B 372 34.63 14.52 40.23
CA SER B 372 35.14 13.16 40.41
C SER B 372 34.17 12.11 39.90
N THR B 373 32.88 12.43 39.82
CA THR B 373 31.87 11.48 39.36
C THR B 373 30.86 12.23 38.51
N PHE B 374 30.61 11.76 37.29
CA PHE B 374 29.62 12.33 36.39
C PHE B 374 28.75 11.22 35.79
N LYS B 375 28.20 10.38 36.66
CA LYS B 375 27.50 9.18 36.20
C LYS B 375 26.09 9.55 35.74
N CYS B 376 25.86 9.49 34.44
CA CYS B 376 24.55 9.79 33.86
C CYS B 376 23.88 8.48 33.49
N TYR B 377 22.72 8.20 34.10
CA TYR B 377 21.95 6.99 33.85
C TYR B 377 20.73 7.36 33.01
N GLY B 378 20.56 6.67 31.90
CA GLY B 378 19.44 6.90 31.00
C GLY B 378 19.70 7.86 29.87
N VAL B 379 20.80 8.60 29.89
CA VAL B 379 21.11 9.55 28.83
C VAL B 379 22.61 9.86 28.84
N SER B 380 23.23 9.86 27.66
CA SER B 380 24.63 10.21 27.57
C SER B 380 24.82 11.69 27.87
N PRO B 381 25.89 12.06 28.58
CA PRO B 381 26.10 13.49 28.89
C PRO B 381 26.24 14.36 27.65
N THR B 382 26.96 13.88 26.63
CA THR B 382 27.19 14.70 25.44
C THR B 382 25.89 14.98 24.68
N LYS B 383 24.87 14.14 24.87
CA LYS B 383 23.58 14.35 24.24
C LYS B 383 22.68 15.29 25.04
N LEU B 384 23.11 15.71 26.24
CA LEU B 384 22.26 16.56 27.07
C LEU B 384 21.93 17.88 26.41
N ASN B 385 22.83 18.38 25.54
CA ASN B 385 22.57 19.63 24.85
C ASN B 385 21.58 19.47 23.70
N ASP B 386 21.29 18.23 23.30
CA ASP B 386 20.42 17.96 22.17
C ASP B 386 19.03 17.52 22.59
N LEU B 387 18.66 17.66 23.86
CA LEU B 387 17.39 17.19 24.37
C LEU B 387 16.68 18.31 25.14
N CYS B 388 15.36 18.26 25.11
CA CYS B 388 14.50 19.17 25.86
C CYS B 388 13.82 18.40 26.97
N PHE B 389 13.87 18.94 28.19
CA PHE B 389 13.35 18.27 29.37
C PHE B 389 12.18 19.04 29.94
N THR B 390 11.19 18.31 30.49
CA THR B 390 10.04 18.94 31.11
C THR B 390 10.43 19.72 32.35
N ASN B 391 11.17 19.09 33.26
CA ASN B 391 11.64 19.72 34.48
C ASN B 391 13.00 19.16 34.83
N VAL B 392 13.83 19.96 35.50
CA VAL B 392 15.13 19.49 35.97
C VAL B 392 15.20 19.69 37.47
N TYR B 393 15.32 18.60 38.22
CA TYR B 393 15.40 18.68 39.67
C TYR B 393 16.84 18.51 40.11
N ALA B 394 17.35 19.51 40.84
CA ALA B 394 18.73 19.56 41.27
C ALA B 394 18.78 19.27 42.77
N ASP B 395 18.96 18.00 43.12
CA ASP B 395 19.05 17.60 44.52
C ASP B 395 20.50 17.71 44.97
N SER B 396 20.78 18.66 45.86
CA SER B 396 22.13 18.97 46.31
C SER B 396 22.29 18.57 47.77
N PHE B 397 23.41 17.93 48.07
CA PHE B 397 23.74 17.51 49.42
C PHE B 397 25.24 17.25 49.51
N VAL B 398 25.70 16.85 50.69
CA VAL B 398 27.10 16.56 50.95
C VAL B 398 27.20 15.15 51.51
N ILE B 399 28.08 14.33 50.94
CA ILE B 399 28.21 12.93 51.33
C ILE B 399 29.69 12.57 51.39
N ARG B 400 30.07 11.76 52.37
CA ARG B 400 31.46 11.36 52.49
C ARG B 400 31.87 10.49 51.29
N GLY B 401 33.18 10.38 51.09
CA GLY B 401 33.68 9.77 49.88
C GLY B 401 33.27 8.32 49.69
N ASP B 402 33.30 7.54 50.77
CA ASP B 402 32.99 6.12 50.67
C ASP B 402 31.52 5.86 50.32
N GLU B 403 30.62 6.80 50.63
CA GLU B 403 29.21 6.63 50.38
C GLU B 403 28.76 7.24 49.06
N VAL B 404 29.68 7.86 48.30
CA VAL B 404 29.31 8.45 47.02
C VAL B 404 28.79 7.38 46.07
N ARG B 405 29.42 6.21 46.07
CA ARG B 405 28.96 5.10 45.24
C ARG B 405 27.53 4.69 45.57
N GLN B 406 27.05 5.01 46.77
CA GLN B 406 25.67 4.68 47.14
C GLN B 406 24.65 5.58 46.45
N ILE B 407 25.07 6.66 45.81
CA ILE B 407 24.14 7.53 45.07
C ILE B 407 24.09 6.99 43.66
N ALA B 408 23.23 5.98 43.46
CA ALA B 408 23.03 5.33 42.18
C ALA B 408 21.82 4.40 42.28
N PRO B 409 21.11 4.16 41.18
CA PRO B 409 19.99 3.20 41.24
C PRO B 409 20.48 1.81 41.60
N GLY B 410 19.65 1.09 42.37
CA GLY B 410 20.01 -0.25 42.78
C GLY B 410 21.09 -0.34 43.83
N GLN B 411 21.30 0.72 44.60
CA GLN B 411 22.31 0.73 45.65
C GLN B 411 21.65 0.52 47.01
N THR B 412 22.41 -0.06 47.92
CA THR B 412 21.96 -0.32 49.28
C THR B 412 22.96 0.25 50.28
N GLY B 413 22.44 0.63 51.44
CA GLY B 413 23.28 1.19 52.48
C GLY B 413 22.56 2.23 53.32
N ASN B 414 23.26 2.79 54.31
CA ASN B 414 22.63 3.76 55.20
C ASN B 414 22.14 4.98 54.43
N ILE B 415 22.97 5.52 53.52
CA ILE B 415 22.57 6.68 52.74
C ILE B 415 21.38 6.33 51.85
N ALA B 416 21.53 5.30 51.01
CA ALA B 416 20.52 4.95 50.03
C ALA B 416 19.22 4.45 50.65
N ASP B 417 19.22 4.13 51.94
CA ASP B 417 18.02 3.63 52.60
C ASP B 417 17.38 4.61 53.57
N TYR B 418 18.16 5.48 54.22
CA TYR B 418 17.60 6.37 55.22
C TYR B 418 17.71 7.85 54.87
N ASN B 419 18.56 8.22 53.91
CA ASN B 419 18.82 9.61 53.62
C ASN B 419 18.35 10.02 52.23
N TYR B 420 18.79 9.32 51.18
CA TYR B 420 18.46 9.71 49.81
C TYR B 420 18.37 8.45 48.96
N LYS B 421 17.17 8.16 48.45
CA LYS B 421 16.91 6.96 47.66
C LYS B 421 16.65 7.35 46.21
N LEU B 422 17.44 6.80 45.29
CA LEU B 422 17.23 7.01 43.86
C LEU B 422 16.34 5.93 43.29
N PRO B 423 15.35 6.26 42.48
CA PRO B 423 14.47 5.24 41.91
C PRO B 423 15.21 4.33 40.95
N ASP B 424 14.71 3.10 40.83
CA ASP B 424 15.27 2.15 39.89
C ASP B 424 15.10 2.59 38.45
N ASP B 425 14.08 3.42 38.17
CA ASP B 425 13.86 4.00 36.85
C ASP B 425 14.40 5.41 36.75
N PHE B 426 15.51 5.70 37.45
CA PHE B 426 16.06 7.04 37.44
C PHE B 426 16.59 7.40 36.06
N THR B 427 16.29 8.64 35.64
CA THR B 427 16.71 9.16 34.34
C THR B 427 17.34 10.53 34.60
N GLY B 428 18.67 10.56 34.66
CA GLY B 428 19.37 11.79 34.93
C GLY B 428 20.81 11.53 35.28
N CYS B 429 21.50 12.61 35.63
CA CYS B 429 22.91 12.54 35.96
C CYS B 429 23.13 12.67 37.47
N VAL B 430 24.26 12.16 37.93
CA VAL B 430 24.73 12.32 39.30
C VAL B 430 26.15 12.86 39.22
N ILE B 431 26.36 14.05 39.78
CA ILE B 431 27.64 14.74 39.74
C ILE B 431 28.15 14.86 41.16
N ALA B 432 29.45 14.62 41.34
CA ALA B 432 30.05 14.67 42.66
C ALA B 432 31.51 15.10 42.52
N TRP B 433 31.91 16.06 43.35
CA TRP B 433 33.28 16.53 43.38
C TRP B 433 33.74 16.67 44.82
N ASN B 434 35.01 16.34 45.06
CA ASN B 434 35.60 16.35 46.39
C ASN B 434 35.81 17.79 46.83
N SER B 435 34.90 18.28 47.67
CA SER B 435 34.99 19.65 48.20
C SER B 435 35.59 19.58 49.60
N ASN B 436 36.90 19.34 49.64
CA ASN B 436 37.64 19.32 50.90
C ASN B 436 38.11 20.70 51.34
N ASN B 437 37.98 21.70 50.47
CA ASN B 437 38.39 23.07 50.79
C ASN B 437 37.22 23.92 51.27
N LEU B 438 36.01 23.37 51.33
CA LEU B 438 34.83 24.14 51.68
C LEU B 438 33.95 23.49 52.74
N ASP B 439 34.00 22.17 52.92
CA ASP B 439 33.13 21.48 53.88
C ASP B 439 33.93 20.71 54.93
N SER B 440 35.22 21.01 55.06
CA SER B 440 36.06 20.36 56.06
C SER B 440 36.77 21.43 56.87
N LYS B 441 36.74 21.28 58.19
CA LYS B 441 37.34 22.23 59.11
C LYS B 441 38.26 21.49 60.07
N VAL B 442 39.26 22.21 60.59
CA VAL B 442 40.30 21.57 61.38
C VAL B 442 39.72 20.94 62.63
N GLY B 443 38.85 21.66 63.35
CA GLY B 443 38.22 21.10 64.53
C GLY B 443 37.13 20.10 64.24
N GLY B 444 36.60 20.10 63.03
CA GLY B 444 35.52 19.19 62.67
C GLY B 444 34.25 19.91 62.27
N ASN B 445 33.79 19.69 61.04
CA ASN B 445 32.58 20.32 60.54
C ASN B 445 31.40 19.37 60.79
N TYR B 446 30.57 19.72 61.77
CA TYR B 446 29.45 18.87 62.18
C TYR B 446 28.11 19.37 61.65
N ASN B 447 28.11 20.30 60.70
CA ASN B 447 26.86 20.83 60.16
C ASN B 447 26.13 19.80 59.30
N TYR B 448 26.83 18.77 58.84
CA TYR B 448 26.24 17.76 57.95
C TYR B 448 25.92 16.51 58.78
N LEU B 449 24.66 16.10 58.75
CA LEU B 449 24.17 14.95 59.49
C LEU B 449 23.52 13.96 58.53
N TYR B 450 23.74 12.67 58.78
CA TYR B 450 23.11 11.61 58.01
C TYR B 450 22.24 10.77 58.93
N ARG B 451 21.06 10.39 58.45
CA ARG B 451 20.19 9.53 59.24
C ARG B 451 20.78 8.14 59.34
N LEU B 452 20.78 7.58 60.55
CA LEU B 452 21.39 6.29 60.82
C LEU B 452 20.39 5.22 61.23
N PHE B 453 19.27 5.59 61.85
CA PHE B 453 18.27 4.65 62.29
C PHE B 453 16.90 5.08 61.79
N ARG B 454 16.19 4.15 61.15
CA ARG B 454 14.85 4.42 60.65
C ARG B 454 14.08 3.11 60.60
N LYS B 455 12.74 3.22 60.69
CA LYS B 455 11.91 2.03 60.70
C LYS B 455 11.95 1.30 59.36
N SER B 456 11.80 2.04 58.26
CA SER B 456 11.77 1.46 56.93
C SER B 456 12.62 2.28 55.97
N ASN B 457 13.06 1.63 54.91
CA ASN B 457 13.88 2.31 53.89
C ASN B 457 13.06 3.37 53.17
N LEU B 458 13.73 4.45 52.80
CA LEU B 458 13.05 5.57 52.16
C LEU B 458 12.56 5.20 50.76
N LYS B 459 11.38 5.71 50.41
CA LYS B 459 10.90 5.63 49.04
C LYS B 459 11.72 6.56 48.16
N PRO B 460 11.77 6.30 46.86
CA PRO B 460 12.56 7.16 45.96
C PRO B 460 12.13 8.62 46.05
N PHE B 461 13.11 9.51 46.14
CA PHE B 461 12.90 10.96 46.22
C PHE B 461 11.97 11.32 47.37
N GLU B 462 12.40 10.97 48.58
CA GLU B 462 11.67 11.29 49.80
C GLU B 462 12.61 11.91 50.82
N ARG B 463 12.19 13.00 51.44
CA ARG B 463 12.95 13.68 52.47
C ARG B 463 12.25 13.47 53.81
N ASP B 464 12.97 12.93 54.78
CA ASP B 464 12.46 12.70 56.14
C ASP B 464 13.41 13.41 57.10
N ILE B 465 12.97 14.56 57.64
CA ILE B 465 13.81 15.38 58.50
C ILE B 465 13.33 15.30 59.94
N SER B 466 12.66 14.20 60.29
CA SER B 466 12.21 14.00 61.66
C SER B 466 13.38 13.62 62.55
N THR B 467 13.51 14.31 63.70
CA THR B 467 14.59 14.06 64.63
C THR B 467 14.12 13.34 65.89
N GLU B 468 12.97 12.68 65.83
CA GLU B 468 12.45 11.95 66.98
C GLU B 468 13.38 10.79 67.33
N ILE B 469 13.54 10.53 68.63
CA ILE B 469 14.42 9.47 69.08
C ILE B 469 13.90 8.13 68.59
N TYR B 470 14.79 7.34 67.98
CA TYR B 470 14.44 6.02 67.48
C TYR B 470 14.51 5.01 68.62
N GLN B 471 13.45 4.23 68.77
CA GLN B 471 13.34 3.22 69.83
C GLN B 471 13.80 1.89 69.27
N ALA B 472 14.97 1.43 69.72
CA ALA B 472 15.54 0.17 69.28
C ALA B 472 15.19 -1.00 70.19
N GLY B 473 14.42 -0.76 71.25
CA GLY B 473 14.07 -1.80 72.20
C GLY B 473 12.58 -1.83 72.47
N SER B 474 12.19 -2.72 73.37
CA SER B 474 10.79 -2.86 73.74
C SER B 474 10.33 -1.68 74.60
N THR B 475 11.18 -1.22 75.51
CA THR B 475 10.81 -0.13 76.41
C THR B 475 10.65 1.17 75.63
N PRO B 476 9.56 1.92 75.82
CA PRO B 476 9.41 3.19 75.12
C PRO B 476 10.43 4.22 75.59
N CYS B 477 10.77 5.12 74.68
CA CYS B 477 11.76 6.15 74.97
C CYS B 477 11.12 7.44 75.49
N ASN B 478 9.92 7.78 75.01
CA ASN B 478 9.19 8.96 75.46
C ASN B 478 10.00 10.24 75.24
N GLY B 479 10.72 10.29 74.12
CA GLY B 479 11.50 11.47 73.78
C GLY B 479 12.80 11.63 74.54
N VAL B 480 13.22 10.62 75.30
CA VAL B 480 14.46 10.67 76.06
C VAL B 480 15.39 9.59 75.53
N LYS B 481 16.60 9.99 75.14
CA LYS B 481 17.57 9.05 74.60
C LYS B 481 18.32 8.35 75.73
N GLY B 482 18.50 7.04 75.58
CA GLY B 482 19.18 6.25 76.59
C GLY B 482 19.40 4.83 76.12
N PHE B 483 19.14 3.86 77.00
CA PHE B 483 19.27 2.46 76.64
C PHE B 483 18.21 2.09 75.62
N ASN B 484 18.63 1.48 74.52
CA ASN B 484 17.75 1.11 73.41
C ASN B 484 16.99 2.32 72.85
N CYS B 485 17.60 3.49 72.92
CA CYS B 485 17.02 4.72 72.40
C CYS B 485 18.13 5.56 71.81
N TYR B 486 18.09 5.75 70.49
CA TYR B 486 19.19 6.37 69.77
C TYR B 486 18.70 7.54 68.93
N PHE B 487 19.51 8.60 68.89
CA PHE B 487 19.19 9.74 68.04
C PHE B 487 19.40 9.35 66.57
N PRO B 488 18.39 9.51 65.72
CA PRO B 488 18.50 9.00 64.34
C PRO B 488 19.63 9.62 63.54
N LEU B 489 19.93 10.90 63.77
CA LEU B 489 20.92 11.61 62.98
C LEU B 489 22.30 11.50 63.62
N GLN B 490 23.31 11.22 62.79
CA GLN B 490 24.70 11.17 63.24
C GLN B 490 25.52 12.11 62.37
N SER B 491 26.42 12.86 63.00
CA SER B 491 27.25 13.79 62.25
C SER B 491 28.40 13.06 61.55
N TYR B 492 28.96 13.73 60.54
CA TYR B 492 30.13 13.22 59.84
C TYR B 492 31.42 13.69 60.49
N GLY B 493 31.56 14.99 60.70
CA GLY B 493 32.77 15.55 61.28
C GLY B 493 33.94 15.57 60.32
N PHE B 494 33.76 16.24 59.19
CA PHE B 494 34.81 16.32 58.19
C PHE B 494 35.98 17.16 58.69
N GLN B 495 37.19 16.70 58.42
CA GLN B 495 38.42 17.41 58.74
C GLN B 495 39.35 17.36 57.54
N PRO B 496 40.20 18.37 57.37
CA PRO B 496 41.14 18.36 56.23
C PRO B 496 42.14 17.22 56.30
N THR B 497 42.39 16.65 57.48
CA THR B 497 43.34 15.57 57.64
C THR B 497 42.67 14.20 57.60
N TYR B 498 41.38 14.15 57.28
CA TYR B 498 40.68 12.87 57.16
C TYR B 498 41.13 12.13 55.91
N GLY B 499 40.71 10.87 55.81
CA GLY B 499 41.08 10.06 54.67
C GLY B 499 40.40 10.54 53.40
N VAL B 500 40.99 10.12 52.27
CA VAL B 500 40.47 10.52 50.96
C VAL B 500 39.04 10.03 50.79
N GLY B 501 38.75 8.81 51.25
CA GLY B 501 37.41 8.28 51.20
C GLY B 501 36.49 8.78 52.29
N TYR B 502 37.01 9.59 53.22
CA TYR B 502 36.21 10.17 54.29
C TYR B 502 36.06 11.68 54.13
N GLN B 503 36.42 12.22 52.98
CA GLN B 503 36.30 13.65 52.72
C GLN B 503 34.93 13.96 52.14
N PRO B 504 34.42 15.19 52.36
CA PRO B 504 33.08 15.53 51.85
C PRO B 504 33.11 15.77 50.34
N TYR B 505 32.15 15.15 49.65
CA TYR B 505 31.90 15.37 48.23
C TYR B 505 30.56 16.08 48.12
N ARG B 506 30.52 17.15 47.34
CA ARG B 506 29.29 17.89 47.12
C ARG B 506 28.54 17.27 45.94
N VAL B 507 27.49 16.52 46.25
CA VAL B 507 26.77 15.75 45.24
C VAL B 507 25.53 16.53 44.79
N VAL B 508 25.42 16.69 43.48
CA VAL B 508 24.25 17.28 42.84
C VAL B 508 23.68 16.24 41.90
N VAL B 509 22.44 15.82 42.14
CA VAL B 509 21.75 14.87 41.30
C VAL B 509 20.78 15.64 40.43
N LEU B 510 20.99 15.62 39.12
CA LEU B 510 20.08 16.23 38.17
C LEU B 510 19.11 15.16 37.66
N SER B 511 17.82 15.37 37.91
CA SER B 511 16.77 14.44 37.53
C SER B 511 15.95 15.13 36.44
N PHE B 512 16.09 14.65 35.22
CA PHE B 512 15.31 15.16 34.11
C PHE B 512 13.98 14.41 34.02
N GLU B 513 12.89 15.15 33.97
CA GLU B 513 11.57 14.54 33.78
C GLU B 513 11.36 14.40 32.27
N LEU B 514 11.77 13.25 31.75
CA LEU B 514 11.78 13.02 30.31
C LEU B 514 10.38 12.77 29.78
N LEU B 515 9.66 13.82 29.44
CA LEU B 515 8.32 13.73 28.87
C LEU B 515 8.20 14.45 27.54
N HIS B 516 8.86 15.59 27.39
CA HIS B 516 9.00 16.32 26.12
C HIS B 516 7.70 16.97 25.65
N ALA B 517 6.59 16.71 26.34
CA ALA B 517 5.34 17.33 25.92
C ALA B 517 5.31 18.80 26.34
N PRO B 518 5.46 19.13 27.67
CA PRO B 518 5.63 20.54 28.06
C PRO B 518 7.11 20.93 28.15
N ALA B 519 7.85 20.68 27.07
CA ALA B 519 9.29 20.89 27.08
C ALA B 519 9.63 22.36 27.29
N THR B 520 10.30 22.65 28.40
CA THR B 520 10.68 24.02 28.74
C THR B 520 12.17 24.18 29.03
N VAL B 521 12.87 23.11 29.38
CA VAL B 521 14.33 23.14 29.54
C VAL B 521 14.96 22.47 28.33
N CYS B 522 15.81 23.22 27.62
CA CYS B 522 16.50 22.70 26.45
C CYS B 522 17.96 23.10 26.51
N GLY B 523 18.75 22.55 25.58
CA GLY B 523 20.14 22.88 25.49
C GLY B 523 20.37 24.16 24.71
N PRO B 524 21.65 24.45 24.43
CA PRO B 524 21.97 25.64 23.62
C PRO B 524 21.46 25.49 22.19
N LYS B 525 21.53 26.57 21.42
CA LYS B 525 20.98 26.59 20.07
C LYS B 525 22.07 26.91 19.07
N LYS B 526 22.12 26.14 17.99
CA LYS B 526 23.18 26.30 17.00
C LYS B 526 23.03 27.60 16.21
N SER B 527 24.16 28.20 15.83
CA SER B 527 24.16 29.41 15.02
C SER B 527 25.12 29.22 13.86
N THR B 528 24.62 28.66 12.78
CA THR B 528 25.39 28.54 11.58
C THR B 528 25.16 29.78 10.72
N ASN B 529 26.26 30.36 10.21
CA ASN B 529 26.20 31.61 9.50
C ASN B 529 25.22 31.55 8.32
N LEU B 530 24.34 32.54 8.25
CA LEU B 530 23.36 32.61 7.18
C LEU B 530 24.03 32.82 5.83
N VAL B 531 23.57 32.09 4.82
CA VAL B 531 24.10 32.20 3.46
C VAL B 531 22.96 32.52 2.51
N LYS B 532 23.14 33.58 1.73
CA LYS B 532 22.10 34.05 0.82
C LYS B 532 22.54 33.87 -0.62
N ASN B 533 21.55 33.89 -1.52
CA ASN B 533 21.79 33.78 -2.97
C ASN B 533 22.47 32.47 -3.33
N LYS B 534 22.35 31.45 -2.47
CA LYS B 534 22.92 30.14 -2.75
C LYS B 534 21.94 29.07 -2.32
N CYS B 535 21.90 27.98 -3.08
CA CYS B 535 21.01 26.88 -2.74
C CYS B 535 21.52 26.15 -1.52
N VAL B 536 20.77 26.21 -0.42
CA VAL B 536 21.22 25.67 0.85
C VAL B 536 20.06 24.93 1.51
N ASN B 537 20.40 23.98 2.38
CA ASN B 537 19.43 23.28 3.20
C ASN B 537 19.25 24.09 4.48
N PHE B 538 18.13 24.79 4.57
CA PHE B 538 17.87 25.69 5.70
C PHE B 538 17.03 24.98 6.76
N ASN B 539 17.23 25.40 8.00
CA ASN B 539 16.50 24.89 9.16
C ASN B 539 16.20 26.08 10.06
N PHE B 540 14.99 26.61 9.97
CA PHE B 540 14.55 27.76 10.76
C PHE B 540 13.54 27.27 11.79
N ASN B 541 13.91 27.35 13.07
CA ASN B 541 13.02 26.99 14.18
C ASN B 541 12.48 25.57 14.03
N GLY B 542 13.33 24.65 13.59
CA GLY B 542 12.94 23.28 13.38
C GLY B 542 12.30 22.99 12.05
N LEU B 543 11.86 24.02 11.33
CA LEU B 543 11.30 23.85 10.00
C LEU B 543 12.43 23.68 9.00
N THR B 544 12.49 22.52 8.38
CA THR B 544 13.57 22.18 7.45
C THR B 544 13.09 22.32 6.01
N GLY B 545 14.02 22.66 5.14
CA GLY B 545 13.72 22.77 3.73
C GLY B 545 14.98 23.02 2.95
N THR B 546 14.83 23.09 1.63
CA THR B 546 15.94 23.36 0.74
C THR B 546 15.56 24.47 -0.22
N GLY B 547 16.41 25.47 -0.35
CA GLY B 547 16.10 26.57 -1.24
C GLY B 547 17.17 27.64 -1.21
N VAL B 548 16.90 28.70 -1.95
CA VAL B 548 17.78 29.85 -2.08
C VAL B 548 17.17 30.99 -1.27
N LEU B 549 17.94 31.55 -0.35
CA LEU B 549 17.47 32.60 0.54
C LEU B 549 17.92 33.95 0.00
N THR B 550 16.98 34.86 -0.16
CA THR B 550 17.31 36.19 -0.64
C THR B 550 16.66 37.22 0.27
N GLU B 551 17.19 38.45 0.23
CA GLU B 551 16.57 39.53 0.96
C GLU B 551 15.21 39.84 0.37
N SER B 552 14.25 40.16 1.24
CA SER B 552 12.87 40.37 0.84
C SER B 552 12.38 41.72 1.34
N ASN B 553 11.46 42.31 0.58
CA ASN B 553 10.82 43.56 0.94
C ASN B 553 9.46 43.35 1.59
N LYS B 554 9.09 42.12 1.90
CA LYS B 554 7.79 41.85 2.51
C LYS B 554 7.71 42.51 3.88
N LYS B 555 6.53 43.06 4.18
CA LYS B 555 6.31 43.77 5.44
C LYS B 555 5.61 42.81 6.42
N PHE B 556 6.41 41.95 7.04
CA PHE B 556 5.90 41.06 8.07
C PHE B 556 5.37 41.87 9.25
N LEU B 557 4.27 41.38 9.82
CA LEU B 557 3.83 41.93 11.09
C LEU B 557 4.63 41.30 12.22
N PRO B 558 4.83 42.02 13.32
CA PRO B 558 5.78 41.56 14.35
C PRO B 558 5.50 40.18 14.89
N PHE B 559 4.24 39.78 15.00
CA PHE B 559 3.90 38.49 15.57
C PHE B 559 4.06 37.35 14.58
N GLN B 560 4.32 37.63 13.32
CA GLN B 560 4.36 36.63 12.26
C GLN B 560 5.78 36.15 12.04
N GLN B 561 5.94 34.84 11.90
CA GLN B 561 7.26 34.22 11.74
C GLN B 561 7.59 33.90 10.29
N PHE B 562 6.65 33.33 9.55
CA PHE B 562 6.94 32.95 8.17
C PHE B 562 5.69 33.12 7.33
N GLY B 563 5.89 33.20 6.02
CA GLY B 563 4.82 33.48 5.09
C GLY B 563 4.70 32.38 4.05
N ARG B 564 3.45 32.02 3.74
CA ARG B 564 3.14 30.93 2.84
C ARG B 564 2.46 31.46 1.59
N ASP B 565 2.49 30.65 0.53
CA ASP B 565 1.91 31.03 -0.75
C ASP B 565 0.43 30.66 -0.76
N ILE B 566 -0.21 30.76 -1.94
CA ILE B 566 -1.61 30.41 -2.07
C ILE B 566 -1.83 28.92 -1.78
N ALA B 567 -0.89 28.07 -2.19
CA ALA B 567 -0.99 26.64 -1.99
C ALA B 567 -0.30 26.18 -0.70
N ASP B 568 -0.09 27.11 0.23
CA ASP B 568 0.49 26.80 1.54
C ASP B 568 1.87 26.16 1.41
N THR B 569 2.69 26.71 0.52
CA THR B 569 4.11 26.40 0.45
C THR B 569 4.87 27.55 1.08
N THR B 570 5.79 27.23 1.99
CA THR B 570 6.61 28.24 2.65
C THR B 570 7.31 29.12 1.62
N ASP B 571 7.04 30.41 1.69
CA ASP B 571 7.57 31.38 0.74
C ASP B 571 8.54 32.36 1.34
N ALA B 572 8.37 32.73 2.61
CA ALA B 572 9.31 33.59 3.29
C ALA B 572 9.45 33.12 4.72
N VAL B 573 10.59 33.45 5.34
CA VAL B 573 10.81 33.16 6.75
C VAL B 573 11.42 34.37 7.42
N ARG B 574 11.42 34.34 8.75
CA ARG B 574 12.09 35.35 9.55
C ARG B 574 13.21 34.67 10.33
N ASP B 575 14.41 35.23 10.25
CA ASP B 575 15.54 34.67 10.97
C ASP B 575 15.36 34.88 12.47
N PRO B 576 15.34 33.81 13.28
CA PRO B 576 15.18 34.01 14.72
C PRO B 576 16.28 34.86 15.36
N GLN B 577 17.51 34.77 14.86
CA GLN B 577 18.59 35.58 15.42
C GLN B 577 18.41 37.05 15.06
N THR B 578 18.45 37.36 13.78
CA THR B 578 18.24 38.73 13.31
C THR B 578 16.84 38.83 12.71
N LEU B 579 16.02 39.70 13.28
CA LEU B 579 14.61 39.81 12.88
C LEU B 579 14.55 40.43 11.50
N GLU B 580 14.84 39.61 10.50
CA GLU B 580 14.81 40.01 9.10
C GLU B 580 14.08 38.94 8.30
N ILE B 581 13.52 39.35 7.16
CA ILE B 581 12.66 38.49 6.36
C ILE B 581 13.43 38.06 5.12
N LEU B 582 13.48 36.74 4.90
CA LEU B 582 14.18 36.15 3.78
C LEU B 582 13.18 35.41 2.90
N ASP B 583 13.17 35.73 1.61
CA ASP B 583 12.39 34.97 0.65
C ASP B 583 13.10 33.67 0.35
N ILE B 584 12.34 32.58 0.26
CA ILE B 584 12.86 31.26 -0.05
C ILE B 584 12.36 30.87 -1.43
N THR B 585 13.28 30.65 -2.36
CA THR B 585 12.89 30.21 -3.68
C THR B 585 13.42 28.80 -3.93
N PRO B 586 12.67 27.95 -4.61
CA PRO B 586 13.16 26.60 -4.88
C PRO B 586 14.42 26.66 -5.73
N CYS B 587 15.36 25.75 -5.43
CA CYS B 587 16.57 25.65 -6.24
C CYS B 587 16.20 25.20 -7.65
N SER B 588 16.83 25.84 -8.63
CA SER B 588 16.39 25.70 -10.02
C SER B 588 16.46 24.26 -10.49
N PHE B 589 15.39 23.81 -11.14
CA PHE B 589 15.30 22.47 -11.69
C PHE B 589 14.61 22.55 -13.04
N GLY B 590 14.78 21.51 -13.84
CA GLY B 590 14.14 21.46 -15.14
C GLY B 590 14.54 20.28 -15.96
N GLY B 591 13.67 19.82 -16.84
CA GLY B 591 14.00 18.70 -17.70
C GLY B 591 15.21 18.94 -18.57
N VAL B 592 16.10 17.97 -18.63
CA VAL B 592 17.21 17.96 -19.57
C VAL B 592 16.77 17.16 -20.78
N SER B 593 16.59 17.86 -21.90
CA SER B 593 16.29 17.29 -23.20
C SER B 593 17.55 17.33 -24.05
N VAL B 594 17.65 16.40 -25.00
CA VAL B 594 18.84 16.32 -25.83
C VAL B 594 18.43 16.48 -27.28
N ILE B 595 18.85 17.59 -27.88
CA ILE B 595 18.63 17.86 -29.29
C ILE B 595 19.68 17.07 -30.07
N THR B 596 19.26 16.06 -30.80
CA THR B 596 20.17 15.23 -31.56
C THR B 596 19.67 15.10 -32.98
N PRO B 597 20.51 15.28 -33.99
CA PRO B 597 20.21 14.71 -35.30
C PRO B 597 20.25 13.20 -35.21
N GLY B 598 19.75 12.55 -36.23
CA GLY B 598 19.83 11.10 -36.26
C GLY B 598 21.24 10.62 -36.03
N THR B 599 21.41 9.57 -35.21
CA THR B 599 22.73 8.99 -35.07
C THR B 599 23.26 8.49 -36.40
N ASN B 600 22.36 8.16 -37.33
CA ASN B 600 22.77 7.87 -38.69
C ASN B 600 23.43 9.08 -39.34
N THR B 601 22.95 10.29 -39.04
CA THR B 601 23.54 11.50 -39.60
C THR B 601 24.80 11.90 -38.85
N SER B 602 24.71 12.05 -37.54
CA SER B 602 25.85 12.48 -36.75
C SER B 602 25.67 12.06 -35.30
N ASN B 603 26.77 12.13 -34.55
CA ASN B 603 26.77 11.83 -33.13
C ASN B 603 26.90 13.06 -32.25
N GLN B 604 26.96 14.26 -32.83
CA GLN B 604 26.98 15.49 -32.06
C GLN B 604 25.58 15.80 -31.53
N VAL B 605 25.51 16.27 -30.29
CA VAL B 605 24.25 16.62 -29.66
C VAL B 605 24.35 17.98 -28.99
N ALA B 606 23.19 18.61 -28.81
CA ALA B 606 23.02 19.77 -27.97
C ALA B 606 22.10 19.40 -26.81
N VAL B 607 22.17 20.16 -25.73
CA VAL B 607 21.44 19.85 -24.50
C VAL B 607 20.66 21.07 -24.07
N LEU B 608 19.36 20.89 -23.85
CA LEU B 608 18.47 21.96 -23.43
C LEU B 608 18.05 21.71 -21.99
N TYR B 609 18.43 22.62 -21.10
CA TYR B 609 18.01 22.61 -19.71
C TYR B 609 16.77 23.50 -19.62
N GLN B 610 15.61 22.87 -19.46
CA GLN B 610 14.35 23.57 -19.67
C GLN B 610 14.04 24.52 -18.53
N GLY B 611 13.83 25.79 -18.87
CA GLY B 611 13.40 26.76 -17.89
C GLY B 611 14.39 27.02 -16.79
N VAL B 612 15.68 26.98 -17.11
CA VAL B 612 16.73 27.33 -16.17
C VAL B 612 17.55 28.43 -16.79
N ASN B 613 17.99 29.38 -15.96
CA ASN B 613 18.86 30.44 -16.44
C ASN B 613 20.22 29.86 -16.81
N CYS B 614 20.92 30.52 -17.73
CA CYS B 614 22.22 30.02 -18.14
C CYS B 614 23.30 30.45 -17.16
N THR B 615 23.03 30.26 -15.87
CA THR B 615 24.02 30.44 -14.83
C THR B 615 24.05 29.28 -13.84
N GLU B 616 23.00 28.47 -13.77
CA GLU B 616 22.92 27.35 -12.84
C GLU B 616 23.44 26.06 -13.44
N VAL B 617 23.90 26.07 -14.68
CA VAL B 617 24.43 24.86 -15.29
C VAL B 617 25.92 24.73 -15.00
N SER B 637 32.08 26.13 -24.53
CA SER B 637 31.29 25.81 -25.71
C SER B 637 30.30 26.92 -26.01
N ASN B 638 29.17 26.55 -26.61
CA ASN B 638 28.13 27.51 -26.96
C ASN B 638 27.00 27.45 -25.95
N VAL B 639 26.68 28.60 -25.36
CA VAL B 639 25.61 28.71 -24.38
C VAL B 639 24.65 29.80 -24.84
N PHE B 640 23.38 29.43 -25.00
CA PHE B 640 22.35 30.31 -25.51
C PHE B 640 21.20 30.31 -24.53
N GLN B 641 20.67 31.48 -24.22
CA GLN B 641 19.57 31.59 -23.26
C GLN B 641 18.28 31.87 -24.03
N THR B 642 17.40 30.88 -24.11
CA THR B 642 16.09 30.99 -24.71
C THR B 642 15.03 30.99 -23.63
N ARG B 643 13.84 31.47 -23.97
CA ARG B 643 12.73 31.40 -23.04
C ARG B 643 12.38 29.97 -22.67
N ALA B 644 12.74 29.00 -23.51
CA ALA B 644 12.55 27.60 -23.17
C ALA B 644 13.54 27.14 -22.12
N GLY B 645 14.74 27.67 -22.13
CA GLY B 645 15.75 27.28 -21.17
C GLY B 645 17.13 27.60 -21.70
N CYS B 646 18.11 26.89 -21.16
CA CYS B 646 19.51 27.11 -21.51
C CYS B 646 19.96 26.04 -22.49
N LEU B 647 20.44 26.45 -23.65
CA LEU B 647 20.84 25.55 -24.72
C LEU B 647 22.35 25.53 -24.83
N ILE B 648 22.93 24.34 -24.70
CA ILE B 648 24.37 24.17 -24.66
C ILE B 648 24.78 23.24 -25.80
N GLY B 649 25.71 23.70 -26.62
CA GLY B 649 26.17 22.90 -27.73
C GLY B 649 25.54 23.24 -29.06
N ALA B 650 24.68 24.25 -29.12
CA ALA B 650 24.08 24.71 -30.37
C ALA B 650 24.45 26.18 -30.59
N GLU B 651 24.93 26.48 -31.79
CA GLU B 651 25.36 27.82 -32.15
C GLU B 651 24.16 28.63 -32.59
N HIS B 652 23.96 29.81 -32.00
CA HIS B 652 22.85 30.65 -32.40
C HIS B 652 23.11 31.25 -33.77
N VAL B 653 22.05 31.39 -34.55
CA VAL B 653 22.15 31.87 -35.93
C VAL B 653 21.15 33.00 -36.12
N ASN B 654 21.62 34.11 -36.70
CA ASN B 654 20.73 35.24 -36.97
C ASN B 654 19.76 34.95 -38.10
N ASN B 655 20.05 33.95 -38.94
CA ASN B 655 19.12 33.56 -39.99
C ASN B 655 17.92 32.83 -39.41
N SER B 656 16.87 32.67 -40.21
CA SER B 656 15.70 31.91 -39.83
C SER B 656 15.41 30.89 -40.90
N TYR B 657 15.17 29.65 -40.49
CA TYR B 657 14.84 28.58 -41.42
C TYR B 657 13.57 27.91 -40.91
N GLU B 658 12.99 27.06 -41.74
CA GLU B 658 11.83 26.29 -41.31
C GLU B 658 12.21 25.43 -40.13
N CYS B 659 11.26 25.25 -39.21
CA CYS B 659 11.55 24.49 -38.01
C CYS B 659 11.93 23.07 -38.36
N ASP B 660 13.09 22.64 -37.88
CA ASP B 660 13.51 21.24 -37.99
C ASP B 660 13.22 20.50 -36.70
N ILE B 661 13.89 20.86 -35.62
CA ILE B 661 13.69 20.28 -34.32
C ILE B 661 13.10 21.35 -33.42
N PRO B 662 11.85 21.20 -32.99
CA PRO B 662 11.23 22.23 -32.17
C PRO B 662 11.81 22.31 -30.77
N ILE B 663 12.54 23.39 -30.49
CA ILE B 663 13.07 23.58 -29.14
C ILE B 663 12.03 24.27 -28.26
N GLY B 664 11.39 25.31 -28.78
CA GLY B 664 10.36 25.97 -28.02
C GLY B 664 10.52 27.47 -28.00
N ALA B 665 9.44 28.18 -27.65
CA ALA B 665 9.42 29.63 -27.55
C ALA B 665 9.85 30.29 -28.85
N GLY B 666 9.51 29.68 -29.97
CA GLY B 666 9.88 30.21 -31.26
C GLY B 666 11.26 29.82 -31.75
N ILE B 667 11.99 29.01 -31.01
CA ILE B 667 13.34 28.62 -31.38
C ILE B 667 13.33 27.16 -31.83
N CYS B 668 14.03 26.88 -32.92
CA CYS B 668 14.18 25.54 -33.47
C CYS B 668 15.65 25.25 -33.72
N ALA B 669 16.00 23.97 -33.74
CA ALA B 669 17.37 23.54 -33.94
C ALA B 669 17.48 22.66 -35.17
N SER B 670 18.65 22.65 -35.78
CA SER B 670 18.89 21.80 -36.94
C SER B 670 20.37 21.54 -37.09
N TYR B 671 20.69 20.53 -37.91
CA TYR B 671 22.07 20.14 -38.16
C TYR B 671 22.53 20.76 -39.47
N GLN B 672 23.32 21.82 -39.38
CA GLN B 672 23.75 22.55 -40.56
C GLN B 672 25.16 23.08 -40.33
N THR B 673 25.81 23.45 -41.42
CA THR B 673 27.17 23.99 -41.36
C THR B 673 27.16 25.38 -40.71
N SER B 686 32.81 20.65 -39.90
CA SER B 686 32.16 21.82 -40.46
C SER B 686 30.70 21.87 -40.02
N GLN B 687 29.99 20.76 -40.18
CA GLN B 687 28.60 20.69 -39.76
C GLN B 687 28.49 20.74 -38.25
N SER B 688 27.54 21.53 -37.76
CA SER B 688 27.29 21.69 -36.34
C SER B 688 25.79 21.71 -36.11
N ILE B 689 25.40 21.95 -34.86
CA ILE B 689 23.99 22.05 -34.50
C ILE B 689 23.69 23.52 -34.22
N ILE B 690 22.73 24.08 -34.94
CA ILE B 690 22.43 25.50 -34.89
C ILE B 690 21.03 25.70 -34.33
N ALA B 691 20.89 26.73 -33.51
CA ALA B 691 19.62 27.18 -32.98
C ALA B 691 19.26 28.50 -33.65
N TYR B 692 17.99 28.66 -33.98
CA TYR B 692 17.55 29.86 -34.66
C TYR B 692 16.09 30.09 -34.36
N THR B 693 15.62 31.28 -34.69
CA THR B 693 14.19 31.59 -34.64
C THR B 693 13.58 31.09 -35.93
N MET B 694 12.62 30.18 -35.82
CA MET B 694 12.09 29.53 -37.01
C MET B 694 11.31 30.50 -37.88
N SER B 695 11.37 30.28 -39.18
CA SER B 695 10.64 31.10 -40.14
C SER B 695 9.30 30.45 -40.43
N LEU B 696 8.25 31.25 -40.39
CA LEU B 696 6.91 30.74 -40.64
C LEU B 696 6.65 30.50 -42.11
N GLY B 697 7.51 30.99 -42.98
CA GLY B 697 7.31 30.84 -44.40
C GLY B 697 7.88 31.99 -45.18
N VAL B 698 7.73 31.96 -46.50
CA VAL B 698 8.19 33.05 -47.35
C VAL B 698 7.15 34.16 -47.37
N GLU B 699 7.58 35.39 -47.08
CA GLU B 699 6.68 36.52 -47.21
C GLU B 699 6.26 36.69 -48.66
N ASN B 700 4.97 36.90 -48.88
CA ASN B 700 4.44 37.07 -50.23
C ASN B 700 3.34 38.13 -50.18
N SER B 701 3.72 39.37 -50.41
CA SER B 701 2.72 40.42 -50.53
C SER B 701 1.97 40.25 -51.84
N VAL B 702 0.67 39.98 -51.73
CA VAL B 702 -0.17 39.81 -52.92
C VAL B 702 -0.23 41.13 -53.66
N ALA B 703 -0.11 41.07 -54.98
CA ALA B 703 -0.06 42.28 -55.79
C ALA B 703 -1.45 42.89 -55.98
N TYR B 704 -2.03 43.39 -54.90
CA TYR B 704 -3.41 43.86 -54.93
C TYR B 704 -3.50 45.28 -55.44
N SER B 705 -4.40 45.49 -56.38
CA SER B 705 -4.91 46.81 -56.70
C SER B 705 -6.39 46.65 -56.97
N ASN B 706 -7.12 47.76 -56.88
CA ASN B 706 -8.57 47.70 -56.93
C ASN B 706 -9.12 47.28 -58.30
N ASN B 707 -8.27 47.07 -59.29
CA ASN B 707 -8.77 46.69 -60.61
C ASN B 707 -7.90 45.63 -61.26
N SER B 708 -7.14 44.88 -60.47
CA SER B 708 -6.26 43.85 -61.01
C SER B 708 -6.73 42.52 -60.48
N ILE B 709 -6.91 41.55 -61.38
CA ILE B 709 -7.34 40.21 -61.02
C ILE B 709 -6.33 39.22 -61.58
N ALA B 710 -6.07 38.16 -60.83
CA ALA B 710 -5.24 37.07 -61.31
C ALA B 710 -6.16 35.93 -61.72
N ILE B 711 -5.96 35.40 -62.92
CA ILE B 711 -6.77 34.26 -63.35
C ILE B 711 -5.82 33.15 -63.81
N PRO B 712 -6.00 31.92 -63.34
CA PRO B 712 -5.11 30.83 -63.74
C PRO B 712 -5.41 30.33 -65.14
N THR B 713 -4.35 30.14 -65.92
CA THR B 713 -4.47 29.75 -67.31
C THR B 713 -4.29 28.25 -67.50
N ASN B 714 -4.08 27.51 -66.43
CA ASN B 714 -3.72 26.10 -66.52
C ASN B 714 -3.93 25.51 -65.13
N PHE B 715 -3.67 24.20 -65.01
CA PHE B 715 -4.00 23.52 -63.77
C PHE B 715 -3.11 22.29 -63.62
N THR B 716 -3.16 21.71 -62.43
CA THR B 716 -2.59 20.42 -62.14
C THR B 716 -3.65 19.56 -61.45
N ILE B 717 -3.56 18.26 -61.68
CA ILE B 717 -4.42 17.29 -61.00
C ILE B 717 -3.53 16.64 -59.93
N SER B 718 -3.67 17.10 -58.70
CA SER B 718 -2.82 16.63 -57.63
C SER B 718 -3.54 15.55 -56.83
N VAL B 719 -2.90 14.40 -56.69
CA VAL B 719 -3.40 13.32 -55.85
C VAL B 719 -2.58 13.33 -54.58
N THR B 720 -3.19 13.78 -53.48
CA THR B 720 -2.57 13.74 -52.18
C THR B 720 -3.10 12.53 -51.41
N THR B 721 -2.43 12.21 -50.31
CA THR B 721 -2.77 11.06 -49.49
C THR B 721 -3.12 11.50 -48.09
N GLU B 722 -4.24 10.99 -47.56
CA GLU B 722 -4.62 11.21 -46.17
C GLU B 722 -4.75 9.88 -45.48
N ILE B 723 -4.10 9.73 -44.33
CA ILE B 723 -4.08 8.47 -43.60
C ILE B 723 -4.82 8.66 -42.28
N LEU B 724 -5.82 7.81 -42.03
CA LEU B 724 -6.68 7.96 -40.87
C LEU B 724 -6.78 6.64 -40.12
N PRO B 725 -6.39 6.58 -38.85
CA PRO B 725 -6.68 5.38 -38.05
C PRO B 725 -8.19 5.16 -37.93
N VAL B 726 -8.58 3.88 -38.01
CA VAL B 726 -9.98 3.50 -37.93
C VAL B 726 -10.25 2.63 -36.71
N SER B 727 -9.38 1.69 -36.42
CA SER B 727 -9.56 0.82 -35.27
C SER B 727 -8.21 0.60 -34.58
N MET B 728 -8.28 0.22 -33.32
CA MET B 728 -7.14 -0.22 -32.56
C MET B 728 -7.33 -1.69 -32.22
N THR B 729 -6.26 -2.31 -31.74
CA THR B 729 -6.30 -3.73 -31.43
C THR B 729 -7.33 -4.03 -30.36
N LYS B 730 -8.14 -5.07 -30.59
CA LYS B 730 -9.10 -5.55 -29.60
C LYS B 730 -8.38 -6.50 -28.67
N THR B 731 -8.32 -6.16 -27.40
CA THR B 731 -7.75 -7.04 -26.38
C THR B 731 -8.76 -7.24 -25.27
N SER B 732 -8.70 -8.41 -24.64
CA SER B 732 -9.41 -8.71 -23.41
C SER B 732 -8.39 -9.17 -22.38
N VAL B 733 -8.66 -8.89 -21.11
CA VAL B 733 -7.75 -9.26 -20.03
C VAL B 733 -8.52 -10.07 -19.02
N ASP B 734 -7.98 -11.24 -18.68
CA ASP B 734 -8.50 -12.05 -17.58
C ASP B 734 -7.91 -11.51 -16.28
N CYS B 735 -8.75 -10.84 -15.49
CA CYS B 735 -8.29 -10.21 -14.26
C CYS B 735 -7.64 -11.21 -13.33
N THR B 736 -8.30 -12.35 -13.11
CA THR B 736 -7.79 -13.33 -12.16
C THR B 736 -6.44 -13.88 -12.59
N MET B 737 -6.31 -14.22 -13.88
CA MET B 737 -5.06 -14.81 -14.34
C MET B 737 -3.94 -13.78 -14.40
N TYR B 738 -4.27 -12.52 -14.70
CA TYR B 738 -3.23 -11.49 -14.72
C TYR B 738 -2.76 -11.16 -13.31
N ILE B 739 -3.69 -10.95 -12.38
CA ILE B 739 -3.31 -10.46 -11.06
C ILE B 739 -2.78 -11.60 -10.20
N CYS B 740 -3.45 -12.74 -10.23
CA CYS B 740 -3.25 -13.86 -9.30
C CYS B 740 -3.00 -15.13 -10.06
N GLY B 741 -2.13 -15.08 -11.07
CA GLY B 741 -1.98 -16.20 -11.98
C GLY B 741 -1.68 -17.52 -11.31
N ASP B 742 -2.65 -18.43 -11.33
CA ASP B 742 -2.52 -19.76 -10.73
C ASP B 742 -2.15 -19.67 -9.25
N SER B 743 -3.04 -19.08 -8.47
CA SER B 743 -2.81 -18.93 -7.05
C SER B 743 -4.16 -18.86 -6.36
N THR B 744 -4.53 -19.95 -5.67
CA THR B 744 -5.81 -19.98 -4.97
C THR B 744 -5.84 -18.97 -3.83
N GLU B 745 -4.73 -18.84 -3.09
CA GLU B 745 -4.68 -17.86 -2.01
C GLU B 745 -4.89 -16.46 -2.54
N CYS B 746 -4.20 -16.12 -3.63
CA CYS B 746 -4.34 -14.81 -4.24
C CYS B 746 -5.75 -14.60 -4.77
N SER B 747 -6.34 -15.62 -5.38
CA SER B 747 -7.69 -15.46 -5.92
C SER B 747 -8.71 -15.21 -4.81
N ASN B 748 -8.58 -15.95 -3.70
CA ASN B 748 -9.45 -15.72 -2.56
C ASN B 748 -9.27 -14.31 -2.01
N LEU B 749 -8.02 -13.85 -1.90
CA LEU B 749 -7.78 -12.48 -1.46
C LEU B 749 -8.39 -11.48 -2.43
N LEU B 750 -8.41 -11.84 -3.71
CA LEU B 750 -8.92 -10.93 -4.73
C LEU B 750 -10.42 -10.83 -4.69
N LEU B 751 -11.10 -11.85 -4.18
CA LEU B 751 -12.56 -11.79 -4.07
C LEU B 751 -13.04 -10.68 -3.15
N GLN B 752 -12.17 -10.13 -2.33
CA GLN B 752 -12.56 -9.05 -1.42
C GLN B 752 -12.69 -7.71 -2.12
N TYR B 753 -12.15 -7.57 -3.33
CA TYR B 753 -12.30 -6.34 -4.08
C TYR B 753 -13.59 -6.29 -4.86
N GLY B 754 -14.41 -7.32 -4.77
CA GLY B 754 -15.74 -7.25 -5.34
C GLY B 754 -15.71 -7.37 -6.84
N SER B 755 -16.63 -6.66 -7.50
CA SER B 755 -16.83 -6.76 -8.93
C SER B 755 -15.97 -5.72 -9.65
N PHE B 756 -14.67 -5.96 -9.65
CA PHE B 756 -13.75 -5.21 -10.48
C PHE B 756 -13.45 -5.92 -11.80
N CYS B 757 -13.41 -7.25 -11.75
CA CYS B 757 -13.21 -8.05 -12.96
C CYS B 757 -14.26 -7.72 -13.99
N THR B 758 -15.52 -7.75 -13.57
CA THR B 758 -16.62 -7.49 -14.50
C THR B 758 -16.51 -6.09 -15.06
N GLN B 759 -16.16 -5.11 -14.22
CA GLN B 759 -16.09 -3.73 -14.71
C GLN B 759 -14.96 -3.54 -15.72
N LEU B 760 -13.78 -4.07 -15.43
CA LEU B 760 -12.67 -3.95 -16.38
C LEU B 760 -12.98 -4.69 -17.67
N ASN B 761 -13.58 -5.86 -17.59
CA ASN B 761 -13.88 -6.60 -18.81
C ASN B 761 -15.03 -5.97 -19.58
N ARG B 762 -15.97 -5.32 -18.89
CA ARG B 762 -17.00 -4.57 -19.60
C ARG B 762 -16.41 -3.39 -20.35
N ALA B 763 -15.45 -2.69 -19.71
CA ALA B 763 -14.79 -1.60 -20.40
C ALA B 763 -14.08 -2.11 -21.65
N LEU B 764 -13.30 -3.18 -21.51
CA LEU B 764 -12.58 -3.70 -22.66
C LEU B 764 -13.51 -4.25 -23.72
N THR B 765 -14.63 -4.85 -23.32
CA THR B 765 -15.58 -5.40 -24.28
C THR B 765 -16.28 -4.29 -25.05
N GLY B 766 -16.66 -3.22 -24.37
CA GLY B 766 -17.18 -2.07 -25.07
C GLY B 766 -16.18 -1.49 -26.03
N ILE B 767 -14.91 -1.45 -25.64
CA ILE B 767 -13.85 -1.00 -26.54
C ILE B 767 -13.81 -1.86 -27.80
N ALA B 768 -13.84 -3.19 -27.62
CA ALA B 768 -13.71 -4.10 -28.76
C ALA B 768 -14.91 -4.01 -29.70
N VAL B 769 -16.12 -4.01 -29.13
CA VAL B 769 -17.32 -3.86 -29.95
C VAL B 769 -17.29 -2.54 -30.70
N GLU B 770 -16.79 -1.49 -30.04
CA GLU B 770 -16.66 -0.19 -30.69
C GLU B 770 -15.67 -0.25 -31.84
N GLN B 771 -14.58 -1.01 -31.69
CA GLN B 771 -13.61 -1.12 -32.77
C GLN B 771 -14.23 -1.77 -33.99
N ASP B 772 -15.01 -2.82 -33.77
CA ASP B 772 -15.73 -3.43 -34.88
C ASP B 772 -16.70 -2.44 -35.51
N LYS B 773 -17.39 -1.65 -34.70
CA LYS B 773 -18.32 -0.67 -35.24
C LYS B 773 -17.59 0.43 -36.02
N ASN B 774 -16.41 0.83 -35.55
CA ASN B 774 -15.61 1.81 -36.27
C ASN B 774 -15.29 1.34 -37.67
N THR B 775 -14.75 0.12 -37.77
CA THR B 775 -14.41 -0.42 -39.07
C THR B 775 -15.66 -0.57 -39.93
N GLN B 776 -16.75 -1.02 -39.33
CA GLN B 776 -17.99 -1.23 -40.08
C GLN B 776 -18.51 0.09 -40.64
N GLU B 777 -18.47 1.15 -39.83
CA GLU B 777 -18.99 2.44 -40.26
C GLU B 777 -18.15 3.02 -41.37
N VAL B 778 -16.83 2.87 -41.29
CA VAL B 778 -15.99 3.43 -42.36
C VAL B 778 -16.19 2.65 -43.65
N PHE B 779 -16.13 1.32 -43.61
CA PHE B 779 -15.98 0.56 -44.84
C PHE B 779 -17.29 0.02 -45.40
N ALA B 780 -18.25 -0.35 -44.56
CA ALA B 780 -19.51 -0.90 -45.03
C ALA B 780 -20.49 0.22 -45.38
N GLN B 781 -20.01 1.18 -46.17
CA GLN B 781 -20.82 2.26 -46.70
C GLN B 781 -21.45 1.93 -48.03
N VAL B 782 -21.10 0.82 -48.59
CA VAL B 782 -21.60 0.39 -49.89
C VAL B 782 -22.63 -0.71 -49.67
N LYS B 783 -23.70 -0.67 -50.45
CA LYS B 783 -24.80 -1.62 -50.32
C LYS B 783 -24.48 -2.95 -50.99
N GLN B 784 -24.07 -2.93 -52.24
CA GLN B 784 -23.73 -4.12 -53.00
C GLN B 784 -22.26 -4.12 -53.33
N ILE B 785 -21.66 -5.31 -53.38
CA ILE B 785 -20.25 -5.44 -53.71
C ILE B 785 -20.13 -5.20 -55.21
N TYR B 786 -19.72 -4.00 -55.60
CA TYR B 786 -19.60 -3.67 -57.02
C TYR B 786 -18.29 -4.18 -57.57
N LYS B 787 -18.31 -4.50 -58.86
CA LYS B 787 -17.13 -4.96 -59.57
C LYS B 787 -16.96 -4.18 -60.85
N THR B 788 -15.71 -3.84 -61.17
CA THR B 788 -15.41 -3.17 -62.43
C THR B 788 -15.48 -4.16 -63.58
N PRO B 789 -15.87 -3.69 -64.76
CA PRO B 789 -15.93 -4.56 -65.92
C PRO B 789 -14.54 -5.00 -66.34
N PRO B 790 -14.43 -6.12 -67.07
CA PRO B 790 -13.10 -6.57 -67.51
C PRO B 790 -12.39 -5.57 -68.40
N ILE B 791 -13.12 -4.79 -69.20
CA ILE B 791 -12.52 -3.81 -70.09
C ILE B 791 -12.33 -2.51 -69.31
N LYS B 792 -11.08 -2.15 -69.04
CA LYS B 792 -10.74 -0.96 -68.25
C LYS B 792 -10.53 0.18 -69.23
N ASP B 793 -11.63 0.78 -69.68
CA ASP B 793 -11.61 1.90 -70.61
C ASP B 793 -12.19 3.09 -69.87
N PHE B 794 -11.36 3.76 -69.08
CA PHE B 794 -11.79 4.81 -68.18
C PHE B 794 -11.38 6.18 -68.69
N GLY B 795 -11.47 6.36 -70.00
CA GLY B 795 -11.15 7.64 -70.61
C GLY B 795 -9.68 7.98 -70.61
N GLY B 796 -8.81 7.00 -70.44
CA GLY B 796 -7.40 7.22 -70.33
C GLY B 796 -6.87 7.18 -68.91
N PHE B 797 -7.74 7.27 -67.91
CA PHE B 797 -7.31 7.20 -66.53
C PHE B 797 -6.94 5.76 -66.18
N ASN B 798 -5.89 5.61 -65.39
CA ASN B 798 -5.29 4.31 -65.11
C ASN B 798 -5.38 4.05 -63.62
N PHE B 799 -6.32 3.19 -63.22
CA PHE B 799 -6.51 2.86 -61.81
C PHE B 799 -5.87 1.55 -61.43
N SER B 800 -4.99 1.01 -62.29
CA SER B 800 -4.43 -0.32 -62.08
C SER B 800 -3.75 -0.46 -60.73
N GLN B 801 -3.12 0.60 -60.24
CA GLN B 801 -2.42 0.54 -58.97
C GLN B 801 -3.36 0.66 -57.77
N ILE B 802 -4.63 0.98 -57.99
CA ILE B 802 -5.59 1.04 -56.91
C ILE B 802 -6.73 0.03 -57.06
N LEU B 803 -6.99 -0.49 -58.25
CA LEU B 803 -7.98 -1.55 -58.40
C LEU B 803 -7.43 -2.87 -57.88
N PRO B 804 -8.31 -3.77 -57.44
CA PRO B 804 -7.82 -5.03 -56.86
C PRO B 804 -7.03 -5.87 -57.84
N ASP B 805 -6.04 -6.57 -57.29
CA ASP B 805 -5.08 -7.33 -58.08
C ASP B 805 -5.38 -8.81 -57.96
N PRO B 806 -5.93 -9.46 -58.99
CA PRO B 806 -6.27 -10.89 -58.86
C PRO B 806 -5.06 -11.79 -58.68
N SER B 807 -3.87 -11.33 -59.06
CA SER B 807 -2.69 -12.18 -58.98
C SER B 807 -2.39 -12.57 -57.54
N LYS B 808 -2.51 -11.63 -56.61
CA LYS B 808 -2.30 -11.94 -55.21
C LYS B 808 -3.43 -12.85 -54.71
N PRO B 809 -3.12 -13.79 -53.82
CA PRO B 809 -4.20 -14.60 -53.21
C PRO B 809 -5.25 -13.75 -52.52
N SER B 810 -4.86 -12.62 -51.92
CA SER B 810 -5.82 -11.62 -51.47
C SER B 810 -6.05 -10.63 -52.60
N LYS B 811 -7.32 -10.40 -52.92
CA LYS B 811 -7.60 -9.47 -54.01
C LYS B 811 -7.33 -8.06 -53.54
N ARG B 812 -6.05 -7.73 -53.39
CA ARG B 812 -5.61 -6.50 -52.78
C ARG B 812 -4.75 -5.73 -53.75
N SER B 813 -4.97 -4.42 -53.83
CA SER B 813 -4.34 -3.62 -54.86
C SER B 813 -2.85 -3.43 -54.56
N PHE B 814 -2.14 -2.88 -55.55
CA PHE B 814 -0.70 -2.68 -55.41
C PHE B 814 -0.37 -1.69 -54.29
N ILE B 815 -1.10 -0.57 -54.23
CA ILE B 815 -0.85 0.43 -53.20
C ILE B 815 -1.27 -0.09 -51.83
N GLU B 816 -2.37 -0.84 -51.78
CA GLU B 816 -2.75 -1.48 -50.52
C GLU B 816 -1.68 -2.45 -50.05
N ASP B 817 -1.06 -3.18 -50.98
CA ASP B 817 0.05 -4.06 -50.63
C ASP B 817 1.22 -3.25 -50.08
N LEU B 818 1.55 -2.13 -50.71
CA LEU B 818 2.63 -1.28 -50.20
C LEU B 818 2.33 -0.81 -48.79
N LEU B 819 1.09 -0.39 -48.55
CA LEU B 819 0.71 0.09 -47.22
C LEU B 819 0.86 -1.02 -46.18
N PHE B 820 0.41 -2.23 -46.51
CA PHE B 820 0.48 -3.32 -45.54
C PHE B 820 1.91 -3.75 -45.29
N ASN B 821 2.78 -3.64 -46.29
CA ASN B 821 4.19 -3.90 -46.06
C ASN B 821 4.82 -2.81 -45.20
N LYS B 822 4.44 -1.55 -45.41
CA LYS B 822 5.05 -0.46 -44.66
C LYS B 822 4.64 -0.48 -43.19
N VAL B 823 3.37 -0.72 -42.90
CA VAL B 823 2.93 -0.75 -41.51
C VAL B 823 3.26 -2.10 -40.90
N THR B 824 3.99 -2.09 -39.79
CA THR B 824 4.42 -3.32 -39.15
C THR B 824 3.27 -4.02 -38.43
N PHE B 852 0.47 -12.66 -23.15
CA PHE B 852 0.05 -14.03 -22.86
C PHE B 852 0.11 -14.32 -21.36
N ASN B 853 -0.44 -13.40 -20.57
CA ASN B 853 -0.48 -13.52 -19.13
C ASN B 853 -1.90 -13.23 -18.65
N GLY B 854 -2.88 -13.89 -19.28
CA GLY B 854 -4.29 -13.57 -18.97
C GLY B 854 -4.78 -12.57 -19.99
N LEU B 855 -3.88 -12.07 -20.84
CA LEU B 855 -4.23 -11.06 -21.88
C LEU B 855 -4.34 -11.75 -23.23
N THR B 856 -5.46 -11.55 -23.94
CA THR B 856 -5.69 -12.17 -25.24
C THR B 856 -6.13 -11.10 -26.22
N VAL B 857 -5.80 -11.29 -27.48
CA VAL B 857 -6.09 -10.32 -28.53
C VAL B 857 -7.15 -10.93 -29.43
N LEU B 858 -8.36 -10.38 -29.39
CA LEU B 858 -9.44 -10.88 -30.20
C LEU B 858 -9.28 -10.45 -31.65
N PRO B 859 -9.60 -11.33 -32.60
CA PRO B 859 -9.50 -10.95 -34.01
C PRO B 859 -10.61 -10.00 -34.39
N PRO B 860 -10.38 -9.13 -35.37
CA PRO B 860 -11.46 -8.27 -35.87
C PRO B 860 -12.53 -9.07 -36.57
N LEU B 861 -13.75 -8.55 -36.53
CA LEU B 861 -14.87 -9.21 -37.19
C LEU B 861 -14.66 -9.24 -38.70
N LEU B 862 -14.20 -8.14 -39.28
CA LEU B 862 -13.95 -8.06 -40.71
C LEU B 862 -12.48 -8.37 -40.97
N THR B 863 -12.23 -9.47 -41.68
CA THR B 863 -10.87 -9.80 -42.07
C THR B 863 -10.36 -8.77 -43.06
N ASP B 864 -9.05 -8.79 -43.28
CA ASP B 864 -8.43 -7.88 -44.24
C ASP B 864 -8.94 -8.13 -45.65
N GLU B 865 -9.27 -9.37 -45.98
CA GLU B 865 -9.88 -9.66 -47.27
C GLU B 865 -11.25 -9.00 -47.38
N MET B 866 -12.02 -8.99 -46.29
CA MET B 866 -13.31 -8.33 -46.31
C MET B 866 -13.17 -6.82 -46.40
N ILE B 867 -12.20 -6.25 -45.69
CA ILE B 867 -11.94 -4.82 -45.80
C ILE B 867 -11.53 -4.46 -47.20
N ALA B 868 -10.68 -5.29 -47.83
CA ALA B 868 -10.23 -5.01 -49.18
C ALA B 868 -11.35 -5.19 -50.19
N GLN B 869 -12.24 -6.15 -49.97
CA GLN B 869 -13.40 -6.29 -50.84
C GLN B 869 -14.34 -5.11 -50.70
N TYR B 870 -14.50 -4.60 -49.48
CA TYR B 870 -15.27 -3.37 -49.27
C TYR B 870 -14.65 -2.19 -50.01
N THR B 871 -13.33 -2.01 -49.89
CA THR B 871 -12.69 -0.88 -50.55
C THR B 871 -12.71 -1.03 -52.07
N SER B 872 -12.62 -2.26 -52.58
CA SER B 872 -12.71 -2.46 -54.03
C SER B 872 -14.13 -2.24 -54.53
N ALA B 873 -15.14 -2.57 -53.73
CA ALA B 873 -16.52 -2.23 -54.09
C ALA B 873 -16.73 -0.73 -54.07
N LEU B 874 -16.15 -0.03 -53.10
CA LEU B 874 -16.21 1.43 -53.08
C LEU B 874 -15.52 2.03 -54.31
N LEU B 875 -14.35 1.50 -54.66
CA LEU B 875 -13.62 1.96 -55.84
C LEU B 875 -14.40 1.69 -57.11
N ALA B 876 -14.94 0.48 -57.25
CA ALA B 876 -15.69 0.15 -58.46
C ALA B 876 -16.93 1.00 -58.58
N GLY B 877 -17.64 1.23 -57.47
CA GLY B 877 -18.78 2.12 -57.50
C GLY B 877 -18.41 3.52 -57.93
N THR B 878 -17.35 4.07 -57.34
CA THR B 878 -16.91 5.41 -57.72
C THR B 878 -16.58 5.48 -59.20
N ILE B 879 -15.73 4.57 -59.68
CA ILE B 879 -15.27 4.62 -61.05
C ILE B 879 -16.40 4.38 -62.05
N THR B 880 -17.29 3.43 -61.78
CA THR B 880 -18.28 3.03 -62.77
C THR B 880 -19.61 3.75 -62.65
N SER B 881 -19.85 4.51 -61.59
CA SER B 881 -21.12 5.19 -61.45
C SER B 881 -21.04 6.62 -60.95
N GLY B 882 -19.94 7.03 -60.32
CA GLY B 882 -19.87 8.38 -59.80
C GLY B 882 -20.31 8.48 -58.36
N TRP B 883 -21.00 9.56 -58.02
CA TRP B 883 -21.55 9.66 -56.67
C TRP B 883 -22.87 8.93 -56.54
N THR B 884 -23.41 8.44 -57.65
CA THR B 884 -24.76 7.89 -57.67
C THR B 884 -24.91 6.70 -56.74
N PHE B 885 -23.90 5.85 -56.66
CA PHE B 885 -24.03 4.66 -55.84
C PHE B 885 -24.13 4.99 -54.37
N GLY B 886 -23.84 6.23 -53.97
CA GLY B 886 -24.07 6.62 -52.59
C GLY B 886 -25.49 7.02 -52.28
N ALA B 887 -26.26 7.40 -53.29
CA ALA B 887 -27.62 7.90 -53.10
C ALA B 887 -28.69 6.92 -53.51
N GLY B 888 -28.33 5.78 -54.10
CA GLY B 888 -29.31 4.81 -54.51
C GLY B 888 -28.71 3.70 -55.34
N ALA B 889 -29.35 3.38 -56.46
CA ALA B 889 -28.77 2.43 -57.39
C ALA B 889 -27.60 3.07 -58.12
N ALA B 890 -26.51 2.32 -58.25
CA ALA B 890 -25.36 2.81 -58.99
C ALA B 890 -25.71 2.92 -60.46
N LEU B 891 -25.65 4.15 -60.98
CA LEU B 891 -26.02 4.45 -62.35
C LEU B 891 -24.76 4.61 -63.16
N GLN B 892 -24.58 3.77 -64.17
CA GLN B 892 -23.34 3.81 -64.91
C GLN B 892 -23.20 5.13 -65.66
N ILE B 893 -21.96 5.59 -65.75
CA ILE B 893 -21.62 6.81 -66.48
C ILE B 893 -20.18 6.65 -66.95
N PRO B 894 -19.86 7.03 -68.18
CA PRO B 894 -18.46 6.96 -68.62
C PRO B 894 -17.58 7.87 -67.78
N PHE B 895 -16.34 7.45 -67.56
CA PHE B 895 -15.51 8.15 -66.59
C PHE B 895 -15.18 9.57 -67.02
N ALA B 896 -14.96 9.82 -68.29
CA ALA B 896 -14.72 11.20 -68.73
C ALA B 896 -15.96 12.06 -68.49
N MET B 897 -17.15 11.50 -68.69
CA MET B 897 -18.37 12.23 -68.36
C MET B 897 -18.46 12.51 -66.87
N GLN B 898 -18.11 11.54 -66.04
CA GLN B 898 -18.12 11.74 -64.60
C GLN B 898 -17.14 12.83 -64.21
N MET B 899 -15.97 12.84 -64.83
CA MET B 899 -14.98 13.86 -64.53
C MET B 899 -15.46 15.23 -64.96
N ALA B 900 -16.19 15.29 -66.06
CA ALA B 900 -16.80 16.55 -66.46
C ALA B 900 -17.76 17.04 -65.40
N TYR B 901 -18.51 16.11 -64.80
CA TYR B 901 -19.39 16.47 -63.69
C TYR B 901 -18.61 17.02 -62.51
N ARG B 902 -17.48 16.38 -62.18
CA ARG B 902 -16.66 16.85 -61.06
C ARG B 902 -16.09 18.25 -61.33
N PHE B 903 -15.63 18.48 -62.56
CA PHE B 903 -15.14 19.79 -62.93
C PHE B 903 -16.22 20.84 -62.80
N ASN B 904 -17.44 20.55 -63.25
CA ASN B 904 -18.56 21.44 -62.97
C ASN B 904 -18.76 21.63 -61.48
N GLY B 905 -18.53 20.59 -60.70
CA GLY B 905 -18.71 20.71 -59.26
C GLY B 905 -17.76 21.72 -58.63
N ILE B 906 -16.54 21.82 -59.14
CA ILE B 906 -15.58 22.78 -58.59
C ILE B 906 -15.65 24.13 -59.30
N GLY B 907 -16.63 24.34 -60.15
CA GLY B 907 -16.76 25.62 -60.81
C GLY B 907 -15.96 25.80 -62.08
N VAL B 908 -15.59 24.70 -62.76
CA VAL B 908 -14.92 24.74 -64.05
C VAL B 908 -15.82 24.05 -65.06
N THR B 909 -15.99 24.65 -66.23
CA THR B 909 -16.87 24.08 -67.24
C THR B 909 -16.36 22.71 -67.69
N GLN B 910 -17.29 21.81 -67.99
CA GLN B 910 -16.93 20.48 -68.48
C GLN B 910 -16.16 20.57 -69.78
N ASN B 911 -16.40 21.64 -70.53
CA ASN B 911 -15.63 21.98 -71.71
C ASN B 911 -14.14 21.78 -71.49
N VAL B 912 -13.64 22.21 -70.33
CA VAL B 912 -12.22 22.12 -70.02
C VAL B 912 -11.77 20.68 -69.93
N LEU B 913 -12.53 19.84 -69.24
CA LEU B 913 -12.17 18.43 -69.11
C LEU B 913 -12.12 17.78 -70.49
N TYR B 914 -13.14 18.01 -71.31
CA TYR B 914 -13.16 17.36 -72.61
C TYR B 914 -12.03 17.84 -73.50
N GLU B 915 -11.71 19.12 -73.47
CA GLU B 915 -10.66 19.66 -74.31
C GLU B 915 -9.27 19.34 -73.79
N ASN B 916 -9.12 18.98 -72.52
CA ASN B 916 -7.82 18.65 -71.99
C ASN B 916 -7.80 17.24 -71.41
N GLN B 917 -8.63 16.35 -71.94
CA GLN B 917 -8.86 15.07 -71.29
C GLN B 917 -7.59 14.24 -71.19
N LYS B 918 -6.81 14.22 -72.27
CA LYS B 918 -5.59 13.42 -72.28
C LYS B 918 -4.56 13.97 -71.30
N LEU B 919 -4.40 15.29 -71.26
CA LEU B 919 -3.48 15.90 -70.31
C LEU B 919 -3.90 15.62 -68.88
N ILE B 920 -5.19 15.75 -68.60
CA ILE B 920 -5.69 15.53 -67.24
C ILE B 920 -5.51 14.07 -66.84
N ALA B 921 -5.78 13.15 -67.76
CA ALA B 921 -5.56 11.73 -67.49
C ALA B 921 -4.09 11.44 -67.23
N ASN B 922 -3.19 12.04 -68.01
CA ASN B 922 -1.76 11.83 -67.77
C ASN B 922 -1.32 12.41 -66.44
N GLN B 923 -1.84 13.59 -66.09
CA GLN B 923 -1.50 14.17 -64.79
C GLN B 923 -1.99 13.30 -63.65
N PHE B 924 -3.19 12.74 -63.78
CA PHE B 924 -3.69 11.80 -62.79
C PHE B 924 -2.78 10.60 -62.68
N ASN B 925 -2.36 10.02 -63.81
CA ASN B 925 -1.51 8.85 -63.77
C ASN B 925 -0.17 9.16 -63.15
N SER B 926 0.42 10.31 -63.48
CA SER B 926 1.70 10.69 -62.89
C SER B 926 1.57 10.92 -61.38
N ALA B 927 0.47 11.54 -60.94
CA ALA B 927 0.26 11.75 -59.52
C ALA B 927 0.10 10.43 -58.78
N ILE B 928 -0.61 9.48 -59.39
CA ILE B 928 -0.74 8.15 -58.80
C ILE B 928 0.62 7.45 -58.75
N GLY B 929 1.43 7.60 -59.80
CA GLY B 929 2.76 7.02 -59.78
C GLY B 929 3.63 7.60 -58.69
N LYS B 930 3.55 8.90 -58.48
CA LYS B 930 4.30 9.53 -57.39
C LYS B 930 3.80 9.05 -56.04
N ILE B 931 2.49 8.81 -55.92
CA ILE B 931 1.95 8.24 -54.68
C ILE B 931 2.60 6.89 -54.41
N GLN B 932 2.67 6.06 -55.45
CA GLN B 932 3.33 4.76 -55.34
C GLN B 932 4.78 4.91 -54.91
N ASP B 933 5.51 5.79 -55.57
CA ASP B 933 6.93 5.98 -55.27
C ASP B 933 7.14 6.45 -53.84
N SER B 934 6.33 7.40 -53.39
CA SER B 934 6.46 7.90 -52.03
C SER B 934 6.15 6.81 -51.01
N LEU B 935 5.04 6.09 -51.19
CA LEU B 935 4.70 5.03 -50.25
C LEU B 935 5.70 3.88 -50.30
N SER B 936 6.45 3.74 -51.38
CA SER B 936 7.46 2.69 -51.45
C SER B 936 8.80 3.12 -50.86
N SER B 937 9.15 4.41 -50.96
CA SER B 937 10.43 4.89 -50.45
C SER B 937 10.33 5.36 -49.00
N THR B 938 9.50 6.36 -48.75
CA THR B 938 9.42 6.99 -47.42
C THR B 938 8.35 6.30 -46.59
N ALA B 939 8.74 5.80 -45.43
CA ALA B 939 7.83 5.13 -44.50
C ALA B 939 7.29 6.05 -43.42
N SER B 940 7.63 7.33 -43.44
CA SER B 940 7.12 8.25 -42.43
C SER B 940 5.71 8.74 -42.74
N ALA B 941 5.18 8.44 -43.93
CA ALA B 941 3.80 8.79 -44.23
C ALA B 941 2.82 8.03 -43.34
N LEU B 942 3.05 6.73 -43.15
CA LEU B 942 2.20 5.84 -42.38
C LEU B 942 2.35 6.02 -40.91
N GLY B 943 2.97 7.13 -40.49
CA GLY B 943 3.19 7.36 -39.08
C GLY B 943 1.93 7.37 -38.26
N LYS B 944 0.81 7.79 -38.85
CA LYS B 944 -0.46 7.89 -38.08
C LYS B 944 -0.92 6.50 -37.64
N LEU B 945 -0.85 5.51 -38.53
CA LEU B 945 -1.36 4.14 -38.24
C LEU B 945 -0.29 3.34 -37.49
N GLN B 946 0.99 3.67 -37.68
CA GLN B 946 2.09 2.95 -36.99
C GLN B 946 2.18 3.42 -35.53
N ASP B 947 2.08 4.73 -35.30
CA ASP B 947 2.09 5.23 -33.92
C ASP B 947 0.95 4.62 -33.12
N VAL B 948 -0.20 4.38 -33.77
CA VAL B 948 -1.28 3.67 -33.10
C VAL B 948 -0.80 2.28 -32.67
N VAL B 949 -0.19 1.56 -33.60
CA VAL B 949 0.30 0.21 -33.31
C VAL B 949 1.33 0.24 -32.20
N ASN B 950 2.26 1.20 -32.27
CA ASN B 950 3.32 1.32 -31.28
C ASN B 950 2.75 1.63 -29.90
N GLN B 951 1.77 2.53 -29.83
CA GLN B 951 1.15 2.85 -28.55
C GLN B 951 0.46 1.64 -27.96
N ASN B 952 -0.25 0.87 -28.77
CA ASN B 952 -0.90 -0.32 -28.26
C ASN B 952 0.11 -1.34 -27.75
N ALA B 953 1.18 -1.57 -28.52
CA ALA B 953 2.19 -2.54 -28.12
C ALA B 953 2.90 -2.10 -26.85
N GLN B 954 3.21 -0.81 -26.74
CA GLN B 954 3.83 -0.30 -25.53
C GLN B 954 2.89 -0.43 -24.34
N ALA B 955 1.60 -0.20 -24.54
CA ALA B 955 0.65 -0.36 -23.46
C ALA B 955 0.63 -1.79 -22.96
N LEU B 956 0.56 -2.75 -23.87
CA LEU B 956 0.57 -4.15 -23.46
C LEU B 956 1.88 -4.53 -22.79
N ASN B 957 3.01 -4.07 -23.33
CA ASN B 957 4.30 -4.41 -22.76
C ASN B 957 4.46 -3.81 -21.37
N THR B 958 4.01 -2.58 -21.17
CA THR B 958 4.06 -1.99 -19.84
C THR B 958 3.17 -2.75 -18.88
N LEU B 959 1.99 -3.17 -19.33
CA LEU B 959 1.12 -3.94 -18.47
C LEU B 959 1.78 -5.23 -18.02
N VAL B 960 2.41 -5.94 -18.96
CA VAL B 960 3.05 -7.21 -18.61
C VAL B 960 4.30 -6.99 -17.77
N LYS B 961 5.07 -5.93 -18.03
CA LYS B 961 6.24 -5.64 -17.23
C LYS B 961 5.90 -5.12 -15.85
N GLN B 962 4.65 -4.70 -15.61
CA GLN B 962 4.22 -4.39 -14.26
C GLN B 962 4.08 -5.63 -13.40
N LEU B 963 4.20 -6.82 -13.98
CA LEU B 963 4.13 -8.06 -13.24
C LEU B 963 5.44 -8.43 -12.60
N SER B 964 6.46 -7.59 -12.75
CA SER B 964 7.77 -7.82 -12.14
C SER B 964 8.08 -6.78 -11.07
N SER B 965 7.08 -6.08 -10.57
CA SER B 965 7.27 -5.04 -9.58
C SER B 965 6.84 -5.53 -8.22
N ASN B 966 7.57 -5.11 -7.18
CA ASN B 966 7.24 -5.50 -5.82
C ASN B 966 6.01 -4.78 -5.33
N PHE B 967 5.87 -3.50 -5.70
CA PHE B 967 4.82 -2.64 -5.16
C PHE B 967 4.90 -2.55 -3.65
N GLY B 968 6.10 -2.67 -3.09
CA GLY B 968 6.30 -2.69 -1.67
C GLY B 968 6.31 -4.06 -1.03
N ALA B 969 6.10 -5.12 -1.80
CA ALA B 969 6.12 -6.48 -1.29
C ALA B 969 7.55 -7.03 -1.35
N ILE B 970 7.73 -8.20 -0.73
CA ILE B 970 9.07 -8.78 -0.67
C ILE B 970 9.52 -9.27 -2.03
N SER B 971 8.58 -9.66 -2.89
CA SER B 971 8.93 -10.17 -4.20
C SER B 971 7.72 -10.01 -5.12
N SER B 972 7.98 -10.10 -6.41
CA SER B 972 6.89 -10.10 -7.38
C SER B 972 6.38 -11.49 -7.70
N VAL B 973 6.96 -12.52 -7.10
CA VAL B 973 6.56 -13.90 -7.36
C VAL B 973 5.65 -14.35 -6.24
N LEU B 974 4.39 -14.66 -6.58
CA LEU B 974 3.44 -15.13 -5.59
C LEU B 974 3.91 -16.43 -4.98
N ASN B 975 4.51 -17.30 -5.78
CA ASN B 975 4.99 -18.57 -5.26
C ASN B 975 6.10 -18.36 -4.23
N ASP B 976 7.02 -17.44 -4.51
CA ASP B 976 8.06 -17.12 -3.54
C ASP B 976 7.46 -16.54 -2.26
N ILE B 977 6.48 -15.64 -2.41
CA ILE B 977 5.85 -15.07 -1.23
C ILE B 977 5.12 -16.12 -0.40
N LEU B 978 4.51 -17.09 -1.07
CA LEU B 978 3.75 -18.13 -0.39
C LEU B 978 4.60 -19.27 0.12
N SER B 979 5.84 -19.38 -0.32
CA SER B 979 6.74 -20.42 0.17
C SER B 979 7.73 -19.91 1.20
N ARG B 980 8.17 -18.67 1.12
CA ARG B 980 9.13 -18.13 2.07
C ARG B 980 8.47 -17.43 3.25
N LEU B 981 7.15 -17.36 3.31
CA LEU B 981 6.45 -16.68 4.38
C LEU B 981 5.28 -17.51 4.88
N ASP B 982 4.84 -17.21 6.09
CA ASP B 982 3.67 -17.82 6.68
C ASP B 982 2.41 -17.28 6.00
N PRO B 983 1.29 -17.99 6.13
CA PRO B 983 0.04 -17.51 5.52
C PRO B 983 -0.34 -16.10 5.98
N PRO B 984 -0.19 -15.74 7.27
CA PRO B 984 -0.59 -14.39 7.69
C PRO B 984 0.19 -13.26 7.02
N GLU B 985 1.51 -13.31 7.06
CA GLU B 985 2.31 -12.26 6.41
C GLU B 985 2.22 -12.37 4.89
N ALA B 986 2.02 -13.58 4.38
CA ALA B 986 1.80 -13.74 2.95
C ALA B 986 0.53 -13.02 2.53
N GLU B 987 -0.48 -13.02 3.38
CA GLU B 987 -1.69 -12.28 3.05
C GLU B 987 -1.50 -10.77 3.09
N VAL B 988 -0.37 -10.28 3.59
CA VAL B 988 -0.06 -8.87 3.52
C VAL B 988 0.77 -8.55 2.27
N GLN B 989 1.79 -9.36 2.02
CA GLN B 989 2.61 -9.15 0.82
C GLN B 989 1.79 -9.37 -0.45
N ILE B 990 0.95 -10.40 -0.48
CA ILE B 990 0.09 -10.64 -1.63
C ILE B 990 -0.93 -9.52 -1.76
N ASP B 991 -1.38 -8.95 -0.65
CA ASP B 991 -2.28 -7.81 -0.75
C ASP B 991 -1.59 -6.63 -1.40
N ARG B 992 -0.32 -6.38 -1.05
CA ARG B 992 0.42 -5.32 -1.73
C ARG B 992 0.55 -5.60 -3.23
N LEU B 993 0.88 -6.84 -3.59
CA LEU B 993 0.99 -7.20 -5.01
C LEU B 993 -0.35 -7.06 -5.73
N ILE B 994 -1.44 -7.51 -5.10
CA ILE B 994 -2.76 -7.44 -5.71
C ILE B 994 -3.17 -6.00 -5.91
N THR B 995 -2.97 -5.16 -4.89
CA THR B 995 -3.32 -3.75 -5.03
C THR B 995 -2.51 -3.10 -6.15
N GLY B 996 -1.20 -3.35 -6.18
CA GLY B 996 -0.39 -2.79 -7.24
C GLY B 996 -0.75 -3.24 -8.62
N ARG B 997 -1.01 -4.54 -8.81
CA ARG B 997 -1.38 -5.08 -10.10
C ARG B 997 -2.79 -4.68 -10.52
N LEU B 998 -3.70 -4.56 -9.58
CA LEU B 998 -5.04 -4.08 -9.89
C LEU B 998 -5.01 -2.62 -10.29
N GLN B 999 -4.21 -1.82 -9.61
CA GLN B 999 -4.03 -0.43 -10.02
C GLN B 999 -3.38 -0.36 -11.39
N SER B 1000 -2.44 -1.27 -11.66
CA SER B 1000 -1.82 -1.34 -12.98
C SER B 1000 -2.85 -1.67 -14.06
N LEU B 1001 -3.75 -2.62 -13.79
CA LEU B 1001 -4.79 -2.98 -14.75
C LEU B 1001 -5.76 -1.83 -14.96
N GLN B 1002 -6.16 -1.15 -13.89
CA GLN B 1002 -7.06 -0.02 -14.02
C GLN B 1002 -6.42 1.10 -14.81
N THR B 1003 -5.12 1.33 -14.61
CA THR B 1003 -4.41 2.34 -15.40
C THR B 1003 -4.41 1.98 -16.87
N TYR B 1004 -4.13 0.70 -17.17
CA TYR B 1004 -4.19 0.25 -18.56
C TYR B 1004 -5.57 0.47 -19.16
N VAL B 1005 -6.61 0.10 -18.42
CA VAL B 1005 -7.97 0.19 -18.97
C VAL B 1005 -8.38 1.64 -19.15
N THR B 1006 -8.01 2.52 -18.22
CA THR B 1006 -8.33 3.93 -18.39
C THR B 1006 -7.64 4.52 -19.61
N GLN B 1007 -6.34 4.20 -19.77
CA GLN B 1007 -5.63 4.69 -20.95
C GLN B 1007 -6.24 4.13 -22.22
N GLN B 1008 -6.69 2.88 -22.18
CA GLN B 1008 -7.34 2.28 -23.35
C GLN B 1008 -8.67 2.97 -23.66
N LEU B 1009 -9.42 3.36 -22.64
CA LEU B 1009 -10.68 4.06 -22.85
C LEU B 1009 -10.45 5.42 -23.49
N ILE B 1010 -9.44 6.16 -23.01
CA ILE B 1010 -9.11 7.45 -23.60
C ILE B 1010 -8.61 7.29 -25.03
N ARG B 1011 -7.74 6.30 -25.25
CA ARG B 1011 -7.20 6.05 -26.58
C ARG B 1011 -8.29 5.59 -27.53
N ALA B 1012 -9.27 4.85 -27.04
CA ALA B 1012 -10.37 4.40 -27.86
C ALA B 1012 -11.33 5.52 -28.19
N ALA B 1013 -11.51 6.48 -27.28
CA ALA B 1013 -12.28 7.66 -27.62
C ALA B 1013 -11.61 8.44 -28.74
N GLU B 1014 -10.28 8.56 -28.68
CA GLU B 1014 -9.55 9.21 -29.76
C GLU B 1014 -9.69 8.46 -31.08
N ILE B 1015 -9.56 7.14 -31.03
CA ILE B 1015 -9.68 6.33 -32.25
C ILE B 1015 -11.09 6.39 -32.80
N ARG B 1016 -12.10 6.47 -31.94
CA ARG B 1016 -13.47 6.59 -32.41
C ARG B 1016 -13.71 7.94 -33.06
N ALA B 1017 -13.10 9.00 -32.53
CA ALA B 1017 -13.18 10.30 -33.21
C ALA B 1017 -12.56 10.23 -34.59
N SER B 1018 -11.38 9.61 -34.71
CA SER B 1018 -10.73 9.48 -36.02
C SER B 1018 -11.54 8.61 -36.96
N ALA B 1019 -12.20 7.57 -36.43
CA ALA B 1019 -12.98 6.67 -37.25
C ALA B 1019 -14.27 7.33 -37.72
N ASN B 1020 -14.86 8.19 -36.89
CA ASN B 1020 -15.99 8.99 -37.32
C ASN B 1020 -15.58 9.97 -38.40
N LEU B 1021 -14.39 10.56 -38.27
CA LEU B 1021 -13.87 11.42 -39.34
C LEU B 1021 -13.64 10.63 -40.63
N ALA B 1022 -13.10 9.42 -40.52
CA ALA B 1022 -12.88 8.58 -41.69
C ALA B 1022 -14.19 8.18 -42.34
N ALA B 1023 -15.22 7.90 -41.54
CA ALA B 1023 -16.54 7.59 -42.09
C ALA B 1023 -17.15 8.80 -42.77
N THR B 1024 -16.99 9.99 -42.20
CA THR B 1024 -17.47 11.20 -42.84
C THR B 1024 -16.73 11.46 -44.15
N LYS B 1025 -15.43 11.20 -44.19
CA LYS B 1025 -14.67 11.39 -45.41
C LYS B 1025 -15.00 10.35 -46.46
N MET B 1026 -15.31 9.13 -46.05
CA MET B 1026 -15.80 8.14 -47.00
C MET B 1026 -17.14 8.57 -47.58
N SER B 1027 -18.00 9.15 -46.74
CA SER B 1027 -19.30 9.58 -47.24
C SER B 1027 -19.18 10.80 -48.15
N GLU B 1028 -18.36 11.77 -47.78
CA GLU B 1028 -18.38 13.07 -48.44
C GLU B 1028 -17.29 13.26 -49.47
N CYS B 1029 -16.21 12.51 -49.39
CA CYS B 1029 -15.13 12.56 -50.37
C CYS B 1029 -15.21 11.42 -51.37
N VAL B 1030 -15.53 10.22 -50.90
CA VAL B 1030 -15.56 9.05 -51.74
C VAL B 1030 -16.94 8.84 -52.35
N LEU B 1031 -17.98 8.92 -51.52
CA LEU B 1031 -19.32 8.71 -52.05
C LEU B 1031 -19.92 9.96 -52.66
N GLY B 1032 -19.25 11.09 -52.58
CA GLY B 1032 -19.69 12.30 -53.25
C GLY B 1032 -18.51 13.23 -53.40
N GLN B 1033 -18.76 14.39 -53.98
CA GLN B 1033 -17.73 15.42 -54.13
C GLN B 1033 -17.98 16.54 -53.13
N SER B 1034 -16.95 16.87 -52.37
CA SER B 1034 -17.07 17.78 -51.24
C SER B 1034 -16.80 19.21 -51.67
N LYS B 1035 -17.71 20.10 -51.30
CA LYS B 1035 -17.49 21.53 -51.40
C LYS B 1035 -16.75 22.08 -50.19
N ARG B 1036 -16.65 21.30 -49.12
CA ARG B 1036 -15.95 21.73 -47.93
C ARG B 1036 -14.48 21.93 -48.22
N VAL B 1037 -13.93 23.03 -47.72
CA VAL B 1037 -12.58 23.46 -48.08
C VAL B 1037 -11.57 22.68 -47.27
N ASP B 1038 -10.56 22.14 -47.96
CA ASP B 1038 -9.46 21.38 -47.37
C ASP B 1038 -9.94 20.15 -46.61
N PHE B 1039 -11.20 19.74 -46.80
CA PHE B 1039 -11.69 18.54 -46.15
C PHE B 1039 -11.20 17.29 -46.87
N CYS B 1040 -11.19 17.33 -48.20
CA CYS B 1040 -10.76 16.18 -48.98
C CYS B 1040 -9.51 16.54 -49.76
N GLY B 1041 -8.55 17.15 -49.10
CA GLY B 1041 -7.31 17.51 -49.74
C GLY B 1041 -7.24 19.00 -50.01
N LYS B 1042 -6.02 19.50 -50.19
CA LYS B 1042 -5.79 20.90 -50.48
C LYS B 1042 -5.97 21.13 -51.98
N GLY B 1043 -7.00 21.87 -52.34
CA GLY B 1043 -7.37 22.12 -53.71
C GLY B 1043 -8.87 21.99 -53.86
N TYR B 1044 -9.32 22.00 -55.09
CA TYR B 1044 -10.74 21.84 -55.37
C TYR B 1044 -11.03 20.36 -55.59
N HIS B 1045 -11.82 19.78 -54.71
CA HIS B 1045 -11.98 18.33 -54.65
C HIS B 1045 -12.63 17.81 -55.93
N LEU B 1046 -11.96 16.89 -56.61
CA LEU B 1046 -12.55 16.15 -57.70
C LEU B 1046 -13.11 14.81 -57.23
N MET B 1047 -12.27 13.95 -56.65
CA MET B 1047 -12.73 12.68 -56.11
C MET B 1047 -11.70 12.18 -55.11
N SER B 1048 -12.06 11.11 -54.42
CA SER B 1048 -11.15 10.42 -53.52
C SER B 1048 -11.37 8.94 -53.67
N PHE B 1049 -10.35 8.16 -53.32
CA PHE B 1049 -10.37 6.72 -53.45
C PHE B 1049 -9.96 6.12 -52.12
N PRO B 1050 -10.75 5.22 -51.54
CA PRO B 1050 -10.32 4.56 -50.31
C PRO B 1050 -9.26 3.50 -50.59
N GLN B 1051 -8.36 3.34 -49.64
CA GLN B 1051 -7.43 2.23 -49.65
C GLN B 1051 -7.35 1.69 -48.24
N SER B 1052 -7.56 0.40 -48.09
CA SER B 1052 -7.42 -0.20 -46.77
C SER B 1052 -5.94 -0.24 -46.38
N ALA B 1053 -5.68 0.17 -45.15
CA ALA B 1053 -4.36 0.09 -44.56
C ALA B 1053 -4.55 -0.66 -43.24
N PRO B 1054 -3.50 -1.17 -42.66
CA PRO B 1054 -3.65 -1.81 -41.35
C PRO B 1054 -4.24 -0.88 -40.32
N HIS B 1055 -5.42 -1.23 -39.79
CA HIS B 1055 -6.06 -0.48 -38.71
C HIS B 1055 -6.33 0.97 -39.12
N GLY B 1056 -6.71 1.16 -40.38
CA GLY B 1056 -6.85 2.51 -40.88
C GLY B 1056 -7.35 2.50 -42.29
N VAL B 1057 -7.43 3.71 -42.84
CA VAL B 1057 -7.85 3.93 -44.22
C VAL B 1057 -6.99 5.02 -44.82
N VAL B 1058 -6.68 4.88 -46.10
CA VAL B 1058 -5.90 5.87 -46.83
C VAL B 1058 -6.78 6.40 -47.96
N PHE B 1059 -6.96 7.71 -47.99
CA PHE B 1059 -7.72 8.37 -49.02
C PHE B 1059 -6.78 9.02 -50.01
N LEU B 1060 -6.92 8.65 -51.28
CA LEU B 1060 -6.17 9.28 -52.35
C LEU B 1060 -7.02 10.42 -52.89
N HIS B 1061 -6.88 11.58 -52.27
CA HIS B 1061 -7.70 12.74 -52.58
C HIS B 1061 -7.20 13.36 -53.87
N VAL B 1062 -8.04 13.30 -54.91
CA VAL B 1062 -7.73 13.93 -56.18
C VAL B 1062 -8.32 15.34 -56.16
N THR B 1063 -7.48 16.33 -56.43
CA THR B 1063 -7.88 17.72 -56.37
C THR B 1063 -7.38 18.46 -57.60
N TYR B 1064 -8.08 19.52 -57.93
CA TYR B 1064 -7.73 20.44 -59.01
C TYR B 1064 -7.01 21.61 -58.36
N VAL B 1065 -5.81 21.90 -58.84
CA VAL B 1065 -5.02 23.02 -58.35
C VAL B 1065 -4.76 23.96 -59.52
N PRO B 1066 -5.25 25.19 -59.47
CA PRO B 1066 -4.89 26.15 -60.52
C PRO B 1066 -3.38 26.37 -60.58
N ALA B 1067 -2.85 26.50 -61.79
CA ALA B 1067 -1.41 26.37 -61.97
C ALA B 1067 -0.71 27.65 -62.40
N GLN B 1068 -1.09 28.22 -63.53
CA GLN B 1068 -0.32 29.31 -64.14
C GLN B 1068 -1.22 30.52 -64.29
N GLU B 1069 -1.04 31.49 -63.40
CA GLU B 1069 -1.93 32.63 -63.33
C GLU B 1069 -1.35 33.80 -64.10
N LYS B 1070 -2.23 34.61 -64.67
CA LYS B 1070 -1.85 35.85 -65.34
C LYS B 1070 -2.67 37.00 -64.76
N ASN B 1071 -2.05 38.16 -64.67
CA ASN B 1071 -2.74 39.37 -64.27
C ASN B 1071 -3.61 39.90 -65.40
N PHE B 1072 -4.73 40.51 -65.04
CA PHE B 1072 -5.62 41.18 -65.96
C PHE B 1072 -6.21 42.37 -65.24
N THR B 1073 -6.77 43.29 -66.02
CA THR B 1073 -7.55 44.39 -65.49
C THR B 1073 -9.02 43.96 -65.49
N THR B 1074 -9.69 44.13 -64.36
CA THR B 1074 -11.03 43.63 -64.19
C THR B 1074 -11.99 44.77 -63.88
N ALA B 1075 -13.24 44.61 -64.31
CA ALA B 1075 -14.28 45.59 -64.14
C ALA B 1075 -15.46 44.98 -63.40
N PRO B 1076 -16.06 45.68 -62.46
CA PRO B 1076 -17.26 45.13 -61.80
C PRO B 1076 -18.45 44.99 -62.72
N ALA B 1077 -18.64 45.94 -63.63
CA ALA B 1077 -19.77 45.93 -64.54
C ALA B 1077 -19.33 46.60 -65.83
N ILE B 1078 -20.25 46.79 -66.76
CA ILE B 1078 -19.91 47.36 -68.06
C ILE B 1078 -21.06 48.23 -68.56
N CYS B 1079 -20.73 49.42 -69.05
CA CYS B 1079 -21.70 50.35 -69.60
C CYS B 1079 -21.76 50.18 -71.11
N HIS B 1080 -22.90 49.73 -71.62
CA HIS B 1080 -23.09 49.67 -73.05
C HIS B 1080 -24.09 50.67 -73.57
N ASP B 1081 -25.30 50.71 -73.01
CA ASP B 1081 -26.35 51.62 -73.44
C ASP B 1081 -26.88 52.41 -72.27
N GLY B 1082 -25.97 52.85 -71.40
CA GLY B 1082 -26.38 53.48 -70.17
C GLY B 1082 -26.80 52.51 -69.08
N LYS B 1083 -26.71 51.21 -69.34
CA LYS B 1083 -27.14 50.17 -68.41
C LYS B 1083 -25.92 49.38 -67.98
N ALA B 1084 -25.82 49.11 -66.67
CA ALA B 1084 -24.74 48.27 -66.18
C ALA B 1084 -24.98 46.82 -66.57
N HIS B 1085 -23.92 46.16 -67.03
CA HIS B 1085 -24.01 44.72 -67.39
C HIS B 1085 -23.06 43.94 -66.48
N PHE B 1086 -23.59 43.06 -65.65
CA PHE B 1086 -22.73 42.20 -64.79
C PHE B 1086 -22.71 40.80 -65.40
N PRO B 1087 -21.61 40.04 -65.27
CA PRO B 1087 -21.51 38.72 -65.91
C PRO B 1087 -22.48 37.72 -65.27
N ARG B 1088 -23.23 36.97 -66.09
CA ARG B 1088 -24.12 35.91 -65.55
C ARG B 1088 -23.28 34.94 -64.73
N GLU B 1089 -22.19 34.43 -65.31
CA GLU B 1089 -21.28 33.59 -64.55
C GLU B 1089 -19.89 33.77 -65.14
N GLY B 1090 -19.03 34.44 -64.41
CA GLY B 1090 -17.71 34.79 -64.90
C GLY B 1090 -17.34 36.16 -64.42
N VAL B 1091 -16.21 36.65 -64.94
CA VAL B 1091 -15.63 37.90 -64.50
C VAL B 1091 -15.13 38.62 -65.73
N PHE B 1092 -15.34 39.93 -65.76
CA PHE B 1092 -14.83 40.75 -66.85
C PHE B 1092 -13.34 40.97 -66.64
N VAL B 1093 -12.55 40.67 -67.66
CA VAL B 1093 -11.11 40.90 -67.65
C VAL B 1093 -10.74 41.61 -68.94
N SER B 1094 -9.55 42.20 -68.93
CA SER B 1094 -9.03 42.92 -70.08
C SER B 1094 -7.59 42.51 -70.29
N ASN B 1095 -7.26 42.08 -71.51
CA ASN B 1095 -5.88 41.76 -71.84
C ASN B 1095 -5.09 43.00 -72.22
N GLY B 1096 -5.53 44.17 -71.78
CA GLY B 1096 -4.88 45.43 -72.05
C GLY B 1096 -5.76 46.37 -72.82
N THR B 1097 -6.41 45.88 -73.85
CA THR B 1097 -7.27 46.71 -74.70
C THR B 1097 -8.67 46.16 -74.85
N HIS B 1098 -8.83 44.85 -74.92
CA HIS B 1098 -10.12 44.23 -75.18
C HIS B 1098 -10.71 43.70 -73.89
N TRP B 1099 -12.04 43.71 -73.82
CA TRP B 1099 -12.75 43.21 -72.66
C TRP B 1099 -13.41 41.89 -72.99
N PHE B 1100 -13.08 40.87 -72.21
CA PHE B 1100 -13.66 39.55 -72.32
C PHE B 1100 -14.32 39.21 -70.99
N VAL B 1101 -15.20 38.21 -71.03
CA VAL B 1101 -15.75 37.63 -69.81
C VAL B 1101 -15.21 36.20 -69.74
N THR B 1102 -14.58 35.87 -68.64
CA THR B 1102 -13.98 34.55 -68.48
C THR B 1102 -14.61 33.86 -67.28
N GLN B 1103 -14.68 32.54 -67.34
CA GLN B 1103 -15.02 31.80 -66.13
C GLN B 1103 -13.94 32.05 -65.09
N ARG B 1104 -14.32 31.97 -63.82
CA ARG B 1104 -13.47 32.55 -62.80
C ARG B 1104 -12.23 31.71 -62.52
N ASN B 1105 -12.31 30.39 -62.70
CA ASN B 1105 -11.27 29.49 -62.21
C ASN B 1105 -10.29 29.03 -63.28
N PHE B 1106 -10.45 29.49 -64.51
CA PHE B 1106 -9.68 28.98 -65.62
C PHE B 1106 -9.82 29.95 -66.77
N TYR B 1107 -8.69 30.39 -67.32
CA TYR B 1107 -8.71 31.54 -68.23
C TYR B 1107 -9.24 31.10 -69.58
N GLU B 1108 -10.51 31.38 -69.82
CA GLU B 1108 -11.18 31.10 -71.10
C GLU B 1108 -11.98 32.32 -71.52
N PRO B 1109 -11.31 33.32 -72.10
CA PRO B 1109 -11.99 34.58 -72.39
C PRO B 1109 -12.96 34.45 -73.55
N GLN B 1110 -14.04 35.22 -73.48
CA GLN B 1110 -15.04 35.24 -74.55
C GLN B 1110 -15.53 36.66 -74.77
N ILE B 1111 -16.00 36.91 -75.98
CA ILE B 1111 -16.60 38.20 -76.30
C ILE B 1111 -17.80 38.42 -75.39
N ILE B 1112 -17.89 39.62 -74.83
CA ILE B 1112 -19.03 39.94 -73.98
C ILE B 1112 -20.24 40.21 -74.85
N THR B 1113 -21.28 39.40 -74.69
CA THR B 1113 -22.55 39.58 -75.37
C THR B 1113 -23.65 39.56 -74.33
N THR B 1114 -24.89 39.65 -74.81
CA THR B 1114 -26.01 39.70 -73.86
C THR B 1114 -26.31 38.35 -73.23
N ASP B 1115 -25.81 37.25 -73.80
CA ASP B 1115 -25.98 35.96 -73.15
C ASP B 1115 -25.01 35.77 -72.00
N ASN B 1116 -23.84 36.37 -72.07
CA ASN B 1116 -22.87 36.28 -70.99
C ASN B 1116 -23.25 37.16 -69.81
N THR B 1117 -24.12 38.13 -70.02
CA THR B 1117 -24.30 39.24 -69.09
C THR B 1117 -25.78 39.46 -68.81
N PHE B 1118 -26.04 40.14 -67.70
CA PHE B 1118 -27.36 40.68 -67.41
C PHE B 1118 -27.23 42.13 -67.00
N VAL B 1119 -28.24 42.92 -67.37
CA VAL B 1119 -28.28 44.35 -67.05
C VAL B 1119 -28.87 44.52 -65.66
N SER B 1120 -28.52 45.63 -65.02
CA SER B 1120 -29.13 45.99 -63.74
C SER B 1120 -28.97 47.49 -63.53
N GLY B 1121 -30.01 48.24 -63.84
CA GLY B 1121 -30.00 49.65 -63.57
C GLY B 1121 -29.06 50.41 -64.47
N ASN B 1122 -28.86 51.67 -64.11
CA ASN B 1122 -28.11 52.60 -64.94
C ASN B 1122 -26.63 52.58 -64.53
N CYS B 1123 -25.86 53.52 -65.04
CA CYS B 1123 -24.40 53.49 -64.96
C CYS B 1123 -23.84 54.53 -63.99
N ASP B 1124 -24.57 54.83 -62.92
CA ASP B 1124 -24.17 55.89 -62.01
C ASP B 1124 -24.06 55.41 -60.57
N VAL B 1125 -24.19 54.11 -60.33
CA VAL B 1125 -24.13 53.53 -58.99
C VAL B 1125 -22.93 52.62 -58.84
N VAL B 1126 -22.62 51.84 -59.88
CA VAL B 1126 -21.52 50.89 -59.78
C VAL B 1126 -20.20 51.64 -59.71
N ILE B 1127 -19.38 51.27 -58.72
CA ILE B 1127 -18.08 51.88 -58.52
C ILE B 1127 -17.05 51.04 -59.26
N GLY B 1128 -16.40 51.64 -60.25
CA GLY B 1128 -15.43 50.93 -61.05
C GLY B 1128 -15.95 50.41 -62.38
N ILE B 1129 -17.21 50.67 -62.70
CA ILE B 1129 -17.76 50.27 -63.99
C ILE B 1129 -16.92 50.87 -65.13
N VAL B 1130 -16.79 50.12 -66.22
CA VAL B 1130 -16.01 50.56 -67.37
C VAL B 1130 -16.92 50.61 -68.59
N ASN B 1131 -16.47 51.33 -69.60
CA ASN B 1131 -17.23 51.52 -70.84
C ASN B 1131 -16.75 50.52 -71.89
N ASN B 1132 -17.69 49.77 -72.44
CA ASN B 1132 -17.35 48.80 -73.47
C ASN B 1132 -18.63 48.43 -74.19
N THR B 1133 -18.48 47.77 -75.33
CA THR B 1133 -19.61 47.35 -76.14
C THR B 1133 -19.95 45.90 -75.83
N VAL B 1134 -21.22 45.65 -75.59
CA VAL B 1134 -21.73 44.30 -75.36
C VAL B 1134 -22.42 43.86 -76.64
N TYR B 1135 -21.79 42.91 -77.32
CA TYR B 1135 -22.27 42.46 -78.63
C TYR B 1135 -23.67 41.88 -78.51
N ASP B 1136 -24.49 42.09 -79.53
CA ASP B 1136 -25.84 41.55 -79.53
C ASP B 1136 -25.95 40.46 -80.59
N PRO B 1137 -26.13 39.20 -80.21
CA PRO B 1137 -26.22 38.14 -81.24
C PRO B 1137 -27.38 38.33 -82.20
N LEU B 1138 -28.47 38.98 -81.77
CA LEU B 1138 -29.66 39.08 -82.62
C LEU B 1138 -29.48 40.10 -83.73
N GLN B 1139 -28.65 41.13 -83.52
CA GLN B 1139 -28.56 42.21 -84.50
C GLN B 1139 -28.03 41.77 -85.85
N PRO B 1140 -26.90 41.04 -85.96
CA PRO B 1140 -26.48 40.60 -87.30
C PRO B 1140 -27.47 39.66 -87.96
N GLU B 1141 -28.13 38.81 -87.17
CA GLU B 1141 -29.12 37.90 -87.73
C GLU B 1141 -30.30 38.68 -88.30
N LEU B 1142 -30.72 39.75 -87.62
CA LEU B 1142 -31.77 40.60 -88.16
C LEU B 1142 -31.30 41.34 -89.41
N ASP B 1143 -30.05 41.81 -89.40
CA ASP B 1143 -29.53 42.52 -90.56
C ASP B 1143 -29.49 41.63 -91.80
N SER B 1144 -29.05 40.38 -91.63
CA SER B 1144 -28.99 39.44 -92.73
C SER B 1144 -30.37 38.84 -93.03
N SER C 13 -1.25 39.30 50.51
CA SER C 13 -1.63 40.35 51.46
C SER C 13 -2.81 39.91 52.32
N GLN C 14 -3.39 40.85 53.06
CA GLN C 14 -4.53 40.58 53.91
C GLN C 14 -5.80 41.06 53.22
N CYS C 15 -6.81 40.20 53.19
CA CYS C 15 -8.07 40.54 52.54
C CYS C 15 -8.80 41.64 53.29
N VAL C 16 -9.50 42.48 52.54
CA VAL C 16 -10.37 43.51 53.10
C VAL C 16 -11.80 43.01 53.02
N ASN C 17 -12.49 43.03 54.17
CA ASN C 17 -13.83 42.48 54.28
C ASN C 17 -14.87 43.59 54.12
N PHE C 18 -15.87 43.35 53.28
CA PHE C 18 -16.97 44.29 53.06
C PHE C 18 -18.25 43.65 53.62
N THR C 19 -18.93 44.37 54.50
CA THR C 19 -20.14 43.84 55.11
C THR C 19 -21.23 43.62 54.08
N THR C 20 -21.41 44.57 53.16
CA THR C 20 -22.44 44.50 52.14
C THR C 20 -21.80 44.17 50.80
N ARG C 21 -22.31 43.13 50.15
CA ARG C 21 -21.84 42.71 48.83
C ARG C 21 -23.02 42.66 47.87
N THR C 22 -22.83 43.20 46.68
CA THR C 22 -23.89 43.24 45.67
C THR C 22 -23.25 43.08 44.29
N GLN C 23 -24.06 42.64 43.34
CA GLN C 23 -23.63 42.51 41.95
C GLN C 23 -24.74 42.99 41.04
N LEU C 24 -24.38 43.77 40.02
CA LEU C 24 -25.36 44.30 39.10
C LEU C 24 -25.92 43.18 38.22
N PRO C 25 -27.18 43.28 37.81
CA PRO C 25 -27.75 42.25 36.96
C PRO C 25 -27.05 42.20 35.62
N PRO C 26 -26.94 41.02 35.01
CA PRO C 26 -26.31 40.93 33.68
C PRO C 26 -27.20 41.53 32.61
N ALA C 27 -26.55 41.93 31.51
CA ALA C 27 -27.28 42.38 30.33
C ALA C 27 -26.75 41.65 29.11
N TYR C 28 -27.49 41.72 28.00
CA TYR C 28 -27.15 40.98 26.80
C TYR C 28 -27.06 41.91 25.60
N THR C 29 -26.13 41.60 24.69
CA THR C 29 -25.98 42.36 23.46
C THR C 29 -25.50 41.40 22.37
N ASN C 30 -25.29 41.95 21.18
CA ASN C 30 -24.87 41.19 20.01
C ASN C 30 -23.40 41.47 19.72
N SER C 31 -22.66 40.40 19.39
CA SER C 31 -21.21 40.54 19.18
C SER C 31 -20.86 41.21 17.85
N PHE C 32 -21.81 41.33 16.93
CA PHE C 32 -21.59 41.87 15.58
C PHE C 32 -20.48 41.04 14.93
N THR C 33 -19.42 41.65 14.39
CA THR C 33 -18.42 40.90 13.65
C THR C 33 -17.05 41.00 14.29
N ARG C 34 -16.98 40.84 15.61
CA ARG C 34 -15.74 40.96 16.36
C ARG C 34 -15.32 39.60 16.91
N GLY C 35 -14.17 39.59 17.57
CA GLY C 35 -13.61 38.37 18.11
C GLY C 35 -12.72 37.61 17.17
N VAL C 36 -12.35 38.19 16.03
CA VAL C 36 -11.51 37.51 15.05
C VAL C 36 -10.05 37.79 15.35
N TYR C 37 -9.25 36.74 15.42
CA TYR C 37 -7.85 36.84 15.83
C TYR C 37 -7.00 35.97 14.91
N TYR C 38 -5.71 36.29 14.87
CA TYR C 38 -4.79 35.56 14.00
C TYR C 38 -4.62 34.14 14.51
N PRO C 39 -5.16 33.12 13.82
CA PRO C 39 -5.09 31.75 14.37
C PRO C 39 -3.67 31.24 14.53
N ASP C 40 -2.77 31.64 13.64
CA ASP C 40 -1.37 31.22 13.72
C ASP C 40 -0.45 32.40 13.48
N LYS C 41 0.86 32.14 13.43
CA LYS C 41 1.86 33.19 13.21
C LYS C 41 2.40 33.16 11.78
N VAL C 42 1.58 32.71 10.84
CA VAL C 42 2.01 32.55 9.45
C VAL C 42 1.58 33.77 8.65
N PHE C 43 2.55 34.49 8.10
CA PHE C 43 2.24 35.63 7.26
C PHE C 43 1.57 35.17 5.96
N ARG C 44 0.60 35.95 5.51
CA ARG C 44 -0.08 35.68 4.25
C ARG C 44 -0.40 37.01 3.61
N SER C 45 -0.57 37.01 2.29
CA SER C 45 -0.74 38.28 1.58
C SER C 45 -1.78 38.13 0.49
N SER C 46 -2.79 39.01 0.54
CA SER C 46 -3.84 39.10 -0.46
C SER C 46 -4.46 37.74 -0.75
N VAL C 47 -4.84 37.04 0.31
CA VAL C 47 -5.34 35.68 0.18
C VAL C 47 -6.50 35.47 1.12
N LEU C 48 -7.46 34.65 0.70
CA LEU C 48 -8.59 34.23 1.52
C LEU C 48 -8.29 32.83 2.02
N HIS C 49 -8.15 32.68 3.33
CA HIS C 49 -7.71 31.43 3.95
C HIS C 49 -8.77 30.95 4.93
N SER C 50 -9.12 29.68 4.87
CA SER C 50 -10.14 29.09 5.73
C SER C 50 -9.47 28.40 6.91
N THR C 51 -9.94 28.69 8.12
CA THR C 51 -9.36 28.13 9.33
C THR C 51 -10.51 27.65 10.21
N GLN C 52 -10.44 26.40 10.65
CA GLN C 52 -11.36 25.86 11.63
C GLN C 52 -10.70 25.92 13.01
N ASP C 53 -11.17 26.83 13.85
CA ASP C 53 -10.60 27.00 15.18
C ASP C 53 -11.69 27.45 16.14
N LEU C 54 -11.32 27.64 17.40
CA LEU C 54 -12.24 28.19 18.38
C LEU C 54 -12.36 29.69 18.12
N PHE C 55 -13.43 30.08 17.43
CA PHE C 55 -13.72 31.47 17.12
C PHE C 55 -14.97 31.88 17.88
N LEU C 56 -15.19 33.19 17.98
CA LEU C 56 -16.44 33.71 18.47
C LEU C 56 -17.38 33.89 17.28
N PRO C 57 -18.47 33.13 17.19
CA PRO C 57 -19.34 33.24 16.02
C PRO C 57 -19.89 34.65 15.88
N PHE C 58 -20.04 35.09 14.64
CA PHE C 58 -20.55 36.43 14.39
C PHE C 58 -21.99 36.54 14.88
N PHE C 59 -22.36 37.76 15.28
CA PHE C 59 -23.76 37.99 15.70
C PHE C 59 -24.16 36.95 16.74
N SER C 60 -23.35 36.87 17.82
CA SER C 60 -23.58 35.83 18.85
C SER C 60 -23.79 36.47 20.22
N ASN C 61 -25.03 36.82 20.54
CA ASN C 61 -25.40 37.37 21.88
C ASN C 61 -24.24 37.22 22.89
N VAL C 62 -23.77 38.33 23.46
CA VAL C 62 -22.61 38.32 24.39
C VAL C 62 -23.00 39.06 25.67
N THR C 63 -22.85 38.40 26.83
CA THR C 63 -23.20 39.02 28.14
C THR C 63 -22.27 40.20 28.44
N TRP C 64 -22.77 41.23 29.13
CA TRP C 64 -21.87 42.34 29.55
C TRP C 64 -22.30 42.88 30.92
N PHE C 65 -21.36 43.45 31.68
CA PHE C 65 -21.67 43.96 33.04
C PHE C 65 -20.88 45.25 33.27
N HIS C 66 -21.37 46.11 34.16
CA HIS C 66 -20.68 47.41 34.42
C HIS C 66 -19.75 47.27 35.63
N ALA C 67 -18.55 47.82 35.54
CA ALA C 67 -17.59 47.76 36.64
C ALA C 67 -17.56 49.12 37.31
N ILE C 68 -17.91 49.16 38.60
CA ILE C 68 -17.95 50.40 39.36
C ILE C 68 -16.60 50.61 40.04
N HIS C 69 -15.97 51.75 39.77
CA HIS C 69 -14.65 52.05 40.30
C HIS C 69 -14.65 53.11 41.38
N VAL C 70 -15.81 53.67 41.73
CA VAL C 70 -15.90 54.71 42.74
C VAL C 70 -17.17 54.50 43.54
N SER C 71 -17.07 54.71 44.85
CA SER C 71 -18.20 54.55 45.77
C SER C 71 -18.64 55.90 46.27
N GLY C 72 -19.93 56.20 46.14
CA GLY C 72 -20.48 57.47 46.58
C GLY C 72 -21.99 57.57 46.39
N GLY C 75 -23.08 55.23 50.23
CA GLY C 75 -21.88 54.92 49.45
C GLY C 75 -20.98 53.91 50.12
N THR C 76 -21.59 53.00 50.89
CA THR C 76 -20.86 51.94 51.59
C THR C 76 -21.24 50.56 51.09
N LYS C 77 -21.53 50.44 49.80
CA LYS C 77 -21.92 49.18 49.17
C LYS C 77 -20.80 48.69 48.26
N ARG C 78 -20.40 47.45 48.42
CA ARG C 78 -19.32 46.85 47.62
C ARG C 78 -19.94 46.07 46.47
N PHE C 79 -19.76 46.58 45.25
CA PHE C 79 -20.28 45.92 44.05
C PHE C 79 -19.19 44.99 43.53
N ALA C 80 -19.32 43.70 43.82
CA ALA C 80 -18.30 42.72 43.49
C ALA C 80 -18.57 42.09 42.12
N ASN C 81 -17.50 41.90 41.35
CA ASN C 81 -17.62 41.26 40.05
C ASN C 81 -17.98 39.79 40.21
N PRO C 82 -18.75 39.22 39.28
CA PRO C 82 -19.15 37.82 39.39
C PRO C 82 -18.17 36.88 38.72
N VAL C 83 -18.26 35.62 39.10
CA VAL C 83 -17.42 34.56 38.55
C VAL C 83 -18.14 33.92 37.38
N LEU C 84 -17.54 33.97 36.18
CA LEU C 84 -18.18 33.45 34.99
C LEU C 84 -17.42 32.24 34.46
N PRO C 85 -18.12 31.24 33.91
CA PRO C 85 -17.43 30.06 33.39
C PRO C 85 -16.51 30.42 32.23
N PHE C 86 -15.47 29.60 32.06
CA PHE C 86 -14.46 29.82 31.03
C PHE C 86 -14.73 29.05 29.75
N ASN C 87 -15.26 27.83 29.85
CA ASN C 87 -15.59 26.97 28.71
C ASN C 87 -14.32 26.74 27.90
N ASP C 88 -14.34 26.85 26.58
CA ASP C 88 -13.18 26.58 25.73
C ASP C 88 -12.39 27.83 25.40
N GLY C 89 -12.78 28.97 25.92
CA GLY C 89 -12.14 30.24 25.62
C GLY C 89 -13.15 31.36 25.76
N VAL C 90 -12.64 32.55 26.03
CA VAL C 90 -13.50 33.71 26.27
C VAL C 90 -13.00 34.89 25.45
N TYR C 91 -13.95 35.63 24.89
CA TYR C 91 -13.69 36.94 24.31
C TYR C 91 -14.15 37.98 25.33
N PHE C 92 -13.21 38.74 25.87
CA PHE C 92 -13.46 39.76 26.87
C PHE C 92 -13.20 41.11 26.26
N ALA C 93 -14.19 41.98 26.28
CA ALA C 93 -14.02 43.35 25.79
C ALA C 93 -14.24 44.32 26.93
N SER C 94 -13.51 45.43 26.93
CA SER C 94 -13.69 46.47 27.94
C SER C 94 -13.73 47.83 27.26
N THR C 95 -14.76 48.61 27.58
CA THR C 95 -14.88 49.99 27.11
C THR C 95 -14.71 50.91 28.32
N GLU C 96 -13.73 51.80 28.25
CA GLU C 96 -13.41 52.64 29.40
C GLU C 96 -12.72 53.91 28.96
N LYS C 97 -12.69 54.88 29.88
CA LYS C 97 -11.89 56.09 29.68
C LYS C 97 -10.50 55.92 30.27
N SER C 98 -10.43 55.65 31.57
CA SER C 98 -9.20 55.27 32.25
C SER C 98 -9.17 53.77 32.46
N ASN C 99 -7.96 53.24 32.70
CA ASN C 99 -7.75 51.80 32.76
C ASN C 99 -8.37 51.27 34.06
N ILE C 100 -9.68 51.04 33.99
CA ILE C 100 -10.42 50.51 35.14
C ILE C 100 -10.18 49.01 35.28
N ILE C 101 -10.36 48.27 34.20
CA ILE C 101 -10.14 46.82 34.22
C ILE C 101 -8.65 46.56 34.24
N ARG C 102 -8.19 45.81 35.24
CA ARG C 102 -6.76 45.63 35.46
C ARG C 102 -6.27 44.19 35.32
N GLY C 103 -7.13 43.20 35.53
CA GLY C 103 -6.63 41.84 35.43
C GLY C 103 -7.73 40.82 35.61
N TRP C 104 -7.31 39.56 35.61
CA TRP C 104 -8.22 38.44 35.64
C TRP C 104 -7.65 37.34 36.54
N ILE C 105 -8.55 36.50 37.03
CA ILE C 105 -8.18 35.32 37.79
C ILE C 105 -8.88 34.12 37.16
N PHE C 106 -8.12 33.07 36.88
CA PHE C 106 -8.61 31.88 36.20
C PHE C 106 -8.35 30.65 37.06
N GLY C 107 -9.28 29.70 37.00
CA GLY C 107 -9.07 28.44 37.66
C GLY C 107 -10.37 27.66 37.73
N THR C 108 -10.30 26.51 38.41
CA THR C 108 -11.45 25.64 38.59
C THR C 108 -12.14 25.85 39.92
N THR C 109 -11.41 25.74 41.02
CA THR C 109 -11.98 25.95 42.35
C THR C 109 -11.64 27.33 42.92
N LEU C 110 -10.66 28.02 42.33
CA LEU C 110 -10.28 29.36 42.77
C LEU C 110 -9.91 29.40 44.25
N ASP C 111 -9.20 28.36 44.70
CA ASP C 111 -8.73 28.30 46.08
C ASP C 111 -7.35 27.65 46.09
N SER C 112 -6.83 27.43 47.29
CA SER C 112 -5.51 26.82 47.43
C SER C 112 -5.50 25.34 47.09
N LYS C 113 -6.68 24.71 46.95
CA LYS C 113 -6.73 23.29 46.64
C LYS C 113 -6.14 22.99 45.26
N THR C 114 -6.43 23.85 44.28
CA THR C 114 -6.00 23.64 42.91
C THR C 114 -5.19 24.84 42.42
N GLN C 115 -4.35 24.59 41.43
CA GLN C 115 -3.54 25.67 40.85
C GLN C 115 -4.42 26.69 40.15
N SER C 116 -4.11 27.97 40.34
CA SER C 116 -4.89 29.06 39.78
C SER C 116 -3.96 30.10 39.18
N LEU C 117 -4.42 30.73 38.10
CA LEU C 117 -3.66 31.75 37.40
C LEU C 117 -4.20 33.13 37.73
N LEU C 118 -3.29 34.08 37.92
CA LEU C 118 -3.66 35.48 38.18
C LEU C 118 -2.85 36.36 37.24
N ILE C 119 -3.54 37.12 36.40
CA ILE C 119 -2.92 38.07 35.49
C ILE C 119 -3.36 39.46 35.93
N VAL C 120 -2.42 40.40 35.96
CA VAL C 120 -2.75 41.77 36.36
C VAL C 120 -1.79 42.71 35.65
N ASN C 121 -2.25 43.95 35.42
CA ASN C 121 -1.43 45.01 34.86
C ASN C 121 -1.51 46.19 35.83
N ASN C 122 -0.63 46.21 36.83
CA ASN C 122 -0.61 47.28 37.80
C ASN C 122 0.12 48.49 37.22
N ALA C 123 0.33 49.50 38.07
CA ALA C 123 1.02 50.72 37.62
C ALA C 123 2.47 50.43 37.26
N THR C 124 3.09 49.45 37.90
CA THR C 124 4.50 49.17 37.65
C THR C 124 4.69 48.34 36.38
N ASN C 125 4.10 47.15 36.34
CA ASN C 125 4.33 46.23 35.23
C ASN C 125 3.17 45.25 35.15
N VAL C 126 3.32 44.24 34.30
CA VAL C 126 2.34 43.17 34.14
C VAL C 126 2.85 41.97 34.90
N VAL C 127 2.01 41.44 35.79
CA VAL C 127 2.36 40.31 36.65
C VAL C 127 1.45 39.14 36.31
N ILE C 128 2.06 38.01 35.94
CA ILE C 128 1.34 36.78 35.62
C ILE C 128 1.89 35.67 36.50
N LYS C 129 1.06 35.13 37.38
CA LYS C 129 1.51 34.15 38.37
C LYS C 129 0.57 32.96 38.42
N VAL C 130 1.14 31.76 38.38
CA VAL C 130 0.39 30.52 38.49
C VAL C 130 0.74 29.89 39.84
N CYS C 131 -0.18 30.01 40.80
CA CYS C 131 0.07 29.52 42.15
C CYS C 131 -1.24 29.04 42.75
N GLU C 132 -1.13 28.37 43.91
CA GLU C 132 -2.30 27.93 44.66
C GLU C 132 -2.85 29.09 45.49
N PHE C 133 -3.30 30.13 44.78
CA PHE C 133 -3.80 31.33 45.44
C PHE C 133 -5.07 31.03 46.23
N GLN C 134 -5.23 31.75 47.34
CA GLN C 134 -6.47 31.74 48.11
C GLN C 134 -7.10 33.12 47.92
N PHE C 135 -7.90 33.24 46.86
CA PHE C 135 -8.45 34.53 46.49
C PHE C 135 -9.44 35.02 47.55
N CYS C 136 -9.44 36.33 47.77
CA CYS C 136 -10.37 36.94 48.72
C CYS C 136 -11.79 36.93 48.16
N ASN C 137 -12.75 37.14 49.06
CA ASN C 137 -14.14 37.23 48.63
C ASN C 137 -14.35 38.43 47.70
N ASP C 138 -13.75 39.56 48.02
CA ASP C 138 -13.84 40.78 47.22
C ASP C 138 -12.43 41.30 46.98
N PRO C 139 -11.76 40.83 45.92
CA PRO C 139 -10.44 41.37 45.59
C PRO C 139 -10.50 42.87 45.37
N PHE C 140 -9.52 43.58 45.94
CA PHE C 140 -9.54 45.03 45.98
C PHE C 140 -8.24 45.59 45.43
N LEU C 141 -8.35 46.57 44.54
CA LEU C 141 -7.20 47.32 44.01
C LEU C 141 -7.54 48.80 44.14
N GLY C 142 -6.88 49.47 45.08
CA GLY C 142 -7.22 50.85 45.39
C GLY C 142 -6.12 51.84 45.08
N VAL C 143 -6.51 53.01 44.58
CA VAL C 143 -5.59 54.10 44.30
C VAL C 143 -6.10 55.34 45.03
N TYR C 144 -5.17 56.26 45.31
CA TYR C 144 -5.51 57.53 45.94
C TYR C 144 -4.86 58.66 45.16
N TYR C 145 -5.54 59.80 45.15
CA TYR C 145 -5.04 60.97 44.42
C TYR C 145 -4.05 61.73 45.29
N HIS C 146 -2.80 61.81 44.82
CA HIS C 146 -1.76 62.55 45.51
C HIS C 146 -1.89 64.02 45.12
N LYS C 147 -2.50 64.81 46.01
CA LYS C 147 -2.76 66.21 45.70
C LYS C 147 -1.47 66.99 45.48
N ASN C 148 -0.45 66.71 46.29
CA ASN C 148 0.84 67.39 46.11
C ASN C 148 1.45 67.07 44.75
N ASN C 149 1.40 65.80 44.34
CA ASN C 149 1.96 65.37 43.06
C ASN C 149 0.96 65.51 41.91
N LYS C 150 -0.31 65.74 42.21
CA LYS C 150 -1.35 65.87 41.19
C LYS C 150 -1.40 64.66 40.27
N SER C 151 -1.28 63.47 40.87
CA SER C 151 -1.30 62.23 40.11
C SER C 151 -1.76 61.09 41.01
N TRP C 152 -2.61 60.23 40.46
CA TRP C 152 -3.07 59.07 41.21
C TRP C 152 -1.95 58.05 41.37
N MET C 153 -1.85 57.49 42.57
CA MET C 153 -0.84 56.48 42.89
C MET C 153 -1.51 55.31 43.60
N GLU C 154 -1.24 54.10 43.12
CA GLU C 154 -1.83 52.91 43.73
C GLU C 154 -1.19 52.65 45.08
N SER C 155 -2.01 52.33 46.08
CA SER C 155 -1.52 52.05 47.42
C SER C 155 -2.20 50.86 48.09
N GLU C 156 -3.13 50.19 47.41
CA GLU C 156 -3.84 49.06 48.00
C GLU C 156 -3.87 47.91 47.00
N PHE C 157 -3.49 46.73 47.45
CA PHE C 157 -3.52 45.51 46.63
C PHE C 157 -3.88 44.35 47.55
N ARG C 158 -5.16 43.97 47.56
CA ARG C 158 -5.67 42.88 48.39
C ARG C 158 -6.49 41.97 47.49
N VAL C 159 -5.83 40.99 46.87
CA VAL C 159 -6.47 40.07 45.94
C VAL C 159 -6.46 38.64 46.48
N TYR C 160 -5.33 38.20 47.02
CA TYR C 160 -5.20 36.86 47.58
C TYR C 160 -4.67 36.93 49.00
N SER C 161 -5.24 36.11 49.88
CA SER C 161 -4.75 36.04 51.25
C SER C 161 -3.44 35.27 51.33
N SER C 162 -3.30 34.21 50.53
CA SER C 162 -2.09 33.39 50.56
C SER C 162 -1.78 32.92 49.15
N ALA C 163 -0.49 32.61 48.93
CA ALA C 163 -0.03 32.11 47.64
C ALA C 163 1.11 31.14 47.91
N ASN C 164 0.92 29.88 47.49
CA ASN C 164 1.95 28.84 47.74
C ASN C 164 2.07 27.94 46.51
N ASN C 165 3.19 27.22 46.38
CA ASN C 165 3.37 26.25 45.27
C ASN C 165 3.18 26.94 43.92
N CYS C 166 4.02 27.94 43.61
CA CYS C 166 3.95 28.54 42.29
C CYS C 166 4.69 27.67 41.28
N THR C 167 4.22 27.69 40.03
CA THR C 167 4.78 26.90 38.95
C THR C 167 5.42 27.76 37.87
N PHE C 168 4.69 28.74 37.34
CA PHE C 168 5.17 29.59 36.26
C PHE C 168 5.02 31.06 36.63
N GLU C 169 6.00 31.85 36.22
CA GLU C 169 5.99 33.29 36.44
C GLU C 169 6.31 34.00 35.13
N TYR C 170 5.58 35.08 34.85
CA TYR C 170 5.81 35.87 33.64
C TYR C 170 5.64 37.34 33.98
N VAL C 171 6.52 38.17 33.44
CA VAL C 171 6.43 39.63 33.55
C VAL C 171 6.73 40.22 32.18
N SER C 172 5.73 40.83 31.56
CA SER C 172 5.90 41.46 30.25
C SER C 172 6.54 42.83 30.44
N GLN C 173 6.52 43.64 29.38
CA GLN C 173 7.07 44.97 29.41
C GLN C 173 6.36 45.81 30.48
N PRO C 174 7.11 46.50 31.36
CA PRO C 174 6.47 47.32 32.40
C PRO C 174 5.57 48.40 31.81
N PHE C 175 4.29 48.34 32.14
CA PHE C 175 3.30 49.28 31.63
C PHE C 175 2.46 49.83 32.77
N LEU C 176 1.97 51.05 32.59
CA LEU C 176 1.15 51.73 33.58
C LEU C 176 -0.28 51.17 33.57
N PHE C 186 -14.43 60.29 23.66
CA PHE C 186 -13.22 59.53 23.33
C PHE C 186 -12.96 58.45 24.37
N LYS C 187 -13.38 57.22 24.05
CA LYS C 187 -13.16 56.07 24.91
C LYS C 187 -12.18 55.11 24.26
N ASN C 188 -11.72 54.14 25.04
CA ASN C 188 -10.81 53.10 24.57
C ASN C 188 -11.50 51.75 24.73
N LEU C 189 -11.45 50.95 23.68
CA LEU C 189 -11.95 49.59 23.67
C LEU C 189 -10.77 48.64 23.63
N ARG C 190 -10.67 47.78 24.63
CA ARG C 190 -9.60 46.79 24.72
C ARG C 190 -10.24 45.41 24.63
N GLU C 191 -9.91 44.69 23.56
CA GLU C 191 -10.41 43.35 23.34
C GLU C 191 -9.31 42.35 23.64
N PHE C 192 -9.68 41.23 24.28
CA PHE C 192 -8.75 40.18 24.63
C PHE C 192 -9.45 38.85 24.41
N VAL C 193 -8.66 37.85 24.03
CA VAL C 193 -9.15 36.49 23.85
C VAL C 193 -8.27 35.58 24.68
N PHE C 194 -8.89 34.77 25.53
CA PHE C 194 -8.17 33.83 26.38
C PHE C 194 -8.57 32.43 25.97
N LYS C 195 -7.60 31.63 25.54
CA LYS C 195 -7.88 30.31 25.00
C LYS C 195 -6.90 29.30 25.61
N ASN C 196 -7.44 28.28 26.26
CA ASN C 196 -6.61 27.28 26.94
C ASN C 196 -6.66 25.98 26.13
N ILE C 197 -5.60 25.73 25.37
CA ILE C 197 -5.55 24.56 24.50
C ILE C 197 -4.19 23.89 24.66
N ASP C 198 -4.20 22.57 24.89
CA ASP C 198 -2.98 21.76 24.96
C ASP C 198 -2.01 22.27 26.02
N GLY C 199 -2.55 22.62 27.19
CA GLY C 199 -1.72 23.13 28.26
C GLY C 199 -1.13 24.49 28.00
N TYR C 200 -1.54 25.15 26.91
CA TYR C 200 -1.05 26.47 26.56
C TYR C 200 -2.19 27.47 26.74
N PHE C 201 -1.94 28.51 27.51
CA PHE C 201 -2.92 29.57 27.71
C PHE C 201 -2.53 30.73 26.81
N LYS C 202 -3.16 30.80 25.63
CA LYS C 202 -2.87 31.80 24.63
C LYS C 202 -3.74 33.02 24.86
N ILE C 203 -3.13 34.20 24.76
CA ILE C 203 -3.80 35.47 24.95
C ILE C 203 -3.67 36.26 23.66
N TYR C 204 -4.77 36.84 23.20
CA TYR C 204 -4.76 37.76 22.07
C TYR C 204 -5.30 39.10 22.53
N SER C 205 -4.77 40.18 21.98
CA SER C 205 -5.18 41.51 22.41
C SER C 205 -5.36 42.41 21.20
N LYS C 206 -6.15 43.46 21.41
CA LYS C 206 -6.30 44.54 20.44
C LYS C 206 -6.81 45.77 21.17
N HIS C 207 -6.28 46.93 20.81
CA HIS C 207 -6.62 48.19 21.47
C HIS C 207 -7.07 49.18 20.42
N THR C 208 -8.24 49.77 20.60
CA THR C 208 -8.78 50.70 19.62
C THR C 208 -9.35 51.93 20.30
N PRO C 209 -9.28 53.09 19.65
CA PRO C 209 -10.03 54.25 20.13
C PRO C 209 -11.45 54.24 19.58
N ILE C 210 -12.44 54.17 20.46
CA ILE C 210 -13.85 54.10 20.08
C ILE C 210 -14.55 55.35 20.58
N ASN C 211 -15.34 55.99 19.71
CA ASN C 211 -16.08 57.18 20.07
C ASN C 211 -17.48 56.89 20.57
N LEU C 212 -17.93 55.63 20.52
CA LEU C 212 -19.26 55.30 21.01
C LEU C 212 -19.31 55.42 22.53
N VAL C 213 -20.50 55.74 23.04
CA VAL C 213 -20.71 55.96 24.46
C VAL C 213 -21.12 54.66 25.17
N ARG C 214 -22.08 53.93 24.61
CA ARG C 214 -22.57 52.71 25.23
C ARG C 214 -22.79 51.67 24.15
N GLY C 215 -22.69 50.40 24.55
CA GLY C 215 -22.90 49.29 23.63
C GLY C 215 -21.60 48.80 23.01
N LEU C 216 -21.59 47.53 22.65
CA LEU C 216 -20.44 46.92 21.98
C LEU C 216 -20.36 47.44 20.54
N PRO C 217 -19.25 48.04 20.12
CA PRO C 217 -19.22 48.67 18.80
C PRO C 217 -19.31 47.64 17.68
N GLN C 218 -19.88 48.07 16.56
CA GLN C 218 -19.98 47.25 15.37
C GLN C 218 -18.85 47.61 14.41
N GLY C 219 -18.10 46.61 14.00
CA GLY C 219 -16.93 46.82 13.15
C GLY C 219 -16.10 45.56 13.13
N PHE C 220 -14.94 45.68 12.49
CA PHE C 220 -14.02 44.55 12.40
C PHE C 220 -12.61 44.98 12.77
N SER C 221 -11.94 44.15 13.57
CA SER C 221 -10.56 44.42 13.96
C SER C 221 -9.95 43.11 14.43
N ALA C 222 -8.85 42.70 13.80
CA ALA C 222 -8.20 41.45 14.15
C ALA C 222 -7.37 41.58 15.42
N LEU C 223 -7.36 40.51 16.21
CA LEU C 223 -6.73 40.52 17.53
C LEU C 223 -5.36 39.85 17.45
N GLU C 224 -4.30 40.64 17.64
CA GLU C 224 -2.94 40.15 17.49
C GLU C 224 -2.52 39.38 18.74
N PRO C 225 -1.82 38.26 18.59
CA PRO C 225 -1.40 37.49 19.77
C PRO C 225 -0.48 38.32 20.65
N LEU C 226 -0.64 38.16 21.97
CA LEU C 226 0.14 38.89 22.95
C LEU C 226 1.22 38.02 23.58
N VAL C 227 0.83 36.87 24.13
CA VAL C 227 1.77 35.92 24.70
C VAL C 227 1.08 34.59 24.87
N ASP C 228 1.83 33.50 24.72
CA ASP C 228 1.33 32.16 24.98
C ASP C 228 2.07 31.59 26.18
N LEU C 229 1.32 31.03 27.13
CA LEU C 229 1.88 30.58 28.39
C LEU C 229 1.65 29.08 28.54
N PRO C 230 2.70 28.27 28.64
CA PRO C 230 2.53 26.82 28.88
C PRO C 230 2.30 26.51 30.37
N ILE C 231 1.24 27.10 30.93
CA ILE C 231 0.96 26.90 32.34
C ILE C 231 0.51 25.46 32.59
N GLY C 232 -0.22 24.88 31.63
CA GLY C 232 -0.62 23.49 31.73
C GLY C 232 -1.54 23.18 32.90
N ILE C 233 -2.53 24.03 33.12
CA ILE C 233 -3.50 23.84 34.19
C ILE C 233 -4.89 23.76 33.58
N ASN C 234 -5.86 23.40 34.41
CA ASN C 234 -7.25 23.31 34.00
C ASN C 234 -7.98 24.57 34.44
N ILE C 235 -8.71 25.18 33.51
CA ILE C 235 -9.50 26.37 33.79
C ILE C 235 -10.95 26.07 33.44
N THR C 236 -11.86 26.40 34.36
CA THR C 236 -13.29 26.35 34.08
C THR C 236 -14.03 27.61 34.45
N ARG C 237 -13.44 28.50 35.26
CA ARG C 237 -14.08 29.73 35.67
C ARG C 237 -13.04 30.84 35.73
N PHE C 238 -13.54 32.08 35.65
CA PHE C 238 -12.66 33.24 35.74
C PHE C 238 -13.45 34.44 36.23
N GLN C 239 -12.72 35.38 36.83
CA GLN C 239 -13.32 36.60 37.35
C GLN C 239 -12.41 37.78 37.05
N THR C 240 -13.03 38.90 36.69
CA THR C 240 -12.32 40.14 36.43
C THR C 240 -12.00 40.87 37.74
N LEU C 241 -11.01 41.76 37.67
CA LEU C 241 -10.66 42.62 38.78
C LEU C 241 -10.67 44.07 38.29
N HIS C 242 -11.20 44.97 39.10
CA HIS C 242 -11.27 46.39 38.75
C HIS C 242 -10.43 47.20 39.71
N ILE C 243 -10.16 48.44 39.31
CA ILE C 243 -9.43 49.40 40.14
C ILE C 243 -10.45 50.21 40.94
N SER C 244 -10.05 50.65 42.12
CA SER C 244 -10.90 51.47 42.97
C SER C 244 -10.23 52.81 43.22
N TYR C 245 -10.99 53.89 43.01
CA TYR C 245 -10.50 55.24 43.21
C TYR C 245 -10.95 55.71 44.59
N LEU C 246 -10.02 55.71 45.55
CA LEU C 246 -10.34 56.20 46.89
C LEU C 246 -10.45 57.71 46.87
N THR C 247 -11.55 58.23 47.40
CA THR C 247 -11.82 59.65 47.41
C THR C 247 -12.19 60.11 48.82
N PRO C 248 -11.87 61.35 49.18
CA PRO C 248 -12.27 61.85 50.50
C PRO C 248 -13.77 61.86 50.72
N GLY C 249 -14.56 62.10 49.67
CA GLY C 249 -16.00 62.13 49.79
C GLY C 249 -16.53 63.40 50.45
N ALA C 257 -19.35 58.69 37.94
CA ALA C 257 -20.59 58.15 37.37
C ALA C 257 -20.30 57.39 36.08
N GLY C 258 -19.26 57.81 35.37
CA GLY C 258 -18.89 57.17 34.12
C GLY C 258 -18.15 55.86 34.33
N ALA C 259 -18.84 54.87 34.88
CA ALA C 259 -18.22 53.58 35.13
C ALA C 259 -17.93 52.86 33.83
N ALA C 260 -16.82 52.11 33.80
CA ALA C 260 -16.45 51.35 32.62
C ALA C 260 -17.39 50.16 32.45
N ALA C 261 -17.44 49.64 31.22
CA ALA C 261 -18.28 48.50 30.91
C ALA C 261 -17.42 47.39 30.31
N TYR C 262 -17.89 46.14 30.44
CA TYR C 262 -17.18 45.05 29.82
C TYR C 262 -18.16 43.96 29.39
N TYR C 263 -17.74 43.22 28.37
CA TYR C 263 -18.57 42.26 27.66
C TYR C 263 -17.83 40.93 27.58
N VAL C 264 -18.57 39.83 27.59
CA VAL C 264 -17.98 38.50 27.59
C VAL C 264 -18.73 37.62 26.60
N GLY C 265 -18.00 36.90 25.75
CA GLY C 265 -18.58 35.89 24.90
C GLY C 265 -17.75 34.61 24.96
N TYR C 266 -18.37 33.52 24.53
CA TYR C 266 -17.76 32.20 24.61
C TYR C 266 -17.42 31.69 23.22
N LEU C 267 -16.22 31.13 23.07
CA LEU C 267 -15.74 30.64 21.79
C LEU C 267 -16.32 29.25 21.49
N GLN C 268 -16.47 28.97 20.20
CA GLN C 268 -17.01 27.72 19.70
C GLN C 268 -16.16 27.27 18.52
N PRO C 269 -16.14 25.97 18.23
CA PRO C 269 -15.39 25.49 17.06
C PRO C 269 -16.08 25.86 15.76
N ARG C 270 -15.53 26.84 15.05
CA ARG C 270 -16.14 27.37 13.85
C ARG C 270 -15.08 27.51 12.76
N THR C 271 -15.54 27.45 11.52
CA THR C 271 -14.69 27.67 10.35
C THR C 271 -14.91 29.07 9.82
N PHE C 272 -13.85 29.85 9.73
CA PHE C 272 -13.90 31.24 9.28
C PHE C 272 -13.01 31.39 8.06
N LEU C 273 -13.46 32.24 7.13
CA LEU C 273 -12.66 32.59 5.95
C LEU C 273 -12.09 33.98 6.16
N LEU C 274 -10.78 34.07 6.36
CA LEU C 274 -10.11 35.31 6.71
C LEU C 274 -9.42 35.88 5.48
N LYS C 275 -9.48 37.21 5.34
CA LYS C 275 -8.87 37.88 4.19
C LYS C 275 -7.62 38.61 4.65
N TYR C 276 -6.47 38.18 4.16
CA TYR C 276 -5.21 38.86 4.40
C TYR C 276 -4.91 39.80 3.24
N ASN C 277 -4.62 41.05 3.58
CA ASN C 277 -4.32 42.06 2.57
C ASN C 277 -2.83 42.01 2.23
N GLU C 278 -2.38 43.00 1.47
CA GLU C 278 -1.00 42.99 0.98
C GLU C 278 0.00 43.02 2.12
N ASN C 279 -0.21 43.89 3.10
CA ASN C 279 0.73 43.99 4.22
C ASN C 279 0.58 42.84 5.21
N GLY C 280 -0.43 42.01 5.06
CA GLY C 280 -0.50 40.77 5.82
C GLY C 280 -1.33 40.80 7.08
N THR C 281 -2.32 41.69 7.15
CA THR C 281 -3.20 41.78 8.32
C THR C 281 -4.61 41.39 7.92
N ILE C 282 -5.32 40.72 8.82
CA ILE C 282 -6.67 40.27 8.55
C ILE C 282 -7.59 41.47 8.44
N THR C 283 -8.09 41.73 7.23
CA THR C 283 -8.90 42.91 6.95
C THR C 283 -10.38 42.61 6.96
N ASP C 284 -10.77 41.35 6.88
CA ASP C 284 -12.18 40.96 6.82
C ASP C 284 -12.26 39.48 7.12
N ALA C 285 -13.46 39.02 7.46
CA ALA C 285 -13.62 37.62 7.82
C ALA C 285 -15.08 37.24 7.63
N VAL C 286 -15.29 36.01 7.16
CA VAL C 286 -16.61 35.47 6.89
C VAL C 286 -16.82 34.31 7.85
N ASP C 287 -17.83 34.42 8.70
CA ASP C 287 -18.26 33.28 9.48
C ASP C 287 -19.15 32.42 8.62
N CYS C 288 -18.82 31.15 8.50
CA CYS C 288 -19.62 30.19 7.76
C CYS C 288 -20.35 29.29 8.75
N ALA C 289 -21.44 28.70 8.29
CA ALA C 289 -22.48 28.13 9.14
C ALA C 289 -23.22 29.22 9.89
N LEU C 290 -23.08 30.48 9.48
CA LEU C 290 -23.92 31.56 9.96
C LEU C 290 -25.18 31.70 9.13
N ASP C 291 -25.02 31.85 7.82
CA ASP C 291 -26.15 31.97 6.90
C ASP C 291 -25.77 31.32 5.57
N PRO C 292 -26.76 31.00 4.72
CA PRO C 292 -26.42 30.37 3.44
C PRO C 292 -25.50 31.21 2.58
N LEU C 293 -25.60 32.54 2.63
CA LEU C 293 -24.70 33.35 1.83
C LEU C 293 -23.25 33.15 2.27
N SER C 294 -23.03 33.11 3.58
CA SER C 294 -21.70 32.84 4.08
C SER C 294 -21.23 31.44 3.74
N GLU C 295 -22.14 30.47 3.72
CA GLU C 295 -21.74 29.13 3.28
C GLU C 295 -21.29 29.16 1.82
N THR C 296 -22.00 29.91 0.97
CA THR C 296 -21.57 30.05 -0.42
C THR C 296 -20.19 30.68 -0.51
N LYS C 297 -19.96 31.73 0.28
CA LYS C 297 -18.69 32.49 0.19
C LYS C 297 -17.49 31.57 0.44
N CYS C 298 -17.52 30.78 1.52
CA CYS C 298 -16.34 29.94 1.85
C CYS C 298 -16.23 28.80 0.86
N THR C 299 -17.36 28.19 0.48
CA THR C 299 -17.32 27.13 -0.56
C THR C 299 -16.59 27.69 -1.78
N LEU C 300 -16.95 28.89 -2.20
CA LEU C 300 -16.29 29.54 -3.32
C LEU C 300 -14.92 30.11 -2.95
N LYS C 301 -14.58 30.14 -1.66
CA LYS C 301 -13.34 30.75 -1.20
C LYS C 301 -13.21 32.18 -1.70
N SER C 302 -14.32 32.91 -1.66
CA SER C 302 -14.39 34.28 -2.15
C SER C 302 -15.29 35.08 -1.22
N PHE C 303 -15.00 36.37 -1.10
CA PHE C 303 -15.90 37.27 -0.38
C PHE C 303 -16.98 37.85 -1.28
N THR C 304 -16.87 37.68 -2.59
CA THR C 304 -17.86 38.15 -3.54
C THR C 304 -18.38 36.96 -4.34
N VAL C 305 -19.70 36.87 -4.47
CA VAL C 305 -20.36 35.73 -5.07
C VAL C 305 -21.15 36.21 -6.27
N GLU C 306 -20.95 35.57 -7.42
CA GLU C 306 -21.65 35.97 -8.63
C GLU C 306 -23.02 35.28 -8.70
N LYS C 307 -23.91 35.87 -9.48
CA LYS C 307 -25.28 35.37 -9.58
C LYS C 307 -25.28 33.95 -10.12
N GLY C 308 -26.00 33.08 -9.43
CA GLY C 308 -26.00 31.67 -9.77
C GLY C 308 -26.50 30.87 -8.59
N ILE C 309 -26.54 29.55 -8.80
CA ILE C 309 -26.97 28.60 -7.78
C ILE C 309 -25.80 27.70 -7.45
N TYR C 310 -25.39 27.68 -6.18
CA TYR C 310 -24.17 27.02 -5.75
C TYR C 310 -24.51 25.94 -4.76
N GLN C 311 -24.09 24.71 -5.03
CA GLN C 311 -24.34 23.60 -4.12
C GLN C 311 -23.39 23.75 -2.93
N THR C 312 -23.90 24.29 -1.83
CA THR C 312 -23.07 24.58 -0.69
C THR C 312 -22.91 23.37 0.22
N SER C 313 -24.01 22.82 0.72
CA SER C 313 -23.87 21.86 1.81
C SER C 313 -24.82 20.70 1.59
N ASN C 314 -25.00 19.90 2.65
CA ASN C 314 -25.93 18.79 2.65
C ASN C 314 -26.79 18.87 3.89
N PHE C 315 -28.10 18.73 3.71
CA PHE C 315 -29.04 18.66 4.82
C PHE C 315 -29.19 17.21 5.23
N ARG C 316 -29.05 16.95 6.52
CA ARG C 316 -29.33 15.62 7.08
C ARG C 316 -30.09 15.80 8.38
N VAL C 317 -31.18 15.04 8.53
CA VAL C 317 -31.96 15.07 9.77
C VAL C 317 -31.24 14.21 10.80
N GLN C 318 -30.72 14.85 11.85
CA GLN C 318 -29.99 14.11 12.86
C GLN C 318 -30.97 13.31 13.73
N PRO C 319 -30.51 12.18 14.28
CA PRO C 319 -31.38 11.37 15.13
C PRO C 319 -31.80 12.11 16.39
N THR C 320 -33.03 11.84 16.82
CA THR C 320 -33.56 12.48 18.03
C THR C 320 -33.34 11.62 19.26
N GLU C 321 -33.75 10.35 19.21
CA GLU C 321 -33.67 9.45 20.34
C GLU C 321 -32.95 8.18 19.93
N SER C 322 -32.37 7.50 20.91
CA SER C 322 -31.73 6.21 20.70
C SER C 322 -32.57 5.13 21.35
N ILE C 323 -32.66 3.99 20.67
CA ILE C 323 -33.50 2.89 21.15
C ILE C 323 -32.77 1.55 21.02
N VAL C 324 -32.47 0.94 22.15
CA VAL C 324 -31.88 -0.40 22.16
C VAL C 324 -32.99 -1.42 22.40
N ARG C 325 -33.03 -2.46 21.56
CA ARG C 325 -34.04 -3.51 21.64
C ARG C 325 -33.35 -4.87 21.56
N PHE C 326 -32.98 -5.40 22.70
CA PHE C 326 -32.37 -6.70 22.78
C PHE C 326 -33.40 -7.75 23.22
N PRO C 327 -33.15 -9.03 22.96
CA PRO C 327 -34.08 -10.06 23.40
C PRO C 327 -34.25 -10.06 24.90
N ASN C 328 -35.48 -10.38 25.35
CA ASN C 328 -35.80 -10.40 26.80
C ASN C 328 -35.35 -11.72 27.42
N ILE C 329 -34.04 -11.93 27.51
CA ILE C 329 -33.45 -13.11 28.11
C ILE C 329 -32.78 -12.69 29.40
N THR C 330 -33.10 -13.38 30.49
CA THR C 330 -32.53 -13.07 31.80
C THR C 330 -31.58 -14.15 32.30
N ASN C 331 -31.37 -15.21 31.54
CA ASN C 331 -30.41 -16.24 31.94
C ASN C 331 -29.00 -15.68 31.93
N LEU C 332 -28.19 -16.12 32.88
CA LEU C 332 -26.79 -15.76 32.93
C LEU C 332 -25.96 -16.86 32.30
N CYS C 333 -25.06 -16.49 31.39
CA CYS C 333 -24.24 -17.48 30.71
C CYS C 333 -23.31 -18.16 31.70
N PRO C 334 -23.09 -19.47 31.58
CA PRO C 334 -22.29 -20.22 32.56
C PRO C 334 -20.79 -20.02 32.38
N PHE C 335 -20.36 -18.76 32.45
CA PHE C 335 -18.93 -18.47 32.42
C PHE C 335 -18.24 -18.90 33.70
N GLY C 336 -18.97 -18.98 34.81
CA GLY C 336 -18.38 -19.49 36.03
C GLY C 336 -18.17 -20.98 36.05
N GLU C 337 -18.76 -21.70 35.09
CA GLU C 337 -18.52 -23.13 34.92
C GLU C 337 -17.44 -23.41 33.89
N VAL C 338 -16.93 -22.39 33.21
CA VAL C 338 -15.85 -22.57 32.25
C VAL C 338 -14.56 -21.90 32.69
N PHE C 339 -14.64 -20.81 33.45
CA PHE C 339 -13.44 -20.17 33.97
C PHE C 339 -13.09 -20.62 35.38
N ASN C 340 -13.96 -21.38 36.03
CA ASN C 340 -13.70 -21.89 37.38
C ASN C 340 -13.82 -23.41 37.43
N ALA C 341 -13.60 -24.08 36.30
CA ALA C 341 -13.61 -25.53 36.29
C ALA C 341 -12.41 -26.07 37.04
N THR C 342 -12.64 -27.11 37.85
CA THR C 342 -11.56 -27.67 38.65
C THR C 342 -10.46 -28.24 37.78
N ARG C 343 -10.82 -28.94 36.71
CA ARG C 343 -9.86 -29.50 35.77
C ARG C 343 -10.13 -28.96 34.38
N PHE C 344 -9.09 -28.42 33.74
CA PHE C 344 -9.15 -28.03 32.34
C PHE C 344 -8.58 -29.16 31.48
N ALA C 345 -9.23 -29.41 30.35
CA ALA C 345 -8.87 -30.56 29.53
C ALA C 345 -7.47 -30.41 28.96
N SER C 346 -6.92 -31.51 28.50
CA SER C 346 -5.63 -31.48 27.83
C SER C 346 -5.74 -30.69 26.54
N VAL C 347 -4.61 -30.13 26.10
CA VAL C 347 -4.63 -29.28 24.92
C VAL C 347 -4.99 -30.08 23.68
N TYR C 348 -4.57 -31.35 23.62
CA TYR C 348 -4.93 -32.17 22.47
C TYR C 348 -6.40 -32.58 22.49
N ALA C 349 -7.04 -32.54 23.66
CA ALA C 349 -8.44 -32.91 23.79
C ALA C 349 -9.23 -31.75 24.41
N TRP C 350 -9.03 -30.55 23.86
CA TRP C 350 -9.60 -29.34 24.44
C TRP C 350 -11.12 -29.43 24.53
N ASN C 351 -11.67 -28.97 25.65
CA ASN C 351 -13.11 -29.07 25.86
C ASN C 351 -13.83 -27.90 25.20
N ARG C 352 -14.84 -28.20 24.40
CA ARG C 352 -15.65 -27.18 23.75
C ARG C 352 -17.03 -27.16 24.37
N LYS C 353 -17.43 -25.99 24.87
CA LYS C 353 -18.75 -25.78 25.44
C LYS C 353 -19.48 -24.74 24.61
N ARG C 354 -20.69 -25.06 24.20
CA ARG C 354 -21.50 -24.17 23.39
C ARG C 354 -22.43 -23.36 24.31
N ILE C 355 -22.40 -22.05 24.17
CA ILE C 355 -23.12 -21.13 25.03
C ILE C 355 -24.13 -20.39 24.18
N SER C 356 -25.39 -20.45 24.59
CA SER C 356 -26.51 -19.86 23.88
C SER C 356 -27.66 -19.66 24.85
N ASN C 357 -28.60 -18.80 24.46
CA ASN C 357 -29.81 -18.53 25.24
C ASN C 357 -29.49 -18.02 26.64
N CYS C 358 -28.66 -16.98 26.70
CA CYS C 358 -28.26 -16.42 27.99
C CYS C 358 -27.73 -15.02 27.77
N VAL C 359 -27.54 -14.31 28.88
CA VAL C 359 -26.97 -12.96 28.89
C VAL C 359 -25.58 -13.03 29.47
N ALA C 360 -24.59 -12.55 28.70
CA ALA C 360 -23.19 -12.65 29.08
C ALA C 360 -22.67 -11.28 29.48
N ASP C 361 -22.06 -11.21 30.66
CA ASP C 361 -21.47 -9.97 31.16
C ASP C 361 -19.96 -10.05 30.92
N TYR C 362 -19.57 -9.71 29.70
CA TYR C 362 -18.18 -9.84 29.28
C TYR C 362 -17.27 -8.92 30.10
N SER C 363 -17.71 -7.70 30.38
CA SER C 363 -16.92 -6.81 31.21
C SER C 363 -16.78 -7.37 32.63
N VAL C 364 -17.85 -7.98 33.13
CA VAL C 364 -17.77 -8.62 34.49
C VAL C 364 -16.64 -9.63 34.47
N LEU C 365 -16.72 -10.63 33.59
CA LEU C 365 -15.64 -11.65 33.47
C LEU C 365 -14.30 -10.94 33.28
N TYR C 366 -14.29 -9.84 32.51
CA TYR C 366 -13.03 -9.16 32.21
C TYR C 366 -12.37 -8.65 33.49
N ASN C 367 -13.16 -8.03 34.36
CA ASN C 367 -12.66 -7.55 35.66
C ASN C 367 -13.02 -8.55 36.76
N SER C 368 -12.45 -9.75 36.65
CA SER C 368 -12.75 -10.81 37.61
C SER C 368 -11.48 -11.40 38.21
N ALA C 369 -10.43 -11.52 37.41
CA ALA C 369 -9.20 -12.15 37.87
C ALA C 369 -8.03 -11.48 37.16
N SER C 370 -6.85 -12.08 37.27
CA SER C 370 -5.64 -11.55 36.65
C SER C 370 -5.37 -12.36 35.39
N PHE C 371 -6.02 -11.96 34.29
CA PHE C 371 -5.84 -12.62 33.01
C PHE C 371 -4.59 -12.05 32.35
N SER C 372 -3.52 -12.85 32.28
CA SER C 372 -2.26 -12.38 31.73
C SER C 372 -2.38 -12.04 30.25
N THR C 373 -3.36 -12.62 29.55
CA THR C 373 -3.55 -12.35 28.14
C THR C 373 -5.04 -12.27 27.87
N PHE C 374 -5.50 -11.19 27.25
CA PHE C 374 -6.90 -11.01 26.88
C PHE C 374 -6.99 -10.53 25.44
N LYS C 375 -6.34 -11.26 24.54
CA LYS C 375 -6.23 -10.81 23.16
C LYS C 375 -7.53 -11.06 22.41
N CYS C 376 -8.27 -10.01 22.13
CA CYS C 376 -9.53 -10.10 21.40
C CYS C 376 -9.30 -9.69 19.96
N TYR C 377 -9.54 -10.59 19.03
CA TYR C 377 -9.33 -10.38 17.61
C TYR C 377 -10.68 -10.20 16.92
N GLY C 378 -10.84 -9.08 16.22
CA GLY C 378 -12.05 -8.78 15.49
C GLY C 378 -13.10 -8.01 16.28
N VAL C 379 -12.91 -7.85 17.58
CA VAL C 379 -13.86 -7.15 18.45
C VAL C 379 -13.16 -6.71 19.72
N SER C 380 -13.40 -5.48 20.15
CA SER C 380 -12.74 -4.97 21.35
C SER C 380 -13.51 -5.39 22.60
N PRO C 381 -12.81 -5.73 23.69
CA PRO C 381 -13.50 -6.27 24.87
C PRO C 381 -14.57 -5.36 25.44
N THR C 382 -14.30 -4.05 25.47
CA THR C 382 -15.27 -3.13 26.06
C THR C 382 -16.53 -3.03 25.22
N LYS C 383 -16.46 -3.42 23.95
CA LYS C 383 -17.64 -3.44 23.10
C LYS C 383 -18.43 -4.73 23.23
N LEU C 384 -17.89 -5.74 23.92
CA LEU C 384 -18.54 -7.05 23.96
C LEU C 384 -19.90 -6.98 24.65
N ASN C 385 -20.16 -5.93 25.43
CA ASN C 385 -21.46 -5.83 26.08
C ASN C 385 -22.53 -5.27 25.16
N ASP C 386 -22.16 -4.66 24.05
CA ASP C 386 -23.13 -4.03 23.16
C ASP C 386 -23.47 -4.92 21.97
N LEU C 387 -23.08 -6.18 21.99
CA LEU C 387 -23.20 -7.06 20.84
C LEU C 387 -24.00 -8.31 21.21
N CYS C 388 -24.71 -8.84 20.23
CA CYS C 388 -25.38 -10.12 20.34
C CYS C 388 -24.75 -11.11 19.37
N PHE C 389 -24.36 -12.25 19.88
CA PHE C 389 -23.69 -13.30 19.12
C PHE C 389 -24.63 -14.48 18.95
N THR C 390 -24.53 -15.13 17.79
CA THR C 390 -25.37 -16.30 17.51
C THR C 390 -25.02 -17.45 18.44
N ASN C 391 -23.72 -17.72 18.62
CA ASN C 391 -23.26 -18.74 19.55
C ASN C 391 -21.92 -18.32 20.11
N VAL C 392 -21.60 -18.80 21.32
CA VAL C 392 -20.28 -18.61 21.89
C VAL C 392 -19.69 -19.99 22.13
N TYR C 393 -18.52 -20.25 21.58
CA TYR C 393 -17.82 -21.50 21.85
C TYR C 393 -16.65 -21.22 22.80
N ALA C 394 -16.65 -21.89 23.94
CA ALA C 394 -15.61 -21.68 24.95
C ALA C 394 -14.69 -22.90 24.93
N ASP C 395 -13.64 -22.82 24.11
CA ASP C 395 -12.69 -23.92 24.02
C ASP C 395 -11.63 -23.75 25.09
N SER C 396 -11.63 -24.66 26.06
CA SER C 396 -10.78 -24.56 27.24
C SER C 396 -9.74 -25.66 27.24
N PHE C 397 -8.51 -25.29 27.57
CA PHE C 397 -7.39 -26.22 27.68
C PHE C 397 -6.31 -25.57 28.53
N VAL C 398 -5.18 -26.27 28.68
CA VAL C 398 -4.05 -25.81 29.47
C VAL C 398 -2.78 -25.92 28.62
N ILE C 399 -1.99 -24.86 28.61
CA ILE C 399 -0.80 -24.78 27.76
C ILE C 399 0.33 -24.13 28.56
N ARG C 400 1.56 -24.57 28.33
CA ARG C 400 2.68 -23.93 29.00
C ARG C 400 2.85 -22.50 28.49
N GLY C 401 3.49 -21.67 29.32
CA GLY C 401 3.52 -20.24 29.05
C GLY C 401 4.15 -19.89 27.72
N ASP C 402 5.23 -20.58 27.35
CA ASP C 402 5.94 -20.25 26.11
C ASP C 402 5.09 -20.48 24.87
N GLU C 403 4.08 -21.33 24.95
CA GLU C 403 3.23 -21.62 23.79
C GLU C 403 1.92 -20.85 23.81
N VAL C 404 1.69 -19.99 24.82
CA VAL C 404 0.46 -19.21 24.85
C VAL C 404 0.36 -18.31 23.63
N ARG C 405 1.50 -17.72 23.22
CA ARG C 405 1.51 -16.91 22.02
C ARG C 405 1.09 -17.68 20.78
N GLN C 406 1.17 -19.01 20.81
CA GLN C 406 0.74 -19.80 19.68
C GLN C 406 -0.77 -19.91 19.56
N ILE C 407 -1.52 -19.47 20.58
CA ILE C 407 -2.99 -19.48 20.51
C ILE C 407 -3.40 -18.12 19.96
N ALA C 408 -3.35 -18.00 18.63
CA ALA C 408 -3.66 -16.78 17.91
C ALA C 408 -3.70 -17.10 16.42
N PRO C 409 -4.47 -16.36 15.63
CA PRO C 409 -4.53 -16.65 14.19
C PRO C 409 -3.17 -16.49 13.54
N GLY C 410 -2.87 -17.36 12.59
CA GLY C 410 -1.63 -17.24 11.85
C GLY C 410 -0.39 -17.59 12.62
N GLN C 411 -0.50 -18.39 13.67
CA GLN C 411 0.64 -18.85 14.44
C GLN C 411 1.07 -20.24 13.98
N THR C 412 2.36 -20.52 14.16
CA THR C 412 2.93 -21.80 13.78
C THR C 412 3.65 -22.40 14.98
N GLY C 413 3.70 -23.73 15.01
CA GLY C 413 4.35 -24.44 16.09
C GLY C 413 3.65 -25.75 16.38
N ASN C 414 4.18 -26.50 17.36
CA ASN C 414 3.59 -27.80 17.68
C ASN C 414 2.14 -27.64 18.13
N ILE C 415 1.87 -26.66 19.01
CA ILE C 415 0.50 -26.45 19.48
C ILE C 415 -0.41 -26.07 18.32
N ALA C 416 -0.08 -25.00 17.61
CA ALA C 416 -0.94 -24.47 16.56
C ALA C 416 -1.05 -25.39 15.36
N ASP C 417 -0.21 -26.42 15.26
CA ASP C 417 -0.28 -27.34 14.13
C ASP C 417 -0.84 -28.70 14.49
N TYR C 418 -0.63 -29.20 15.70
CA TYR C 418 -1.04 -30.55 16.05
C TYR C 418 -2.11 -30.61 17.13
N ASN C 419 -2.33 -29.52 17.88
CA ASN C 419 -3.20 -29.57 19.03
C ASN C 419 -4.43 -28.69 18.87
N TYR C 420 -4.25 -27.40 18.59
CA TYR C 420 -5.38 -26.47 18.57
C TYR C 420 -5.08 -25.36 17.57
N LYS C 421 -5.82 -25.34 16.46
CA LYS C 421 -5.58 -24.40 15.37
C LYS C 421 -6.73 -23.42 15.30
N LEU C 422 -6.41 -22.13 15.41
CA LEU C 422 -7.40 -21.06 15.24
C LEU C 422 -7.45 -20.62 13.79
N PRO C 423 -8.64 -20.45 13.21
CA PRO C 423 -8.72 -20.07 11.80
C PRO C 423 -8.19 -18.66 11.56
N ASP C 424 -7.75 -18.42 10.32
CA ASP C 424 -7.25 -17.11 9.94
C ASP C 424 -8.32 -16.03 10.03
N ASP C 425 -9.60 -16.40 9.92
CA ASP C 425 -10.71 -15.47 10.05
C ASP C 425 -11.33 -15.56 11.45
N PHE C 426 -10.49 -15.78 12.46
CA PHE C 426 -10.98 -15.93 13.83
C PHE C 426 -11.57 -14.63 14.32
N THR C 427 -12.73 -14.74 14.97
CA THR C 427 -13.48 -13.59 15.51
C THR C 427 -13.82 -13.94 16.95
N GLY C 428 -13.04 -13.46 17.88
CA GLY C 428 -13.28 -13.79 19.28
C GLY C 428 -12.11 -13.44 20.14
N CYS C 429 -12.24 -13.77 21.41
CA CYS C 429 -11.20 -13.45 22.38
C CYS C 429 -10.41 -14.69 22.76
N VAL C 430 -9.19 -14.47 23.24
CA VAL C 430 -8.33 -15.51 23.79
C VAL C 430 -7.87 -15.03 25.15
N ILE C 431 -8.27 -15.75 26.21
CA ILE C 431 -7.96 -15.37 27.58
C ILE C 431 -7.04 -16.43 28.17
N ALA C 432 -6.00 -15.99 28.85
CA ALA C 432 -5.03 -16.92 29.41
C ALA C 432 -4.50 -16.34 30.72
N TRP C 433 -4.54 -17.15 31.77
CA TRP C 433 -4.02 -16.75 33.07
C TRP C 433 -3.14 -17.85 33.62
N ASN C 434 -2.05 -17.44 34.26
CA ASN C 434 -1.06 -18.36 34.81
C ASN C 434 -1.64 -19.04 36.03
N SER C 435 -2.10 -20.29 35.86
CA SER C 435 -2.63 -21.08 36.96
C SER C 435 -1.55 -22.03 37.44
N ASN C 436 -0.61 -21.48 38.20
CA ASN C 436 0.46 -22.27 38.81
C ASN C 436 0.07 -22.87 40.15
N ASN C 437 -1.07 -22.48 40.70
CA ASN C 437 -1.55 -22.98 41.97
C ASN C 437 -2.58 -24.10 41.82
N LEU C 438 -2.91 -24.50 40.60
CA LEU C 438 -3.91 -25.53 40.37
C LEU C 438 -3.49 -26.62 39.39
N ASP C 439 -2.54 -26.34 38.49
CA ASP C 439 -2.13 -27.32 37.48
C ASP C 439 -0.64 -27.64 37.57
N SER C 440 -0.01 -27.36 38.71
CA SER C 440 1.40 -27.67 38.92
C SER C 440 1.53 -28.42 40.24
N LYS C 441 2.28 -29.52 40.22
CA LYS C 441 2.46 -30.36 41.39
C LYS C 441 3.94 -30.61 41.60
N VAL C 442 4.30 -30.87 42.86
CA VAL C 442 5.72 -30.94 43.24
C VAL C 442 6.40 -32.09 42.50
N GLY C 443 5.77 -33.27 42.49
CA GLY C 443 6.35 -34.40 41.78
C GLY C 443 6.23 -34.33 40.28
N GLY C 444 5.37 -33.45 39.78
CA GLY C 444 5.16 -33.32 38.35
C GLY C 444 3.76 -33.73 37.95
N ASN C 445 3.00 -32.81 37.36
CA ASN C 445 1.63 -33.08 36.93
C ASN C 445 1.68 -33.50 35.47
N TYR C 446 1.37 -34.77 35.20
CA TYR C 446 1.44 -35.33 33.86
C TYR C 446 0.07 -35.55 33.24
N ASN C 447 -0.99 -34.96 33.80
CA ASN C 447 -2.33 -35.14 33.24
C ASN C 447 -2.50 -34.39 31.92
N TYR C 448 -1.67 -33.39 31.66
CA TYR C 448 -1.81 -32.56 30.47
C TYR C 448 -0.82 -33.03 29.41
N LEU C 449 -1.34 -33.44 28.26
CA LEU C 449 -0.55 -33.99 27.19
C LEU C 449 -0.75 -33.16 25.93
N TYR C 450 0.33 -32.92 25.19
CA TYR C 450 0.26 -32.25 23.90
C TYR C 450 0.73 -33.22 22.83
N ARG C 451 0.02 -33.25 21.71
CA ARG C 451 0.46 -34.06 20.59
C ARG C 451 1.76 -33.51 20.04
N LEU C 452 2.69 -34.41 19.71
CA LEU C 452 4.00 -34.00 19.23
C LEU C 452 4.30 -34.41 17.79
N PHE C 453 3.68 -35.48 17.30
CA PHE C 453 3.92 -35.96 15.94
C PHE C 453 2.59 -36.20 15.26
N ARG C 454 2.44 -35.66 14.05
CA ARG C 454 1.22 -35.86 13.28
C ARG C 454 1.58 -35.77 11.79
N LYS C 455 0.78 -36.46 10.97
CA LYS C 455 1.05 -36.47 9.54
C LYS C 455 0.88 -35.09 8.92
N SER C 456 -0.22 -34.42 9.24
CA SER C 456 -0.53 -33.11 8.68
C SER C 456 -1.02 -32.17 9.77
N ASN C 457 -0.84 -30.87 9.53
CA ASN C 457 -1.31 -29.86 10.47
C ASN C 457 -2.82 -29.89 10.59
N LEU C 458 -3.31 -29.57 11.78
CA LEU C 458 -4.74 -29.60 12.04
C LEU C 458 -5.46 -28.51 11.26
N LYS C 459 -6.65 -28.84 10.77
CA LYS C 459 -7.55 -27.83 10.25
C LYS C 459 -8.09 -26.99 11.41
N PRO C 460 -8.53 -25.76 11.14
CA PRO C 460 -9.03 -24.92 12.22
C PRO C 460 -10.18 -25.58 12.96
N PHE C 461 -10.12 -25.51 14.30
CA PHE C 461 -11.15 -26.07 15.18
C PHE C 461 -11.39 -27.54 14.89
N GLU C 462 -10.33 -28.33 15.01
CA GLU C 462 -10.39 -29.77 14.83
C GLU C 462 -9.71 -30.45 16.00
N ARG C 463 -10.36 -31.46 16.56
CA ARG C 463 -9.83 -32.23 17.68
C ARG C 463 -9.46 -33.62 17.17
N ASP C 464 -8.21 -34.02 17.42
CA ASP C 464 -7.72 -35.34 17.06
C ASP C 464 -7.16 -35.99 18.31
N ILE C 465 -7.89 -36.96 18.87
CA ILE C 465 -7.51 -37.60 20.11
C ILE C 465 -7.03 -39.02 19.87
N SER C 466 -6.54 -39.28 18.67
CA SER C 466 -5.99 -40.60 18.35
C SER C 466 -4.61 -40.75 18.98
N THR C 467 -4.40 -41.87 19.67
CA THR C 467 -3.13 -42.15 20.33
C THR C 467 -2.32 -43.22 19.62
N GLU C 468 -2.63 -43.47 18.34
CA GLU C 468 -1.89 -44.48 17.58
C GLU C 468 -0.44 -44.08 17.42
N ILE C 469 0.46 -45.07 17.48
CA ILE C 469 1.88 -44.79 17.39
C ILE C 469 2.21 -44.22 16.02
N TYR C 470 2.95 -43.12 16.02
CA TYR C 470 3.37 -42.45 14.79
C TYR C 470 4.61 -43.14 14.23
N GLN C 471 4.55 -43.49 12.95
CA GLN C 471 5.64 -44.17 12.26
C GLN C 471 6.51 -43.11 11.59
N ALA C 472 7.71 -42.89 12.13
CA ALA C 472 8.64 -41.91 11.59
C ALA C 472 9.63 -42.50 10.60
N GLY C 473 9.54 -43.80 10.32
CA GLY C 473 10.46 -44.45 9.40
C GLY C 473 9.71 -45.29 8.38
N SER C 474 10.50 -46.00 7.57
CA SER C 474 9.93 -46.86 6.55
C SER C 474 9.33 -48.13 7.14
N THR C 475 9.98 -48.68 8.16
CA THR C 475 9.50 -49.92 8.76
C THR C 475 8.20 -49.69 9.50
N PRO C 476 7.18 -50.52 9.28
CA PRO C 476 5.92 -50.35 10.01
C PRO C 476 6.09 -50.63 11.50
N CYS C 477 5.26 -49.97 12.30
CA CYS C 477 5.32 -50.10 13.74
C CYS C 477 4.38 -51.16 14.28
N ASN C 478 3.22 -51.34 13.64
CA ASN C 478 2.24 -52.35 14.04
C ASN C 478 1.81 -52.18 15.50
N GLY C 479 1.66 -50.93 15.92
CA GLY C 479 1.20 -50.64 17.27
C GLY C 479 2.25 -50.79 18.35
N VAL C 480 3.51 -51.00 17.99
CA VAL C 480 4.59 -51.16 18.95
C VAL C 480 5.56 -50.01 18.77
N LYS C 481 5.84 -49.29 19.86
CA LYS C 481 6.75 -48.16 19.81
C LYS C 481 8.18 -48.61 19.95
N GLY C 482 9.07 -47.99 19.17
CA GLY C 482 10.48 -48.33 19.20
C GLY C 482 11.28 -47.49 18.24
N PHE C 483 12.17 -48.13 17.48
CA PHE C 483 12.94 -47.42 16.48
C PHE C 483 12.03 -46.92 15.37
N ASN C 484 12.11 -45.61 15.08
CA ASN C 484 11.26 -44.97 14.07
C ASN C 484 9.79 -45.09 14.41
N CYS C 485 9.46 -45.22 15.70
CA CYS C 485 8.09 -45.35 16.15
C CYS C 485 7.95 -44.59 17.46
N TYR C 486 7.15 -43.52 17.44
CA TYR C 486 7.05 -42.62 18.57
C TYR C 486 5.60 -42.43 18.99
N PHE C 487 5.37 -42.41 20.29
CA PHE C 487 4.05 -42.11 20.81
C PHE C 487 3.72 -40.63 20.53
N PRO C 488 2.62 -40.34 19.83
CA PRO C 488 2.37 -38.95 19.43
C PRO C 488 2.24 -37.98 20.59
N LEU C 489 1.71 -38.43 21.73
CA LEU C 489 1.45 -37.55 22.85
C LEU C 489 2.67 -37.47 23.75
N GLN C 490 2.97 -36.26 24.23
CA GLN C 490 4.05 -36.03 25.19
C GLN C 490 3.51 -35.19 26.33
N SER C 491 3.85 -35.56 27.55
CA SER C 491 3.36 -34.81 28.70
C SER C 491 4.19 -33.56 28.94
N TYR C 492 3.63 -32.64 29.72
CA TYR C 492 4.32 -31.42 30.11
C TYR C 492 5.08 -31.61 31.43
N GLY C 493 4.40 -32.08 32.46
CA GLY C 493 5.02 -32.25 33.76
C GLY C 493 5.26 -30.93 34.46
N PHE C 494 4.17 -30.22 34.76
CA PHE C 494 4.29 -28.93 35.42
C PHE C 494 4.67 -29.10 36.89
N GLN C 495 5.59 -28.27 37.35
CA GLN C 495 6.01 -28.24 38.74
C GLN C 495 6.05 -26.81 39.22
N PRO C 496 5.77 -26.57 40.51
CA PRO C 496 5.78 -25.18 41.02
C PRO C 496 7.13 -24.51 40.94
N THR C 497 8.22 -25.26 40.83
CA THR C 497 9.56 -24.70 40.73
C THR C 497 10.01 -24.54 39.28
N TYR C 498 9.13 -24.82 38.32
CA TYR C 498 9.49 -24.67 36.92
C TYR C 498 9.61 -23.18 36.56
N GLY C 499 10.13 -22.92 35.37
CA GLY C 499 10.31 -21.56 34.92
C GLY C 499 8.99 -20.86 34.67
N VAL C 500 9.04 -19.52 34.68
CA VAL C 500 7.83 -18.73 34.49
C VAL C 500 7.21 -19.02 33.12
N GLY C 501 8.05 -19.18 32.10
CA GLY C 501 7.57 -19.54 30.79
C GLY C 501 7.23 -20.99 30.61
N TYR C 502 7.45 -21.82 31.63
CA TYR C 502 7.12 -23.23 31.58
C TYR C 502 5.99 -23.60 32.53
N GLN C 503 5.35 -22.61 33.14
CA GLN C 503 4.24 -22.85 34.04
C GLN C 503 2.95 -23.02 33.26
N PRO C 504 1.98 -23.75 33.82
CA PRO C 504 0.71 -23.95 33.11
C PRO C 504 -0.17 -22.69 33.14
N TYR C 505 -0.68 -22.32 31.98
CA TYR C 505 -1.66 -21.26 31.82
C TYR C 505 -2.96 -21.91 31.38
N ARG C 506 -4.07 -21.51 32.00
CA ARG C 506 -5.38 -22.02 31.64
C ARG C 506 -5.98 -21.13 30.55
N VAL C 507 -6.01 -21.64 29.32
CA VAL C 507 -6.45 -20.85 28.18
C VAL C 507 -7.91 -21.17 27.86
N VAL C 508 -8.71 -20.11 27.73
CA VAL C 508 -10.10 -20.20 27.29
C VAL C 508 -10.21 -19.33 26.04
N VAL C 509 -10.62 -19.95 24.94
CA VAL C 509 -10.80 -19.26 23.68
C VAL C 509 -12.30 -19.10 23.46
N LEU C 510 -12.76 -17.85 23.45
CA LEU C 510 -14.16 -17.55 23.17
C LEU C 510 -14.31 -17.24 21.69
N SER C 511 -15.02 -18.10 20.98
CA SER C 511 -15.24 -17.97 19.54
C SER C 511 -16.70 -17.54 19.35
N PHE C 512 -16.89 -16.29 18.94
CA PHE C 512 -18.22 -15.79 18.68
C PHE C 512 -18.61 -16.08 17.24
N GLU C 513 -19.73 -16.76 17.05
CA GLU C 513 -20.27 -17.02 15.72
C GLU C 513 -21.10 -15.79 15.34
N LEU C 514 -20.48 -14.85 14.65
CA LEU C 514 -21.11 -13.55 14.45
C LEU C 514 -22.01 -13.53 13.22
N LEU C 515 -23.29 -13.80 13.43
CA LEU C 515 -24.27 -13.74 12.36
C LEU C 515 -25.43 -12.80 12.68
N HIS C 516 -25.82 -12.71 13.95
CA HIS C 516 -26.83 -11.78 14.46
C HIS C 516 -28.23 -12.13 14.01
N ALA C 517 -28.39 -13.08 13.08
CA ALA C 517 -29.73 -13.35 12.57
C ALA C 517 -30.53 -14.12 13.62
N PRO C 518 -30.10 -15.33 14.08
CA PRO C 518 -30.73 -15.96 15.24
C PRO C 518 -30.02 -15.60 16.54
N ALA C 519 -29.82 -14.30 16.77
CA ALA C 519 -28.98 -13.85 17.87
C ALA C 519 -29.57 -14.28 19.20
N THR C 520 -28.78 -15.01 19.99
CA THR C 520 -29.28 -15.57 21.24
C THR C 520 -28.40 -15.26 22.45
N VAL C 521 -27.11 -15.01 22.28
CA VAL C 521 -26.28 -14.54 23.38
C VAL C 521 -26.18 -13.03 23.27
N CYS C 522 -26.35 -12.33 24.39
CA CYS C 522 -26.33 -10.88 24.35
C CYS C 522 -25.70 -10.34 25.63
N GLY C 523 -25.28 -9.08 25.57
CA GLY C 523 -24.84 -8.38 26.75
C GLY C 523 -26.00 -7.95 27.60
N PRO C 524 -25.70 -7.31 28.73
CA PRO C 524 -26.77 -6.83 29.60
C PRO C 524 -27.67 -5.83 28.89
N LYS C 525 -27.09 -4.71 28.48
CA LYS C 525 -27.67 -3.76 27.54
C LYS C 525 -29.16 -3.55 27.74
N LYS C 526 -29.55 -2.97 28.89
CA LYS C 526 -30.96 -2.75 29.20
C LYS C 526 -31.68 -2.11 28.02
N SER C 527 -32.77 -2.74 27.60
CA SER C 527 -33.53 -2.27 26.45
C SER C 527 -34.31 -1.02 26.80
N THR C 528 -34.70 -0.29 25.75
CA THR C 528 -35.58 0.86 25.88
C THR C 528 -36.86 0.59 25.11
N ASN C 529 -37.76 1.55 25.15
CA ASN C 529 -39.04 1.43 24.45
C ASN C 529 -38.85 1.73 22.97
N LEU C 530 -39.67 1.09 22.14
CA LEU C 530 -39.62 1.32 20.70
C LEU C 530 -40.21 2.69 20.36
N VAL C 531 -39.57 3.37 19.42
CA VAL C 531 -40.01 4.68 18.94
C VAL C 531 -40.19 4.61 17.43
N LYS C 532 -41.39 4.89 16.95
CA LYS C 532 -41.72 4.78 15.54
C LYS C 532 -41.98 6.16 14.94
N ASN C 533 -41.88 6.21 13.61
CA ASN C 533 -42.21 7.42 12.83
C ASN C 533 -41.38 8.61 13.28
N LYS C 534 -40.13 8.36 13.64
CA LYS C 534 -39.25 9.42 14.16
C LYS C 534 -37.81 8.98 13.94
N CYS C 535 -36.99 9.89 13.45
CA CYS C 535 -35.59 9.58 13.19
C CYS C 535 -34.91 9.21 14.49
N VAL C 536 -34.56 7.94 14.65
CA VAL C 536 -34.02 7.40 15.88
C VAL C 536 -32.74 6.66 15.57
N ASN C 537 -31.87 6.55 16.57
CA ASN C 537 -30.66 5.75 16.50
C ASN C 537 -30.99 4.37 17.07
N PHE C 538 -31.23 3.40 16.19
CA PHE C 538 -31.69 2.10 16.68
C PHE C 538 -30.52 1.15 16.91
N ASN C 539 -30.76 0.16 17.76
CA ASN C 539 -29.80 -0.89 18.09
C ASN C 539 -30.50 -2.24 18.07
N PHE C 540 -31.14 -2.57 16.95
CA PHE C 540 -31.97 -3.76 16.92
C PHE C 540 -31.14 -5.03 17.00
N ASN C 541 -31.08 -5.61 18.20
CA ASN C 541 -30.45 -6.91 18.42
C ASN C 541 -29.00 -6.95 17.99
N GLY C 542 -28.25 -5.88 18.28
CA GLY C 542 -26.87 -5.76 17.86
C GLY C 542 -26.68 -5.11 16.51
N LEU C 543 -27.73 -5.03 15.69
CA LEU C 543 -27.68 -4.35 14.40
C LEU C 543 -27.92 -2.87 14.64
N THR C 544 -26.84 -2.09 14.57
CA THR C 544 -26.95 -0.66 14.78
C THR C 544 -27.39 0.03 13.49
N GLY C 545 -27.52 1.34 13.57
CA GLY C 545 -27.89 2.15 12.44
C GLY C 545 -28.54 3.43 12.91
N THR C 546 -29.25 4.09 11.98
CA THR C 546 -29.97 5.31 12.27
C THR C 546 -31.01 5.50 11.18
N GLY C 547 -32.25 5.71 11.58
CA GLY C 547 -33.31 5.84 10.60
C GLY C 547 -34.66 5.95 11.27
N VAL C 548 -35.68 5.92 10.43
CA VAL C 548 -37.07 6.01 10.86
C VAL C 548 -37.67 4.61 10.76
N LEU C 549 -38.25 4.14 11.86
CA LEU C 549 -38.83 2.80 11.95
C LEU C 549 -40.33 2.91 11.75
N THR C 550 -40.81 2.49 10.60
CA THR C 550 -42.23 2.52 10.27
C THR C 550 -42.78 1.10 10.23
N GLU C 551 -43.87 0.85 10.93
CA GLU C 551 -44.48 -0.48 10.87
C GLU C 551 -44.87 -0.79 9.44
N SER C 552 -44.48 -1.98 8.97
CA SER C 552 -44.59 -2.33 7.56
C SER C 552 -45.36 -3.63 7.39
N ASN C 553 -45.84 -3.84 6.17
CA ASN C 553 -46.56 -5.04 5.80
C ASN C 553 -45.70 -6.03 5.00
N LYS C 554 -44.40 -6.07 5.29
CA LYS C 554 -43.54 -7.07 4.66
C LYS C 554 -44.01 -8.47 5.06
N LYS C 555 -44.07 -9.37 4.09
CA LYS C 555 -44.52 -10.73 4.35
C LYS C 555 -43.33 -11.57 4.82
N PHE C 556 -42.90 -11.29 6.04
CA PHE C 556 -41.78 -12.01 6.63
C PHE C 556 -42.20 -13.42 6.96
N LEU C 557 -41.37 -14.39 6.58
CA LEU C 557 -41.58 -15.76 7.02
C LEU C 557 -41.23 -15.87 8.50
N PRO C 558 -41.78 -16.87 9.19
CA PRO C 558 -41.51 -16.99 10.63
C PRO C 558 -40.04 -17.16 10.97
N PHE C 559 -39.22 -17.67 10.05
CA PHE C 559 -37.81 -17.90 10.31
C PHE C 559 -36.92 -16.76 9.83
N GLN C 560 -37.49 -15.65 9.37
CA GLN C 560 -36.75 -14.54 8.81
C GLN C 560 -36.73 -13.39 9.81
N GLN C 561 -35.54 -12.79 10.00
CA GLN C 561 -35.35 -11.75 10.99
C GLN C 561 -35.24 -10.36 10.40
N PHE C 562 -34.62 -10.22 9.23
CA PHE C 562 -34.43 -8.92 8.61
C PHE C 562 -34.48 -9.07 7.10
N GLY C 563 -34.83 -7.98 6.41
CA GLY C 563 -34.94 -8.03 4.94
C GLY C 563 -33.96 -7.09 4.26
N ARG C 564 -32.82 -7.60 3.82
CA ARG C 564 -31.82 -6.76 3.11
C ARG C 564 -32.42 -6.30 1.77
N ASP C 565 -32.24 -5.03 1.42
CA ASP C 565 -32.73 -4.51 0.12
C ASP C 565 -31.81 -5.03 -1.00
N ILE C 566 -32.18 -4.81 -2.26
CA ILE C 566 -31.30 -5.21 -3.39
C ILE C 566 -29.88 -4.77 -3.08
N ALA C 567 -29.72 -3.57 -2.51
CA ALA C 567 -28.38 -3.05 -2.17
C ALA C 567 -27.86 -3.70 -0.89
N ASP C 568 -28.41 -4.87 -0.51
CA ASP C 568 -27.90 -5.58 0.67
C ASP C 568 -27.83 -4.66 1.88
N THR C 569 -28.81 -3.78 2.02
CA THR C 569 -29.00 -2.98 3.21
C THR C 569 -30.25 -3.44 3.95
N THR C 570 -30.16 -3.48 5.28
CA THR C 570 -31.23 -4.05 6.11
C THR C 570 -32.44 -3.11 6.06
N ASP C 571 -33.26 -3.31 5.03
CA ASP C 571 -34.44 -2.47 4.85
C ASP C 571 -35.44 -2.63 5.98
N ALA C 572 -35.68 -3.86 6.41
CA ALA C 572 -36.69 -4.13 7.43
C ALA C 572 -36.11 -5.05 8.49
N VAL C 573 -36.62 -4.92 9.71
CA VAL C 573 -36.14 -5.70 10.85
C VAL C 573 -37.35 -6.21 11.63
N ARG C 574 -37.21 -7.42 12.15
CA ARG C 574 -38.19 -7.99 13.08
C ARG C 574 -37.83 -7.55 14.49
N ASP C 575 -38.77 -6.92 15.17
CA ASP C 575 -38.53 -6.47 16.53
C ASP C 575 -38.35 -7.68 17.45
N PRO C 576 -37.25 -7.79 18.17
CA PRO C 576 -36.98 -9.03 18.93
C PRO C 576 -38.01 -9.34 19.99
N GLN C 577 -38.56 -8.33 20.67
CA GLN C 577 -39.50 -8.59 21.75
C GLN C 577 -40.90 -8.83 21.20
N THR C 578 -41.49 -7.83 20.56
CA THR C 578 -42.75 -7.99 19.86
C THR C 578 -42.47 -8.39 18.43
N LEU C 579 -42.86 -9.60 18.05
CA LEU C 579 -42.51 -10.15 16.73
C LEU C 579 -43.31 -9.40 15.67
N GLU C 580 -42.86 -8.19 15.36
CA GLU C 580 -43.47 -7.35 14.35
C GLU C 580 -42.40 -6.86 13.39
N ILE C 581 -42.82 -6.47 12.20
CA ILE C 581 -41.91 -6.10 11.13
C ILE C 581 -41.89 -4.58 11.04
N LEU C 582 -40.69 -4.00 11.12
CA LEU C 582 -40.50 -2.56 11.07
C LEU C 582 -39.57 -2.24 9.91
N ASP C 583 -40.09 -1.54 8.92
CA ASP C 583 -39.28 -1.03 7.83
C ASP C 583 -38.40 0.09 8.34
N ILE C 584 -37.16 0.12 7.87
CA ILE C 584 -36.18 1.12 8.24
C ILE C 584 -35.97 2.03 7.03
N THR C 585 -36.10 3.33 7.23
CA THR C 585 -35.88 4.29 6.17
C THR C 585 -34.85 5.32 6.63
N PRO C 586 -33.81 5.58 5.86
CA PRO C 586 -32.81 6.56 6.30
C PRO C 586 -33.42 7.93 6.53
N CYS C 587 -32.92 8.62 7.55
CA CYS C 587 -33.43 9.94 7.88
C CYS C 587 -33.15 10.90 6.74
N SER C 588 -34.06 11.86 6.55
CA SER C 588 -34.07 12.68 5.34
C SER C 588 -32.74 13.39 5.13
N PHE C 589 -32.25 13.31 3.90
CA PHE C 589 -30.98 13.93 3.53
C PHE C 589 -31.10 14.43 2.11
N GLY C 590 -30.23 15.37 1.76
CA GLY C 590 -30.24 15.92 0.42
C GLY C 590 -29.19 16.99 0.30
N GLY C 591 -29.05 17.51 -0.90
CA GLY C 591 -28.19 18.65 -1.11
C GLY C 591 -28.87 19.95 -0.76
N VAL C 592 -28.05 20.96 -0.49
CA VAL C 592 -28.53 22.30 -0.19
C VAL C 592 -27.74 23.25 -1.10
N SER C 593 -28.42 23.75 -2.14
CA SER C 593 -27.88 24.77 -3.02
C SER C 593 -28.43 26.13 -2.63
N VAL C 594 -27.72 27.19 -2.97
CA VAL C 594 -28.09 28.54 -2.57
C VAL C 594 -28.21 29.40 -3.81
N ILE C 595 -29.42 29.88 -4.08
CA ILE C 595 -29.70 30.78 -5.20
C ILE C 595 -29.35 32.19 -4.77
N THR C 596 -28.27 32.74 -5.33
CA THR C 596 -27.90 34.10 -4.97
C THR C 596 -27.96 35.00 -6.19
N PRO C 597 -28.50 36.21 -6.05
CA PRO C 597 -28.50 37.18 -7.15
C PRO C 597 -27.17 37.86 -7.41
N GLY C 598 -26.15 37.58 -6.60
CA GLY C 598 -24.90 38.29 -6.73
C GLY C 598 -24.72 39.23 -5.56
N THR C 599 -23.61 39.10 -4.84
CA THR C 599 -23.42 39.92 -3.63
C THR C 599 -23.42 41.40 -3.95
N ASN C 600 -22.95 41.78 -5.14
CA ASN C 600 -23.01 43.18 -5.55
C ASN C 600 -24.46 43.65 -5.67
N THR C 601 -25.32 42.81 -6.23
CA THR C 601 -26.72 43.19 -6.40
C THR C 601 -27.47 43.18 -5.07
N SER C 602 -27.31 42.11 -4.29
CA SER C 602 -28.08 41.95 -3.07
C SER C 602 -27.42 40.87 -2.21
N ASN C 603 -27.86 40.77 -0.96
CA ASN C 603 -27.33 39.71 -0.06
C ASN C 603 -28.49 38.74 0.24
N GLN C 604 -29.65 38.99 -0.37
CA GLN C 604 -30.80 38.06 -0.19
C GLN C 604 -30.42 36.72 -0.80
N VAL C 605 -30.95 35.62 -0.26
CA VAL C 605 -30.53 34.27 -0.75
C VAL C 605 -31.72 33.32 -0.69
N ALA C 606 -32.00 32.60 -1.78
CA ALA C 606 -33.05 31.56 -1.74
C ALA C 606 -32.35 30.21 -1.59
N VAL C 607 -32.94 29.28 -0.86
CA VAL C 607 -32.22 27.98 -0.60
C VAL C 607 -33.01 26.83 -1.20
N LEU C 608 -32.35 26.00 -2.01
CA LEU C 608 -32.99 24.82 -2.56
C LEU C 608 -32.50 23.60 -1.79
N TYR C 609 -33.41 22.98 -1.05
CA TYR C 609 -33.18 21.66 -0.49
C TYR C 609 -33.58 20.63 -1.54
N GLN C 610 -32.60 19.99 -2.16
CA GLN C 610 -32.84 19.23 -3.37
C GLN C 610 -33.51 17.89 -3.06
N GLY C 611 -34.64 17.63 -3.69
CA GLY C 611 -35.25 16.32 -3.64
C GLY C 611 -35.86 15.95 -2.32
N VAL C 612 -36.29 16.92 -1.51
CA VAL C 612 -36.97 16.65 -0.25
C VAL C 612 -38.32 17.36 -0.31
N ASN C 613 -39.38 16.63 0.00
CA ASN C 613 -40.69 17.22 0.15
C ASN C 613 -40.63 18.29 1.24
N CYS C 614 -41.28 19.42 0.99
CA CYS C 614 -41.21 20.53 1.93
C CYS C 614 -41.74 20.14 3.30
N THR C 615 -42.63 19.16 3.34
CA THR C 615 -43.17 18.66 4.60
C THR C 615 -42.17 17.80 5.36
N GLU C 616 -41.03 17.46 4.75
CA GLU C 616 -40.01 16.64 5.38
C GLU C 616 -38.72 17.39 5.66
N VAL C 617 -38.67 18.69 5.39
CA VAL C 617 -37.46 19.48 5.59
C VAL C 617 -37.14 19.59 7.08
N SER C 637 -39.47 32.53 4.52
CA SER C 637 -40.89 32.37 4.78
C SER C 637 -41.59 31.74 3.57
N ASN C 638 -41.30 32.26 2.38
CA ASN C 638 -41.90 31.71 1.18
C ASN C 638 -41.36 30.31 0.94
N VAL C 639 -42.26 29.40 0.57
CA VAL C 639 -41.91 28.00 0.34
C VAL C 639 -42.54 27.55 -0.96
N PHE C 640 -41.74 26.89 -1.80
CA PHE C 640 -42.15 26.41 -3.11
C PHE C 640 -41.76 24.95 -3.21
N GLN C 641 -42.66 24.10 -3.70
CA GLN C 641 -42.34 22.70 -3.91
C GLN C 641 -42.11 22.44 -5.40
N THR C 642 -40.87 22.64 -5.83
CA THR C 642 -40.48 22.32 -7.19
C THR C 642 -40.10 20.85 -7.29
N ARG C 643 -40.13 20.32 -8.52
CA ARG C 643 -39.69 18.95 -8.72
C ARG C 643 -38.21 18.77 -8.42
N ALA C 644 -37.45 19.86 -8.40
CA ALA C 644 -36.06 19.78 -7.97
C ALA C 644 -35.93 19.66 -6.46
N GLY C 645 -36.91 20.13 -5.71
CA GLY C 645 -36.85 20.10 -4.26
C GLY C 645 -37.66 21.23 -3.67
N CYS C 646 -37.36 21.54 -2.41
CA CYS C 646 -38.05 22.61 -1.70
C CYS C 646 -37.24 23.90 -1.82
N LEU C 647 -37.86 24.93 -2.38
CA LEU C 647 -37.23 26.22 -2.57
C LEU C 647 -37.76 27.20 -1.53
N ILE C 648 -36.87 27.68 -0.66
CA ILE C 648 -37.23 28.49 0.49
C ILE C 648 -36.61 29.87 0.33
N GLY C 649 -37.46 30.89 0.36
CA GLY C 649 -36.99 32.24 0.14
C GLY C 649 -37.18 32.78 -1.25
N ALA C 650 -37.82 32.03 -2.14
CA ALA C 650 -38.16 32.53 -3.46
C ALA C 650 -39.67 32.58 -3.63
N GLU C 651 -40.17 33.69 -4.14
CA GLU C 651 -41.60 33.92 -4.29
C GLU C 651 -42.04 33.35 -5.64
N HIS C 652 -42.97 32.41 -5.61
CA HIS C 652 -43.44 31.81 -6.86
C HIS C 652 -44.24 32.82 -7.66
N VAL C 653 -43.96 32.90 -8.95
CA VAL C 653 -44.54 33.89 -9.85
C VAL C 653 -45.17 33.19 -11.04
N ASN C 654 -46.37 33.60 -11.42
CA ASN C 654 -47.05 32.99 -12.55
C ASN C 654 -46.49 33.46 -13.89
N ASN C 655 -45.99 34.68 -13.95
CA ASN C 655 -45.40 35.17 -15.19
C ASN C 655 -44.16 34.35 -15.53
N SER C 656 -43.88 34.23 -16.82
CA SER C 656 -42.71 33.51 -17.31
C SER C 656 -41.74 34.48 -17.96
N TYR C 657 -40.50 34.46 -17.51
CA TYR C 657 -39.42 35.25 -18.10
C TYR C 657 -38.34 34.29 -18.57
N GLU C 658 -37.28 34.85 -19.16
CA GLU C 658 -36.14 34.03 -19.52
C GLU C 658 -35.50 33.42 -18.27
N CYS C 659 -34.85 32.28 -18.46
CA CYS C 659 -34.16 31.66 -17.35
C CYS C 659 -32.95 32.49 -16.96
N ASP C 660 -32.84 32.80 -15.67
CA ASP C 660 -31.71 33.54 -15.14
C ASP C 660 -30.81 32.66 -14.29
N ILE C 661 -31.35 32.07 -13.24
CA ILE C 661 -30.66 31.10 -12.41
C ILE C 661 -31.38 29.77 -12.53
N PRO C 662 -30.86 28.84 -13.32
CA PRO C 662 -31.57 27.59 -13.57
C PRO C 662 -31.66 26.70 -12.34
N ILE C 663 -32.86 26.57 -11.79
CA ILE C 663 -33.07 25.73 -10.62
C ILE C 663 -33.31 24.28 -11.04
N GLY C 664 -34.16 24.08 -12.02
CA GLY C 664 -34.37 22.76 -12.58
C GLY C 664 -35.85 22.47 -12.80
N ALA C 665 -36.11 21.41 -13.56
CA ALA C 665 -37.46 20.97 -13.87
C ALA C 665 -38.28 22.08 -14.51
N GLY C 666 -37.64 22.87 -15.37
CA GLY C 666 -38.31 23.96 -16.02
C GLY C 666 -38.51 25.20 -15.19
N ILE C 667 -37.90 25.27 -14.02
CA ILE C 667 -38.09 26.39 -13.11
C ILE C 667 -36.76 27.11 -12.93
N CYS C 668 -36.81 28.44 -12.99
CA CYS C 668 -35.64 29.28 -12.80
C CYS C 668 -35.98 30.42 -11.85
N ALA C 669 -34.95 30.95 -11.20
CA ALA C 669 -35.10 32.03 -10.23
C ALA C 669 -34.35 33.26 -10.71
N SER C 670 -34.84 34.42 -10.30
CA SER C 670 -34.20 35.69 -10.66
C SER C 670 -34.54 36.74 -9.61
N TYR C 671 -33.68 37.73 -9.48
CA TYR C 671 -33.87 38.81 -8.51
C TYR C 671 -34.54 39.99 -9.21
N GLN C 672 -35.80 40.23 -8.87
CA GLN C 672 -36.57 41.28 -9.53
C GLN C 672 -37.57 41.86 -8.55
N THR C 673 -38.11 43.02 -8.92
CA THR C 673 -39.09 43.73 -8.09
C THR C 673 -40.36 42.90 -7.89
N SER C 686 -37.70 46.71 -2.20
CA SER C 686 -38.93 46.02 -2.59
C SER C 686 -38.62 44.81 -3.47
N GLN C 687 -37.40 44.77 -4.00
CA GLN C 687 -37.00 43.66 -4.86
C GLN C 687 -36.85 42.38 -4.03
N SER C 688 -37.04 41.24 -4.72
CA SER C 688 -36.98 39.94 -4.07
C SER C 688 -36.61 38.90 -5.11
N ILE C 689 -36.35 37.69 -4.65
CA ILE C 689 -36.03 36.56 -5.53
C ILE C 689 -37.34 35.87 -5.89
N ILE C 690 -37.57 35.69 -7.19
CA ILE C 690 -38.80 35.11 -7.70
C ILE C 690 -38.46 33.84 -8.45
N ALA C 691 -39.30 32.83 -8.29
CA ALA C 691 -39.13 31.53 -8.94
C ALA C 691 -40.30 31.32 -9.89
N TYR C 692 -39.99 31.06 -11.16
CA TYR C 692 -41.00 31.00 -12.19
C TYR C 692 -40.69 29.84 -13.14
N THR C 693 -41.66 29.51 -13.97
CA THR C 693 -41.44 28.57 -15.06
C THR C 693 -40.83 29.31 -16.24
N MET C 694 -39.68 28.84 -16.71
CA MET C 694 -38.94 29.57 -17.73
C MET C 694 -39.75 29.61 -19.03
N SER C 695 -39.54 30.68 -19.79
CA SER C 695 -40.20 30.86 -21.07
C SER C 695 -39.19 30.63 -22.17
N LEU C 696 -39.55 29.81 -23.14
CA LEU C 696 -38.63 29.43 -24.20
C LEU C 696 -38.73 30.40 -25.38
N GLY C 697 -38.75 31.68 -25.09
CA GLY C 697 -38.89 32.69 -26.14
C GLY C 697 -40.33 33.08 -26.38
N VAL C 698 -40.50 33.99 -27.34
CA VAL C 698 -41.78 34.60 -27.63
C VAL C 698 -42.50 33.79 -28.70
N GLU C 699 -43.78 33.48 -28.45
CA GLU C 699 -44.56 32.73 -29.42
C GLU C 699 -44.81 33.56 -30.67
N ASN C 700 -44.65 32.93 -31.83
CA ASN C 700 -44.74 33.63 -33.10
C ASN C 700 -45.35 32.68 -34.13
N SER C 701 -46.65 32.78 -34.33
CA SER C 701 -47.28 32.05 -35.42
C SER C 701 -46.88 32.68 -36.75
N VAL C 702 -46.29 31.89 -37.63
CA VAL C 702 -45.95 32.36 -38.97
C VAL C 702 -47.25 32.50 -39.75
N ALA C 703 -47.34 33.54 -40.57
CA ALA C 703 -48.55 33.81 -41.33
C ALA C 703 -48.65 32.91 -42.55
N TYR C 704 -48.63 31.59 -42.33
CA TYR C 704 -48.63 30.66 -43.45
C TYR C 704 -49.91 30.77 -44.27
N SER C 705 -49.77 30.56 -45.57
CA SER C 705 -50.87 30.46 -46.50
C SER C 705 -50.34 29.76 -47.74
N ASN C 706 -51.20 29.07 -48.46
CA ASN C 706 -50.75 28.32 -49.62
C ASN C 706 -50.36 29.22 -50.79
N ASN C 707 -50.59 30.52 -50.71
CA ASN C 707 -50.21 31.41 -51.79
C ASN C 707 -49.61 32.70 -51.29
N SER C 708 -48.95 32.69 -50.14
CA SER C 708 -48.39 33.89 -49.56
C SER C 708 -46.93 33.65 -49.24
N ILE C 709 -46.06 34.55 -49.70
CA ILE C 709 -44.62 34.44 -49.49
C ILE C 709 -44.12 35.74 -48.89
N ALA C 710 -43.15 35.65 -48.00
CA ALA C 710 -42.46 36.80 -47.46
C ALA C 710 -41.10 36.93 -48.13
N ILE C 711 -40.82 38.07 -48.74
CA ILE C 711 -39.54 38.24 -49.39
C ILE C 711 -38.83 39.45 -48.80
N PRO C 712 -37.56 39.33 -48.43
CA PRO C 712 -36.87 40.46 -47.81
C PRO C 712 -36.48 41.52 -48.82
N THR C 713 -36.70 42.78 -48.45
CA THR C 713 -36.41 43.90 -49.31
C THR C 713 -35.10 44.59 -48.96
N ASN C 714 -34.43 44.18 -47.89
CA ASN C 714 -33.20 44.78 -47.45
C ASN C 714 -32.35 43.69 -46.80
N PHE C 715 -31.28 44.10 -46.13
CA PHE C 715 -30.45 43.13 -45.43
C PHE C 715 -29.71 43.80 -44.29
N THR C 716 -28.93 42.98 -43.61
CA THR C 716 -28.05 43.36 -42.51
C THR C 716 -26.75 42.61 -42.72
N ILE C 717 -25.63 43.30 -42.59
CA ILE C 717 -24.32 42.63 -42.57
C ILE C 717 -23.93 42.57 -41.10
N SER C 718 -24.07 41.39 -40.52
CA SER C 718 -23.74 41.19 -39.12
C SER C 718 -22.38 40.53 -38.99
N VAL C 719 -21.53 41.08 -38.13
CA VAL C 719 -20.26 40.45 -37.80
C VAL C 719 -20.44 39.90 -36.38
N THR C 720 -20.75 38.62 -36.30
CA THR C 720 -20.76 37.96 -35.01
C THR C 720 -19.35 37.51 -34.65
N THR C 721 -19.19 37.04 -33.42
CA THR C 721 -17.92 36.59 -32.92
C THR C 721 -18.06 35.17 -32.41
N GLU C 722 -17.11 34.32 -32.76
CA GLU C 722 -17.04 32.97 -32.21
C GLU C 722 -15.68 32.80 -31.56
N ILE C 723 -15.65 32.22 -30.37
CA ILE C 723 -14.43 32.03 -29.61
C ILE C 723 -14.22 30.54 -29.40
N LEU C 724 -13.04 30.04 -29.79
CA LEU C 724 -12.76 28.61 -29.70
C LEU C 724 -11.44 28.39 -28.99
N PRO C 725 -11.40 27.63 -27.90
CA PRO C 725 -10.12 27.20 -27.34
C PRO C 725 -9.35 26.35 -28.33
N VAL C 726 -8.04 26.49 -28.31
CA VAL C 726 -7.15 25.81 -29.26
C VAL C 726 -6.10 24.98 -28.53
N SER C 727 -5.51 25.53 -27.47
CA SER C 727 -4.47 24.83 -26.74
C SER C 727 -4.63 25.11 -25.26
N MET C 728 -4.04 24.25 -24.45
CA MET C 728 -3.96 24.48 -23.02
C MET C 728 -2.51 24.68 -22.62
N THR C 729 -2.29 24.90 -21.34
CA THR C 729 -0.95 25.12 -20.84
C THR C 729 -0.20 23.81 -20.78
N LYS C 730 1.02 23.81 -21.34
CA LYS C 730 1.87 22.62 -21.38
C LYS C 730 2.57 22.50 -20.04
N THR C 731 2.13 21.55 -19.23
CA THR C 731 2.74 21.31 -17.93
C THR C 731 3.40 19.95 -17.94
N SER C 732 4.62 19.89 -17.43
CA SER C 732 5.32 18.64 -17.18
C SER C 732 5.57 18.54 -15.69
N VAL C 733 5.13 17.44 -15.10
CA VAL C 733 5.34 17.20 -13.67
C VAL C 733 6.35 16.08 -13.53
N ASP C 734 7.44 16.37 -12.83
CA ASP C 734 8.41 15.36 -12.44
C ASP C 734 7.77 14.49 -11.37
N CYS C 735 7.39 13.28 -11.77
CA CYS C 735 6.75 12.33 -10.86
C CYS C 735 7.62 12.09 -9.62
N THR C 736 8.93 11.88 -9.83
CA THR C 736 9.82 11.59 -8.72
C THR C 736 9.90 12.75 -7.75
N MET C 737 10.08 13.98 -8.26
CA MET C 737 10.25 15.11 -7.36
C MET C 737 8.94 15.51 -6.70
N TYR C 738 7.82 15.28 -7.38
CA TYR C 738 6.53 15.55 -6.75
C TYR C 738 6.27 14.58 -5.60
N ILE C 739 6.44 13.28 -5.84
CA ILE C 739 6.10 12.30 -4.82
C ILE C 739 7.12 12.33 -3.69
N CYS C 740 8.40 12.44 -4.02
CA CYS C 740 9.50 12.15 -3.11
C CYS C 740 10.50 13.28 -3.07
N GLY C 741 10.01 14.50 -2.91
CA GLY C 741 10.85 15.68 -3.07
C GLY C 741 12.11 15.67 -2.24
N ASP C 742 13.25 15.42 -2.91
CA ASP C 742 14.56 15.44 -2.26
C ASP C 742 14.65 14.43 -1.12
N SER C 743 14.25 13.19 -1.40
CA SER C 743 14.31 12.12 -0.41
C SER C 743 14.77 10.83 -1.09
N THR C 744 15.96 10.37 -0.72
CA THR C 744 16.51 9.15 -1.32
C THR C 744 15.74 7.92 -0.85
N GLU C 745 15.36 7.89 0.42
CA GLU C 745 14.56 6.76 0.90
C GLU C 745 13.24 6.66 0.14
N CYS C 746 12.57 7.80 -0.02
CA CYS C 746 11.32 7.82 -0.76
C CYS C 746 11.54 7.43 -2.20
N SER C 747 12.63 7.89 -2.81
CA SER C 747 12.89 7.53 -4.20
C SER C 747 13.12 6.03 -4.36
N ASN C 748 13.87 5.44 -3.43
CA ASN C 748 14.08 4.00 -3.46
C ASN C 748 12.76 3.26 -3.32
N LEU C 749 11.89 3.72 -2.42
CA LEU C 749 10.59 3.10 -2.27
C LEU C 749 9.74 3.25 -3.53
N LEU C 750 9.82 4.41 -4.17
CA LEU C 750 9.02 4.67 -5.36
C LEU C 750 9.50 3.83 -6.54
N LEU C 751 10.77 3.44 -6.53
CA LEU C 751 11.26 2.53 -7.57
C LEU C 751 10.50 1.22 -7.57
N GLN C 752 9.98 0.80 -6.41
CA GLN C 752 9.27 -0.47 -6.32
C GLN C 752 7.99 -0.46 -7.15
N TYR C 753 7.36 0.70 -7.31
CA TYR C 753 6.05 0.79 -7.92
C TYR C 753 6.09 0.70 -9.43
N GLY C 754 7.16 0.18 -10.01
CA GLY C 754 7.20 -0.07 -11.43
C GLY C 754 7.51 1.16 -12.25
N SER C 755 6.74 1.37 -13.31
CA SER C 755 6.98 2.43 -14.28
C SER C 755 5.81 3.38 -14.30
N PHE C 756 5.15 3.56 -13.15
CA PHE C 756 4.06 4.53 -13.08
C PHE C 756 4.56 5.93 -13.39
N CYS C 757 5.74 6.29 -12.89
CA CYS C 757 6.26 7.62 -13.11
C CYS C 757 6.59 7.87 -14.57
N THR C 758 7.24 6.93 -15.24
CA THR C 758 7.55 7.12 -16.65
C THR C 758 6.29 7.13 -17.49
N GLN C 759 5.30 6.32 -17.12
CA GLN C 759 4.03 6.36 -17.86
C GLN C 759 3.34 7.71 -17.71
N LEU C 760 3.36 8.28 -16.50
CA LEU C 760 2.77 9.60 -16.30
C LEU C 760 3.51 10.68 -17.08
N ASN C 761 4.84 10.62 -17.06
CA ASN C 761 5.63 11.59 -17.83
C ASN C 761 5.35 11.46 -19.32
N ARG C 762 5.21 10.24 -19.82
CA ARG C 762 4.89 10.04 -21.22
C ARG C 762 3.53 10.61 -21.55
N ALA C 763 2.55 10.43 -20.67
CA ALA C 763 1.22 10.99 -20.91
C ALA C 763 1.25 12.50 -20.98
N LEU C 764 1.93 13.14 -20.02
CA LEU C 764 1.98 14.60 -20.04
C LEU C 764 2.77 15.14 -21.22
N THR C 765 3.86 14.46 -21.61
CA THR C 765 4.60 14.88 -22.78
C THR C 765 3.76 14.77 -24.04
N GLY C 766 2.97 13.71 -24.15
CA GLY C 766 2.06 13.60 -25.27
C GLY C 766 1.04 14.72 -25.29
N ILE C 767 0.55 15.10 -24.12
CA ILE C 767 -0.39 16.21 -24.03
C ILE C 767 0.24 17.50 -24.55
N ALA C 768 1.48 17.76 -24.15
CA ALA C 768 2.17 18.99 -24.58
C ALA C 768 2.41 18.99 -26.09
N VAL C 769 2.92 17.88 -26.63
CA VAL C 769 3.15 17.81 -28.07
C VAL C 769 1.84 18.00 -28.82
N GLU C 770 0.76 17.45 -28.28
CA GLU C 770 -0.56 17.61 -28.89
C GLU C 770 -1.02 19.06 -28.87
N GLN C 771 -0.69 19.80 -27.81
CA GLN C 771 -1.06 21.22 -27.77
C GLN C 771 -0.34 22.01 -28.86
N ASP C 772 0.95 21.74 -29.05
CA ASP C 772 1.67 22.39 -30.14
C ASP C 772 1.07 22.02 -31.49
N LYS C 773 0.69 20.75 -31.65
CA LYS C 773 0.07 20.29 -32.89
C LYS C 773 -1.28 20.97 -33.13
N ASN C 774 -2.06 21.16 -32.07
CA ASN C 774 -3.35 21.85 -32.17
C ASN C 774 -3.15 23.25 -32.71
N THR C 775 -2.21 23.97 -32.11
CA THR C 775 -1.96 25.34 -32.55
C THR C 775 -1.49 25.37 -34.00
N GLN C 776 -0.60 24.46 -34.37
CA GLN C 776 -0.11 24.42 -35.74
C GLN C 776 -1.24 24.11 -36.72
N GLU C 777 -2.11 23.19 -36.35
CA GLU C 777 -3.22 22.82 -37.22
C GLU C 777 -4.18 23.98 -37.43
N VAL C 778 -4.44 24.76 -36.40
CA VAL C 778 -5.35 25.89 -36.59
C VAL C 778 -4.70 26.99 -37.40
N PHE C 779 -3.48 27.39 -37.05
CA PHE C 779 -2.94 28.64 -37.57
C PHE C 779 -2.02 28.46 -38.77
N ALA C 780 -1.22 27.41 -38.82
CA ALA C 780 -0.29 27.19 -39.92
C ALA C 780 -1.02 26.57 -41.11
N GLN C 781 -2.17 27.14 -41.43
CA GLN C 781 -2.98 26.73 -42.56
C GLN C 781 -2.63 27.50 -43.83
N VAL C 782 -1.62 28.35 -43.77
CA VAL C 782 -1.23 29.18 -44.89
C VAL C 782 0.25 28.89 -45.18
N LYS C 783 0.56 28.62 -46.44
CA LYS C 783 1.93 28.25 -46.78
C LYS C 783 2.86 29.46 -46.72
N GLN C 784 2.45 30.57 -47.30
CA GLN C 784 3.26 31.78 -47.36
C GLN C 784 2.68 32.84 -46.44
N ILE C 785 3.49 33.86 -46.16
CA ILE C 785 3.10 34.90 -45.24
C ILE C 785 2.67 36.12 -46.04
N TYR C 786 1.37 36.24 -46.28
CA TYR C 786 0.90 37.31 -47.13
C TYR C 786 0.83 38.62 -46.35
N LYS C 787 1.09 39.71 -47.05
CA LYS C 787 1.08 41.03 -46.46
C LYS C 787 0.11 41.90 -47.24
N THR C 788 -0.69 42.66 -46.53
CA THR C 788 -1.61 43.57 -47.17
C THR C 788 -0.83 44.67 -47.87
N PRO C 789 -1.34 45.17 -49.00
CA PRO C 789 -0.63 46.20 -49.71
C PRO C 789 -0.59 47.48 -48.90
N PRO C 790 0.37 48.37 -49.15
CA PRO C 790 0.40 49.63 -48.40
C PRO C 790 -0.87 50.44 -48.56
N ILE C 791 -1.51 50.37 -49.72
CA ILE C 791 -2.75 51.11 -49.98
C ILE C 791 -3.91 50.16 -49.69
N LYS C 792 -4.64 50.44 -48.61
CA LYS C 792 -5.78 49.63 -48.21
C LYS C 792 -7.05 50.15 -48.89
N ASP C 793 -7.11 49.94 -50.20
CA ASP C 793 -8.26 50.37 -51.00
C ASP C 793 -9.17 49.18 -51.23
N PHE C 794 -9.89 48.80 -50.16
CA PHE C 794 -10.74 47.62 -50.16
C PHE C 794 -12.19 47.94 -50.45
N GLY C 795 -12.44 48.96 -51.27
CA GLY C 795 -13.78 49.35 -51.65
C GLY C 795 -14.62 49.91 -50.52
N GLY C 796 -13.98 50.61 -49.59
CA GLY C 796 -14.70 51.21 -48.49
C GLY C 796 -14.77 50.36 -47.25
N PHE C 797 -14.55 49.05 -47.39
CA PHE C 797 -14.43 48.18 -46.24
C PHE C 797 -13.18 48.52 -45.46
N ASN C 798 -13.30 48.54 -44.14
CA ASN C 798 -12.24 49.04 -43.27
C ASN C 798 -11.83 47.95 -42.30
N PHE C 799 -10.65 47.38 -42.51
CA PHE C 799 -10.14 46.29 -41.70
C PHE C 799 -9.04 46.72 -40.74
N SER C 800 -8.94 48.01 -40.46
CA SER C 800 -7.83 48.53 -39.66
C SER C 800 -7.81 47.91 -38.27
N GLN C 801 -8.97 47.72 -37.66
CA GLN C 801 -9.04 47.19 -36.32
C GLN C 801 -8.66 45.72 -36.26
N ILE C 802 -8.69 45.03 -37.39
CA ILE C 802 -8.29 43.62 -37.41
C ILE C 802 -6.95 43.40 -38.12
N LEU C 803 -6.52 44.30 -38.97
CA LEU C 803 -5.19 44.22 -39.53
C LEU C 803 -4.15 44.68 -38.51
N PRO C 804 -2.95 44.11 -38.55
CA PRO C 804 -1.95 44.40 -37.51
C PRO C 804 -1.54 45.86 -37.45
N ASP C 805 -1.29 46.33 -36.23
CA ASP C 805 -0.83 47.68 -35.99
C ASP C 805 0.69 47.66 -35.83
N PRO C 806 1.44 48.24 -36.76
CA PRO C 806 2.91 48.21 -36.64
C PRO C 806 3.43 48.89 -35.38
N SER C 807 2.69 49.87 -34.87
CA SER C 807 3.14 50.62 -33.70
C SER C 807 3.26 49.71 -32.47
N LYS C 808 2.32 48.78 -32.32
CA LYS C 808 2.38 47.85 -31.20
C LYS C 808 3.66 47.00 -31.29
N PRO C 809 4.30 46.70 -30.16
CA PRO C 809 5.54 45.90 -30.22
C PRO C 809 5.35 44.52 -30.82
N SER C 810 4.21 43.89 -30.60
CA SER C 810 3.96 42.55 -31.12
C SER C 810 3.29 42.56 -32.49
N LYS C 811 3.03 43.74 -33.05
CA LYS C 811 2.33 43.88 -34.33
C LYS C 811 0.99 43.14 -34.30
N ARG C 812 0.35 43.17 -33.14
CA ARG C 812 -1.01 42.71 -32.99
C ARG C 812 -1.97 43.74 -33.54
N SER C 813 -3.13 43.28 -33.99
CA SER C 813 -4.19 44.21 -34.37
C SER C 813 -4.85 44.74 -33.11
N PHE C 814 -5.73 45.73 -33.30
CA PHE C 814 -6.41 46.34 -32.17
C PHE C 814 -7.29 45.33 -31.43
N ILE C 815 -8.05 44.54 -32.17
CA ILE C 815 -8.95 43.57 -31.54
C ILE C 815 -8.14 42.44 -30.90
N GLU C 816 -7.05 42.03 -31.53
CA GLU C 816 -6.18 41.03 -30.93
C GLU C 816 -5.61 41.55 -29.61
N ASP C 817 -5.22 42.82 -29.57
CA ASP C 817 -4.72 43.42 -28.35
C ASP C 817 -5.80 43.47 -27.27
N LEU C 818 -7.03 43.79 -27.65
CA LEU C 818 -8.14 43.77 -26.70
C LEU C 818 -8.33 42.38 -26.11
N LEU C 819 -8.29 41.36 -26.96
CA LEU C 819 -8.49 39.99 -26.48
C LEU C 819 -7.39 39.58 -25.52
N PHE C 820 -6.14 39.95 -25.83
CA PHE C 820 -5.05 39.60 -24.94
C PHE C 820 -5.10 40.36 -23.62
N ASN C 821 -5.58 41.61 -23.65
CA ASN C 821 -5.79 42.32 -22.39
C ASN C 821 -6.92 41.69 -21.59
N LYS C 822 -7.97 41.23 -22.26
CA LYS C 822 -9.12 40.68 -21.54
C LYS C 822 -8.79 39.37 -20.85
N VAL C 823 -8.17 38.43 -21.57
CA VAL C 823 -7.92 37.12 -20.96
C VAL C 823 -6.72 37.20 -20.03
N THR C 824 -6.90 36.78 -18.78
CA THR C 824 -5.80 36.77 -17.82
C THR C 824 -5.20 35.38 -17.68
N PHE C 852 6.75 24.35 -8.92
CA PHE C 852 7.83 24.52 -7.96
C PHE C 852 8.11 23.24 -7.19
N ASN C 853 7.14 22.31 -7.25
CA ASN C 853 7.25 21.01 -6.63
C ASN C 853 7.44 19.91 -7.67
N GLY C 854 8.33 20.14 -8.62
CA GLY C 854 8.45 19.26 -9.76
C GLY C 854 7.55 19.62 -10.92
N LEU C 855 6.85 20.74 -10.82
CA LEU C 855 5.90 21.18 -11.84
C LEU C 855 6.56 22.27 -12.67
N THR C 856 6.72 22.02 -13.97
CA THR C 856 7.25 23.01 -14.90
C THR C 856 6.21 23.30 -15.98
N VAL C 857 6.23 24.52 -16.50
CA VAL C 857 5.38 24.92 -17.60
C VAL C 857 6.27 25.19 -18.80
N LEU C 858 6.12 24.38 -19.82
CA LEU C 858 6.86 24.52 -21.07
C LEU C 858 6.23 25.61 -21.92
N PRO C 859 7.03 26.51 -22.52
CA PRO C 859 6.46 27.54 -23.36
C PRO C 859 5.97 26.96 -24.67
N PRO C 860 4.90 27.49 -25.24
CA PRO C 860 4.47 27.04 -26.55
C PRO C 860 5.51 27.35 -27.62
N LEU C 861 5.57 26.46 -28.60
CA LEU C 861 6.58 26.55 -29.65
C LEU C 861 6.40 27.80 -30.50
N LEU C 862 5.16 28.13 -30.86
CA LEU C 862 4.87 29.33 -31.61
C LEU C 862 4.60 30.45 -30.62
N THR C 863 5.43 31.49 -30.66
CA THR C 863 5.18 32.63 -29.79
C THR C 863 3.88 33.32 -30.20
N ASP C 864 3.34 34.13 -29.29
CA ASP C 864 2.14 34.88 -29.61
C ASP C 864 2.36 35.77 -30.82
N GLU C 865 3.59 36.24 -31.02
CA GLU C 865 3.92 36.99 -32.21
C GLU C 865 3.86 36.12 -33.46
N MET C 866 4.29 34.87 -33.36
CA MET C 866 4.18 33.97 -34.51
C MET C 866 2.74 33.62 -34.80
N ILE C 867 1.93 33.44 -33.77
CA ILE C 867 0.50 33.24 -33.96
C ILE C 867 -0.12 34.46 -34.63
N ALA C 868 0.29 35.64 -34.20
CA ALA C 868 -0.22 36.88 -34.80
C ALA C 868 0.18 37.01 -36.25
N GLN C 869 1.43 36.63 -36.58
CA GLN C 869 1.85 36.67 -37.98
C GLN C 869 1.08 35.67 -38.81
N TYR C 870 0.77 34.50 -38.24
CA TYR C 870 -0.06 33.53 -38.93
C TYR C 870 -1.46 34.06 -39.19
N THR C 871 -2.09 34.65 -38.18
CA THR C 871 -3.42 35.22 -38.37
C THR C 871 -3.39 36.41 -39.32
N SER C 872 -2.31 37.19 -39.32
CA SER C 872 -2.20 38.30 -40.26
C SER C 872 -2.01 37.81 -41.68
N ALA C 873 -1.26 36.73 -41.88
CA ALA C 873 -1.13 36.15 -43.20
C ALA C 873 -2.46 35.59 -43.69
N LEU C 874 -3.20 34.92 -42.82
CA LEU C 874 -4.54 34.44 -43.17
C LEU C 874 -5.45 35.60 -43.52
N LEU C 875 -5.39 36.67 -42.73
CA LEU C 875 -6.24 37.83 -42.96
C LEU C 875 -5.89 38.52 -44.27
N ALA C 876 -4.60 38.73 -44.54
CA ALA C 876 -4.19 39.38 -45.78
C ALA C 876 -4.50 38.51 -46.98
N GLY C 877 -4.30 37.20 -46.88
CA GLY C 877 -4.68 36.33 -47.97
C GLY C 877 -6.16 36.39 -48.26
N THR C 878 -6.98 36.34 -47.22
CA THR C 878 -8.42 36.47 -47.39
C THR C 878 -8.79 37.78 -48.07
N ILE C 879 -8.29 38.89 -47.54
CA ILE C 879 -8.67 40.20 -48.05
C ILE C 879 -8.23 40.36 -49.49
N THR C 880 -6.98 40.03 -49.78
CA THR C 880 -6.40 40.36 -51.07
C THR C 880 -6.55 39.30 -52.13
N SER C 881 -7.03 38.10 -51.78
CA SER C 881 -7.19 37.06 -52.77
C SER C 881 -8.51 36.30 -52.69
N GLY C 882 -9.18 36.28 -51.55
CA GLY C 882 -10.44 35.57 -51.44
C GLY C 882 -10.24 34.17 -50.94
N TRP C 883 -10.88 33.21 -51.59
CA TRP C 883 -10.69 31.83 -51.21
C TRP C 883 -9.64 31.13 -52.06
N THR C 884 -8.95 31.88 -52.91
CA THR C 884 -7.98 31.28 -53.83
C THR C 884 -6.72 30.84 -53.12
N PHE C 885 -6.30 31.59 -52.10
CA PHE C 885 -5.07 31.25 -51.41
C PHE C 885 -5.18 29.94 -50.65
N GLY C 886 -6.39 29.48 -50.36
CA GLY C 886 -6.56 28.18 -49.75
C GLY C 886 -6.51 27.00 -50.70
N ALA C 887 -6.85 27.23 -51.97
CA ALA C 887 -6.87 26.15 -52.96
C ALA C 887 -5.54 26.05 -53.70
N GLY C 888 -4.98 27.19 -54.08
CA GLY C 888 -3.69 27.16 -54.75
C GLY C 888 -2.81 28.33 -54.37
N ALA C 889 -2.26 28.99 -55.38
CA ALA C 889 -1.61 30.28 -55.17
C ALA C 889 -2.66 31.35 -55.01
N ALA C 890 -2.40 32.29 -54.11
CA ALA C 890 -3.30 33.42 -53.92
C ALA C 890 -3.42 34.22 -55.21
N LEU C 891 -4.63 34.29 -55.75
CA LEU C 891 -4.93 35.11 -56.92
C LEU C 891 -5.62 36.37 -56.44
N GLN C 892 -5.01 37.52 -56.71
CA GLN C 892 -5.59 38.75 -56.22
C GLN C 892 -6.91 39.04 -56.93
N ILE C 893 -7.82 39.65 -56.18
CA ILE C 893 -9.12 40.07 -56.70
C ILE C 893 -9.55 41.28 -55.90
N PRO C 894 -10.08 42.33 -56.54
CA PRO C 894 -10.55 43.48 -55.78
C PRO C 894 -11.63 43.09 -54.80
N PHE C 895 -11.61 43.71 -53.62
CA PHE C 895 -12.44 43.22 -52.52
C PHE C 895 -13.92 43.36 -52.81
N ALA C 896 -14.33 44.41 -53.52
CA ALA C 896 -15.72 44.50 -53.92
C ALA C 896 -16.12 43.36 -54.85
N MET C 897 -15.21 42.97 -55.73
CA MET C 897 -15.48 41.83 -56.60
C MET C 897 -15.54 40.52 -55.83
N GLN C 898 -14.67 40.36 -54.83
CA GLN C 898 -14.74 39.17 -53.98
C GLN C 898 -16.05 39.13 -53.23
N MET C 899 -16.51 40.27 -52.72
CA MET C 899 -17.79 40.33 -52.03
C MET C 899 -18.94 40.03 -52.96
N ALA C 900 -18.86 40.44 -54.21
CA ALA C 900 -19.88 40.07 -55.19
C ALA C 900 -19.92 38.57 -55.39
N TYR C 901 -18.74 37.94 -55.45
CA TYR C 901 -18.67 36.49 -55.51
C TYR C 901 -19.36 35.86 -54.32
N ARG C 902 -19.16 36.42 -53.13
CA ARG C 902 -19.73 35.84 -51.92
C ARG C 902 -21.24 36.05 -51.83
N PHE C 903 -21.74 37.16 -52.36
CA PHE C 903 -23.18 37.33 -52.51
C PHE C 903 -23.76 36.27 -53.45
N ASN C 904 -23.07 36.00 -54.56
CA ASN C 904 -23.44 34.88 -55.41
C ASN C 904 -23.44 33.57 -54.62
N GLY C 905 -22.46 33.43 -53.73
CA GLY C 905 -22.36 32.20 -52.95
C GLY C 905 -23.53 31.99 -52.03
N ILE C 906 -24.07 33.08 -51.48
CA ILE C 906 -25.27 32.94 -50.64
C ILE C 906 -26.56 33.02 -51.42
N GLY C 907 -26.52 33.26 -52.71
CA GLY C 907 -27.71 33.21 -53.51
C GLY C 907 -28.30 34.56 -53.83
N VAL C 908 -27.65 35.63 -53.41
CA VAL C 908 -28.05 36.99 -53.75
C VAL C 908 -27.28 37.39 -54.99
N THR C 909 -27.98 37.93 -55.98
CA THR C 909 -27.33 38.36 -57.21
C THR C 909 -26.22 39.35 -56.89
N GLN C 910 -25.18 39.35 -57.74
CA GLN C 910 -24.01 40.16 -57.44
C GLN C 910 -24.24 41.64 -57.71
N ASN C 911 -25.23 41.99 -58.53
CA ASN C 911 -25.50 43.40 -58.75
C ASN C 911 -25.98 44.06 -57.48
N VAL C 912 -26.50 43.26 -56.54
CA VAL C 912 -26.94 43.80 -55.26
C VAL C 912 -25.77 44.42 -54.51
N LEU C 913 -24.62 43.74 -54.51
CA LEU C 913 -23.42 44.27 -53.88
C LEU C 913 -22.98 45.57 -54.56
N TYR C 914 -22.95 45.59 -55.88
CA TYR C 914 -22.45 46.77 -56.58
C TYR C 914 -23.39 47.95 -56.41
N GLU C 915 -24.70 47.69 -56.35
CA GLU C 915 -25.67 48.75 -56.20
C GLU C 915 -25.85 49.18 -54.75
N ASN C 916 -25.40 48.39 -53.78
CA ASN C 916 -25.50 48.79 -52.39
C ASN C 916 -24.13 48.86 -51.71
N GLN C 917 -23.06 48.98 -52.48
CA GLN C 917 -21.71 48.77 -51.96
C GLN C 917 -21.36 49.68 -50.79
N LYS C 918 -21.66 50.97 -50.88
CA LYS C 918 -21.32 51.88 -49.78
C LYS C 918 -22.08 51.53 -48.52
N LEU C 919 -23.37 51.21 -48.65
CA LEU C 919 -24.16 50.78 -47.50
C LEU C 919 -23.60 49.52 -46.88
N ILE C 920 -23.19 48.56 -47.71
CA ILE C 920 -22.68 47.30 -47.21
C ILE C 920 -21.34 47.49 -46.50
N ALA C 921 -20.49 48.34 -47.07
CA ALA C 921 -19.23 48.68 -46.43
C ALA C 921 -19.46 49.36 -45.09
N ASN C 922 -20.41 50.29 -45.04
CA ASN C 922 -20.71 50.96 -43.78
C ASN C 922 -21.25 50.00 -42.73
N GLN C 923 -22.14 49.09 -43.15
CA GLN C 923 -22.67 48.10 -42.21
C GLN C 923 -21.55 47.23 -41.67
N PHE C 924 -20.63 46.82 -42.54
CA PHE C 924 -19.48 46.05 -42.09
C PHE C 924 -18.67 46.83 -41.05
N ASN C 925 -18.37 48.09 -41.34
CA ASN C 925 -17.53 48.89 -40.43
C ASN C 925 -18.23 49.12 -39.10
N SER C 926 -19.52 49.44 -39.13
CA SER C 926 -20.29 49.62 -37.91
C SER C 926 -20.29 48.35 -37.08
N ALA C 927 -20.44 47.20 -37.74
CA ALA C 927 -20.45 45.92 -37.03
C ALA C 927 -19.11 45.66 -36.36
N ILE C 928 -18.02 46.01 -37.03
CA ILE C 928 -16.69 45.84 -36.42
C ILE C 928 -16.53 46.76 -35.21
N GLY C 929 -17.02 47.99 -35.33
CA GLY C 929 -16.97 48.90 -34.18
C GLY C 929 -17.78 48.39 -33.01
N LYS C 930 -18.94 47.83 -33.29
CA LYS C 930 -19.75 47.25 -32.22
C LYS C 930 -19.04 46.07 -31.60
N ILE C 931 -18.28 45.30 -32.40
CA ILE C 931 -17.44 44.24 -31.84
C ILE C 931 -16.43 44.82 -30.86
N GLN C 932 -15.78 45.91 -31.26
CA GLN C 932 -14.83 46.58 -30.38
C GLN C 932 -15.48 46.93 -29.05
N ASP C 933 -16.65 47.57 -29.11
CA ASP C 933 -17.33 47.98 -27.88
C ASP C 933 -17.71 46.78 -27.03
N SER C 934 -18.23 45.73 -27.66
CA SER C 934 -18.63 44.53 -26.93
C SER C 934 -17.45 43.90 -26.21
N LEU C 935 -16.29 43.87 -26.86
CA LEU C 935 -15.11 43.31 -26.21
C LEU C 935 -14.60 44.21 -25.09
N SER C 936 -14.56 45.53 -25.32
CA SER C 936 -14.01 46.44 -24.31
C SER C 936 -14.89 46.47 -23.06
N SER C 937 -16.21 46.41 -23.22
CA SER C 937 -17.09 46.56 -22.07
C SER C 937 -17.26 45.26 -21.30
N THR C 938 -17.80 44.23 -21.95
CA THR C 938 -18.18 42.99 -21.30
C THR C 938 -17.08 41.95 -21.48
N ALA C 939 -16.71 41.29 -20.40
CA ALA C 939 -15.65 40.29 -20.41
C ALA C 939 -16.16 38.86 -20.36
N SER C 940 -17.48 38.65 -20.34
CA SER C 940 -18.01 37.30 -20.28
C SER C 940 -17.92 36.59 -21.62
N ALA C 941 -17.61 37.32 -22.70
CA ALA C 941 -17.50 36.70 -24.00
C ALA C 941 -16.33 35.73 -24.07
N LEU C 942 -15.18 36.11 -23.50
CA LEU C 942 -13.96 35.30 -23.45
C LEU C 942 -14.00 34.26 -22.37
N GLY C 943 -15.22 33.95 -21.95
CA GLY C 943 -15.42 32.94 -20.92
C GLY C 943 -14.87 31.59 -21.32
N LYS C 944 -14.98 31.24 -22.60
CA LYS C 944 -14.53 29.92 -23.06
C LYS C 944 -13.04 29.72 -22.83
N LEU C 945 -12.25 30.76 -23.05
CA LEU C 945 -10.80 30.68 -22.85
C LEU C 945 -10.43 30.86 -21.38
N GLN C 946 -11.09 31.80 -20.72
CA GLN C 946 -10.82 32.03 -19.31
C GLN C 946 -11.15 30.81 -18.47
N ASP C 947 -12.21 30.09 -18.84
CA ASP C 947 -12.61 28.88 -18.15
C ASP C 947 -11.55 27.80 -18.28
N VAL C 948 -10.95 27.68 -19.48
CA VAL C 948 -9.88 26.70 -19.70
C VAL C 948 -8.68 27.05 -18.83
N VAL C 949 -8.29 28.31 -18.82
CA VAL C 949 -7.18 28.76 -17.99
C VAL C 949 -7.46 28.46 -16.52
N ASN C 950 -8.67 28.77 -16.07
CA ASN C 950 -9.05 28.55 -14.69
C ASN C 950 -9.05 27.07 -14.33
N GLN C 951 -9.53 26.23 -15.24
CA GLN C 951 -9.55 24.79 -14.98
C GLN C 951 -8.14 24.24 -14.83
N ASN C 952 -7.24 24.63 -15.72
CA ASN C 952 -5.86 24.16 -15.61
C ASN C 952 -5.22 24.64 -14.31
N ALA C 953 -5.46 25.90 -13.95
CA ALA C 953 -4.91 26.45 -12.72
C ALA C 953 -5.48 25.73 -11.50
N GLN C 954 -6.77 25.44 -11.51
CA GLN C 954 -7.41 24.72 -10.40
C GLN C 954 -6.86 23.32 -10.27
N ALA C 955 -6.62 22.65 -11.40
CA ALA C 955 -6.04 21.32 -11.36
C ALA C 955 -4.64 21.36 -10.73
N LEU C 956 -3.83 22.34 -11.11
CA LEU C 956 -2.50 22.47 -10.53
C LEU C 956 -2.57 22.82 -9.05
N ASN C 957 -3.49 23.70 -8.67
CA ASN C 957 -3.64 24.05 -7.27
C ASN C 957 -4.05 22.86 -6.43
N THR C 958 -4.97 22.05 -6.95
CA THR C 958 -5.36 20.83 -6.25
C THR C 958 -4.19 19.88 -6.12
N LEU C 959 -3.41 19.74 -7.20
CA LEU C 959 -2.26 18.85 -7.18
C LEU C 959 -1.26 19.27 -6.11
N VAL C 960 -0.97 20.57 -6.03
CA VAL C 960 -0.02 21.06 -5.04
C VAL C 960 -0.58 20.93 -3.63
N LYS C 961 -1.85 21.27 -3.44
CA LYS C 961 -2.45 21.15 -2.12
C LYS C 961 -2.49 19.70 -1.65
N GLN C 962 -2.50 18.75 -2.58
CA GLN C 962 -2.45 17.34 -2.19
C GLN C 962 -1.13 16.98 -1.52
N LEU C 963 -0.12 17.84 -1.60
CA LEU C 963 1.15 17.55 -0.94
C LEU C 963 1.10 17.80 0.56
N SER C 964 0.05 18.44 1.06
CA SER C 964 -0.09 18.71 2.48
C SER C 964 -1.05 17.76 3.17
N SER C 965 -1.28 16.59 2.56
CA SER C 965 -2.24 15.60 3.10
C SER C 965 -1.46 14.41 3.68
N ASN C 966 -1.85 13.94 4.86
CA ASN C 966 -1.18 12.79 5.52
C ASN C 966 -1.51 11.51 4.74
N PHE C 967 -2.71 11.42 4.18
CA PHE C 967 -3.14 10.22 3.41
C PHE C 967 -3.10 9.01 4.34
N GLY C 968 -3.18 9.24 5.64
CA GLY C 968 -3.17 8.13 6.62
C GLY C 968 -1.81 7.98 7.28
N ALA C 969 -0.79 8.69 6.77
CA ALA C 969 0.56 8.62 7.36
C ALA C 969 0.62 9.55 8.58
N ILE C 970 1.71 9.47 9.35
CA ILE C 970 1.84 10.28 10.60
C ILE C 970 1.87 11.77 10.24
N SER C 971 2.62 12.12 9.19
CA SER C 971 2.77 13.56 8.84
C SER C 971 2.68 13.75 7.32
N SER C 972 2.50 14.99 6.88
CA SER C 972 2.42 15.26 5.45
C SER C 972 3.76 15.66 4.87
N VAL C 973 4.82 15.65 5.67
CA VAL C 973 6.15 16.06 5.25
C VAL C 973 7.08 14.86 5.37
N LEU C 974 7.77 14.54 4.27
CA LEU C 974 8.73 13.45 4.30
C LEU C 974 9.91 13.77 5.20
N ASN C 975 10.35 15.03 5.20
CA ASN C 975 11.53 15.40 5.98
C ASN C 975 11.30 15.18 7.47
N ASP C 976 10.12 15.53 7.98
CA ASP C 976 9.83 15.34 9.39
C ASP C 976 9.84 13.87 9.76
N ILE C 977 9.21 13.02 8.94
CA ILE C 977 9.19 11.60 9.22
C ILE C 977 10.61 11.02 9.20
N LEU C 978 11.39 11.42 8.20
CA LEU C 978 12.77 10.92 8.11
C LEU C 978 13.60 11.37 9.31
N SER C 979 13.41 12.62 9.75
CA SER C 979 14.22 13.14 10.84
C SER C 979 13.78 12.57 12.19
N ARG C 980 12.51 12.18 12.33
CA ARG C 980 12.02 11.70 13.61
C ARG C 980 12.10 10.18 13.75
N LEU C 981 11.58 9.43 12.80
CA LEU C 981 11.50 7.98 12.90
C LEU C 981 12.66 7.32 12.17
N ASP C 982 13.13 6.20 12.73
CA ASP C 982 14.13 5.39 12.06
C ASP C 982 13.51 4.68 10.86
N PRO C 983 14.33 4.30 9.87
CA PRO C 983 13.79 3.81 8.60
C PRO C 983 12.80 2.66 8.75
N PRO C 984 13.06 1.66 9.62
CA PRO C 984 12.09 0.55 9.72
C PRO C 984 10.70 1.00 10.12
N GLU C 985 10.59 2.03 10.96
CA GLU C 985 9.30 2.58 11.34
C GLU C 985 8.76 3.56 10.30
N ALA C 986 9.66 4.32 9.67
CA ALA C 986 9.23 5.40 8.79
C ALA C 986 8.80 4.88 7.42
N GLU C 987 9.21 3.68 7.04
CA GLU C 987 8.90 3.20 5.70
C GLU C 987 7.40 3.00 5.49
N VAL C 988 6.66 2.63 6.54
CA VAL C 988 5.22 2.46 6.39
C VAL C 988 4.54 3.81 6.13
N GLN C 989 4.91 4.83 6.91
CA GLN C 989 4.34 6.15 6.69
C GLN C 989 4.73 6.71 5.33
N ILE C 990 5.97 6.48 4.91
CA ILE C 990 6.39 6.94 3.60
C ILE C 990 5.63 6.19 2.50
N ASP C 991 5.35 4.90 2.71
CA ASP C 991 4.57 4.17 1.73
C ASP C 991 3.16 4.73 1.62
N ARG C 992 2.55 5.09 2.75
CA ARG C 992 1.23 5.73 2.70
C ARG C 992 1.29 7.04 1.93
N LEU C 993 2.31 7.85 2.20
CA LEU C 993 2.45 9.12 1.48
C LEU C 993 2.69 8.89 -0.01
N ILE C 994 3.50 7.89 -0.35
CA ILE C 994 3.80 7.59 -1.75
C ILE C 994 2.54 7.14 -2.47
N THR C 995 1.76 6.25 -1.86
CA THR C 995 0.54 5.79 -2.51
C THR C 995 -0.44 6.94 -2.68
N GLY C 996 -0.60 7.76 -1.66
CA GLY C 996 -1.50 8.90 -1.76
C GLY C 996 -1.08 9.87 -2.84
N ARG C 997 0.21 10.21 -2.88
CA ARG C 997 0.70 11.19 -3.83
C ARG C 997 0.72 10.64 -5.25
N LEU C 998 0.99 9.34 -5.40
CA LEU C 998 0.92 8.72 -6.71
C LEU C 998 -0.51 8.68 -7.22
N GLN C 999 -1.47 8.38 -6.35
CA GLN C 999 -2.87 8.43 -6.77
C GLN C 999 -3.28 9.85 -7.12
N SER C 1000 -2.81 10.84 -6.37
CA SER C 1000 -3.09 12.23 -6.68
C SER C 1000 -2.53 12.63 -8.05
N LEU C 1001 -1.29 12.22 -8.31
CA LEU C 1001 -0.66 12.50 -9.60
C LEU C 1001 -1.39 11.80 -10.75
N GLN C 1002 -1.80 10.55 -10.54
CA GLN C 1002 -2.53 9.82 -11.57
C GLN C 1002 -3.88 10.46 -11.86
N THR C 1003 -4.60 10.89 -10.82
CA THR C 1003 -5.86 11.59 -11.03
C THR C 1003 -5.65 12.86 -11.83
N TYR C 1004 -4.62 13.63 -11.46
CA TYR C 1004 -4.32 14.85 -12.21
C TYR C 1004 -4.05 14.54 -13.67
N VAL C 1005 -3.21 13.54 -13.94
CA VAL C 1005 -2.84 13.24 -15.33
C VAL C 1005 -4.03 12.72 -16.12
N THR C 1006 -4.87 11.89 -15.50
CA THR C 1006 -6.02 11.34 -16.21
C THR C 1006 -7.03 12.42 -16.56
N GLN C 1007 -7.29 13.33 -15.61
CA GLN C 1007 -8.20 14.43 -15.93
C GLN C 1007 -7.59 15.37 -16.94
N GLN C 1008 -6.27 15.51 -16.96
CA GLN C 1008 -5.61 16.27 -18.01
C GLN C 1008 -5.78 15.60 -19.37
N LEU C 1009 -5.73 14.28 -19.42
CA LEU C 1009 -5.97 13.57 -20.67
C LEU C 1009 -7.39 13.75 -21.17
N ILE C 1010 -8.38 13.68 -20.29
CA ILE C 1010 -9.76 13.95 -20.67
C ILE C 1010 -9.95 15.40 -21.14
N ARG C 1011 -9.39 16.35 -20.41
CA ARG C 1011 -9.45 17.76 -20.76
C ARG C 1011 -8.71 18.08 -22.05
N ALA C 1012 -7.59 17.42 -22.30
CA ALA C 1012 -6.85 17.61 -23.54
C ALA C 1012 -7.55 16.97 -24.72
N ALA C 1013 -8.29 15.89 -24.49
CA ALA C 1013 -9.16 15.38 -25.55
C ALA C 1013 -10.22 16.39 -25.91
N GLU C 1014 -10.79 17.06 -24.91
CA GLU C 1014 -11.76 18.12 -25.17
C GLU C 1014 -11.12 19.29 -25.93
N ILE C 1015 -9.92 19.70 -25.53
CA ILE C 1015 -9.25 20.78 -26.23
C ILE C 1015 -8.87 20.38 -27.65
N ARG C 1016 -8.52 19.12 -27.88
CA ARG C 1016 -8.23 18.68 -29.23
C ARG C 1016 -9.49 18.66 -30.09
N ALA C 1017 -10.64 18.31 -29.50
CA ALA C 1017 -11.89 18.45 -30.23
C ALA C 1017 -12.15 19.88 -30.63
N SER C 1018 -11.95 20.82 -29.69
CA SER C 1018 -12.16 22.23 -30.00
C SER C 1018 -11.17 22.74 -31.03
N ALA C 1019 -9.93 22.26 -30.98
CA ALA C 1019 -8.92 22.67 -31.95
C ALA C 1019 -9.19 22.08 -33.32
N ASN C 1020 -9.74 20.87 -33.38
CA ASN C 1020 -10.18 20.31 -34.65
C ASN C 1020 -11.32 21.11 -35.23
N LEU C 1021 -12.25 21.54 -34.37
CA LEU C 1021 -13.33 22.41 -34.83
C LEU C 1021 -12.80 23.74 -35.33
N ALA C 1022 -11.85 24.32 -34.62
CA ALA C 1022 -11.27 25.60 -35.02
C ALA C 1022 -10.47 25.47 -36.31
N ALA C 1023 -9.78 24.35 -36.51
CA ALA C 1023 -9.11 24.10 -37.76
C ALA C 1023 -10.10 23.94 -38.91
N THR C 1024 -11.21 23.25 -38.67
CA THR C 1024 -12.25 23.13 -39.68
C THR C 1024 -12.86 24.48 -40.01
N LYS C 1025 -13.06 25.32 -38.99
CA LYS C 1025 -13.64 26.64 -39.22
C LYS C 1025 -12.64 27.58 -39.90
N MET C 1026 -11.36 27.38 -39.66
CA MET C 1026 -10.35 28.13 -40.41
C MET C 1026 -10.35 27.71 -41.87
N SER C 1027 -10.51 26.42 -42.13
CA SER C 1027 -10.49 25.94 -43.51
C SER C 1027 -11.75 26.34 -44.26
N GLU C 1028 -12.91 26.29 -43.62
CA GLU C 1028 -14.17 26.47 -44.31
C GLU C 1028 -14.72 27.88 -44.20
N CYS C 1029 -14.59 28.51 -43.04
CA CYS C 1029 -15.10 29.86 -42.87
C CYS C 1029 -14.11 30.89 -43.37
N VAL C 1030 -12.82 30.70 -43.11
CA VAL C 1030 -11.80 31.70 -43.44
C VAL C 1030 -11.22 31.43 -44.81
N LEU C 1031 -10.89 30.18 -45.11
CA LEU C 1031 -10.33 29.85 -46.41
C LEU C 1031 -11.41 29.59 -47.46
N GLY C 1032 -12.69 29.67 -47.12
CA GLY C 1032 -13.75 29.48 -48.09
C GLY C 1032 -15.00 30.22 -47.66
N GLN C 1033 -16.10 29.94 -48.35
CA GLN C 1033 -17.42 30.36 -47.91
C GLN C 1033 -18.27 29.11 -47.69
N SER C 1034 -18.84 29.00 -46.50
CA SER C 1034 -19.49 27.77 -46.07
C SER C 1034 -20.99 27.81 -46.38
N LYS C 1035 -21.48 26.74 -47.00
CA LYS C 1035 -22.91 26.53 -47.18
C LYS C 1035 -23.54 25.84 -45.97
N ARG C 1036 -22.72 25.37 -45.03
CA ARG C 1036 -23.24 24.75 -43.82
C ARG C 1036 -23.95 25.78 -42.96
N VAL C 1037 -25.08 25.39 -42.42
CA VAL C 1037 -25.94 26.32 -41.69
C VAL C 1037 -25.42 26.47 -40.28
N ASP C 1038 -25.26 27.71 -39.84
CA ASP C 1038 -24.80 28.07 -38.50
C ASP C 1038 -23.40 27.56 -38.19
N PHE C 1039 -22.65 27.10 -39.19
CA PHE C 1039 -21.27 26.73 -38.95
C PHE C 1039 -20.39 27.96 -38.80
N CYS C 1040 -20.64 28.98 -39.60
CA CYS C 1040 -19.89 30.22 -39.55
C CYS C 1040 -20.77 31.40 -39.15
N GLY C 1041 -21.56 31.22 -38.09
CA GLY C 1041 -22.40 32.25 -37.55
C GLY C 1041 -23.81 32.21 -38.11
N LYS C 1042 -24.74 32.82 -37.39
CA LYS C 1042 -26.12 32.85 -37.82
C LYS C 1042 -26.30 33.80 -38.99
N GLY C 1043 -27.02 33.36 -40.01
CA GLY C 1043 -27.13 34.08 -41.26
C GLY C 1043 -26.47 33.33 -42.40
N TYR C 1044 -26.47 33.96 -43.55
CA TYR C 1044 -25.80 33.41 -44.72
C TYR C 1044 -24.35 33.84 -44.72
N HIS C 1045 -23.44 32.89 -44.56
CA HIS C 1045 -22.03 33.21 -44.39
C HIS C 1045 -21.46 33.93 -45.60
N LEU C 1046 -20.76 35.04 -45.37
CA LEU C 1046 -19.99 35.73 -46.40
C LEU C 1046 -18.50 35.44 -46.27
N MET C 1047 -17.92 35.72 -45.11
CA MET C 1047 -16.51 35.47 -44.87
C MET C 1047 -16.28 35.43 -43.36
N SER C 1048 -15.04 35.11 -42.98
CA SER C 1048 -14.63 35.13 -41.60
C SER C 1048 -13.19 35.62 -41.55
N PHE C 1049 -12.81 36.14 -40.38
CA PHE C 1049 -11.48 36.64 -40.13
C PHE C 1049 -10.97 36.04 -38.82
N PRO C 1050 -9.79 35.43 -38.81
CA PRO C 1050 -9.24 34.93 -37.55
C PRO C 1050 -8.56 36.02 -36.74
N GLN C 1051 -8.72 35.90 -35.43
CA GLN C 1051 -7.97 36.72 -34.49
C GLN C 1051 -7.43 35.79 -33.42
N SER C 1052 -6.12 35.79 -33.22
CA SER C 1052 -5.56 35.03 -32.13
C SER C 1052 -6.03 35.59 -30.80
N ALA C 1053 -6.29 34.70 -29.86
CA ALA C 1053 -6.56 35.03 -28.47
C ALA C 1053 -5.72 34.09 -27.62
N PRO C 1054 -5.46 34.45 -26.37
CA PRO C 1054 -4.61 33.59 -25.55
C PRO C 1054 -5.13 32.16 -25.47
N HIS C 1055 -4.40 31.23 -26.06
CA HIS C 1055 -4.76 29.80 -26.08
C HIS C 1055 -6.07 29.55 -26.83
N GLY C 1056 -6.29 30.29 -27.90
CA GLY C 1056 -7.53 30.12 -28.63
C GLY C 1056 -7.52 30.95 -29.89
N VAL C 1057 -8.67 30.96 -30.56
CA VAL C 1057 -8.87 31.74 -31.77
C VAL C 1057 -10.26 32.36 -31.71
N VAL C 1058 -10.37 33.52 -32.34
CA VAL C 1058 -11.61 34.27 -32.41
C VAL C 1058 -11.92 34.49 -33.88
N PHE C 1059 -13.07 34.02 -34.31
CA PHE C 1059 -13.52 34.15 -35.70
C PHE C 1059 -14.54 35.27 -35.76
N LEU C 1060 -14.30 36.24 -36.62
CA LEU C 1060 -15.24 37.32 -36.87
C LEU C 1060 -16.08 36.91 -38.06
N HIS C 1061 -17.24 36.33 -37.78
CA HIS C 1061 -18.08 35.73 -38.78
C HIS C 1061 -18.97 36.79 -39.41
N VAL C 1062 -18.69 37.15 -40.65
CA VAL C 1062 -19.51 38.09 -41.40
C VAL C 1062 -20.60 37.31 -42.11
N THR C 1063 -21.85 37.68 -41.86
CA THR C 1063 -23.00 36.99 -42.42
C THR C 1063 -24.03 38.00 -42.91
N TYR C 1064 -24.80 37.57 -43.90
CA TYR C 1064 -25.88 38.33 -44.51
C TYR C 1064 -27.18 37.85 -43.88
N VAL C 1065 -27.92 38.78 -43.28
CA VAL C 1065 -29.19 38.50 -42.63
C VAL C 1065 -30.26 39.28 -43.35
N PRO C 1066 -31.24 38.63 -43.98
CA PRO C 1066 -32.34 39.38 -44.60
C PRO C 1066 -33.07 40.23 -43.59
N ALA C 1067 -33.49 41.43 -44.00
CA ALA C 1067 -33.94 42.43 -43.05
C ALA C 1067 -35.42 42.74 -43.11
N GLN C 1068 -35.91 43.31 -44.20
CA GLN C 1068 -37.23 43.90 -44.21
C GLN C 1068 -38.11 43.13 -45.15
N GLU C 1069 -39.05 42.37 -44.59
CA GLU C 1069 -39.83 41.38 -45.31
C GLU C 1069 -41.14 41.98 -45.76
N LYS C 1070 -41.56 41.64 -46.95
CA LYS C 1070 -42.83 42.07 -47.47
C LYS C 1070 -43.64 40.85 -47.88
N ASN C 1071 -44.92 40.86 -47.53
CA ASN C 1071 -45.86 39.85 -47.99
C ASN C 1071 -46.12 40.04 -49.47
N PHE C 1072 -46.28 38.92 -50.16
CA PHE C 1072 -46.74 38.93 -51.54
C PHE C 1072 -47.57 37.68 -51.75
N THR C 1073 -48.38 37.71 -52.80
CA THR C 1073 -49.02 36.52 -53.33
C THR C 1073 -48.02 35.85 -54.26
N THR C 1074 -47.90 34.54 -54.18
CA THR C 1074 -46.97 33.78 -54.98
C THR C 1074 -47.71 32.66 -55.71
N ALA C 1075 -47.20 32.28 -56.87
CA ALA C 1075 -47.77 31.19 -57.64
C ALA C 1075 -46.66 30.24 -58.09
N PRO C 1076 -46.88 28.93 -58.03
CA PRO C 1076 -45.84 27.99 -58.45
C PRO C 1076 -45.45 28.10 -59.90
N ALA C 1077 -46.40 28.40 -60.78
CA ALA C 1077 -46.14 28.44 -62.20
C ALA C 1077 -47.03 29.50 -62.82
N ILE C 1078 -46.96 29.66 -64.13
CA ILE C 1078 -47.74 30.68 -64.83
C ILE C 1078 -48.21 30.11 -66.16
N CYS C 1079 -49.50 30.25 -66.44
CA CYS C 1079 -50.08 29.79 -67.69
C CYS C 1079 -49.94 30.88 -68.73
N HIS C 1080 -49.38 30.52 -69.88
CA HIS C 1080 -49.31 31.43 -71.01
C HIS C 1080 -49.36 30.57 -72.26
N ASP C 1081 -50.43 30.74 -73.04
CA ASP C 1081 -50.66 29.96 -74.24
C ASP C 1081 -50.78 28.47 -73.94
N GLY C 1082 -51.32 28.12 -72.78
CA GLY C 1082 -51.46 26.73 -72.38
C GLY C 1082 -50.27 26.18 -71.64
N LYS C 1083 -49.08 26.61 -72.03
CA LYS C 1083 -47.85 26.14 -71.39
C LYS C 1083 -47.78 26.61 -69.95
N ALA C 1084 -47.11 25.83 -69.12
CA ALA C 1084 -46.77 26.24 -67.77
C ALA C 1084 -45.34 26.73 -67.71
N HIS C 1085 -45.13 27.88 -67.08
CA HIS C 1085 -43.82 28.50 -66.98
C HIS C 1085 -43.41 28.53 -65.52
N PHE C 1086 -42.21 28.13 -65.26
CA PHE C 1086 -41.59 28.14 -63.96
C PHE C 1086 -40.35 29.03 -64.01
N PRO C 1087 -40.03 29.74 -62.93
CA PRO C 1087 -38.88 30.64 -62.98
C PRO C 1087 -37.58 29.86 -63.06
N ARG C 1088 -36.69 30.30 -63.94
CA ARG C 1088 -35.38 29.66 -64.02
C ARG C 1088 -34.66 29.73 -62.69
N GLU C 1089 -34.54 30.94 -62.14
CA GLU C 1089 -33.93 31.17 -60.84
C GLU C 1089 -34.71 32.33 -60.22
N GLY C 1090 -35.68 31.99 -59.40
CA GLY C 1090 -36.49 33.00 -58.78
C GLY C 1090 -37.84 32.44 -58.38
N VAL C 1091 -38.69 33.36 -57.95
CA VAL C 1091 -40.01 33.03 -57.45
C VAL C 1091 -40.97 34.06 -58.01
N PHE C 1092 -42.15 33.59 -58.41
CA PHE C 1092 -43.19 34.46 -58.90
C PHE C 1092 -43.89 35.12 -57.73
N VAL C 1093 -43.97 36.45 -57.75
CA VAL C 1093 -44.65 37.20 -56.72
C VAL C 1093 -45.57 38.22 -57.36
N SER C 1094 -46.52 38.69 -56.57
CA SER C 1094 -47.50 39.66 -57.03
C SER C 1094 -47.61 40.77 -55.99
N ASN C 1095 -47.41 42.00 -56.42
CA ASN C 1095 -47.64 43.13 -55.53
C ASN C 1095 -49.11 43.50 -55.45
N GLY C 1096 -50.00 42.59 -55.83
CA GLY C 1096 -51.42 42.79 -55.72
C GLY C 1096 -52.13 42.65 -57.05
N THR C 1097 -51.54 43.20 -58.10
CA THR C 1097 -52.19 43.22 -59.41
C THR C 1097 -51.26 42.68 -60.49
N HIS C 1098 -49.97 42.92 -60.35
CA HIS C 1098 -48.99 42.57 -61.35
C HIS C 1098 -48.15 41.39 -60.87
N TRP C 1099 -47.63 40.63 -61.82
CA TRP C 1099 -46.83 39.45 -61.53
C TRP C 1099 -45.41 39.68 -62.01
N PHE C 1100 -44.45 39.51 -61.11
CA PHE C 1100 -43.04 39.62 -61.40
C PHE C 1100 -42.33 38.35 -60.95
N VAL C 1101 -41.11 38.16 -61.43
CA VAL C 1101 -40.24 37.10 -60.95
C VAL C 1101 -39.09 37.78 -60.24
N THR C 1102 -38.84 37.38 -58.99
CA THR C 1102 -37.80 38.00 -58.20
C THR C 1102 -36.86 36.92 -57.69
N GLN C 1103 -35.63 37.30 -57.37
CA GLN C 1103 -34.76 36.38 -56.67
C GLN C 1103 -35.28 36.16 -55.27
N ARG C 1104 -34.95 35.01 -54.71
CA ARG C 1104 -35.64 34.58 -53.51
C ARG C 1104 -35.19 35.31 -52.25
N ASN C 1105 -33.91 35.69 -52.17
CA ASN C 1105 -33.35 36.23 -50.93
C ASN C 1105 -33.36 37.74 -50.85
N PHE C 1106 -33.88 38.43 -51.87
CA PHE C 1106 -33.81 39.89 -51.90
C PHE C 1106 -34.84 40.37 -52.90
N TYR C 1107 -35.80 41.16 -52.44
CA TYR C 1107 -36.91 41.53 -53.30
C TYR C 1107 -36.42 42.42 -54.43
N GLU C 1108 -36.26 41.83 -55.61
CA GLU C 1108 -35.89 42.59 -56.82
C GLU C 1108 -36.81 42.12 -57.95
N PRO C 1109 -38.04 42.60 -57.97
CA PRO C 1109 -38.99 42.10 -58.97
C PRO C 1109 -38.60 42.50 -60.38
N GLN C 1110 -38.91 41.62 -61.33
CA GLN C 1110 -38.66 41.87 -62.73
C GLN C 1110 -39.81 41.33 -63.57
N ILE C 1111 -40.03 41.96 -64.72
CA ILE C 1111 -41.09 41.53 -65.62
C ILE C 1111 -40.83 40.12 -66.09
N ILE C 1112 -41.89 39.32 -66.15
CA ILE C 1112 -41.77 37.91 -66.50
C ILE C 1112 -41.69 37.77 -68.02
N THR C 1113 -40.54 37.35 -68.50
CA THR C 1113 -40.33 37.05 -69.92
C THR C 1113 -39.78 35.65 -70.04
N THR C 1114 -39.58 35.20 -71.29
CA THR C 1114 -39.15 33.83 -71.54
C THR C 1114 -37.70 33.58 -71.14
N ASP C 1115 -36.91 34.63 -70.90
CA ASP C 1115 -35.57 34.43 -70.38
C ASP C 1115 -35.60 34.15 -68.88
N ASN C 1116 -36.57 34.73 -68.18
CA ASN C 1116 -36.71 34.46 -66.75
C ASN C 1116 -37.26 33.07 -66.48
N THR C 1117 -38.06 32.54 -67.41
CA THR C 1117 -38.87 31.36 -67.17
C THR C 1117 -38.60 30.27 -68.19
N PHE C 1118 -38.87 29.03 -67.79
CA PHE C 1118 -38.82 27.88 -68.68
C PHE C 1118 -40.16 27.16 -68.66
N VAL C 1119 -40.43 26.40 -69.69
CA VAL C 1119 -41.73 25.80 -69.88
C VAL C 1119 -41.69 24.31 -69.57
N SER C 1120 -42.73 23.82 -68.89
CA SER C 1120 -42.93 22.39 -68.74
C SER C 1120 -44.38 22.01 -68.47
N GLY C 1121 -45.10 21.57 -69.48
CA GLY C 1121 -46.42 21.03 -69.29
C GLY C 1121 -47.49 21.88 -69.96
N ASN C 1122 -48.74 21.58 -69.62
CA ASN C 1122 -49.90 22.16 -70.28
C ASN C 1122 -50.90 22.81 -69.33
N CYS C 1123 -50.49 23.19 -68.12
CA CYS C 1123 -51.32 23.95 -67.19
C CYS C 1123 -52.48 23.14 -66.60
N ASP C 1124 -52.39 21.82 -66.61
CA ASP C 1124 -53.44 20.98 -66.04
C ASP C 1124 -53.00 20.24 -64.79
N VAL C 1125 -51.70 20.15 -64.52
CA VAL C 1125 -51.19 19.36 -63.41
C VAL C 1125 -50.77 20.22 -62.24
N VAL C 1126 -50.36 21.46 -62.51
CA VAL C 1126 -49.85 22.32 -61.44
C VAL C 1126 -50.99 22.74 -60.54
N ILE C 1127 -50.77 22.62 -59.22
CA ILE C 1127 -51.76 22.98 -58.22
C ILE C 1127 -51.42 24.37 -57.71
N GLY C 1128 -52.16 25.37 -58.17
CA GLY C 1128 -51.87 26.75 -57.84
C GLY C 1128 -51.32 27.58 -58.97
N ILE C 1129 -51.35 27.09 -60.21
CA ILE C 1129 -50.90 27.87 -61.35
C ILE C 1129 -51.84 29.05 -61.60
N VAL C 1130 -51.28 30.17 -62.06
CA VAL C 1130 -52.05 31.39 -62.26
C VAL C 1130 -51.85 31.89 -63.68
N ASN C 1131 -52.84 32.64 -64.16
CA ASN C 1131 -52.83 33.20 -65.51
C ASN C 1131 -52.17 34.57 -65.51
N ASN C 1132 -51.20 34.75 -66.40
CA ASN C 1132 -50.53 36.04 -66.52
C ASN C 1132 -49.73 36.04 -67.81
N THR C 1133 -49.43 37.25 -68.29
CA THR C 1133 -48.66 37.42 -69.51
C THR C 1133 -47.20 37.11 -69.25
N VAL C 1134 -46.59 36.35 -70.15
CA VAL C 1134 -45.15 36.17 -70.19
C VAL C 1134 -44.65 36.91 -71.42
N TYR C 1135 -43.85 37.94 -71.20
CA TYR C 1135 -43.36 38.78 -72.28
C TYR C 1135 -42.42 37.98 -73.18
N ASP C 1136 -42.27 38.43 -74.41
CA ASP C 1136 -41.34 37.83 -75.37
C ASP C 1136 -40.41 38.93 -75.85
N PRO C 1137 -39.12 38.88 -75.52
CA PRO C 1137 -38.20 39.92 -76.00
C PRO C 1137 -38.11 39.98 -77.52
N LEU C 1138 -38.28 38.85 -78.20
CA LEU C 1138 -38.09 38.81 -79.64
C LEU C 1138 -39.25 39.44 -80.40
N GLN C 1139 -40.45 39.45 -79.81
CA GLN C 1139 -41.63 39.91 -80.55
C GLN C 1139 -41.54 41.38 -80.95
N PRO C 1140 -41.26 42.34 -80.06
CA PRO C 1140 -41.10 43.71 -80.54
C PRO C 1140 -39.94 43.90 -81.50
N GLU C 1141 -38.85 43.14 -81.30
CA GLU C 1141 -37.72 43.25 -82.20
C GLU C 1141 -38.10 42.83 -83.62
N LEU C 1142 -38.87 41.75 -83.75
CA LEU C 1142 -39.34 41.35 -85.07
C LEU C 1142 -40.39 42.30 -85.60
N ASP C 1143 -41.19 42.91 -84.71
CA ASP C 1143 -42.17 43.88 -85.15
C ASP C 1143 -41.50 45.09 -85.77
N SER C 1144 -40.41 45.58 -85.17
CA SER C 1144 -39.68 46.72 -85.69
C SER C 1144 -38.56 46.27 -86.62
N GLN D 1 12.28 31.13 70.16
CA GLN D 1 13.23 32.07 70.74
C GLN D 1 14.16 31.37 71.72
N VAL D 2 15.34 30.99 71.23
CA VAL D 2 16.31 30.30 72.07
C VAL D 2 17.00 31.31 72.99
N GLN D 3 16.99 31.01 74.29
CA GLN D 3 17.61 31.88 75.28
C GLN D 3 18.62 31.05 76.08
N LEU D 4 19.81 31.61 76.27
CA LEU D 4 20.87 30.95 77.03
C LEU D 4 21.10 31.72 78.32
N VAL D 5 21.03 31.00 79.45
CA VAL D 5 21.21 31.58 80.77
C VAL D 5 22.42 30.92 81.42
N GLU D 6 23.33 31.74 81.92
CA GLU D 6 24.56 31.27 82.54
C GLU D 6 24.42 31.35 84.06
N SER D 7 25.51 31.04 84.76
CA SER D 7 25.54 31.10 86.21
C SER D 7 25.86 32.53 86.66
N GLY D 8 25.89 32.74 87.97
CA GLY D 8 26.18 34.04 88.52
C GLY D 8 27.66 34.37 88.48
N ALA D 9 27.98 35.57 88.94
CA ALA D 9 29.36 36.02 88.98
C ALA D 9 30.17 35.17 89.95
N GLU D 10 31.40 34.86 89.56
CA GLU D 10 32.29 34.01 90.33
C GLU D 10 33.55 34.78 90.73
N VAL D 11 33.93 34.68 92.00
CA VAL D 11 35.15 35.29 92.51
C VAL D 11 36.04 34.17 93.05
N LYS D 12 37.23 34.04 92.49
CA LYS D 12 38.15 32.97 92.85
C LYS D 12 39.53 33.56 93.14
N LYS D 13 40.43 32.69 93.60
CA LYS D 13 41.81 33.04 93.91
C LYS D 13 42.75 32.41 92.88
N PRO D 14 43.93 33.02 92.65
CA PRO D 14 44.87 32.44 91.70
C PRO D 14 45.28 31.03 92.11
N GLY D 15 45.43 30.16 91.11
CA GLY D 15 45.75 28.77 91.33
C GLY D 15 44.57 27.85 91.54
N SER D 16 43.36 28.40 91.64
CA SER D 16 42.16 27.59 91.82
C SER D 16 41.53 27.26 90.46
N SER D 17 40.32 26.72 90.48
CA SER D 17 39.60 26.37 89.26
C SER D 17 38.18 26.88 89.34
N VAL D 18 37.60 27.14 88.17
CA VAL D 18 36.23 27.63 88.06
C VAL D 18 35.49 26.75 87.06
N LYS D 19 34.15 26.75 87.20
CA LYS D 19 33.30 25.95 86.31
C LYS D 19 31.97 26.68 86.17
N VAL D 20 31.73 27.23 84.99
CA VAL D 20 30.52 27.99 84.72
C VAL D 20 29.52 27.11 83.98
N SER D 21 28.28 27.56 83.90
CA SER D 21 27.20 26.81 83.28
C SER D 21 26.55 27.64 82.17
N CYS D 22 25.78 26.94 81.33
CA CYS D 22 25.06 27.58 80.23
C CYS D 22 23.81 26.74 79.95
N LYS D 23 22.67 27.18 80.47
CA LYS D 23 21.42 26.45 80.33
C LYS D 23 20.81 26.77 78.97
N ALA D 24 20.69 25.76 78.11
CA ALA D 24 20.08 25.95 76.79
C ALA D 24 18.58 25.73 76.89
N SER D 25 17.80 26.78 76.64
CA SER D 25 16.35 26.73 76.72
C SER D 25 15.76 26.91 75.33
N GLY D 26 14.89 25.99 74.94
CA GLY D 26 14.22 26.05 73.66
C GLY D 26 15.04 25.42 72.55
N GLY D 27 14.36 25.09 71.46
CA GLY D 27 15.00 24.48 70.32
C GLY D 27 15.45 23.06 70.59
N ASN D 28 16.32 22.58 69.70
CA ASN D 28 16.89 21.24 69.81
C ASN D 28 18.34 21.37 70.28
N PHE D 29 18.64 20.78 71.43
CA PHE D 29 19.98 20.84 71.98
C PHE D 29 20.95 19.87 71.32
N ASN D 30 20.44 18.86 70.62
CA ASN D 30 21.28 17.80 70.09
C ASN D 30 21.94 18.16 68.75
N MET D 31 21.65 19.33 68.19
CA MET D 31 22.18 19.71 66.89
C MET D 31 23.14 20.89 66.94
N TYR D 32 22.83 21.92 67.72
CA TYR D 32 23.62 23.14 67.74
C TYR D 32 24.74 23.03 68.78
N THR D 33 25.93 23.47 68.39
CA THR D 33 27.10 23.42 69.25
C THR D 33 27.20 24.69 70.08
N ILE D 34 27.61 24.53 71.33
CA ILE D 34 27.76 25.64 72.27
C ILE D 34 29.24 25.97 72.37
N SER D 35 29.59 27.22 72.09
CA SER D 35 30.97 27.69 72.11
C SER D 35 31.14 28.74 73.21
N TRP D 36 32.25 28.66 73.92
CA TRP D 36 32.55 29.57 75.02
C TRP D 36 33.54 30.62 74.55
N VAL D 37 33.19 31.89 74.71
CA VAL D 37 34.02 33.02 74.31
C VAL D 37 34.26 33.90 75.53
N ARG D 38 35.53 34.25 75.76
CA ARG D 38 35.91 35.11 76.88
C ARG D 38 36.43 36.44 76.36
N GLN D 39 36.33 37.47 77.19
CA GLN D 39 36.74 38.82 76.82
C GLN D 39 37.31 39.51 78.06
N ALA D 40 38.63 39.63 78.11
CA ALA D 40 39.26 40.39 79.18
C ALA D 40 38.95 41.89 79.01
N PRO D 41 38.84 42.62 80.11
CA PRO D 41 38.56 44.07 80.01
C PRO D 41 39.65 44.77 79.22
N GLY D 42 39.22 45.70 78.36
CA GLY D 42 40.15 46.41 77.51
C GLY D 42 40.74 45.60 76.38
N ARG D 43 40.21 44.40 76.12
CA ARG D 43 40.74 43.53 75.08
C ARG D 43 39.58 42.94 74.29
N GLY D 44 39.92 42.40 73.11
CA GLY D 44 38.92 41.82 72.24
C GLY D 44 38.48 40.44 72.69
N LEU D 45 37.53 39.89 71.95
CA LEU D 45 36.99 38.58 72.26
C LEU D 45 38.04 37.49 72.05
N GLU D 46 37.92 36.42 72.83
CA GLU D 46 38.83 35.29 72.72
C GLU D 46 38.02 34.00 72.84
N TRP D 47 38.31 33.03 71.99
CA TRP D 47 37.59 31.78 71.94
C TRP D 47 38.28 30.75 72.85
N MET D 48 37.46 29.99 73.57
CA MET D 48 37.97 29.02 74.55
C MET D 48 37.75 27.58 74.11
N GLY D 49 36.53 27.19 73.79
CA GLY D 49 36.27 25.81 73.41
C GLY D 49 34.88 25.66 72.86
N ARG D 50 34.61 24.44 72.37
CA ARG D 50 33.33 24.10 71.78
C ARG D 50 32.85 22.75 72.29
N PHE D 51 31.55 22.64 72.54
CA PHE D 51 30.91 21.38 72.87
C PHE D 51 30.01 20.98 71.71
N ILE D 52 30.16 19.75 71.23
CA ILE D 52 29.41 19.27 70.07
C ILE D 52 28.41 18.22 70.53
N PRO D 53 27.15 18.60 70.76
CA PRO D 53 26.16 17.63 71.26
C PRO D 53 25.89 16.48 70.29
N ILE D 54 25.93 16.73 68.98
CA ILE D 54 25.57 15.69 68.03
C ILE D 54 26.61 14.57 68.03
N ALA D 55 27.89 14.91 68.16
CA ALA D 55 28.96 13.93 68.23
C ALA D 55 29.37 13.57 69.65
N ASN D 56 28.77 14.22 70.65
CA ASN D 56 29.13 14.02 72.07
C ASN D 56 30.62 14.21 72.29
N LYS D 57 31.19 15.25 71.68
CA LYS D 57 32.61 15.54 71.77
C LYS D 57 32.81 16.98 72.24
N ALA D 58 33.99 17.24 72.80
CA ALA D 58 34.36 18.56 73.28
C ALA D 58 35.72 18.94 72.71
N ASN D 59 35.83 20.15 72.19
CA ASN D 59 37.06 20.67 71.62
C ASN D 59 37.54 21.87 72.44
N TYR D 60 38.86 22.04 72.48
CA TYR D 60 39.49 23.11 73.22
C TYR D 60 40.43 23.89 72.31
N ALA D 61 40.63 25.16 72.62
CA ALA D 61 41.51 26.00 71.84
C ALA D 61 42.96 25.56 71.97
N GLN D 62 43.74 25.79 70.91
CA GLN D 62 45.14 25.41 70.91
C GLN D 62 45.94 26.19 71.94
N ASN D 63 45.57 27.45 72.19
CA ASN D 63 46.27 28.29 73.16
C ASN D 63 46.00 27.87 74.60
N PHE D 64 45.07 26.95 74.84
CA PHE D 64 44.72 26.48 76.17
C PHE D 64 44.89 24.96 76.20
N PRO D 65 46.12 24.46 76.33
CA PRO D 65 46.35 23.02 76.33
C PRO D 65 45.97 22.40 77.68
N GLY D 66 44.84 21.70 77.70
CA GLY D 66 44.38 21.02 78.88
C GLY D 66 43.78 21.91 79.95
N ARG D 67 43.75 23.23 79.73
CA ARG D 67 43.18 24.13 80.73
C ARG D 67 41.67 24.10 80.74
N VAL D 68 41.04 23.79 79.60
CA VAL D 68 39.59 23.84 79.46
C VAL D 68 39.08 22.42 79.23
N THR D 69 38.11 22.02 80.06
CA THR D 69 37.43 20.73 79.92
C THR D 69 35.93 21.00 79.94
N ILE D 70 35.27 20.75 78.81
CA ILE D 70 33.86 21.10 78.62
C ILE D 70 33.04 19.81 78.67
N THR D 71 32.06 19.78 79.56
CA THR D 71 31.11 18.67 79.66
C THR D 71 29.70 19.26 79.72
N ALA D 72 28.71 18.39 79.50
CA ALA D 72 27.33 18.85 79.50
C ALA D 72 26.41 17.69 79.88
N ASP D 73 25.24 18.05 80.41
CA ASP D 73 24.20 17.09 80.77
C ASP D 73 23.09 17.24 79.74
N LYS D 74 23.02 16.31 78.78
CA LYS D 74 22.03 16.40 77.73
C LYS D 74 20.61 16.23 78.25
N SER D 75 20.44 15.62 79.42
CA SER D 75 19.10 15.48 80.00
C SER D 75 18.49 16.83 80.34
N THR D 76 19.29 17.73 80.93
CA THR D 76 18.83 19.05 81.32
C THR D 76 19.25 20.14 80.35
N SER D 77 19.94 19.79 79.26
CA SER D 77 20.40 20.76 78.26
C SER D 77 21.24 21.86 78.89
N THR D 78 22.15 21.48 79.79
CA THR D 78 23.03 22.41 80.47
C THR D 78 24.47 22.08 80.11
N VAL D 79 25.23 23.10 79.72
CA VAL D 79 26.63 22.94 79.31
C VAL D 79 27.52 23.56 80.38
N TYR D 80 28.51 22.79 80.83
CA TYR D 80 29.45 23.25 81.85
C TYR D 80 30.84 23.35 81.24
N MET D 81 31.48 24.50 81.43
CA MET D 81 32.84 24.73 80.97
C MET D 81 33.74 24.89 82.20
N GLU D 82 34.75 24.03 82.30
CA GLU D 82 35.67 24.03 83.43
C GLU D 82 37.00 24.63 82.99
N LEU D 83 37.45 25.64 83.72
CA LEU D 83 38.76 26.25 83.48
C LEU D 83 39.64 26.01 84.70
N ARG D 84 40.85 25.53 84.46
CA ARG D 84 41.76 25.12 85.53
C ARG D 84 42.97 26.04 85.58
N SER D 85 43.58 26.12 86.76
CA SER D 85 44.76 26.94 87.00
C SER D 85 44.48 28.42 86.67
N LEU D 86 43.54 28.99 87.41
CA LEU D 86 43.18 30.38 87.22
C LEU D 86 44.33 31.29 87.65
N THR D 87 44.55 32.35 86.87
CA THR D 87 45.60 33.32 87.14
C THR D 87 45.00 34.72 87.10
N SER D 88 45.86 35.73 87.28
CA SER D 88 45.40 37.11 87.27
C SER D 88 45.00 37.58 85.89
N ASP D 89 45.40 36.87 84.83
CA ASP D 89 45.06 37.24 83.47
C ASP D 89 43.79 36.56 82.97
N ASP D 90 43.12 35.76 83.80
CA ASP D 90 41.91 35.05 83.41
C ASP D 90 40.64 35.77 83.87
N THR D 91 40.77 36.98 84.41
CA THR D 91 39.60 37.75 84.83
C THR D 91 38.90 38.27 83.59
N ALA D 92 37.84 37.59 83.18
CA ALA D 92 37.13 37.94 81.95
C ALA D 92 35.70 37.44 82.03
N VAL D 93 34.85 38.00 81.19
CA VAL D 93 33.45 37.56 81.08
C VAL D 93 33.41 36.34 80.16
N TYR D 94 32.89 35.23 80.67
CA TYR D 94 32.89 33.96 79.94
C TYR D 94 31.50 33.76 79.33
N TYR D 95 31.32 34.29 78.13
CA TYR D 95 30.09 34.07 77.40
C TYR D 95 30.03 32.65 76.85
N CYS D 96 28.80 32.16 76.65
CA CYS D 96 28.56 30.92 75.92
C CYS D 96 27.71 31.26 74.70
N ALA D 97 28.19 30.85 73.53
CA ALA D 97 27.55 31.19 72.26
C ALA D 97 27.09 29.93 71.55
N ARG D 98 25.91 29.99 70.96
CA ARG D 98 25.32 28.88 70.22
C ARG D 98 25.58 29.12 68.73
N SER D 99 26.54 28.37 68.18
CA SER D 99 26.88 28.45 66.77
C SER D 99 25.87 27.62 65.98
N GLY D 100 24.70 28.22 65.79
CA GLY D 100 23.59 27.52 65.16
C GLY D 100 23.45 27.81 63.68
N SER D 101 22.86 26.84 62.97
CA SER D 101 22.49 26.97 61.57
C SER D 101 23.71 27.16 60.66
N TYR D 102 24.33 28.35 60.72
CA TYR D 102 25.39 28.72 59.79
C TYR D 102 26.73 28.89 60.48
N ASP D 103 26.98 28.11 61.53
CA ASP D 103 28.23 28.08 62.29
C ASP D 103 28.55 29.41 62.97
N ALA D 104 27.67 30.40 62.91
CA ALA D 104 27.91 31.70 63.50
C ALA D 104 27.21 31.81 64.84
N PHE D 105 27.81 32.59 65.75
CA PHE D 105 27.29 32.75 67.11
C PHE D 105 26.08 33.67 67.06
N ASP D 106 24.95 33.11 66.64
CA ASP D 106 23.73 33.89 66.49
C ASP D 106 23.13 34.24 67.86
N VAL D 107 23.20 33.30 68.81
CA VAL D 107 22.64 33.49 70.14
C VAL D 107 23.78 33.50 71.14
N TRP D 108 23.86 34.57 71.94
CA TRP D 108 24.87 34.73 72.96
C TRP D 108 24.23 34.71 74.34
N GLY D 109 24.91 34.11 75.31
CA GLY D 109 24.44 34.15 76.68
C GLY D 109 24.63 35.50 77.31
N GLN D 110 24.04 35.66 78.51
CA GLN D 110 24.15 36.92 79.22
C GLN D 110 25.56 37.21 79.70
N GLY D 111 26.39 36.18 79.85
CA GLY D 111 27.76 36.36 80.26
C GLY D 111 27.93 36.48 81.76
N THR D 112 28.90 35.75 82.32
CA THR D 112 29.20 35.79 83.74
C THR D 112 30.59 36.38 83.93
N MET D 113 30.71 37.29 84.90
CA MET D 113 31.98 37.96 85.19
C MET D 113 32.74 37.12 86.21
N VAL D 114 33.84 36.50 85.76
CA VAL D 114 34.69 35.69 86.62
C VAL D 114 35.91 36.51 86.99
N THR D 115 36.08 36.78 88.28
CA THR D 115 37.17 37.58 88.80
C THR D 115 38.12 36.69 89.60
N VAL D 116 39.40 36.71 89.24
CA VAL D 116 40.43 35.92 89.91
C VAL D 116 41.39 36.91 90.55
N SER D 117 41.44 36.92 91.89
CA SER D 117 42.32 37.81 92.63
C SER D 117 42.47 37.27 94.04
N SER D 118 43.38 37.90 94.79
CA SER D 118 43.64 37.50 96.17
C SER D 118 42.52 37.97 97.09
N ALA E 1 46.94 27.61 63.52
CA ALA E 1 46.16 28.74 64.04
C ALA E 1 46.15 29.89 63.04
N ILE E 2 44.95 30.27 62.60
CA ILE E 2 44.78 31.35 61.64
C ILE E 2 44.63 32.67 62.39
N ARG E 3 45.44 33.65 62.04
CA ARG E 3 45.45 34.95 62.70
C ARG E 3 44.62 35.94 61.89
N MET E 4 43.79 36.71 62.58
CA MET E 4 42.93 37.72 61.96
C MET E 4 43.43 39.11 62.32
N THR E 5 43.50 39.98 61.32
CA THR E 5 43.97 41.35 61.49
C THR E 5 42.92 42.30 60.97
N GLN E 6 42.57 43.30 61.77
CA GLN E 6 41.59 44.31 61.40
C GLN E 6 42.27 45.64 61.12
N SER E 7 41.62 46.47 60.33
CA SER E 7 42.12 47.79 59.97
C SER E 7 40.97 48.68 59.51
N PRO E 8 40.81 49.87 60.09
CA PRO E 8 41.60 50.44 61.20
C PRO E 8 41.18 49.89 62.56
N SER E 9 42.10 49.82 63.52
CA SER E 9 41.74 49.37 64.86
C SER E 9 40.79 50.35 65.53
N THR E 10 41.04 51.65 65.37
CA THR E 10 40.17 52.69 65.91
C THR E 10 39.75 53.61 64.78
N LEU E 11 38.45 53.87 64.68
CA LEU E 11 37.91 54.69 63.61
C LEU E 11 36.85 55.63 64.18
N SER E 12 36.74 56.81 63.55
CA SER E 12 35.77 57.81 63.95
C SER E 12 35.02 58.31 62.72
N ALA E 13 33.72 58.50 62.86
CA ALA E 13 32.89 58.96 61.76
C ALA E 13 31.65 59.64 62.31
N SER E 14 30.99 60.41 61.46
CA SER E 14 29.79 61.15 61.82
C SER E 14 28.56 60.36 61.41
N VAL E 15 27.39 60.86 61.79
CA VAL E 15 26.13 60.20 61.50
C VAL E 15 25.77 60.41 60.03
N GLY E 16 25.42 59.33 59.35
CA GLY E 16 25.02 59.39 57.95
C GLY E 16 26.14 59.23 56.95
N ASP E 17 27.39 59.13 57.39
CA ASP E 17 28.52 58.98 56.48
C ASP E 17 28.72 57.51 56.12
N ARG E 18 29.77 57.24 55.35
CA ARG E 18 30.10 55.89 54.91
C ARG E 18 31.31 55.40 55.70
N VAL E 19 31.21 54.20 56.26
CA VAL E 19 32.24 53.62 57.10
C VAL E 19 32.69 52.30 56.46
N THR E 20 34.00 52.15 56.29
CA THR E 20 34.59 50.94 55.73
C THR E 20 35.54 50.33 56.74
N ILE E 21 35.34 49.07 57.07
CA ILE E 21 36.19 48.33 58.00
C ILE E 21 36.75 47.13 57.29
N THR E 22 38.08 46.97 57.35
CA THR E 22 38.78 45.88 56.67
C THR E 22 39.34 44.93 57.72
N CYS E 23 38.99 43.65 57.61
CA CYS E 23 39.51 42.60 58.47
C CYS E 23 40.17 41.55 57.56
N ARG E 24 41.50 41.54 57.54
CA ARG E 24 42.27 40.69 56.64
C ARG E 24 42.78 39.46 57.37
N ALA E 25 42.58 38.29 56.77
CA ALA E 25 43.02 37.04 57.37
C ALA E 25 44.47 36.74 56.99
N SER E 26 45.03 35.71 57.61
CA SER E 26 46.38 35.26 57.30
C SER E 26 46.40 34.08 56.35
N GLN E 27 45.35 33.26 56.33
CA GLN E 27 45.24 32.13 55.44
C GLN E 27 43.90 32.20 54.71
N THR E 28 43.81 31.47 53.60
CA THR E 28 42.59 31.42 52.81
C THR E 28 41.49 30.72 53.62
N ILE E 29 40.52 31.49 54.10
CA ILE E 29 39.41 30.96 54.86
C ILE E 29 38.12 30.94 54.01
N ASN E 30 38.27 30.92 52.69
CA ASN E 30 37.15 30.93 51.76
C ASN E 30 36.23 32.11 52.04
N SER E 31 34.96 31.83 52.33
CA SER E 31 33.99 32.86 52.67
C SER E 31 33.46 32.71 54.09
N TRP E 32 34.08 31.87 54.92
CA TRP E 32 33.61 31.64 56.28
C TRP E 32 34.12 32.76 57.17
N LEU E 33 33.27 33.77 57.38
CA LEU E 33 33.63 34.93 58.19
C LEU E 33 32.38 35.63 58.70
N ALA E 34 32.35 35.95 59.99
CA ALA E 34 31.20 36.57 60.62
C ALA E 34 31.58 37.90 61.26
N TRP E 35 30.70 38.89 61.11
CA TRP E 35 30.88 40.21 61.69
C TRP E 35 29.94 40.37 62.87
N TYR E 36 30.47 40.87 63.99
CA TYR E 36 29.71 41.08 65.21
C TYR E 36 29.64 42.56 65.55
N GLN E 37 28.86 42.87 66.58
CA GLN E 37 28.75 44.23 67.11
C GLN E 37 28.55 44.13 68.61
N GLN E 38 29.50 44.64 69.38
CA GLN E 38 29.48 44.54 70.84
C GLN E 38 29.42 45.94 71.43
N LYS E 39 28.21 46.38 71.77
CA LYS E 39 28.07 47.59 72.57
C LYS E 39 28.59 47.32 73.98
N PRO E 40 29.21 48.31 74.62
CA PRO E 40 29.75 48.08 75.97
C PRO E 40 28.66 47.65 76.94
N GLY E 41 29.00 46.67 77.79
CA GLY E 41 28.07 46.13 78.75
C GLY E 41 27.06 45.14 78.18
N LYS E 42 27.17 44.79 76.91
CA LYS E 42 26.22 43.89 76.27
C LYS E 42 26.97 42.81 75.50
N ALA E 43 26.32 41.66 75.34
CA ALA E 43 26.91 40.58 74.57
C ALA E 43 26.91 40.93 73.08
N PRO E 44 27.94 40.54 72.33
CA PRO E 44 27.97 40.84 70.90
C PRO E 44 26.82 40.16 70.17
N LYS E 45 26.30 40.83 69.14
CA LYS E 45 25.24 40.29 68.31
C LYS E 45 25.74 40.09 66.88
N LEU E 46 25.25 39.04 66.25
CA LEU E 46 25.67 38.73 64.88
C LEU E 46 25.07 39.71 63.88
N LEU E 47 25.90 40.17 62.95
CA LEU E 47 25.46 41.05 61.87
C LEU E 47 25.61 40.41 60.51
N ILE E 48 26.79 39.88 60.20
CA ILE E 48 27.09 39.29 58.90
C ILE E 48 27.55 37.85 59.13
N TYR E 49 27.08 36.93 58.28
CA TYR E 49 27.57 35.57 58.27
C TYR E 49 27.86 35.17 56.83
N ASP E 50 28.83 34.27 56.67
CA ASP E 50 29.37 33.88 55.36
C ASP E 50 29.97 35.06 54.61
N ALA E 51 30.28 36.14 55.32
CA ALA E 51 31.02 37.29 54.82
C ALA E 51 30.22 38.12 53.82
N SER E 52 29.03 37.65 53.44
CA SER E 52 28.19 38.41 52.53
C SER E 52 26.71 38.46 52.93
N ASN E 53 26.21 37.52 53.73
CA ASN E 53 24.80 37.50 54.07
C ASN E 53 24.51 38.49 55.20
N LEU E 54 23.22 38.73 55.42
CA LEU E 54 22.76 39.63 56.48
C LEU E 54 21.91 38.84 57.45
N GLU E 55 22.26 38.91 58.74
CA GLU E 55 21.51 38.20 59.76
C GLU E 55 20.11 38.78 59.91
N SER E 56 19.14 37.91 60.17
CA SER E 56 17.76 38.34 60.32
C SER E 56 17.62 39.30 61.50
N GLY E 57 16.90 40.40 61.28
CA GLY E 57 16.73 41.43 62.28
C GLY E 57 17.74 42.56 62.20
N VAL E 58 18.87 42.36 61.54
CA VAL E 58 19.89 43.40 61.38
C VAL E 58 19.38 44.41 60.36
N PRO E 59 19.56 45.71 60.60
CA PRO E 59 19.17 46.71 59.61
C PRO E 59 19.90 46.50 58.28
N SER E 60 19.21 46.79 57.19
CA SER E 60 19.75 46.56 55.85
C SER E 60 20.94 47.45 55.53
N ARG E 61 21.20 48.49 56.32
CA ARG E 61 22.32 49.38 56.05
C ARG E 61 23.67 48.67 56.18
N PHE E 62 23.73 47.56 56.92
CA PHE E 62 24.97 46.80 57.04
C PHE E 62 25.16 45.91 55.82
N SER E 63 26.35 45.97 55.24
CA SER E 63 26.69 45.17 54.06
C SER E 63 28.11 44.65 54.18
N GLY E 64 28.30 43.39 53.83
CA GLY E 64 29.62 42.78 53.85
C GLY E 64 30.05 42.26 52.50
N SER E 65 31.35 42.21 52.26
CA SER E 65 31.88 41.75 50.98
C SER E 65 33.29 41.20 51.21
N GLY E 66 33.87 40.70 50.14
CA GLY E 66 35.22 40.15 50.20
C GLY E 66 35.23 38.65 50.40
N SER E 67 36.30 38.02 49.89
CA SER E 67 36.47 36.59 50.03
C SER E 67 37.96 36.27 49.92
N GLY E 68 38.33 35.09 50.41
CA GLY E 68 39.71 34.66 50.38
C GLY E 68 40.48 35.05 51.61
N THR E 69 41.25 36.14 51.54
CA THR E 69 42.05 36.60 52.65
C THR E 69 41.66 37.98 53.18
N GLU E 70 41.05 38.82 52.36
CA GLU E 70 40.64 40.16 52.77
C GLU E 70 39.13 40.28 52.71
N PHE E 71 38.53 40.79 53.79
CA PHE E 71 37.10 41.01 53.88
C PHE E 71 36.84 42.47 54.23
N THR E 72 35.59 42.88 54.10
CA THR E 72 35.23 44.28 54.31
C THR E 72 33.80 44.38 54.80
N LEU E 73 33.59 45.14 55.87
CA LEU E 73 32.26 45.49 56.36
C LEU E 73 32.02 46.97 56.09
N THR E 74 30.87 47.28 55.49
CA THR E 74 30.56 48.65 55.11
C THR E 74 29.16 49.01 55.57
N ILE E 75 29.02 50.21 56.12
CA ILE E 75 27.73 50.74 56.56
C ILE E 75 27.33 51.84 55.59
N SER E 76 26.19 51.66 54.92
CA SER E 76 25.75 52.63 53.92
C SER E 76 25.40 53.97 54.57
N SER E 77 24.63 53.95 55.64
CA SER E 77 24.21 55.16 56.35
C SER E 77 24.44 54.94 57.84
N LEU E 78 25.52 55.51 58.36
CA LEU E 78 25.84 55.36 59.78
C LEU E 78 24.78 56.03 60.65
N GLN E 79 24.47 55.39 61.77
CA GLN E 79 23.46 55.85 62.70
C GLN E 79 24.06 55.94 64.10
N PRO E 80 23.49 56.76 64.98
CA PRO E 80 24.00 56.84 66.35
C PRO E 80 23.96 55.50 67.08
N ASP E 81 23.00 54.64 66.76
CA ASP E 81 22.92 53.34 67.41
C ASP E 81 24.01 52.38 66.93
N ASP E 82 24.68 52.70 65.83
CA ASP E 82 25.67 51.81 65.24
C ASP E 82 27.10 52.11 65.69
N PHE E 83 27.26 52.76 66.84
CA PHE E 83 28.58 53.06 67.38
C PHE E 83 28.91 52.01 68.44
N ALA E 84 29.78 51.07 68.09
CA ALA E 84 30.19 50.00 68.98
C ALA E 84 31.48 49.40 68.44
N THR E 85 31.89 48.27 69.00
CA THR E 85 33.10 47.57 68.57
C THR E 85 32.70 46.38 67.72
N TYR E 86 33.28 46.28 66.53
CA TYR E 86 32.94 45.25 65.56
C TYR E 86 34.09 44.25 65.46
N TYR E 87 33.76 42.97 65.56
CA TYR E 87 34.74 41.89 65.46
C TYR E 87 34.44 41.03 64.23
N CYS E 88 35.46 40.32 63.77
CA CYS E 88 35.33 39.41 62.62
C CYS E 88 35.76 38.02 63.05
N GLN E 89 34.89 37.03 62.82
CA GLN E 89 35.19 35.64 63.10
C GLN E 89 35.73 34.97 61.84
N GLN E 90 36.38 33.82 62.02
CA GLN E 90 37.02 33.08 60.95
C GLN E 90 36.66 31.61 61.03
N TYR E 91 35.36 31.31 61.11
CA TYR E 91 34.94 29.94 61.38
C TYR E 91 35.21 29.03 60.18
N GLU E 92 36.49 28.87 59.85
CA GLU E 92 36.95 27.88 58.89
C GLU E 92 37.83 26.83 59.53
N SER E 93 38.49 27.15 60.64
CA SER E 93 39.22 26.19 61.45
C SER E 93 38.74 26.34 62.89
N TYR E 94 38.29 25.23 63.48
CA TYR E 94 37.79 25.24 64.86
C TYR E 94 38.87 24.93 65.88
N SER E 95 40.13 25.21 65.55
CA SER E 95 41.22 24.93 66.48
C SER E 95 42.40 25.87 66.23
N PRO E 96 42.36 27.10 66.75
CA PRO E 96 41.24 27.73 67.47
C PRO E 96 40.53 28.78 66.62
N ILE E 97 39.31 29.16 66.99
CA ILE E 97 38.64 30.27 66.33
C ILE E 97 39.23 31.58 66.81
N THR E 98 39.59 32.45 65.87
CA THR E 98 40.25 33.71 66.18
C THR E 98 39.32 34.86 65.82
N PHE E 99 39.03 35.71 66.80
CA PHE E 99 38.27 36.92 66.54
C PHE E 99 39.20 38.04 66.09
N GLY E 100 38.60 39.13 65.63
CA GLY E 100 39.37 40.30 65.26
C GLY E 100 39.88 41.06 66.47
N GLN E 101 40.84 41.96 66.22
CA GLN E 101 41.42 42.74 67.29
C GLN E 101 40.46 43.80 67.84
N GLY E 102 39.34 44.04 67.17
CA GLY E 102 38.37 45.01 67.64
C GLY E 102 38.45 46.33 66.92
N THR E 103 37.36 46.73 66.26
CA THR E 103 37.27 48.00 65.55
C THR E 103 36.24 48.86 66.27
N ARG E 104 36.70 49.78 67.10
CA ARG E 104 35.83 50.67 67.85
C ARG E 104 35.48 51.88 67.00
N LEU E 105 34.18 52.13 66.83
CA LEU E 105 33.68 53.23 66.03
C LEU E 105 33.21 54.33 66.96
N GLU E 106 33.72 55.55 66.76
CA GLU E 106 33.45 56.66 67.65
C GLU E 106 32.80 57.80 66.87
N ILE E 107 32.05 58.63 67.59
CA ILE E 107 31.39 59.77 66.97
C ILE E 107 32.42 60.84 66.67
N LYS E 108 32.43 61.33 65.43
CA LYS E 108 33.39 62.35 65.02
C LYS E 108 32.94 63.74 65.48
N GLN F 1 60.25 -35.46 23.31
CA GLN F 1 60.93 -36.71 23.02
C GLN F 1 60.98 -37.61 24.25
N VAL F 2 60.00 -38.52 24.36
CA VAL F 2 59.94 -39.42 25.50
C VAL F 2 60.99 -40.51 25.35
N GLN F 3 61.81 -40.69 26.38
CA GLN F 3 62.86 -41.70 26.39
C GLN F 3 62.67 -42.60 27.60
N LEU F 4 62.75 -43.91 27.38
CA LEU F 4 62.61 -44.89 28.44
C LEU F 4 63.96 -45.56 28.68
N VAL F 5 64.41 -45.53 29.93
CA VAL F 5 65.69 -46.11 30.33
C VAL F 5 65.42 -47.20 31.34
N GLU F 6 65.97 -48.39 31.09
CA GLU F 6 65.79 -49.55 31.95
C GLU F 6 67.02 -49.73 32.83
N SER F 7 67.04 -50.81 33.60
CA SER F 7 68.16 -51.14 34.46
C SER F 7 69.22 -51.90 33.66
N GLY F 8 70.31 -52.26 34.33
CA GLY F 8 71.39 -52.99 33.70
C GLY F 8 71.07 -54.46 33.53
N ALA F 9 72.01 -55.16 32.91
CA ALA F 9 71.87 -56.60 32.69
C ALA F 9 71.85 -57.34 34.02
N GLU F 10 70.98 -58.34 34.12
CA GLU F 10 70.80 -59.11 35.34
C GLU F 10 71.13 -60.56 35.09
N VAL F 11 71.92 -61.15 35.99
CA VAL F 11 72.27 -62.56 35.94
C VAL F 11 71.75 -63.21 37.22
N LYS F 12 70.88 -64.21 37.08
CA LYS F 12 70.24 -64.86 38.21
C LYS F 12 70.36 -66.37 38.05
N LYS F 13 69.93 -67.08 39.08
CA LYS F 13 69.92 -68.54 39.12
C LYS F 13 68.49 -69.07 39.04
N PRO F 14 68.29 -70.29 38.53
CA PRO F 14 66.94 -70.84 38.47
C PRO F 14 66.31 -70.94 39.84
N GLY F 15 65.01 -70.65 39.91
CA GLY F 15 64.28 -70.64 41.15
C GLY F 15 64.29 -69.33 41.90
N SER F 16 65.06 -68.35 41.43
CA SER F 16 65.13 -67.04 42.07
C SER F 16 64.10 -66.11 41.43
N SER F 17 64.19 -64.82 41.76
CA SER F 17 63.29 -63.80 41.22
C SER F 17 64.09 -62.60 40.76
N VAL F 18 63.54 -61.89 39.78
CA VAL F 18 64.17 -60.71 39.22
C VAL F 18 63.16 -59.56 39.21
N LYS F 19 63.67 -58.35 39.18
CA LYS F 19 62.82 -57.15 39.18
C LYS F 19 63.56 -56.06 38.40
N VAL F 20 63.05 -55.73 37.23
CA VAL F 20 63.67 -54.74 36.36
C VAL F 20 62.91 -53.42 36.51
N SER F 21 63.51 -52.34 35.99
CA SER F 21 62.95 -51.01 36.10
C SER F 21 62.78 -50.39 34.72
N CYS F 22 62.01 -49.32 34.67
CA CYS F 22 61.76 -48.59 33.42
C CYS F 22 61.47 -47.14 33.80
N LYS F 23 62.48 -46.28 33.68
CA LYS F 23 62.35 -44.87 34.05
C LYS F 23 61.70 -44.11 32.90
N ALA F 24 60.51 -43.57 33.14
CA ALA F 24 59.81 -42.79 32.12
C ALA F 24 60.24 -41.33 32.23
N SER F 25 60.90 -40.82 31.18
CA SER F 25 61.39 -39.46 31.15
C SER F 25 60.64 -38.66 30.10
N GLY F 26 60.09 -37.52 30.51
CA GLY F 26 59.37 -36.65 29.60
C GLY F 26 57.91 -37.04 29.46
N GLY F 27 57.12 -36.08 28.99
CA GLY F 27 55.70 -36.31 28.78
C GLY F 27 54.93 -36.42 30.10
N ASN F 28 53.72 -36.95 29.99
CA ASN F 28 52.85 -37.16 31.13
C ASN F 28 52.83 -38.65 31.46
N PHE F 29 53.25 -39.00 32.66
CA PHE F 29 53.29 -40.40 33.08
C PHE F 29 51.92 -40.93 33.50
N ASN F 30 50.97 -40.06 33.80
CA ASN F 30 49.69 -40.46 34.36
C ASN F 30 48.70 -40.91 33.30
N MET F 31 49.04 -40.84 32.02
CA MET F 31 48.10 -41.19 30.95
C MET F 31 48.51 -42.40 30.15
N TYR F 32 49.79 -42.53 29.81
CA TYR F 32 50.26 -43.60 28.94
C TYR F 32 50.62 -44.84 29.76
N THR F 33 50.21 -46.00 29.27
CA THR F 33 50.45 -47.26 29.96
C THR F 33 51.79 -47.85 29.50
N ILE F 34 52.51 -48.44 30.45
CA ILE F 34 53.80 -49.07 30.18
C ILE F 34 53.59 -50.57 30.12
N SER F 35 54.00 -51.18 29.00
CA SER F 35 53.84 -52.61 28.78
C SER F 35 55.22 -53.25 28.66
N TRP F 36 55.36 -54.43 29.27
CA TRP F 36 56.62 -55.16 29.27
C TRP F 36 56.54 -56.29 28.24
N VAL F 37 57.51 -56.31 27.32
CA VAL F 37 57.58 -57.31 26.26
C VAL F 37 58.93 -58.02 26.36
N ARG F 38 58.91 -59.34 26.35
CA ARG F 38 60.13 -60.14 26.40
C ARG F 38 60.33 -60.88 25.08
N GLN F 39 61.59 -61.21 24.80
CA GLN F 39 61.95 -61.88 23.55
C GLN F 39 63.09 -62.85 23.84
N ALA F 40 62.78 -64.14 23.88
CA ALA F 40 63.82 -65.15 24.01
C ALA F 40 64.65 -65.21 22.73
N PRO F 41 65.94 -65.51 22.83
CA PRO F 41 66.78 -65.60 21.63
C PRO F 41 66.25 -66.66 20.67
N GLY F 42 66.26 -66.33 19.38
CA GLY F 42 65.74 -67.22 18.37
C GLY F 42 64.23 -67.35 18.34
N ARG F 43 63.52 -66.48 19.07
CA ARG F 43 62.07 -66.54 19.15
C ARG F 43 61.49 -65.14 19.00
N GLY F 44 60.19 -65.08 18.71
CA GLY F 44 59.52 -63.82 18.53
C GLY F 44 59.20 -63.13 19.85
N LEU F 45 58.63 -61.93 19.73
CA LEU F 45 58.29 -61.14 20.90
C LEU F 45 57.17 -61.81 21.70
N GLU F 46 57.19 -61.58 23.01
CA GLU F 46 56.17 -62.12 23.90
C GLU F 46 55.79 -61.04 24.91
N TRP F 47 54.48 -60.90 25.13
CA TRP F 47 53.96 -59.88 26.04
C TRP F 47 53.86 -60.44 27.45
N MET F 48 54.20 -59.60 28.43
CA MET F 48 54.24 -60.03 29.83
C MET F 48 53.15 -59.37 30.66
N GLY F 49 53.07 -58.05 30.66
CA GLY F 49 52.07 -57.37 31.47
C GLY F 49 51.99 -55.90 31.12
N ARG F 50 51.01 -55.23 31.74
CA ARG F 50 50.77 -53.81 31.53
C ARG F 50 50.54 -53.12 32.86
N PHE F 51 51.08 -51.92 32.99
CA PHE F 51 50.81 -51.04 34.12
C PHE F 51 49.98 -49.87 33.63
N ILE F 52 48.87 -49.60 34.31
CA ILE F 52 47.95 -48.55 33.89
C ILE F 52 48.02 -47.41 34.90
N PRO F 53 48.80 -46.36 34.64
CA PRO F 53 48.92 -45.27 35.62
C PRO F 53 47.63 -44.52 35.87
N ILE F 54 46.78 -44.38 34.86
CA ILE F 54 45.57 -43.57 35.03
C ILE F 54 44.59 -44.25 35.98
N ALA F 55 44.49 -45.58 35.91
CA ALA F 55 43.63 -46.34 36.79
C ALA F 55 44.37 -46.91 38.00
N ASN F 56 45.69 -46.72 38.07
CA ASN F 56 46.51 -47.27 39.15
C ASN F 56 46.32 -48.78 39.27
N LYS F 57 46.28 -49.46 38.12
CA LYS F 57 46.08 -50.90 38.06
C LYS F 57 47.20 -51.55 37.27
N ALA F 58 47.40 -52.84 37.52
CA ALA F 58 48.41 -53.63 36.84
C ALA F 58 47.76 -54.90 36.30
N ASN F 59 48.04 -55.21 35.04
CA ASN F 59 47.51 -56.40 34.39
C ASN F 59 48.65 -57.33 34.01
N TYR F 60 48.37 -58.64 34.02
CA TYR F 60 49.36 -59.65 33.69
C TYR F 60 48.80 -60.57 32.61
N ALA F 61 49.72 -61.15 31.83
CA ALA F 61 49.32 -62.06 30.76
C ALA F 61 48.71 -63.33 31.32
N GLN F 62 47.80 -63.92 30.54
CA GLN F 62 47.14 -65.15 30.96
C GLN F 62 48.12 -66.31 31.07
N ASN F 63 49.14 -66.33 30.21
CA ASN F 63 50.13 -67.41 30.24
C ASN F 63 51.05 -67.34 31.44
N PHE F 64 51.01 -66.25 32.23
CA PHE F 64 51.86 -66.07 33.40
C PHE F 64 50.95 -65.83 34.60
N PRO F 65 50.37 -66.90 35.17
CA PRO F 65 49.47 -66.74 36.32
C PRO F 65 50.24 -66.48 37.61
N GLY F 66 50.22 -65.23 38.06
CA GLY F 66 50.87 -64.85 39.29
C GLY F 66 52.38 -64.73 39.21
N ARG F 67 52.98 -65.01 38.06
CA ARG F 67 54.43 -64.92 37.93
C ARG F 67 54.91 -63.47 37.82
N VAL F 68 54.07 -62.57 37.31
CA VAL F 68 54.45 -61.19 37.05
C VAL F 68 53.63 -60.29 37.97
N THR F 69 54.32 -59.43 38.73
CA THR F 69 53.69 -58.43 39.57
C THR F 69 54.34 -57.09 39.24
N ILE F 70 53.55 -56.16 38.69
CA ILE F 70 54.07 -54.89 38.20
C ILE F 70 53.62 -53.79 39.15
N THR F 71 54.58 -53.03 39.65
CA THR F 71 54.32 -51.87 40.48
C THR F 71 55.15 -50.70 39.96
N ALA F 72 54.80 -49.49 40.40
CA ALA F 72 55.50 -48.30 39.94
C ALA F 72 55.42 -47.22 41.00
N ASP F 73 56.39 -46.32 40.95
CA ASP F 73 56.45 -45.16 41.84
C ASP F 73 56.11 -43.93 41.00
N LYS F 74 54.88 -43.46 41.11
CA LYS F 74 54.43 -42.33 40.31
C LYS F 74 55.17 -41.04 40.63
N SER F 75 55.77 -40.95 41.83
CA SER F 75 56.54 -39.75 42.17
C SER F 75 57.76 -39.60 41.28
N THR F 76 58.47 -40.70 41.02
CA THR F 76 59.67 -40.68 40.19
C THR F 76 59.42 -41.19 38.77
N SER F 77 58.19 -41.53 38.43
CA SER F 77 57.83 -42.02 37.09
C SER F 77 58.67 -43.22 36.69
N THR F 78 58.87 -44.14 37.64
CA THR F 78 59.63 -45.36 37.41
C THR F 78 58.72 -46.56 37.56
N VAL F 79 58.76 -47.48 36.59
CA VAL F 79 57.93 -48.67 36.58
C VAL F 79 58.81 -49.88 36.84
N TYR F 80 58.39 -50.72 37.79
CA TYR F 80 59.12 -51.92 38.16
C TYR F 80 58.28 -53.15 37.81
N MET F 81 58.87 -54.09 37.09
CA MET F 81 58.23 -55.34 36.75
C MET F 81 58.96 -56.47 37.46
N GLU F 82 58.23 -57.22 38.28
CA GLU F 82 58.80 -58.32 39.06
C GLU F 82 58.39 -59.64 38.44
N LEU F 83 59.37 -60.48 38.14
CA LEU F 83 59.14 -61.83 37.64
C LEU F 83 59.64 -62.83 38.66
N ARG F 84 58.80 -63.82 38.99
CA ARG F 84 59.08 -64.77 40.04
C ARG F 84 59.26 -66.17 39.46
N SER F 85 60.01 -67.00 40.19
CA SER F 85 60.29 -68.38 39.79
C SER F 85 60.98 -68.44 38.43
N LEU F 86 62.16 -67.83 38.37
CA LEU F 86 62.93 -67.83 37.14
C LEU F 86 63.40 -69.24 36.79
N THR F 87 63.35 -69.56 35.50
CA THR F 87 63.78 -70.86 35.00
C THR F 87 64.74 -70.66 33.84
N SER F 88 65.19 -71.76 33.25
CA SER F 88 66.11 -71.69 32.13
C SER F 88 65.47 -71.15 30.86
N ASP F 89 64.14 -71.14 30.79
CA ASP F 89 63.43 -70.64 29.63
C ASP F 89 63.05 -69.17 29.74
N ASP F 90 63.44 -68.49 30.82
CA ASP F 90 63.12 -67.10 31.03
C ASP F 90 64.27 -66.17 30.66
N THR F 91 65.34 -66.70 30.05
CA THR F 91 66.47 -65.88 29.62
C THR F 91 66.05 -65.11 28.38
N ALA F 92 65.68 -63.84 28.56
CA ALA F 92 65.17 -63.03 27.46
C ALA F 92 65.41 -61.56 27.79
N VAL F 93 65.36 -60.74 26.74
CA VAL F 93 65.48 -59.30 26.90
C VAL F 93 64.10 -58.74 27.27
N TYR F 94 64.02 -58.08 28.41
CA TYR F 94 62.74 -57.60 28.94
C TYR F 94 62.59 -56.12 28.61
N TYR F 95 62.05 -55.83 27.43
CA TYR F 95 61.78 -54.47 27.04
C TYR F 95 60.56 -53.92 27.80
N CYS F 96 60.53 -52.61 27.96
CA CYS F 96 59.34 -51.91 28.42
C CYS F 96 58.88 -50.95 27.33
N ALA F 97 57.60 -51.05 26.96
CA ALA F 97 57.05 -50.29 25.85
C ALA F 97 55.93 -49.39 26.35
N ARG F 98 55.90 -48.17 25.83
CA ARG F 98 54.88 -47.18 26.17
C ARG F 98 53.81 -47.20 25.09
N SER F 99 52.66 -47.80 25.41
CA SER F 99 51.53 -47.86 24.48
C SER F 99 50.80 -46.52 24.55
N GLY F 100 51.36 -45.54 23.86
CA GLY F 100 50.84 -44.19 23.90
C GLY F 100 49.91 -43.86 22.75
N SER F 101 49.01 -42.91 23.00
CA SER F 101 48.14 -42.33 21.99
C SER F 101 47.17 -43.34 21.39
N TYR F 102 47.69 -44.26 20.57
CA TYR F 102 46.86 -45.18 19.79
C TYR F 102 47.07 -46.63 20.20
N ASP F 103 47.34 -46.87 21.48
CA ASP F 103 47.51 -48.20 22.07
C ASP F 103 48.69 -48.98 21.49
N ALA F 104 49.49 -48.37 20.61
CA ALA F 104 50.61 -49.05 20.00
C ALA F 104 51.90 -48.68 20.70
N PHE F 105 52.85 -49.63 20.71
CA PHE F 105 54.12 -49.45 21.39
C PHE F 105 55.01 -48.54 20.54
N ASP F 106 54.72 -47.24 20.62
CA ASP F 106 55.45 -46.26 19.83
C ASP F 106 56.87 -46.05 20.36
N VAL F 107 57.03 -46.07 21.69
CA VAL F 107 58.32 -45.85 22.33
C VAL F 107 58.71 -47.13 23.04
N TRP F 108 59.90 -47.64 22.72
CA TRP F 108 60.44 -48.84 23.32
C TRP F 108 61.68 -48.50 24.14
N GLY F 109 61.84 -49.19 25.27
CA GLY F 109 63.03 -49.03 26.08
C GLY F 109 64.24 -49.70 25.43
N GLN F 110 65.41 -49.39 26.00
CA GLN F 110 66.65 -49.96 25.48
C GLN F 110 66.72 -51.47 25.66
N GLY F 111 65.98 -52.01 26.63
CA GLY F 111 65.97 -53.44 26.86
C GLY F 111 67.12 -53.93 27.72
N THR F 112 66.81 -54.76 28.71
CA THR F 112 67.80 -55.34 29.60
C THR F 112 67.86 -56.85 29.37
N MET F 113 69.07 -57.39 29.28
CA MET F 113 69.27 -58.82 29.04
C MET F 113 69.32 -59.53 30.39
N VAL F 114 68.29 -60.31 30.68
CA VAL F 114 68.20 -61.08 31.93
C VAL F 114 68.57 -62.52 31.62
N THR F 115 69.65 -62.99 32.25
CA THR F 115 70.15 -64.34 32.04
C THR F 115 69.94 -65.16 33.31
N VAL F 116 69.28 -66.31 33.17
CA VAL F 116 69.01 -67.21 34.28
C VAL F 116 69.75 -68.51 34.00
N SER F 117 70.75 -68.81 34.83
CA SER F 117 71.55 -70.02 34.67
C SER F 117 72.26 -70.30 35.98
N SER F 118 72.89 -71.47 36.04
CA SER F 118 73.62 -71.88 37.23
C SER F 118 74.96 -71.13 37.34
N ALA G 1 42.26 -65.91 24.80
CA ALA G 1 43.53 -65.59 24.18
C ALA G 1 43.45 -65.69 22.66
N ILE G 2 43.71 -64.58 21.99
CA ILE G 2 43.66 -64.52 20.53
C ILE G 2 45.03 -64.87 19.97
N ARG G 3 45.07 -65.83 19.05
CA ARG G 3 46.31 -66.30 18.45
C ARG G 3 46.53 -65.61 17.11
N MET G 4 47.76 -65.16 16.87
CA MET G 4 48.14 -64.49 15.64
C MET G 4 49.06 -65.40 14.82
N THR G 5 48.76 -65.50 13.52
CA THR G 5 49.53 -66.34 12.62
C THR G 5 50.02 -65.48 11.45
N GLN G 6 51.32 -65.58 11.15
CA GLN G 6 51.92 -64.85 10.06
C GLN G 6 52.25 -65.79 8.91
N SER G 7 52.34 -65.21 7.71
CA SER G 7 52.67 -65.97 6.51
C SER G 7 53.20 -65.04 5.43
N PRO G 8 54.38 -65.32 4.87
CA PRO G 8 55.28 -66.43 5.18
C PRO G 8 56.12 -66.15 6.43
N SER G 9 56.52 -67.19 7.15
CA SER G 9 57.39 -67.00 8.31
C SER G 9 58.76 -66.48 7.89
N THR G 10 59.31 -67.02 6.80
CA THR G 10 60.58 -66.59 6.25
C THR G 10 60.39 -66.20 4.80
N LEU G 11 60.88 -65.02 4.43
CA LEU G 11 60.71 -64.50 3.07
C LEU G 11 62.02 -63.87 2.61
N SER G 12 62.26 -63.96 1.30
CA SER G 12 63.44 -63.38 0.68
C SER G 12 63.03 -62.57 -0.53
N ALA G 13 63.66 -61.41 -0.70
CA ALA G 13 63.35 -60.53 -1.82
C ALA G 13 64.54 -59.64 -2.10
N SER G 14 64.55 -59.05 -3.30
CA SER G 14 65.63 -58.19 -3.74
C SER G 14 65.25 -56.72 -3.48
N VAL G 15 66.21 -55.84 -3.72
CA VAL G 15 65.99 -54.41 -3.49
C VAL G 15 65.12 -53.84 -4.60
N GLY G 16 64.10 -53.09 -4.21
CA GLY G 16 63.20 -52.45 -5.16
C GLY G 16 62.01 -53.27 -5.59
N ASP G 17 61.89 -54.52 -5.12
CA ASP G 17 60.77 -55.36 -5.48
C ASP G 17 59.59 -55.09 -4.55
N ARG G 18 58.51 -55.85 -4.75
CA ARG G 18 57.30 -55.73 -3.95
C ARG G 18 57.23 -56.89 -2.97
N VAL G 19 57.00 -56.59 -1.70
CA VAL G 19 56.97 -57.58 -0.64
C VAL G 19 55.59 -57.54 0.03
N THR G 20 54.95 -58.70 0.14
CA THR G 20 53.66 -58.82 0.78
C THR G 20 53.76 -59.77 1.96
N ILE G 21 53.34 -59.31 3.13
CA ILE G 21 53.36 -60.09 4.36
C ILE G 21 51.94 -60.18 4.90
N THR G 22 51.47 -61.40 5.16
CA THR G 22 50.12 -61.63 5.64
C THR G 22 50.19 -62.14 7.08
N CYS G 23 49.49 -61.44 7.98
CA CYS G 23 49.36 -61.84 9.38
C CYS G 23 47.88 -62.01 9.68
N ARG G 24 47.43 -63.26 9.79
CA ARG G 24 46.02 -63.59 9.94
C ARG G 24 45.72 -63.90 11.41
N ALA G 25 44.65 -63.29 11.92
CA ALA G 25 44.24 -63.50 13.30
C ALA G 25 43.33 -64.71 13.41
N SER G 26 43.03 -65.09 14.65
CA SER G 26 42.11 -66.19 14.93
C SER G 26 40.71 -65.73 15.25
N GLN G 27 40.56 -64.52 15.78
CA GLN G 27 39.25 -63.93 16.07
C GLN G 27 39.18 -62.55 15.45
N THR G 28 37.95 -62.04 15.32
CA THR G 28 37.73 -60.72 14.75
C THR G 28 38.27 -59.67 15.71
N ILE G 29 39.38 -59.04 15.33
CA ILE G 29 40.00 -57.99 16.12
C ILE G 29 39.76 -56.61 15.51
N ASN G 30 38.70 -56.49 14.71
CA ASN G 30 38.36 -55.24 14.02
C ASN G 30 39.55 -54.73 13.21
N SER G 31 40.01 -53.52 13.52
CA SER G 31 41.17 -52.94 12.85
C SER G 31 42.32 -52.69 13.81
N TRP G 32 42.26 -53.23 15.02
CA TRP G 32 43.30 -53.00 16.03
C TRP G 32 44.47 -53.94 15.75
N LEU G 33 45.47 -53.44 15.03
CA LEU G 33 46.63 -54.24 14.67
C LEU G 33 47.82 -53.34 14.34
N ALA G 34 48.99 -53.65 14.88
CA ALA G 34 50.18 -52.85 14.69
C ALA G 34 51.30 -53.69 14.09
N TRP G 35 52.03 -53.09 13.17
CA TRP G 35 53.18 -53.71 12.52
C TRP G 35 54.45 -53.10 13.06
N TYR G 36 55.41 -53.95 13.41
CA TYR G 36 56.69 -53.52 13.95
C TYR G 36 57.82 -53.93 13.01
N GLN G 37 59.03 -53.47 13.35
CA GLN G 37 60.24 -53.83 12.62
C GLN G 37 61.39 -53.92 13.61
N GLN G 38 61.95 -55.11 13.78
CA GLN G 38 63.00 -55.34 14.76
C GLN G 38 64.27 -55.77 14.05
N LYS G 39 65.16 -54.81 13.80
CA LYS G 39 66.50 -55.15 13.35
C LYS G 39 67.25 -55.85 14.48
N PRO G 40 68.11 -56.81 14.17
CA PRO G 40 68.82 -57.53 15.24
C PRO G 40 69.65 -56.58 16.09
N GLY G 41 69.62 -56.81 17.40
CA GLY G 41 70.33 -55.98 18.34
C GLY G 41 69.67 -54.66 18.67
N LYS G 42 68.47 -54.42 18.17
CA LYS G 42 67.76 -53.16 18.39
C LYS G 42 66.32 -53.45 18.81
N ALA G 43 65.75 -52.51 19.55
CA ALA G 43 64.36 -52.63 19.95
C ALA G 43 63.44 -52.42 18.75
N PRO G 44 62.33 -53.15 18.67
CA PRO G 44 61.40 -52.95 17.54
C PRO G 44 60.84 -51.55 17.52
N LYS G 45 60.61 -51.04 16.32
CA LYS G 45 60.00 -49.73 16.13
C LYS G 45 58.66 -49.87 15.43
N LEU G 46 57.72 -48.99 15.79
CA LEU G 46 56.39 -49.04 15.23
C LEU G 46 56.37 -48.51 13.80
N LEU G 47 55.68 -49.24 12.91
CA LEU G 47 55.51 -48.83 11.52
C LEU G 47 54.05 -48.54 11.19
N ILE G 48 53.15 -49.47 11.49
CA ILE G 48 51.73 -49.34 11.17
C ILE G 48 50.94 -49.45 12.47
N TYR G 49 49.93 -48.58 12.62
CA TYR G 49 48.98 -48.70 13.72
C TYR G 49 47.58 -48.58 13.15
N ASP G 50 46.63 -49.23 13.82
CA ASP G 50 45.25 -49.39 13.35
C ASP G 50 45.17 -50.12 12.02
N ALA G 51 46.24 -50.84 11.67
CA ALA G 51 46.29 -51.74 10.51
C ALA G 51 46.24 -50.99 9.18
N SER G 52 46.07 -49.68 9.23
CA SER G 52 46.07 -48.88 7.99
C SER G 52 46.87 -47.60 8.07
N ASN G 53 47.10 -47.04 9.25
CA ASN G 53 47.80 -45.77 9.37
C ASN G 53 49.31 -45.98 9.29
N LEU G 54 50.03 -44.87 9.14
CA LEU G 54 51.49 -44.87 9.05
C LEU G 54 52.04 -44.05 10.21
N GLU G 55 52.94 -44.66 10.97
CA GLU G 55 53.55 -43.97 12.11
C GLU G 55 54.44 -42.83 11.63
N SER G 56 54.44 -41.73 12.39
CA SER G 56 55.24 -40.57 12.04
C SER G 56 56.73 -40.93 12.01
N GLY G 57 57.41 -40.50 10.96
CA GLY G 57 58.82 -40.82 10.77
C GLY G 57 59.09 -42.05 9.93
N VAL G 58 58.10 -42.92 9.76
CA VAL G 58 58.25 -44.13 8.95
C VAL G 58 58.23 -43.71 7.48
N PRO G 59 59.10 -44.26 6.64
CA PRO G 59 59.05 -43.95 5.21
C PRO G 59 57.71 -44.33 4.61
N SER G 60 57.26 -43.53 3.63
CA SER G 60 55.95 -43.71 3.02
C SER G 60 55.83 -45.00 2.22
N ARG G 61 56.95 -45.67 1.93
CA ARG G 61 56.89 -46.91 1.16
C ARG G 61 56.16 -48.02 1.91
N PHE G 62 56.06 -47.94 3.23
CA PHE G 62 55.33 -48.94 4.00
C PHE G 62 53.84 -48.66 3.95
N SER G 63 53.05 -49.68 3.64
CA SER G 63 51.60 -49.55 3.56
C SER G 63 50.93 -50.78 4.16
N GLY G 64 49.88 -50.56 4.94
CA GLY G 64 49.14 -51.64 5.54
C GLY G 64 47.68 -51.64 5.15
N SER G 65 47.06 -52.82 5.14
CA SER G 65 45.66 -52.94 4.75
C SER G 65 45.07 -54.17 5.43
N GLY G 66 43.79 -54.40 5.19
CA GLY G 66 43.10 -55.53 5.77
C GLY G 66 42.37 -55.19 7.05
N SER G 67 41.30 -55.94 7.31
CA SER G 67 40.51 -55.74 8.52
C SER G 67 39.77 -57.04 8.82
N GLY G 68 39.36 -57.18 10.08
CA GLY G 68 38.64 -58.36 10.51
C GLY G 68 39.56 -59.43 11.05
N THR G 69 39.88 -60.43 10.21
CA THR G 69 40.73 -61.54 10.61
C THR G 69 42.05 -61.63 9.85
N GLU G 70 42.11 -61.10 8.63
CA GLU G 70 43.31 -61.16 7.81
C GLU G 70 43.81 -59.75 7.54
N PHE G 71 45.11 -59.54 7.78
CA PHE G 71 45.76 -58.26 7.54
C PHE G 71 46.96 -58.46 6.62
N THR G 72 47.50 -57.36 6.10
CA THR G 72 48.57 -57.43 5.12
C THR G 72 49.45 -56.20 5.23
N LEU G 73 50.76 -56.42 5.28
CA LEU G 73 51.74 -55.35 5.22
C LEU G 73 52.47 -55.45 3.88
N THR G 74 52.56 -54.33 3.17
CA THR G 74 53.16 -54.31 1.84
C THR G 74 54.17 -53.18 1.75
N ILE G 75 55.31 -53.46 1.14
CA ILE G 75 56.35 -52.47 0.89
C ILE G 75 56.37 -52.19 -0.61
N SER G 76 56.13 -50.94 -0.97
CA SER G 76 56.06 -50.57 -2.39
C SER G 76 57.43 -50.73 -3.06
N SER G 77 58.47 -50.19 -2.43
CA SER G 77 59.84 -50.26 -2.97
C SER G 77 60.76 -50.72 -1.85
N LEU G 78 61.14 -51.99 -1.88
CA LEU G 78 62.01 -52.53 -0.85
C LEU G 78 63.38 -51.88 -0.92
N GLN G 79 63.97 -51.65 0.25
CA GLN G 79 65.26 -50.99 0.40
C GLN G 79 66.17 -51.85 1.25
N PRO G 80 67.49 -51.71 1.10
CA PRO G 80 68.41 -52.49 1.95
C PRO G 80 68.21 -52.24 3.43
N ASP G 81 67.79 -51.05 3.83
CA ASP G 81 67.55 -50.75 5.23
C ASP G 81 66.29 -51.44 5.77
N ASP G 82 65.43 -51.94 4.87
CA ASP G 82 64.16 -52.53 5.28
C ASP G 82 64.23 -54.05 5.43
N PHE G 83 65.41 -54.60 5.70
CA PHE G 83 65.58 -56.04 5.91
C PHE G 83 65.68 -56.28 7.42
N ALA G 84 64.59 -56.79 8.00
CA ALA G 84 64.52 -57.07 9.42
C ALA G 84 63.37 -58.04 9.65
N THR G 85 63.01 -58.24 10.92
CA THR G 85 61.90 -59.10 11.29
C THR G 85 60.70 -58.25 11.66
N TYR G 86 59.56 -58.54 11.03
CA TYR G 86 58.34 -57.75 11.21
C TYR G 86 57.33 -58.55 12.01
N TYR G 87 56.76 -57.92 13.04
CA TYR G 87 55.75 -58.54 13.89
C TYR G 87 54.44 -57.78 13.77
N CYS G 88 53.35 -58.47 14.13
CA CYS G 88 52.02 -57.90 14.10
C CYS G 88 51.39 -58.02 15.48
N GLN G 89 50.95 -56.89 16.03
CA GLN G 89 50.25 -56.86 17.31
C GLN G 89 48.74 -56.93 17.09
N GLN G 90 48.03 -57.32 18.14
CA GLN G 90 46.58 -57.52 18.10
C GLN G 90 45.91 -56.81 19.27
N TYR G 91 46.20 -55.53 19.44
CA TYR G 91 45.75 -54.83 20.65
C TYR G 91 44.24 -54.62 20.62
N GLU G 92 43.50 -55.73 20.63
CA GLU G 92 42.05 -55.72 20.82
C GLU G 92 41.64 -56.40 22.12
N SER G 93 42.48 -57.30 22.64
CA SER G 93 42.30 -57.89 23.96
C SER G 93 43.62 -57.77 24.70
N TYR G 94 43.57 -57.16 25.90
CA TYR G 94 44.77 -56.97 26.71
C TYR G 94 45.02 -58.12 27.67
N SER G 95 44.55 -59.32 27.36
CA SER G 95 44.75 -60.46 28.24
C SER G 95 44.72 -61.76 27.44
N PRO G 96 45.83 -62.14 26.81
CA PRO G 96 47.09 -61.39 26.68
C PRO G 96 47.28 -60.82 25.28
N ILE G 97 48.17 -59.84 25.11
CA ILE G 97 48.51 -59.36 23.78
C ILE G 97 49.45 -60.37 23.12
N THR G 98 49.13 -60.76 21.89
CA THR G 98 49.87 -61.77 21.17
C THR G 98 50.55 -61.13 19.96
N PHE G 99 51.87 -61.26 19.88
CA PHE G 99 52.59 -60.80 18.71
C PHE G 99 52.60 -61.87 17.63
N GLY G 100 53.09 -61.50 16.45
CA GLY G 100 53.23 -62.46 15.37
C GLY G 100 54.42 -63.39 15.61
N GLN G 101 54.44 -64.47 14.82
CA GLN G 101 55.52 -65.44 14.94
C GLN G 101 56.84 -64.92 14.38
N GLY G 102 56.83 -63.79 13.68
CA GLY G 102 58.05 -63.21 13.15
C GLY G 102 58.24 -63.50 11.67
N THR G 103 58.32 -62.44 10.87
CA THR G 103 58.54 -62.55 9.43
C THR G 103 59.90 -61.94 9.13
N ARG G 104 60.92 -62.78 8.97
CA ARG G 104 62.27 -62.33 8.68
C ARG G 104 62.43 -62.14 7.17
N LEU G 105 62.84 -60.95 6.77
CA LEU G 105 63.04 -60.61 5.37
C LEU G 105 64.53 -60.63 5.06
N GLU G 106 64.91 -61.41 4.04
CA GLU G 106 66.30 -61.63 3.69
C GLU G 106 66.56 -61.14 2.27
N ILE G 107 67.83 -60.80 2.01
CA ILE G 107 68.23 -60.35 0.69
C ILE G 107 68.29 -61.55 -0.25
N LYS G 108 67.62 -61.44 -1.39
CA LYS G 108 67.59 -62.52 -2.38
C LYS G 108 68.88 -62.55 -3.20
N GLN H 1 -12.67 -52.81 31.09
CA GLN H 1 -12.44 -53.20 32.48
C GLN H 1 -10.95 -53.47 32.72
N VAL H 2 -10.25 -52.45 33.21
CA VAL H 2 -8.82 -52.59 33.48
C VAL H 2 -8.61 -53.40 34.76
N GLN H 3 -7.79 -54.44 34.67
CA GLN H 3 -7.49 -55.30 35.80
C GLN H 3 -5.98 -55.34 36.00
N LEU H 4 -5.56 -55.21 37.26
CA LEU H 4 -4.14 -55.24 37.62
C LEU H 4 -3.86 -56.51 38.41
N VAL H 5 -2.89 -57.29 37.95
CA VAL H 5 -2.49 -58.53 38.59
C VAL H 5 -1.04 -58.40 39.04
N GLU H 6 -0.79 -58.70 40.31
CA GLU H 6 0.55 -58.60 40.89
C GLU H 6 1.18 -59.99 40.97
N SER H 7 2.36 -60.06 41.57
CA SER H 7 3.06 -61.31 41.77
C SER H 7 2.57 -62.00 43.05
N GLY H 8 3.10 -63.18 43.31
CA GLY H 8 2.71 -63.93 44.49
C GLY H 8 3.36 -63.37 45.74
N ALA H 9 2.98 -63.97 46.87
CA ALA H 9 3.53 -63.56 48.16
C ALA H 9 5.03 -63.83 48.21
N GLU H 10 5.76 -62.90 48.81
CA GLU H 10 7.22 -62.97 48.88
C GLU H 10 7.65 -63.01 50.34
N VAL H 11 8.55 -63.94 50.65
CA VAL H 11 9.14 -64.07 51.99
C VAL H 11 10.64 -63.86 51.84
N LYS H 12 11.16 -62.85 52.54
CA LYS H 12 12.55 -62.48 52.45
C LYS H 12 13.14 -62.34 53.85
N LYS H 13 14.45 -62.13 53.90
CA LYS H 13 15.19 -61.93 55.13
C LYS H 13 15.64 -60.49 55.26
N PRO H 14 15.83 -59.99 56.48
CA PRO H 14 16.30 -58.60 56.64
C PRO H 14 17.64 -58.39 55.96
N GLY H 15 17.79 -57.21 55.36
CA GLY H 15 18.98 -56.87 54.63
C GLY H 15 18.98 -57.28 53.17
N SER H 16 17.96 -58.01 52.73
CA SER H 16 17.87 -58.43 51.33
C SER H 16 17.05 -57.41 50.55
N SER H 17 16.70 -57.74 49.31
CA SER H 17 15.91 -56.87 48.45
C SER H 17 14.78 -57.67 47.82
N VAL H 18 13.70 -56.95 47.49
CA VAL H 18 12.52 -57.56 46.88
C VAL H 18 12.15 -56.75 45.64
N LYS H 19 11.41 -57.39 44.74
CA LYS H 19 10.98 -56.76 43.50
C LYS H 19 9.65 -57.38 43.09
N VAL H 20 8.57 -56.62 43.21
CA VAL H 20 7.25 -57.10 42.89
C VAL H 20 6.86 -56.59 41.51
N SER H 21 5.80 -57.16 40.96
CA SER H 21 5.35 -56.85 39.60
C SER H 21 3.90 -56.40 39.62
N CYS H 22 3.48 -55.78 38.51
CA CYS H 22 2.10 -55.30 38.36
C CYS H 22 1.79 -55.35 36.87
N LYS H 23 1.07 -56.38 36.45
CA LYS H 23 0.71 -56.55 35.05
C LYS H 23 -0.53 -55.73 34.73
N ALA H 24 -0.39 -54.75 33.85
CA ALA H 24 -1.52 -53.91 33.45
C ALA H 24 -2.22 -54.56 32.26
N SER H 25 -3.48 -54.94 32.44
CA SER H 25 -4.28 -55.60 31.42
C SER H 25 -5.41 -54.67 30.99
N GLY H 26 -5.53 -54.44 29.69
CA GLY H 26 -6.59 -53.60 29.15
C GLY H 26 -6.24 -52.12 29.17
N GLY H 27 -6.97 -51.37 28.35
CA GLY H 27 -6.76 -49.95 28.27
C GLY H 27 -5.45 -49.59 27.59
N ASN H 28 -5.05 -48.33 27.77
CA ASN H 28 -3.80 -47.82 27.25
C ASN H 28 -2.82 -47.66 28.40
N PHE H 29 -1.68 -48.37 28.29
CA PHE H 29 -0.67 -48.31 29.33
C PHE H 29 0.18 -47.05 29.26
N ASN H 30 0.18 -46.36 28.12
CA ASN H 30 1.08 -45.24 27.90
C ASN H 30 0.59 -43.93 28.50
N MET H 31 -0.59 -43.91 29.11
CA MET H 31 -1.16 -42.67 29.63
C MET H 31 -1.35 -42.66 31.13
N TYR H 32 -1.77 -43.77 31.73
CA TYR H 32 -2.05 -43.82 33.16
C TYR H 32 -0.80 -44.21 33.94
N THR H 33 -0.58 -43.54 35.06
CA THR H 33 0.57 -43.79 35.92
C THR H 33 0.23 -44.85 36.97
N ILE H 34 1.21 -45.70 37.26
CA ILE H 34 1.04 -46.78 38.24
C ILE H 34 1.78 -46.40 39.51
N SER H 35 1.06 -46.37 40.62
CA SER H 35 1.61 -45.99 41.92
C SER H 35 1.57 -47.18 42.87
N TRP H 36 2.64 -47.33 43.65
CA TRP H 36 2.75 -48.42 44.62
C TRP H 36 2.42 -47.90 46.01
N VAL H 37 1.43 -48.53 46.66
CA VAL H 37 1.00 -48.15 48.00
C VAL H 37 1.18 -49.36 48.90
N ARG H 38 1.82 -49.15 50.05
CA ARG H 38 2.04 -50.21 51.02
C ARG H 38 1.24 -49.93 52.28
N GLN H 39 0.93 -51.00 53.02
CA GLN H 39 0.12 -50.89 54.23
C GLN H 39 0.64 -51.93 55.23
N ALA H 40 1.36 -51.47 56.24
CA ALA H 40 1.77 -52.35 57.31
C ALA H 40 0.55 -52.77 58.14
N PRO H 41 0.55 -53.98 58.67
CA PRO H 41 -0.59 -54.43 59.48
C PRO H 41 -0.79 -53.51 60.68
N GLY H 42 -2.06 -53.21 60.95
CA GLY H 42 -2.39 -52.30 62.04
C GLY H 42 -2.07 -50.85 61.77
N ARG H 43 -1.75 -50.50 60.53
CA ARG H 43 -1.38 -49.13 60.19
C ARG H 43 -2.08 -48.73 58.89
N GLY H 44 -2.12 -47.42 58.65
CA GLY H 44 -2.76 -46.90 57.46
C GLY H 44 -1.92 -47.07 56.21
N LEU H 45 -2.49 -46.66 55.09
CA LEU H 45 -1.82 -46.77 53.81
C LEU H 45 -0.60 -45.85 53.76
N GLU H 46 0.39 -46.27 52.98
CA GLU H 46 1.60 -45.48 52.79
C GLU H 46 2.01 -45.54 51.33
N TRP H 47 2.34 -44.38 50.77
CA TRP H 47 2.71 -44.27 49.37
C TRP H 47 4.21 -44.49 49.20
N MET H 48 4.58 -45.23 48.15
CA MET H 48 5.98 -45.57 47.91
C MET H 48 6.55 -44.85 46.70
N GLY H 49 5.90 -44.92 45.55
CA GLY H 49 6.44 -44.28 44.36
C GLY H 49 5.44 -44.31 43.23
N ARG H 50 5.84 -43.70 42.11
CA ARG H 50 5.02 -43.64 40.91
C ARG H 50 5.88 -43.92 39.69
N PHE H 51 5.32 -44.65 38.74
CA PHE H 51 5.91 -44.84 37.43
C PHE H 51 5.08 -44.07 36.42
N ILE H 52 5.73 -43.25 35.60
CA ILE H 52 5.04 -42.39 34.66
C ILE H 52 5.33 -42.88 33.24
N PRO H 53 4.45 -43.68 32.65
CA PRO H 53 4.73 -44.24 31.31
C PRO H 53 4.84 -43.18 30.23
N ILE H 54 4.07 -42.10 30.33
CA ILE H 54 4.03 -41.13 29.23
C ILE H 54 5.36 -40.38 29.13
N ALA H 55 5.96 -40.03 30.25
CA ALA H 55 7.25 -39.35 30.27
C ALA H 55 8.41 -40.31 30.46
N ASN H 56 8.15 -41.60 30.61
CA ASN H 56 9.18 -42.61 30.83
C ASN H 56 10.06 -42.25 32.04
N LYS H 57 9.42 -41.82 33.11
CA LYS H 57 10.11 -41.40 34.32
C LYS H 57 9.55 -42.13 35.52
N ALA H 58 10.36 -42.20 36.58
CA ALA H 58 9.99 -42.87 37.82
C ALA H 58 10.25 -41.93 38.99
N ASN H 59 9.27 -41.84 39.90
CA ASN H 59 9.37 -41.00 41.08
C ASN H 59 9.29 -41.85 42.34
N TYR H 60 9.98 -41.41 43.39
CA TYR H 60 10.02 -42.12 44.65
C TYR H 60 9.66 -41.17 45.78
N ALA H 61 9.12 -41.74 46.86
CA ALA H 61 8.71 -40.95 48.01
C ALA H 61 9.93 -40.33 48.70
N GLN H 62 9.71 -39.17 49.31
CA GLN H 62 10.79 -38.48 50.03
C GLN H 62 11.26 -39.29 51.22
N ASN H 63 10.35 -40.00 51.88
CA ASN H 63 10.71 -40.81 53.04
C ASN H 63 11.53 -42.05 52.69
N PHE H 64 11.68 -42.37 51.40
CA PHE H 64 12.44 -43.52 50.93
C PHE H 64 13.51 -43.04 49.98
N PRO H 65 14.62 -42.51 50.50
CA PRO H 65 15.69 -41.99 49.63
C PRO H 65 16.52 -43.13 49.04
N GLY H 66 16.30 -43.40 47.75
CA GLY H 66 17.04 -44.42 47.05
C GLY H 66 16.64 -45.85 47.37
N ARG H 67 15.68 -46.05 48.28
CA ARG H 67 15.26 -47.40 48.61
C ARG H 67 14.38 -48.03 47.54
N VAL H 68 13.65 -47.20 46.79
CA VAL H 68 12.70 -47.67 45.80
C VAL H 68 13.19 -47.27 44.41
N THR H 69 13.31 -48.26 43.53
CA THR H 69 13.66 -48.04 42.13
C THR H 69 12.62 -48.75 41.27
N ILE H 70 11.82 -47.99 40.53
CA ILE H 70 10.69 -48.52 39.79
C ILE H 70 11.01 -48.49 38.31
N THR H 71 10.88 -49.65 37.66
CA THR H 71 11.05 -49.78 36.22
C THR H 71 9.88 -50.58 35.66
N ALA H 72 9.76 -50.58 34.35
CA ALA H 72 8.67 -51.30 33.71
C ALA H 72 9.07 -51.68 32.29
N ASP H 73 8.39 -52.69 31.76
CA ASP H 73 8.57 -53.14 30.38
C ASP H 73 7.31 -52.75 29.61
N LYS H 74 7.40 -51.67 28.85
CA LYS H 74 6.25 -51.17 28.11
C LYS H 74 5.77 -52.14 27.04
N SER H 75 6.64 -53.05 26.59
CA SER H 75 6.21 -54.04 25.60
C SER H 75 5.15 -54.96 26.17
N THR H 76 5.33 -55.41 27.41
CA THR H 76 4.40 -56.33 28.06
C THR H 76 3.48 -55.63 29.05
N SER H 77 3.59 -54.30 29.19
CA SER H 77 2.74 -53.54 30.11
C SER H 77 2.83 -54.07 31.54
N THR H 78 4.05 -54.36 31.98
CA THR H 78 4.30 -54.86 33.32
C THR H 78 5.20 -53.89 34.07
N VAL H 79 4.80 -53.53 35.29
CA VAL H 79 5.52 -52.56 36.11
C VAL H 79 6.19 -53.29 37.25
N TYR H 80 7.48 -53.04 37.44
CA TYR H 80 8.25 -53.66 38.51
C TYR H 80 8.71 -52.59 39.50
N MET H 81 8.45 -52.83 40.78
CA MET H 81 8.89 -51.96 41.85
C MET H 81 9.92 -52.71 42.69
N GLU H 82 11.12 -52.16 42.80
CA GLU H 82 12.21 -52.76 43.54
C GLU H 82 12.41 -52.02 44.84
N LEU H 83 12.36 -52.75 45.96
CA LEU H 83 12.64 -52.21 47.28
C LEU H 83 13.92 -52.83 47.81
N ARG H 84 14.82 -52.00 48.30
CA ARG H 84 16.14 -52.43 48.74
C ARG H 84 16.28 -52.25 50.24
N SER H 85 17.17 -53.05 50.83
CA SER H 85 17.46 -53.01 52.26
C SER H 85 16.20 -53.27 53.08
N LEU H 86 15.63 -54.46 52.89
CA LEU H 86 14.44 -54.85 53.62
C LEU H 86 14.75 -55.01 55.11
N THR H 87 13.82 -54.55 55.95
CA THR H 87 13.94 -54.64 57.39
C THR H 87 12.68 -55.26 57.96
N SER H 88 12.63 -55.37 59.30
CA SER H 88 11.47 -55.94 59.95
C SER H 88 10.24 -55.04 59.88
N ASP H 89 10.42 -53.77 59.57
CA ASP H 89 9.31 -52.83 59.47
C ASP H 89 8.77 -52.71 58.06
N ASP H 90 9.30 -53.48 57.10
CA ASP H 90 8.85 -53.43 55.71
C ASP H 90 7.87 -54.55 55.38
N THR H 91 7.41 -55.29 56.37
CA THR H 91 6.43 -56.36 56.15
C THR H 91 5.07 -55.71 55.93
N ALA H 92 4.68 -55.58 54.67
CA ALA H 92 3.44 -54.90 54.32
C ALA H 92 2.95 -55.41 52.97
N VAL H 93 1.67 -55.18 52.70
CA VAL H 93 1.07 -55.54 51.43
C VAL H 93 1.37 -54.41 50.43
N TYR H 94 2.04 -54.76 49.33
CA TYR H 94 2.50 -53.78 48.36
C TYR H 94 1.52 -53.74 47.19
N TYR H 95 0.48 -52.92 47.32
CA TYR H 95 -0.47 -52.73 46.24
C TYR H 95 0.13 -51.88 45.13
N CYS H 96 -0.37 -52.08 43.92
CA CYS H 96 -0.10 -51.18 42.81
C CYS H 96 -1.41 -50.57 42.34
N ALA H 97 -1.45 -49.25 42.25
CA ALA H 97 -2.66 -48.51 41.95
C ALA H 97 -2.48 -47.70 40.67
N ARG H 98 -3.54 -47.66 39.87
CA ARG H 98 -3.54 -46.91 38.61
C ARG H 98 -4.24 -45.58 38.85
N SER H 99 -3.45 -44.51 38.93
CA SER H 99 -3.98 -43.16 39.09
C SER H 99 -4.45 -42.66 37.73
N GLY H 100 -5.63 -43.14 37.33
CA GLY H 100 -6.15 -42.84 36.02
C GLY H 100 -7.14 -41.70 35.99
N SER H 101 -7.22 -41.05 34.84
CA SER H 101 -8.22 -40.02 34.54
C SER H 101 -8.07 -38.80 35.44
N TYR H 102 -8.41 -38.95 36.73
CA TYR H 102 -8.49 -37.80 37.64
C TYR H 102 -7.46 -37.91 38.77
N ASP H 103 -6.31 -38.50 38.48
CA ASP H 103 -5.18 -38.63 39.40
C ASP H 103 -5.50 -39.47 40.63
N ALA H 104 -6.67 -40.07 40.71
CA ALA H 104 -7.06 -40.87 41.85
C ALA H 104 -6.88 -42.36 41.55
N PHE H 105 -6.60 -43.12 42.60
CA PHE H 105 -6.35 -44.56 42.47
C PHE H 105 -7.69 -45.27 42.28
N ASP H 106 -8.18 -45.20 41.04
CA ASP H 106 -9.47 -45.80 40.72
C ASP H 106 -9.38 -47.33 40.67
N VAL H 107 -8.28 -47.86 40.13
CA VAL H 107 -8.09 -49.29 39.98
C VAL H 107 -6.92 -49.70 40.88
N TRP H 108 -7.16 -50.67 41.75
CA TRP H 108 -6.16 -51.20 42.66
C TRP H 108 -5.84 -52.64 42.31
N GLY H 109 -4.57 -53.00 42.46
CA GLY H 109 -4.18 -54.38 42.29
C GLY H 109 -4.62 -55.25 43.45
N GLN H 110 -4.50 -56.57 43.25
CA GLN H 110 -4.90 -57.50 44.29
C GLN H 110 -4.02 -57.41 45.53
N GLY H 111 -2.79 -56.91 45.40
CA GLY H 111 -1.91 -56.77 46.53
C GLY H 111 -1.14 -58.03 46.86
N THR H 112 0.17 -57.90 47.06
CA THR H 112 1.03 -59.02 47.41
C THR H 112 1.56 -58.82 48.83
N MET H 113 1.53 -59.87 49.63
CA MET H 113 1.99 -59.83 51.01
C MET H 113 3.49 -60.15 51.03
N VAL H 114 4.30 -59.15 51.34
CA VAL H 114 5.75 -59.31 51.43
C VAL H 114 6.12 -59.38 52.90
N THR H 115 6.69 -60.51 53.31
CA THR H 115 7.10 -60.74 54.69
C THR H 115 8.61 -60.78 54.79
N VAL H 116 9.17 -59.95 55.66
CA VAL H 116 10.61 -59.88 55.88
C VAL H 116 10.87 -60.33 57.30
N SER H 117 11.54 -61.48 57.45
CA SER H 117 11.85 -62.02 58.78
C SER H 117 12.97 -63.03 58.62
N SER H 118 13.46 -63.50 59.77
CA SER H 118 14.53 -64.49 59.79
C SER H 118 14.00 -65.88 59.44
N ALA I 1 6.81 -32.01 52.21
CA ALA I 1 5.88 -33.09 52.50
C ALA I 1 4.64 -32.58 53.23
N ILE I 2 3.48 -32.74 52.61
CA ILE I 2 2.22 -32.28 53.19
C ILE I 2 1.67 -33.38 54.09
N ARG I 3 1.31 -33.01 55.31
CA ARG I 3 0.80 -33.96 56.30
C ARG I 3 -0.72 -33.90 56.34
N MET I 4 -1.36 -35.07 56.38
CA MET I 4 -2.81 -35.18 56.43
C MET I 4 -3.23 -35.69 57.81
N THR I 5 -4.23 -35.04 58.39
CA THR I 5 -4.74 -35.40 59.70
C THR I 5 -6.24 -35.66 59.61
N GLN I 6 -6.68 -36.79 60.16
CA GLN I 6 -8.08 -37.17 60.16
C GLN I 6 -8.66 -37.02 61.55
N SER I 7 -9.98 -36.84 61.60
CA SER I 7 -10.70 -36.71 62.86
C SER I 7 -12.17 -37.03 62.65
N PRO I 8 -12.75 -37.95 63.45
CA PRO I 8 -12.10 -38.75 64.49
C PRO I 8 -11.33 -39.93 63.92
N SER I 9 -10.27 -40.38 64.61
CA SER I 9 -9.54 -41.56 64.16
C SER I 9 -10.41 -42.81 64.24
N THR I 10 -11.17 -42.95 65.32
CA THR I 10 -12.08 -44.07 65.50
C THR I 10 -13.48 -43.52 65.76
N LEU I 11 -14.46 -44.05 65.03
CA LEU I 11 -15.83 -43.58 65.15
C LEU I 11 -16.78 -44.77 65.14
N SER I 12 -17.89 -44.62 65.85
CA SER I 12 -18.92 -45.65 65.93
C SER I 12 -20.28 -45.03 65.65
N ALA I 13 -21.10 -45.74 64.89
CA ALA I 13 -22.43 -45.25 64.55
C ALA I 13 -23.32 -46.43 64.21
N SER I 14 -24.63 -46.18 64.23
CA SER I 14 -25.62 -47.20 63.93
C SER I 14 -26.06 -47.10 62.47
N VAL I 15 -26.88 -48.06 62.06
CA VAL I 15 -27.34 -48.12 60.67
C VAL I 15 -28.39 -47.05 60.44
N GLY I 16 -28.24 -46.29 59.36
CA GLY I 16 -29.19 -45.26 59.00
C GLY I 16 -28.94 -43.90 59.57
N ASP I 17 -27.92 -43.74 60.41
CA ASP I 17 -27.61 -42.45 61.02
C ASP I 17 -26.73 -41.63 60.08
N ARG I 18 -26.33 -40.46 60.54
CA ARG I 18 -25.48 -39.55 59.78
C ARG I 18 -24.07 -39.59 60.35
N VAL I 19 -23.09 -39.78 59.47
CA VAL I 19 -21.69 -39.91 59.85
C VAL I 19 -20.90 -38.80 59.18
N THR I 20 -20.11 -38.07 59.97
CA THR I 20 -19.26 -37.00 59.46
C THR I 20 -17.81 -37.32 59.79
N ILE I 21 -16.96 -37.31 58.77
CA ILE I 21 -15.53 -37.57 58.93
C ILE I 21 -14.77 -36.36 58.40
N THR I 22 -13.87 -35.82 59.21
CA THR I 22 -13.09 -34.65 58.86
C THR I 22 -11.64 -35.05 58.69
N CYS I 23 -11.08 -34.73 57.52
CA CYS I 23 -9.67 -34.96 57.22
C CYS I 23 -9.05 -33.62 56.87
N ARG I 24 -8.25 -33.08 57.78
CA ARG I 24 -7.70 -31.73 57.65
C ARG I 24 -6.25 -31.81 57.19
N ALA I 25 -5.91 -31.01 56.19
CA ALA I 25 -4.57 -30.98 55.64
C ALA I 25 -3.70 -29.99 56.41
N SER I 26 -2.40 -30.00 56.10
CA SER I 26 -1.46 -29.06 56.69
C SER I 26 -1.17 -27.87 55.79
N GLN I 27 -1.27 -28.04 54.48
CA GLN I 27 -1.08 -26.96 53.52
C GLN I 27 -2.28 -26.90 52.59
N THR I 28 -2.42 -25.76 51.91
CA THR I 28 -3.52 -25.58 50.95
C THR I 28 -3.29 -26.50 49.77
N ILE I 29 -4.11 -27.54 49.66
CA ILE I 29 -4.05 -28.49 48.55
C ILE I 29 -5.21 -28.26 47.58
N ASN I 30 -5.78 -27.06 47.58
CA ASN I 30 -6.92 -26.72 46.74
C ASN I 30 -8.06 -27.69 46.96
N SER I 31 -8.48 -28.39 45.90
CA SER I 31 -9.54 -29.39 46.00
C SER I 31 -9.05 -30.78 45.63
N TRP I 32 -7.74 -30.98 45.50
CA TRP I 32 -7.19 -32.28 45.12
C TRP I 32 -7.20 -33.19 46.34
N LEU I 33 -8.24 -34.00 46.46
CA LEU I 33 -8.39 -34.88 47.61
C LEU I 33 -9.32 -36.04 47.28
N ALA I 34 -8.91 -37.26 47.63
CA ALA I 34 -9.68 -38.45 47.32
C ALA I 34 -9.99 -39.22 48.60
N TRP I 35 -11.22 -39.73 48.68
CA TRP I 35 -11.68 -40.55 49.79
C TRP I 35 -11.75 -42.00 49.35
N TYR I 36 -11.21 -42.90 50.16
CA TYR I 36 -11.20 -44.32 49.88
C TYR I 36 -11.99 -45.07 50.94
N GLN I 37 -12.15 -46.37 50.71
CA GLN I 37 -12.82 -47.26 51.66
C GLN I 37 -12.15 -48.62 51.57
N GLN I 38 -11.54 -49.05 52.66
CA GLN I 38 -10.78 -50.30 52.69
C GLN I 38 -11.42 -51.24 53.72
N LYS I 39 -12.24 -52.15 53.22
CA LYS I 39 -12.70 -53.26 54.05
C LYS I 39 -11.53 -54.18 54.35
N PRO I 40 -11.47 -54.78 55.53
CA PRO I 40 -10.35 -55.66 55.87
C PRO I 40 -10.23 -56.82 54.88
N GLY I 41 -9.00 -57.13 54.50
CA GLY I 41 -8.73 -58.18 53.55
C GLY I 41 -8.98 -57.82 52.10
N LYS I 42 -9.32 -56.56 51.81
CA LYS I 42 -9.61 -56.12 50.45
C LYS I 42 -8.84 -54.84 50.15
N ALA I 43 -8.57 -54.64 48.87
CA ALA I 43 -7.91 -53.41 48.44
C ALA I 43 -8.87 -52.24 48.55
N PRO I 44 -8.40 -51.06 48.93
CA PRO I 44 -9.28 -49.90 49.03
C PRO I 44 -9.88 -49.54 47.69
N LYS I 45 -11.12 -49.07 47.71
CA LYS I 45 -11.82 -48.63 46.52
C LYS I 45 -12.08 -47.13 46.60
N LEU I 46 -12.00 -46.46 45.45
CA LEU I 46 -12.21 -45.02 45.40
C LEU I 46 -13.68 -44.69 45.58
N LEU I 47 -13.96 -43.67 46.39
CA LEU I 47 -15.30 -43.16 46.59
C LEU I 47 -15.46 -41.73 46.10
N ILE I 48 -14.60 -40.83 46.55
CA ILE I 48 -14.67 -39.42 46.22
C ILE I 48 -13.37 -39.01 45.55
N TYR I 49 -13.47 -38.20 44.49
CA TYR I 49 -12.31 -37.59 43.87
C TYR I 49 -12.59 -36.10 43.68
N ASP I 50 -11.52 -35.31 43.71
CA ASP I 50 -11.60 -33.85 43.68
C ASP I 50 -12.38 -33.29 44.87
N ALA I 51 -12.54 -34.09 45.92
CA ALA I 51 -13.08 -33.67 47.22
C ALA I 51 -14.57 -33.39 47.16
N SER I 52 -15.16 -33.42 45.97
CA SER I 52 -16.59 -33.21 45.83
C SER I 52 -17.30 -34.17 44.89
N ASN I 53 -16.60 -34.78 43.93
CA ASN I 53 -17.25 -35.64 42.96
C ASN I 53 -17.50 -37.03 43.55
N LEU I 54 -18.31 -37.81 42.86
CA LEU I 54 -18.65 -39.16 43.27
C LEU I 54 -18.16 -40.14 42.20
N GLU I 55 -17.38 -41.12 42.62
CA GLU I 55 -16.86 -42.12 41.69
C GLU I 55 -17.99 -42.98 41.13
N SER I 56 -17.87 -43.35 39.86
CA SER I 56 -18.89 -44.15 39.22
C SER I 56 -19.01 -45.51 39.91
N GLY I 57 -20.24 -45.92 40.17
CA GLY I 57 -20.52 -47.16 40.87
C GLY I 57 -20.68 -47.02 42.37
N VAL I 58 -20.21 -45.93 42.96
CA VAL I 58 -20.35 -45.68 44.39
C VAL I 58 -21.80 -45.30 44.67
N PRO I 59 -22.41 -45.82 45.74
CA PRO I 59 -23.77 -45.41 46.08
C PRO I 59 -23.84 -43.91 46.34
N SER I 60 -24.98 -43.32 45.96
CA SER I 60 -25.17 -41.88 46.06
C SER I 60 -25.19 -41.36 47.49
N ARG I 61 -25.31 -42.25 48.49
CA ARG I 61 -25.35 -41.80 49.88
C ARG I 61 -24.04 -41.15 50.32
N PHE I 62 -22.94 -41.44 49.64
CA PHE I 62 -21.67 -40.82 49.97
C PHE I 62 -21.60 -39.42 49.37
N SER I 63 -21.21 -38.46 50.20
CA SER I 63 -21.08 -37.07 49.76
C SER I 63 -19.85 -36.45 50.40
N GLY I 64 -19.08 -35.72 49.60
CA GLY I 64 -17.91 -35.04 50.10
C GLY I 64 -17.97 -33.54 49.87
N SER I 65 -17.27 -32.78 50.72
CA SER I 65 -17.27 -31.33 50.61
C SER I 65 -15.98 -30.80 51.20
N GLY I 66 -15.84 -29.48 51.21
CA GLY I 66 -14.65 -28.84 51.75
C GLY I 66 -13.60 -28.57 50.71
N SER I 67 -12.80 -27.53 50.96
CA SER I 67 -11.73 -27.15 50.05
C SER I 67 -10.70 -26.36 50.83
N GLY I 68 -9.48 -26.31 50.29
CA GLY I 68 -8.41 -25.59 50.94
C GLY I 68 -7.59 -26.45 51.87
N THR I 69 -7.90 -26.39 53.16
CA THR I 69 -7.17 -27.15 54.18
C THR I 69 -8.03 -28.15 54.93
N GLU I 70 -9.33 -27.94 55.03
CA GLU I 70 -10.23 -28.84 55.74
C GLU I 70 -11.24 -29.43 54.77
N PHE I 71 -11.38 -30.75 54.82
CA PHE I 71 -12.34 -31.49 54.00
C PHE I 71 -13.23 -32.34 54.88
N THR I 72 -14.31 -32.86 54.30
CA THR I 72 -15.30 -33.59 55.08
C THR I 72 -15.97 -34.63 54.19
N LEU I 73 -16.05 -35.86 54.68
CA LEU I 73 -16.81 -36.93 54.06
C LEU I 73 -18.04 -37.22 54.92
N THR I 74 -19.21 -37.26 54.28
CA THR I 74 -20.46 -37.45 54.99
C THR I 74 -21.29 -38.52 54.30
N ILE I 75 -21.88 -39.39 55.11
CA ILE I 75 -22.77 -40.44 54.62
C ILE I 75 -24.19 -40.08 55.04
N SER I 76 -25.08 -39.92 54.05
CA SER I 76 -26.44 -39.51 54.35
C SER I 76 -27.18 -40.59 55.14
N SER I 77 -27.11 -41.84 54.67
CA SER I 77 -27.78 -42.97 55.31
C SER I 77 -26.77 -44.10 55.46
N LEU I 78 -26.25 -44.29 56.67
CA LEU I 78 -25.26 -45.33 56.90
C LEU I 78 -25.90 -46.71 56.70
N GLN I 79 -25.12 -47.62 56.14
CA GLN I 79 -25.55 -48.98 55.84
C GLN I 79 -24.57 -49.96 56.44
N PRO I 80 -25.02 -51.19 56.71
CA PRO I 80 -24.09 -52.20 57.25
C PRO I 80 -22.90 -52.48 56.35
N ASP I 81 -23.07 -52.36 55.03
CA ASP I 81 -21.97 -52.56 54.10
C ASP I 81 -20.95 -51.44 54.15
N ASP I 82 -21.31 -50.29 54.73
CA ASP I 82 -20.45 -49.12 54.75
C ASP I 82 -19.59 -49.01 56.01
N PHE I 83 -19.30 -50.14 56.66
CA PHE I 83 -18.44 -50.16 57.84
C PHE I 83 -17.06 -50.65 57.42
N ALA I 84 -16.11 -49.73 57.35
CA ALA I 84 -14.74 -50.04 56.97
C ALA I 84 -13.85 -48.88 57.41
N THR I 85 -12.62 -48.86 56.93
CA THR I 85 -11.68 -47.78 57.22
C THR I 85 -11.58 -46.85 56.01
N TYR I 86 -11.76 -45.56 56.24
CA TYR I 86 -11.77 -44.56 55.19
C TYR I 86 -10.50 -43.71 55.27
N TYR I 87 -9.83 -43.55 54.14
CA TYR I 87 -8.62 -42.75 54.04
C TYR I 87 -8.85 -41.58 53.10
N CYS I 88 -8.01 -40.55 53.27
CA CYS I 88 -8.07 -39.35 52.43
C CYS I 88 -6.71 -39.14 51.78
N GLN I 89 -6.70 -39.02 50.46
CA GLN I 89 -5.48 -38.74 49.71
C GLN I 89 -5.36 -37.24 49.47
N GLN I 90 -4.15 -36.81 49.14
CA GLN I 90 -3.82 -35.39 48.96
C GLN I 90 -3.06 -35.17 47.67
N TYR I 91 -3.59 -35.67 46.55
CA TYR I 91 -2.83 -35.66 45.31
C TYR I 91 -2.68 -34.25 44.77
N GLU I 92 -1.99 -33.40 45.52
CA GLU I 92 -1.58 -32.08 45.09
C GLU I 92 -0.07 -31.97 44.96
N SER I 93 0.68 -32.79 45.69
CA SER I 93 2.12 -32.92 45.55
C SER I 93 2.46 -34.40 45.46
N TYR I 94 3.24 -34.77 44.44
CA TYR I 94 3.61 -36.16 44.23
C TYR I 94 4.96 -36.51 44.85
N SER I 95 5.35 -35.83 45.93
CA SER I 95 6.63 -36.13 46.57
C SER I 95 6.60 -35.70 48.04
N PRO I 96 6.04 -36.54 48.93
CA PRO I 96 5.34 -37.79 48.66
C PRO I 96 3.83 -37.67 48.85
N ILE I 97 3.04 -38.59 48.29
CA ILE I 97 1.61 -38.60 48.55
C ILE I 97 1.36 -39.14 49.94
N THR I 98 0.58 -38.41 50.73
CA THR I 98 0.31 -38.76 52.12
C THR I 98 -1.16 -39.15 52.26
N PHE I 99 -1.40 -40.36 52.75
CA PHE I 99 -2.77 -40.77 53.04
C PHE I 99 -3.17 -40.32 54.44
N GLY I 100 -4.45 -40.52 54.76
CA GLY I 100 -4.93 -40.23 56.08
C GLY I 100 -4.51 -41.29 57.08
N GLN I 101 -4.66 -40.94 58.37
CA GLN I 101 -4.29 -41.86 59.43
C GLN I 101 -5.26 -43.03 59.55
N GLY I 102 -6.41 -42.97 58.88
CA GLY I 102 -7.37 -44.05 58.95
C GLY I 102 -8.52 -43.76 59.87
N THR I 103 -9.75 -43.77 59.34
CA THR I 103 -10.96 -43.56 60.13
C THR I 103 -11.77 -44.86 60.07
N ARG I 104 -11.68 -45.65 61.14
CA ARG I 104 -12.41 -46.91 61.21
C ARG I 104 -13.81 -46.66 61.74
N LEU I 105 -14.81 -47.11 60.99
CA LEU I 105 -16.20 -46.95 61.36
C LEU I 105 -16.72 -48.27 61.90
N GLU I 106 -17.29 -48.23 63.10
CA GLU I 106 -17.75 -49.43 63.79
C GLU I 106 -19.24 -49.35 64.07
N ILE I 107 -19.86 -50.52 64.20
CA ILE I 107 -21.29 -50.58 64.51
C ILE I 107 -21.50 -50.21 65.97
N LYS I 108 -22.41 -49.28 66.21
CA LYS I 108 -22.70 -48.82 67.56
C LYS I 108 -23.61 -49.81 68.29
#